data_1J1W
#
_entry.id   1J1W
#
_cell.length_a   113.496
_cell.length_b   110.407
_cell.length_c   133.698
_cell.angle_alpha   90.000
_cell.angle_beta   90.156
_cell.angle_gamma   90.000
#
_symmetry.space_group_name_H-M   'P 1 21 1'
#
loop_
_entity.id
_entity.type
_entity.pdbx_description
1 polymer 'Isocitrate Dehydrogenase'
2 non-polymer 'NADP NICOTINAMIDE-ADENINE-DINUCLEOTIDE PHOSPHATE'
3 water water
#
_entity_poly.entity_id   1
_entity_poly.type   'polypeptide(L)'
_entity_poly.pdbx_seq_one_letter_code
;MSTPKIIYTLTDEAPALATYSLLPIIKAFTGSSGIAVETRDISLAGRLIATFPEYLTDTQKISDDLAELGKLATTPDANI
IKLPNISASVPQLKAAIKELQQQGYKLPDYPEEPKTDTEKDVKARYDKIKGSAVNPVLREGNSDRRAPLSVKNYARKHPH
KMGAWSADSKSHVAHMDNGDFYGSEKAALIGAPGSVKIELIAKDGSSTVLKAKTSVQAGEIIDSSVMSKNALRNFIAAEI
EDAKKQGVLLSVHLKATMMKVSDPIMFGQIVSEFYKDALTKHAEVLKQIGFDVNNGIGDLYARIKTLPEAKQKEIEADIQ
AVYAQRPQLAMVNSDKGITNLHVPSDVIVDASMPAMIRDSGKMWGPDGKLHDTKAVIPDRCYAGVYQVVIEDCKQHGAFD
PTTMGSVPNVGLMAQKAEEYGSHDKTFQIPADGVVRVTDESGKLLLEQSVEAGDIWRMCQAKDAPIQDWVKLAVNRARAT
NTPAVFWLDPARAHDAQVIAKVERYLKDYDTSGLDIRILSPVEATRFSLARIREGKDTISVTGNVLRDYLTDLFPIMELG
TSAKMLSIVPLMSGGGLFETGAGGSAPKHVQQFLEEGYLRWDSLGEFLALAASLEHLGNAYKNPKALVLASTLDQATGKI
LDNNKSPARKVGEIDNRGSHFYLALYWAQALAAQTEDKELQAQFTGIAKALTDNETKIVGELAAAQGKPVDIAGYYHPNT
DLTSKAMRPSATFNAALAPLA
;
_entity_poly.pdbx_strand_id   A,B,C,D
#
loop_
_chem_comp.id
_chem_comp.type
_chem_comp.name
_chem_comp.formula
NAP non-polymer 'NADP NICOTINAMIDE-ADENINE-DINUCLEOTIDE PHOSPHATE' 'C21 H28 N7 O17 P3'
#
# COMPACT_ATOMS: atom_id res chain seq x y z
N THR A 3 -4.71 -36.44 20.86
CA THR A 3 -3.60 -35.58 21.38
C THR A 3 -3.58 -34.11 20.91
N PRO A 4 -4.32 -33.76 19.83
CA PRO A 4 -4.32 -32.35 19.37
C PRO A 4 -4.00 -31.39 20.52
N LYS A 5 -2.85 -30.74 20.43
CA LYS A 5 -2.40 -29.87 21.51
C LYS A 5 -3.02 -28.50 21.69
N ILE A 6 -3.14 -28.12 22.95
CA ILE A 6 -3.63 -26.84 23.41
C ILE A 6 -2.68 -26.58 24.59
N ILE A 7 -1.89 -25.53 24.51
CA ILE A 7 -0.95 -25.24 25.58
C ILE A 7 -1.46 -24.24 26.61
N TYR A 8 -1.63 -24.71 27.85
CA TYR A 8 -2.06 -23.83 28.93
C TYR A 8 -0.72 -23.52 29.59
N THR A 9 -0.30 -22.27 29.54
CA THR A 9 0.97 -21.89 30.12
C THR A 9 0.93 -21.65 31.63
N LEU A 10 2.02 -22.00 32.29
CA LEU A 10 2.15 -21.82 33.73
C LEU A 10 3.02 -20.60 33.95
N THR A 11 2.53 -19.66 34.77
CA THR A 11 3.29 -18.44 35.00
C THR A 11 3.70 -18.12 36.43
N ASP A 12 3.50 -16.88 36.85
CA ASP A 12 4.01 -16.51 38.15
C ASP A 12 3.26 -16.27 39.45
N GLU A 13 2.48 -15.20 39.54
CA GLU A 13 1.82 -14.91 40.82
C GLU A 13 0.37 -15.40 40.93
N ALA A 14 -0.58 -14.47 41.01
CA ALA A 14 -2.01 -14.82 41.14
C ALA A 14 -2.41 -15.82 40.08
N PRO A 15 -2.20 -15.49 38.79
CA PRO A 15 -2.56 -16.43 37.71
C PRO A 15 -2.12 -17.81 38.12
N ALA A 16 -0.83 -17.88 38.44
CA ALA A 16 -0.18 -19.11 38.86
C ALA A 16 -1.02 -19.86 39.87
N LEU A 17 -1.30 -19.23 41.00
CA LEU A 17 -2.12 -19.91 42.00
C LEU A 17 -3.42 -20.34 41.32
N ALA A 18 -4.11 -19.39 40.70
CA ALA A 18 -5.37 -19.69 40.05
C ALA A 18 -5.34 -21.00 39.25
N THR A 19 -4.23 -21.26 38.57
CA THR A 19 -4.11 -22.47 37.76
C THR A 19 -4.21 -23.77 38.54
N TYR A 20 -3.74 -23.80 39.79
CA TYR A 20 -3.82 -25.02 40.58
C TYR A 20 -5.29 -25.39 40.79
N SER A 21 -6.15 -24.37 40.68
CA SER A 21 -7.57 -24.56 40.88
C SER A 21 -8.35 -24.79 39.60
N LEU A 22 -8.17 -23.91 38.62
CA LEU A 22 -8.90 -24.05 37.36
C LEU A 22 -8.40 -25.12 36.39
N LEU A 23 -7.09 -25.33 36.35
CA LEU A 23 -6.49 -26.29 35.42
C LEU A 23 -7.05 -27.69 35.55
N PRO A 24 -7.08 -28.24 36.78
CA PRO A 24 -7.65 -29.58 36.84
C PRO A 24 -9.06 -29.56 36.24
N ILE A 25 -9.88 -28.60 36.66
CA ILE A 25 -11.21 -28.50 36.11
C ILE A 25 -11.10 -28.56 34.60
N ILE A 26 -10.48 -27.55 34.01
CA ILE A 26 -10.33 -27.52 32.56
C ILE A 26 -9.95 -28.91 32.05
N LYS A 27 -9.05 -29.55 32.79
CA LYS A 27 -8.52 -30.87 32.41
C LYS A 27 -9.53 -32.02 32.36
N ALA A 28 -10.57 -31.94 33.17
CA ALA A 28 -11.58 -32.99 33.21
C ALA A 28 -12.62 -32.88 32.11
N PHE A 29 -12.88 -31.66 31.63
CA PHE A 29 -13.88 -31.44 30.59
C PHE A 29 -13.38 -31.68 29.16
N THR A 30 -12.11 -31.38 28.93
CA THR A 30 -11.55 -31.57 27.61
C THR A 30 -11.00 -32.98 27.52
N GLY A 31 -11.02 -33.67 28.65
CA GLY A 31 -10.49 -35.03 28.69
C GLY A 31 -11.20 -36.05 27.81
N SER A 32 -12.51 -36.22 28.02
CA SER A 32 -13.27 -37.21 27.27
C SER A 32 -13.63 -36.84 25.83
N SER A 33 -13.07 -35.75 25.32
CA SER A 33 -13.34 -35.35 23.94
C SER A 33 -12.08 -35.45 23.09
N GLY A 34 -11.15 -36.29 23.54
CA GLY A 34 -9.90 -36.50 22.83
C GLY A 34 -9.10 -35.24 22.57
N ILE A 35 -8.99 -34.39 23.59
CA ILE A 35 -8.24 -33.16 23.48
C ILE A 35 -7.12 -33.19 24.49
N ALA A 36 -5.92 -32.84 24.06
CA ALA A 36 -4.80 -32.86 24.99
C ALA A 36 -4.47 -31.44 25.43
N VAL A 37 -4.50 -31.23 26.75
CA VAL A 37 -4.19 -29.95 27.35
C VAL A 37 -2.88 -30.13 28.14
N GLU A 38 -1.77 -29.72 27.53
CA GLU A 38 -0.45 -29.83 28.16
C GLU A 38 -0.04 -28.50 28.78
N THR A 39 0.96 -28.53 29.65
CA THR A 39 1.45 -27.31 30.26
C THR A 39 2.88 -27.05 29.82
N ARG A 40 3.30 -25.80 29.92
CA ARG A 40 4.66 -25.40 29.61
C ARG A 40 4.95 -24.38 30.69
N ASP A 41 6.09 -24.52 31.34
CA ASP A 41 6.46 -23.62 32.41
C ASP A 41 7.25 -22.42 31.87
N ILE A 42 6.60 -21.26 31.76
CA ILE A 42 7.30 -20.08 31.27
C ILE A 42 7.50 -19.08 32.40
N SER A 43 7.14 -19.47 33.63
CA SER A 43 7.27 -18.60 34.78
C SER A 43 8.70 -18.05 34.89
N LEU A 44 8.91 -17.11 35.80
CA LEU A 44 10.23 -16.54 35.98
C LEU A 44 11.18 -17.64 36.47
N ALA A 45 10.84 -18.27 37.58
CA ALA A 45 11.68 -19.32 38.15
C ALA A 45 12.04 -20.44 37.19
N GLY A 46 11.03 -21.04 36.57
CA GLY A 46 11.30 -22.11 35.62
C GLY A 46 12.24 -21.62 34.55
N ARG A 47 11.93 -20.46 34.02
CA ARG A 47 12.74 -19.85 32.99
C ARG A 47 14.22 -19.74 33.36
N LEU A 48 14.51 -19.55 34.65
CA LEU A 48 15.90 -19.44 35.10
C LEU A 48 16.45 -20.86 35.28
N ILE A 49 15.69 -21.68 36.00
CA ILE A 49 16.08 -23.06 36.25
C ILE A 49 16.40 -23.78 34.96
N ALA A 50 15.84 -23.29 33.87
CA ALA A 50 16.06 -23.91 32.56
C ALA A 50 17.26 -23.33 31.83
N THR A 51 17.66 -22.14 32.24
CA THR A 51 18.78 -21.44 31.62
C THR A 51 20.16 -21.95 32.00
N PHE A 52 20.30 -22.46 33.22
CA PHE A 52 21.59 -22.96 33.68
C PHE A 52 21.60 -24.44 34.05
N PRO A 53 21.40 -25.31 33.06
CA PRO A 53 21.38 -26.77 33.28
C PRO A 53 22.66 -27.23 33.91
N GLU A 54 23.75 -26.60 33.51
CA GLU A 54 25.07 -26.96 34.00
C GLU A 54 25.21 -26.88 35.54
N TYR A 55 24.62 -25.86 36.16
CA TYR A 55 24.72 -25.72 37.61
C TYR A 55 23.76 -26.60 38.39
N LEU A 56 22.75 -27.14 37.71
CA LEU A 56 21.76 -27.99 38.37
C LEU A 56 22.10 -29.47 38.25
N THR A 57 21.45 -30.26 39.09
CA THR A 57 21.66 -31.70 39.10
C THR A 57 20.62 -32.39 38.21
N ASP A 58 20.76 -33.70 38.06
CA ASP A 58 19.85 -34.47 37.22
C ASP A 58 18.39 -34.18 37.47
N THR A 59 17.99 -34.19 38.73
CA THR A 59 16.59 -33.97 39.07
C THR A 59 16.09 -32.55 39.36
N GLN A 60 16.89 -31.55 39.02
CA GLN A 60 16.43 -30.20 39.21
C GLN A 60 16.38 -29.43 37.89
N LYS A 61 16.66 -30.14 36.80
CA LYS A 61 16.62 -29.56 35.46
C LYS A 61 15.14 -29.48 35.06
N ILE A 62 14.86 -28.87 33.92
CA ILE A 62 13.49 -28.73 33.45
C ILE A 62 13.49 -28.13 32.05
N SER A 63 13.07 -28.94 31.09
CA SER A 63 13.00 -28.54 29.68
C SER A 63 12.82 -27.03 29.46
N ASP A 64 13.53 -26.49 28.47
CA ASP A 64 13.45 -25.07 28.14
C ASP A 64 12.20 -24.81 27.30
N ASP A 65 11.11 -24.49 27.98
CA ASP A 65 9.84 -24.28 27.31
C ASP A 65 9.65 -22.96 26.57
N LEU A 66 10.31 -21.91 27.00
CA LEU A 66 10.15 -20.64 26.30
C LEU A 66 10.60 -20.95 24.87
N ALA A 67 11.83 -21.45 24.78
CA ALA A 67 12.43 -21.81 23.51
C ALA A 67 11.56 -22.75 22.68
N GLU A 68 10.86 -23.66 23.33
CA GLU A 68 10.02 -24.60 22.62
C GLU A 68 8.81 -23.88 22.07
N LEU A 69 8.11 -23.15 22.94
CA LEU A 69 6.92 -22.40 22.52
C LEU A 69 7.30 -21.51 21.38
N GLY A 70 8.44 -20.85 21.54
CA GLY A 70 8.95 -19.95 20.51
C GLY A 70 8.84 -20.55 19.13
N LYS A 71 9.11 -21.85 19.01
CA LYS A 71 9.01 -22.52 17.72
C LYS A 71 7.54 -22.82 17.46
N LEU A 72 6.89 -23.48 18.41
CA LEU A 72 5.48 -23.81 18.29
C LEU A 72 4.66 -22.64 17.78
N ALA A 73 5.08 -21.43 18.09
CA ALA A 73 4.35 -20.24 17.68
C ALA A 73 4.34 -19.98 16.18
N THR A 74 5.39 -20.39 15.48
CA THR A 74 5.49 -20.15 14.04
C THR A 74 4.81 -21.23 13.19
N THR A 75 4.42 -22.32 13.84
CA THR A 75 3.76 -23.40 13.12
C THR A 75 2.25 -23.16 13.12
N PRO A 76 1.56 -23.66 12.07
CA PRO A 76 0.10 -23.52 11.92
C PRO A 76 -0.79 -24.15 12.99
N ASP A 77 -0.37 -25.25 13.60
CA ASP A 77 -1.19 -25.88 14.61
C ASP A 77 -1.04 -25.30 16.00
N ALA A 78 -0.44 -24.12 16.07
CA ALA A 78 -0.26 -23.45 17.34
C ALA A 78 -1.64 -23.11 17.90
N ASN A 79 -1.79 -23.32 19.20
CA ASN A 79 -3.04 -23.05 19.87
C ASN A 79 -2.58 -22.89 21.32
N ILE A 80 -2.24 -21.68 21.70
CA ILE A 80 -1.72 -21.47 23.04
C ILE A 80 -2.59 -20.57 23.88
N ILE A 81 -2.87 -21.00 25.11
CA ILE A 81 -3.61 -20.15 26.04
C ILE A 81 -2.48 -19.60 26.90
N LYS A 82 -2.24 -18.28 26.78
CA LYS A 82 -1.16 -17.60 27.48
C LYS A 82 -1.64 -16.70 28.61
N LEU A 83 -1.27 -17.03 29.84
CA LEU A 83 -1.65 -16.23 31.00
C LEU A 83 -0.56 -15.20 31.29
N PRO A 84 -0.88 -14.12 32.04
CA PRO A 84 0.09 -13.07 32.37
C PRO A 84 1.32 -13.65 33.09
N ASN A 85 2.49 -13.07 32.82
CA ASN A 85 3.70 -13.54 33.45
C ASN A 85 4.60 -12.37 33.78
N ILE A 86 5.36 -12.53 34.86
CA ILE A 86 6.29 -11.50 35.34
C ILE A 86 7.41 -11.05 34.41
N SER A 87 7.50 -9.74 34.17
CA SER A 87 8.61 -9.25 33.36
C SER A 87 9.55 -8.82 34.49
N ALA A 88 10.50 -9.70 34.83
CA ALA A 88 11.41 -9.42 35.92
C ALA A 88 12.27 -8.18 35.77
N SER A 89 12.49 -7.55 36.92
CA SER A 89 13.30 -6.36 37.03
C SER A 89 14.47 -6.77 37.91
N VAL A 90 15.67 -6.34 37.56
CA VAL A 90 16.84 -6.72 38.34
C VAL A 90 16.60 -6.87 39.82
N PRO A 91 15.99 -5.87 40.46
CA PRO A 91 15.73 -5.95 41.90
C PRO A 91 15.12 -7.25 42.36
N GLN A 92 14.61 -7.24 43.58
CA GLN A 92 14.00 -8.44 44.13
C GLN A 92 13.44 -9.35 43.02
N LEU A 93 12.93 -8.77 41.93
CA LEU A 93 12.40 -9.63 40.88
C LEU A 93 13.48 -10.62 40.42
N LYS A 94 14.36 -10.26 39.49
CA LYS A 94 15.39 -11.22 39.06
C LYS A 94 16.20 -11.67 40.27
N ALA A 95 16.66 -10.71 41.05
CA ALA A 95 17.46 -10.98 42.23
C ALA A 95 16.80 -11.91 43.24
N ALA A 96 15.71 -11.47 43.87
CA ALA A 96 15.04 -12.29 44.89
C ALA A 96 14.62 -13.72 44.51
N ILE A 97 14.22 -13.95 43.25
CA ILE A 97 13.84 -15.31 42.92
C ILE A 97 15.11 -16.16 42.73
N LYS A 98 16.20 -15.50 42.39
CA LYS A 98 17.44 -16.23 42.19
C LYS A 98 17.79 -16.95 43.46
N GLU A 99 17.64 -16.29 44.59
CA GLU A 99 17.96 -16.96 45.84
C GLU A 99 16.75 -17.71 46.39
N LEU A 100 15.53 -17.28 46.04
CA LEU A 100 14.36 -18.02 46.51
C LEU A 100 14.69 -19.44 46.12
N GLN A 101 15.56 -19.58 45.14
CA GLN A 101 16.03 -20.87 44.65
C GLN A 101 17.19 -21.33 45.53
N GLN A 102 18.40 -20.95 45.15
CA GLN A 102 19.60 -21.29 45.90
C GLN A 102 19.22 -21.53 47.36
N GLN A 103 18.83 -20.43 48.01
CA GLN A 103 18.43 -20.41 49.41
C GLN A 103 18.28 -21.81 49.99
N GLY A 104 17.11 -22.41 49.78
CA GLY A 104 16.90 -23.75 50.31
C GLY A 104 16.84 -24.79 49.21
N TYR A 105 16.81 -24.33 47.97
CA TYR A 105 16.71 -25.21 46.82
C TYR A 105 18.05 -25.60 46.16
N LYS A 106 18.15 -25.16 44.90
CA LYS A 106 19.26 -25.39 43.98
C LYS A 106 20.57 -24.62 44.18
N LEU A 107 21.25 -24.30 43.06
CA LEU A 107 22.54 -23.57 43.09
C LEU A 107 22.91 -22.68 41.89
N PRO A 108 22.01 -21.75 41.46
CA PRO A 108 22.42 -20.93 40.33
C PRO A 108 23.63 -20.06 40.65
N ASP A 109 23.61 -18.79 40.24
CA ASP A 109 24.74 -17.91 40.49
C ASP A 109 24.34 -16.44 40.52
N TYR A 110 25.29 -15.56 40.84
CA TYR A 110 24.99 -14.13 40.96
C TYR A 110 25.19 -13.16 39.75
N PRO A 111 24.72 -11.89 39.89
CA PRO A 111 24.67 -10.66 39.05
C PRO A 111 25.70 -9.52 38.73
N GLU A 112 25.07 -8.33 38.66
CA GLU A 112 25.48 -6.93 38.35
C GLU A 112 26.70 -6.37 37.63
N GLU A 113 27.67 -5.80 38.37
CA GLU A 113 28.87 -5.24 37.73
C GLU A 113 29.95 -6.31 37.65
N PRO A 114 30.08 -6.96 36.48
CA PRO A 114 31.07 -8.02 36.23
C PRO A 114 32.50 -7.54 36.22
N LYS A 115 33.37 -8.28 36.88
CA LYS A 115 34.76 -7.93 36.91
C LYS A 115 35.60 -9.13 36.53
N THR A 116 34.93 -10.27 36.32
CA THR A 116 35.60 -11.49 35.92
C THR A 116 34.93 -12.11 34.71
N ASP A 117 35.73 -12.78 33.89
CA ASP A 117 35.23 -13.43 32.68
C ASP A 117 34.05 -14.33 32.97
N THR A 118 33.92 -14.77 34.22
CA THR A 118 32.82 -15.65 34.60
C THR A 118 31.58 -14.81 34.89
N GLU A 119 31.79 -13.69 35.56
CA GLU A 119 30.68 -12.81 35.88
C GLU A 119 30.08 -12.23 34.61
N LYS A 120 30.94 -11.89 33.65
CA LYS A 120 30.45 -11.33 32.40
C LYS A 120 29.63 -12.37 31.64
N ASP A 121 30.16 -13.58 31.49
CA ASP A 121 29.45 -14.65 30.78
C ASP A 121 28.09 -14.91 31.40
N VAL A 122 28.02 -14.77 32.73
CA VAL A 122 26.79 -15.00 33.50
C VAL A 122 25.79 -13.85 33.44
N LYS A 123 26.27 -12.64 33.65
CA LYS A 123 25.44 -11.44 33.65
C LYS A 123 24.80 -11.34 32.29
N ALA A 124 25.57 -11.73 31.27
CA ALA A 124 25.10 -11.71 29.89
C ALA A 124 23.93 -12.68 29.66
N ARG A 125 23.93 -13.80 30.37
CA ARG A 125 22.89 -14.81 30.23
C ARG A 125 21.65 -14.51 31.03
N TYR A 126 21.85 -13.96 32.23
CA TYR A 126 20.71 -13.60 33.07
C TYR A 126 19.96 -12.44 32.43
N ASP A 127 20.72 -11.46 31.94
CA ASP A 127 20.09 -10.31 31.33
C ASP A 127 19.01 -10.76 30.37
N LYS A 128 19.28 -11.79 29.57
CA LYS A 128 18.31 -12.30 28.60
C LYS A 128 17.06 -12.84 29.27
N ILE A 129 17.16 -13.09 30.57
CA ILE A 129 16.06 -13.64 31.34
C ILE A 129 15.17 -12.56 31.99
N LYS A 130 15.77 -11.43 32.38
CA LYS A 130 14.99 -10.34 32.97
C LYS A 130 14.27 -9.63 31.82
N GLY A 131 13.45 -8.66 32.17
CA GLY A 131 12.74 -7.91 31.15
C GLY A 131 11.60 -8.68 30.52
N SER A 132 11.09 -8.19 29.39
CA SER A 132 9.99 -8.86 28.72
C SER A 132 10.56 -9.89 27.76
N ALA A 133 10.65 -11.13 28.23
CA ALA A 133 11.21 -12.19 27.42
C ALA A 133 10.23 -13.18 26.79
N VAL A 134 9.11 -13.41 27.46
CA VAL A 134 8.12 -14.35 26.98
C VAL A 134 7.28 -13.79 25.84
N ASN A 135 6.46 -12.81 26.16
CA ASN A 135 5.57 -12.20 25.19
C ASN A 135 6.14 -11.83 23.81
N PRO A 136 7.22 -11.01 23.76
CA PRO A 136 7.74 -10.69 22.42
C PRO A 136 7.93 -11.92 21.54
N VAL A 137 8.28 -13.04 22.16
CA VAL A 137 8.48 -14.28 21.44
C VAL A 137 7.12 -14.79 20.96
N LEU A 138 6.32 -15.27 21.90
CA LEU A 138 5.00 -15.81 21.57
C LEU A 138 4.18 -14.98 20.60
N ARG A 139 4.21 -13.66 20.75
CA ARG A 139 3.41 -12.79 19.90
C ARG A 139 3.82 -12.67 18.45
N GLU A 140 3.53 -13.70 17.67
CA GLU A 140 3.83 -13.70 16.24
C GLU A 140 2.56 -13.43 15.46
N GLY A 141 1.96 -12.27 15.70
CA GLY A 141 0.74 -11.89 15.02
C GLY A 141 0.33 -10.55 15.60
N ASN A 142 -0.78 -10.00 15.13
CA ASN A 142 -1.21 -8.72 15.69
C ASN A 142 -2.37 -8.84 16.68
N SER A 143 -2.38 -7.95 17.67
CA SER A 143 -3.41 -7.96 18.70
C SER A 143 -4.78 -7.50 18.31
N ASP A 144 -5.76 -8.07 19.00
CA ASP A 144 -7.16 -7.78 18.82
C ASP A 144 -7.81 -7.96 20.18
N ARG A 145 -7.92 -6.87 20.94
CA ARG A 145 -8.53 -6.92 22.26
C ARG A 145 -9.87 -6.20 22.23
N ARG A 146 -10.84 -6.74 22.96
CA ARG A 146 -12.18 -6.19 22.95
C ARG A 146 -13.06 -6.86 24.00
N ALA A 147 -13.73 -6.06 24.81
CA ALA A 147 -14.61 -6.61 25.83
C ALA A 147 -15.85 -7.20 25.17
N PRO A 148 -16.11 -8.51 25.37
CA PRO A 148 -17.27 -9.22 24.81
C PRO A 148 -18.60 -8.61 25.33
N LEU A 149 -19.54 -8.36 24.42
CA LEU A 149 -20.82 -7.76 24.81
C LEU A 149 -21.23 -8.13 26.23
N SER A 150 -21.57 -9.39 26.42
CA SER A 150 -21.97 -9.89 27.73
C SER A 150 -21.25 -9.20 28.87
N VAL A 151 -19.91 -9.15 28.77
CA VAL A 151 -19.10 -8.53 29.81
C VAL A 151 -19.44 -7.04 29.91
N LYS A 152 -19.55 -6.37 28.77
CA LYS A 152 -19.88 -4.96 28.78
C LYS A 152 -21.23 -4.81 29.44
N ASN A 153 -22.13 -5.73 29.13
CA ASN A 153 -23.50 -5.71 29.67
C ASN A 153 -23.53 -6.04 31.14
N TYR A 154 -22.60 -6.86 31.56
CA TYR A 154 -22.49 -7.23 32.97
C TYR A 154 -22.05 -5.99 33.72
N ALA A 155 -21.03 -5.35 33.15
CA ALA A 155 -20.43 -4.15 33.71
C ALA A 155 -21.45 -3.05 33.81
N ARG A 156 -22.30 -2.95 32.80
CA ARG A 156 -23.33 -1.92 32.78
C ARG A 156 -24.39 -2.04 33.87
N LYS A 157 -24.70 -3.28 34.28
CA LYS A 157 -25.70 -3.49 35.33
C LYS A 157 -25.11 -3.78 36.71
N HIS A 158 -23.79 -3.96 36.79
CA HIS A 158 -23.08 -4.20 38.05
C HIS A 158 -21.82 -3.33 38.10
N PRO A 159 -21.99 -2.00 38.00
CA PRO A 159 -20.93 -0.99 38.02
C PRO A 159 -19.92 -1.08 39.16
N HIS A 160 -18.65 -1.01 38.79
CA HIS A 160 -17.54 -1.06 39.75
C HIS A 160 -17.45 0.37 40.23
N LYS A 161 -17.08 0.57 41.50
CA LYS A 161 -17.00 1.94 42.01
C LYS A 161 -16.08 2.78 41.14
N MET A 162 -16.37 4.07 41.07
CA MET A 162 -15.59 5.03 40.29
C MET A 162 -15.35 6.28 41.13
N GLY A 163 -14.09 6.64 41.30
CA GLY A 163 -13.75 7.81 42.09
C GLY A 163 -14.42 9.07 41.57
N ALA A 164 -15.01 9.84 42.46
CA ALA A 164 -15.69 11.06 42.06
C ALA A 164 -14.63 12.01 41.52
N TRP A 165 -14.93 12.75 40.46
CA TRP A 165 -13.94 13.68 39.90
C TRP A 165 -14.25 15.15 40.17
N SER A 166 -13.24 15.88 40.63
CA SER A 166 -13.39 17.31 40.94
C SER A 166 -12.80 18.19 39.84
N ALA A 167 -13.56 19.17 39.38
CA ALA A 167 -13.09 20.06 38.34
C ALA A 167 -11.95 20.96 38.82
N ASP A 168 -11.74 21.05 40.13
CA ASP A 168 -10.65 21.88 40.64
C ASP A 168 -9.54 20.99 41.16
N SER A 169 -9.25 19.91 40.44
CA SER A 169 -8.23 18.98 40.83
C SER A 169 -6.85 19.50 40.50
N LYS A 170 -5.89 19.09 41.32
CA LYS A 170 -4.50 19.52 41.14
C LYS A 170 -3.73 18.58 40.20
N SER A 171 -4.15 17.32 40.14
CA SER A 171 -3.51 16.31 39.30
C SER A 171 -3.27 16.73 37.86
N HIS A 172 -2.22 16.17 37.27
CA HIS A 172 -1.83 16.44 35.88
C HIS A 172 -0.62 15.57 35.49
N VAL A 173 -0.28 15.59 34.22
CA VAL A 173 0.86 14.83 33.74
C VAL A 173 1.99 15.79 33.38
N ALA A 174 3.21 15.42 33.77
CA ALA A 174 4.39 16.24 33.50
C ALA A 174 5.33 15.55 32.53
N HIS A 175 5.66 16.24 31.44
CA HIS A 175 6.56 15.69 30.43
C HIS A 175 7.59 16.71 29.91
N MET A 176 8.72 16.21 29.45
CA MET A 176 9.76 17.08 28.93
C MET A 176 9.22 17.82 27.72
N ASP A 177 9.81 18.98 27.45
CA ASP A 177 9.39 19.79 26.31
C ASP A 177 10.38 19.71 25.17
N ASN A 178 11.66 19.49 25.49
CA ASN A 178 12.70 19.39 24.48
C ASN A 178 13.65 18.21 24.72
N GLY A 179 14.42 17.87 23.68
CA GLY A 179 15.39 16.78 23.75
C GLY A 179 14.97 15.48 24.41
N ASP A 180 14.10 14.72 23.75
CA ASP A 180 13.64 13.46 24.29
C ASP A 180 13.49 12.50 23.11
N PHE A 181 13.01 11.29 23.36
CA PHE A 181 12.83 10.35 22.27
C PHE A 181 11.91 10.99 21.22
N TYR A 182 10.68 11.30 21.64
CA TYR A 182 9.72 11.91 20.74
C TYR A 182 10.37 13.00 19.93
N GLY A 183 10.80 14.06 20.59
CA GLY A 183 11.41 15.17 19.89
C GLY A 183 12.68 14.87 19.12
N SER A 184 13.31 13.73 19.38
CA SER A 184 14.56 13.38 18.71
C SER A 184 14.48 12.50 17.45
N GLU A 185 13.33 11.87 17.26
CA GLU A 185 13.11 10.95 16.14
C GLU A 185 13.68 11.26 14.77
N LYS A 186 13.93 10.18 14.02
CA LYS A 186 14.48 10.22 12.68
C LYS A 186 14.25 8.86 12.05
N ALA A 187 13.37 8.80 11.06
CA ALA A 187 13.07 7.52 10.43
C ALA A 187 13.65 7.32 9.06
N ALA A 188 13.65 6.07 8.62
CA ALA A 188 14.17 5.71 7.31
C ALA A 188 13.45 4.46 6.81
N LEU A 189 13.19 4.43 5.52
CA LEU A 189 12.52 3.30 4.88
C LEU A 189 13.55 2.41 4.20
N ILE A 190 13.79 1.24 4.78
CA ILE A 190 14.75 0.32 4.20
C ILE A 190 14.37 -0.08 2.81
N GLY A 191 15.32 -0.01 1.89
CA GLY A 191 15.05 -0.37 0.50
C GLY A 191 15.41 -1.79 0.09
N ALA A 192 16.65 -2.19 0.32
CA ALA A 192 17.08 -3.53 -0.06
C ALA A 192 17.40 -4.41 1.12
N PRO A 193 17.11 -5.72 1.01
CA PRO A 193 17.35 -6.73 2.04
C PRO A 193 18.83 -6.80 2.35
N GLY A 194 19.19 -6.41 3.57
CA GLY A 194 20.59 -6.45 3.95
C GLY A 194 20.79 -6.44 5.45
N SER A 195 21.64 -5.53 5.90
CA SER A 195 21.95 -5.38 7.32
C SER A 195 22.52 -4.00 7.52
N VAL A 196 22.41 -3.51 8.74
CA VAL A 196 22.91 -2.19 9.06
C VAL A 196 23.85 -2.28 10.26
N LYS A 197 24.80 -1.36 10.32
CA LYS A 197 25.77 -1.29 11.40
C LYS A 197 25.48 -0.03 12.22
N ILE A 198 25.43 -0.15 13.55
CA ILE A 198 25.19 1.00 14.43
C ILE A 198 26.51 1.42 15.03
N GLU A 199 27.10 2.53 14.56
CA GLU A 199 28.40 2.98 15.05
C GLU A 199 28.48 4.42 15.57
N LEU A 200 29.29 4.60 16.62
CA LEU A 200 29.49 5.92 17.23
C LEU A 200 30.76 6.57 16.71
N ILE A 201 30.70 7.86 16.41
CA ILE A 201 31.88 8.59 15.94
C ILE A 201 32.14 9.70 16.94
N ALA A 202 33.13 9.44 17.80
CA ALA A 202 33.50 10.36 18.86
C ALA A 202 34.19 11.63 18.43
N LYS A 203 34.04 12.68 19.24
CA LYS A 203 34.63 13.97 18.95
C LYS A 203 36.12 13.76 18.77
N ASP A 204 36.67 12.80 19.50
CA ASP A 204 38.10 12.53 19.38
C ASP A 204 38.46 11.80 18.10
N GLY A 205 37.61 11.93 17.08
CA GLY A 205 37.87 11.28 15.80
C GLY A 205 37.77 9.76 15.72
N SER A 206 37.89 9.07 16.85
CA SER A 206 37.80 7.61 16.86
C SER A 206 36.36 7.14 16.71
N SER A 207 36.18 5.83 16.55
CA SER A 207 34.83 5.28 16.39
C SER A 207 34.64 3.98 17.15
N THR A 208 33.51 3.89 17.84
CA THR A 208 33.15 2.72 18.61
C THR A 208 31.91 2.07 18.01
N VAL A 209 31.96 0.75 17.83
CA VAL A 209 30.84 0.01 17.27
C VAL A 209 29.89 -0.34 18.42
N LEU A 210 28.59 -0.19 18.22
CA LEU A 210 27.63 -0.50 19.28
C LEU A 210 26.90 -1.78 18.88
N LYS A 211 26.79 -1.99 17.57
CA LYS A 211 26.14 -3.16 17.01
C LYS A 211 26.57 -3.14 15.54
N ALA A 212 27.28 -4.17 15.13
CA ALA A 212 27.78 -4.23 13.75
C ALA A 212 26.81 -4.78 12.72
N LYS A 213 26.15 -5.88 13.04
CA LYS A 213 25.20 -6.48 12.12
C LYS A 213 23.77 -6.55 12.64
N THR A 214 22.84 -5.94 11.90
CA THR A 214 21.43 -5.93 12.25
C THR A 214 20.65 -5.98 10.96
N SER A 215 20.19 -7.17 10.61
CA SER A 215 19.46 -7.37 9.37
C SER A 215 18.16 -6.58 9.25
N VAL A 216 17.94 -6.05 8.06
CA VAL A 216 16.76 -5.27 7.75
C VAL A 216 16.14 -5.81 6.46
N GLN A 217 14.83 -6.03 6.47
CA GLN A 217 14.12 -6.54 5.32
C GLN A 217 13.67 -5.38 4.42
N ALA A 218 13.18 -5.72 3.23
CA ALA A 218 12.70 -4.70 2.33
C ALA A 218 11.42 -4.12 2.93
N GLY A 219 11.14 -2.86 2.64
CA GLY A 219 9.94 -2.24 3.17
C GLY A 219 9.89 -2.03 4.67
N GLU A 220 10.97 -2.41 5.37
CA GLU A 220 11.02 -2.24 6.83
C GLU A 220 11.19 -0.77 7.19
N ILE A 221 10.61 -0.36 8.31
CA ILE A 221 10.73 1.03 8.75
C ILE A 221 11.63 1.13 9.97
N ILE A 222 12.74 1.85 9.85
CA ILE A 222 13.61 1.99 11.00
C ILE A 222 13.79 3.45 11.41
N ASP A 223 13.76 3.68 12.71
CA ASP A 223 13.88 5.01 13.30
C ASP A 223 14.83 5.00 14.49
N SER A 224 15.48 6.13 14.75
CA SER A 224 16.38 6.23 15.88
C SER A 224 16.14 7.56 16.61
N SER A 225 16.18 7.52 17.93
CA SER A 225 15.98 8.72 18.75
C SER A 225 16.87 8.61 19.98
N VAL A 226 16.87 9.65 20.81
CA VAL A 226 17.71 9.64 21.99
C VAL A 226 17.25 10.53 23.15
N MET A 227 17.16 9.94 24.33
CA MET A 227 16.77 10.68 25.53
C MET A 227 18.07 11.34 26.01
N SER A 228 18.04 12.66 26.20
CA SER A 228 19.22 13.37 26.64
C SER A 228 19.31 13.39 28.17
N LYS A 229 20.39 12.83 28.70
CA LYS A 229 20.58 12.73 30.14
C LYS A 229 20.44 14.06 30.88
N ASN A 230 21.20 15.06 30.44
CA ASN A 230 21.17 16.37 31.09
C ASN A 230 19.87 17.12 30.86
N ALA A 231 19.17 16.80 29.78
CA ALA A 231 17.89 17.45 29.54
C ALA A 231 16.87 16.82 30.51
N LEU A 232 16.95 15.51 30.71
CA LEU A 232 16.07 14.79 31.62
C LEU A 232 16.37 15.22 33.05
N ARG A 233 17.66 15.35 33.33
CA ARG A 233 18.17 15.78 34.64
C ARG A 233 17.55 17.15 34.96
N ASN A 234 17.62 18.07 34.01
CA ASN A 234 17.05 19.40 34.20
C ASN A 234 15.54 19.38 34.29
N PHE A 235 14.92 18.34 33.74
CA PHE A 235 13.47 18.21 33.78
C PHE A 235 12.99 17.74 35.14
N ILE A 236 13.47 16.58 35.57
CA ILE A 236 13.07 15.98 36.84
C ILE A 236 13.35 16.90 38.01
N ALA A 237 14.42 17.68 37.89
CA ALA A 237 14.80 18.62 38.94
C ALA A 237 13.73 19.70 39.08
N ALA A 238 13.25 20.19 37.95
CA ALA A 238 12.23 21.23 37.97
C ALA A 238 10.89 20.67 38.45
N GLU A 239 10.49 19.54 37.89
CA GLU A 239 9.21 18.94 38.27
C GLU A 239 9.10 18.60 39.75
N ILE A 240 10.23 18.34 40.38
CA ILE A 240 10.20 18.05 41.81
C ILE A 240 9.92 19.38 42.47
N GLU A 241 10.85 20.30 42.29
CA GLU A 241 10.77 21.65 42.86
C GLU A 241 9.35 22.15 42.76
N ASP A 242 8.86 22.25 41.53
CA ASP A 242 7.50 22.72 41.27
C ASP A 242 6.43 21.86 41.93
N ALA A 243 6.68 20.55 41.99
CA ALA A 243 5.72 19.64 42.61
C ALA A 243 5.60 19.94 44.10
N LYS A 244 6.59 20.62 44.64
CA LYS A 244 6.59 20.98 46.06
C LYS A 244 5.64 22.17 46.24
N LYS A 245 5.73 23.16 45.34
CA LYS A 245 4.89 24.33 45.40
C LYS A 245 3.42 23.93 45.28
N GLN A 246 3.11 23.15 44.25
CA GLN A 246 1.76 22.66 44.00
C GLN A 246 1.12 21.94 45.18
N GLY A 247 1.94 21.40 46.07
CA GLY A 247 1.41 20.67 47.20
C GLY A 247 0.85 19.32 46.77
N VAL A 248 1.51 18.74 45.76
CA VAL A 248 1.10 17.45 45.21
C VAL A 248 2.14 16.36 45.37
N LEU A 249 1.70 15.12 45.20
CA LEU A 249 2.56 13.95 45.30
C LEU A 249 3.37 13.79 44.01
N LEU A 250 4.65 13.43 44.14
CA LEU A 250 5.48 13.23 42.97
C LEU A 250 5.40 11.76 42.59
N SER A 251 5.11 11.45 41.33
CA SER A 251 5.04 10.06 40.91
C SER A 251 5.64 9.88 39.54
N VAL A 252 6.33 8.75 39.36
CA VAL A 252 6.98 8.43 38.10
C VAL A 252 6.32 7.27 37.38
N HIS A 253 5.89 7.54 36.15
CA HIS A 253 5.22 6.50 35.36
C HIS A 253 6.05 6.10 34.15
N LEU A 254 7.01 5.21 34.39
CA LEU A 254 7.89 4.69 33.36
C LEU A 254 7.53 3.21 33.18
N LYS A 255 8.16 2.56 32.20
CA LYS A 255 7.89 1.16 31.96
C LYS A 255 9.20 0.39 32.09
N ALA A 256 9.87 0.60 33.22
CA ALA A 256 11.14 -0.05 33.48
C ALA A 256 11.04 -1.55 33.65
N THR A 257 10.13 -2.18 32.92
CA THR A 257 9.99 -3.63 32.98
C THR A 257 10.25 -4.13 31.58
N MET A 258 9.36 -3.77 30.67
CA MET A 258 9.48 -4.17 29.28
C MET A 258 10.70 -3.47 28.71
N MET A 259 10.86 -2.20 29.06
CA MET A 259 11.99 -1.40 28.61
C MET A 259 13.22 -1.72 29.46
N LYS A 260 13.59 -2.99 29.47
CA LYS A 260 14.70 -3.45 30.28
C LYS A 260 15.96 -2.62 30.22
N VAL A 261 16.15 -1.87 29.14
CA VAL A 261 17.40 -1.09 28.99
C VAL A 261 17.41 0.38 29.36
N SER A 262 16.53 1.16 28.74
CA SER A 262 16.50 2.60 28.95
C SER A 262 15.72 3.11 30.17
N ASP A 263 14.54 2.56 30.42
CA ASP A 263 13.79 3.05 31.54
C ASP A 263 14.48 2.87 32.89
N PRO A 264 15.11 1.71 33.14
CA PRO A 264 15.76 1.63 34.45
C PRO A 264 16.78 2.75 34.57
N ILE A 265 17.37 3.13 33.44
CA ILE A 265 18.36 4.20 33.43
C ILE A 265 17.70 5.53 33.78
N MET A 266 16.57 5.83 33.15
CA MET A 266 15.86 7.07 33.45
C MET A 266 15.40 7.01 34.90
N PHE A 267 14.97 5.83 35.31
CA PHE A 267 14.49 5.60 36.67
C PHE A 267 15.55 6.05 37.66
N GLY A 268 16.77 5.52 37.51
CA GLY A 268 17.86 5.89 38.39
C GLY A 268 18.23 7.37 38.43
N GLN A 269 18.26 8.03 37.27
CA GLN A 269 18.60 9.45 37.20
C GLN A 269 17.61 10.24 38.04
N ILE A 270 16.41 9.68 38.19
CA ILE A 270 15.37 10.29 38.99
C ILE A 270 15.77 10.04 40.44
N VAL A 271 15.86 8.77 40.78
CA VAL A 271 16.24 8.34 42.12
C VAL A 271 17.51 9.09 42.49
N SER A 272 18.26 9.49 41.48
CA SER A 272 19.50 10.22 41.71
C SER A 272 19.21 11.67 42.02
N GLU A 273 18.65 12.39 41.05
CA GLU A 273 18.35 13.81 41.26
C GLU A 273 17.39 14.10 42.43
N PHE A 274 16.94 13.05 43.10
CA PHE A 274 16.03 13.22 44.23
C PHE A 274 16.81 13.15 45.54
N TYR A 275 17.37 11.97 45.81
CA TYR A 275 18.13 11.75 47.04
C TYR A 275 19.55 12.25 46.87
N LYS A 276 19.78 13.16 45.92
CA LYS A 276 21.14 13.63 45.67
C LYS A 276 21.93 14.08 46.90
N ASP A 277 21.36 14.97 47.70
CA ASP A 277 22.08 15.45 48.88
C ASP A 277 22.57 14.32 49.79
N ALA A 278 21.71 13.33 50.03
CA ALA A 278 22.05 12.18 50.88
C ALA A 278 23.03 11.24 50.20
N LEU A 279 22.84 10.98 48.91
CA LEU A 279 23.71 10.10 48.17
C LEU A 279 25.01 10.80 47.83
N THR A 280 25.02 12.13 47.94
CA THR A 280 26.24 12.89 47.66
C THR A 280 27.10 12.88 48.93
N LYS A 281 26.42 12.96 50.08
CA LYS A 281 27.08 12.93 51.37
C LYS A 281 27.73 11.57 51.65
N HIS A 282 27.23 10.54 51.00
CA HIS A 282 27.74 9.19 51.20
C HIS A 282 28.19 8.57 49.89
N ALA A 283 28.71 9.41 49.00
CA ALA A 283 29.16 8.97 47.71
C ALA A 283 29.97 7.66 47.75
N GLU A 284 30.94 7.56 48.66
CA GLU A 284 31.77 6.36 48.73
C GLU A 284 31.24 5.18 49.51
N VAL A 285 30.62 5.42 50.65
CA VAL A 285 30.14 4.28 51.43
C VAL A 285 29.22 3.39 50.58
N LEU A 286 28.40 4.01 49.74
CA LEU A 286 27.49 3.30 48.85
C LEU A 286 28.32 2.64 47.75
N LYS A 287 29.27 3.41 47.23
CA LYS A 287 30.18 2.96 46.18
C LYS A 287 30.85 1.64 46.59
N GLN A 288 31.24 1.56 47.85
CA GLN A 288 31.87 0.36 48.38
C GLN A 288 30.92 -0.83 48.25
N ILE A 289 29.85 -0.82 49.05
CA ILE A 289 28.88 -1.89 49.00
C ILE A 289 28.28 -2.04 47.62
N GLY A 290 28.67 -1.15 46.73
CA GLY A 290 28.16 -1.21 45.36
C GLY A 290 26.67 -0.97 45.19
N PHE A 291 26.23 0.27 45.40
CA PHE A 291 24.83 0.61 45.26
C PHE A 291 24.56 0.79 43.77
N ASP A 292 23.33 0.49 43.33
CA ASP A 292 22.96 0.63 41.93
C ASP A 292 21.66 1.41 41.80
N VAL A 293 21.75 2.73 41.85
CA VAL A 293 20.58 3.59 41.78
C VAL A 293 19.51 3.18 40.75
N ASN A 294 19.93 2.57 39.64
CA ASN A 294 18.97 2.15 38.61
C ASN A 294 18.07 1.03 39.14
N ASN A 295 18.25 0.68 40.41
CA ASN A 295 17.47 -0.38 41.04
C ASN A 295 16.57 0.20 42.12
N GLY A 296 16.49 1.53 42.15
CA GLY A 296 15.65 2.21 43.12
C GLY A 296 16.37 2.47 44.42
N ILE A 297 15.88 3.43 45.19
CA ILE A 297 16.51 3.74 46.46
C ILE A 297 16.37 2.50 47.31
N GLY A 298 15.40 1.66 46.96
CA GLY A 298 15.16 0.43 47.69
C GLY A 298 16.40 -0.42 47.82
N ASP A 299 17.22 -0.44 46.77
CA ASP A 299 18.46 -1.21 46.74
C ASP A 299 19.43 -0.73 47.82
N LEU A 300 19.45 0.58 48.07
CA LEU A 300 20.30 1.15 49.11
C LEU A 300 19.93 0.50 50.44
N TYR A 301 18.69 0.67 50.85
CA TYR A 301 18.19 0.08 52.09
C TYR A 301 18.56 -1.38 52.33
N ALA A 302 18.80 -2.14 51.25
CA ALA A 302 19.13 -3.55 51.39
C ALA A 302 20.63 -3.87 51.37
N ARG A 303 21.41 -2.95 50.82
CA ARG A 303 22.86 -3.11 50.72
C ARG A 303 23.61 -2.60 51.95
N ILE A 304 22.99 -1.70 52.70
CA ILE A 304 23.64 -1.14 53.86
C ILE A 304 23.56 -1.97 55.14
N LYS A 305 22.57 -2.86 55.21
CA LYS A 305 22.40 -3.70 56.40
C LYS A 305 23.70 -4.40 56.79
N THR A 306 24.73 -4.23 55.97
CA THR A 306 26.01 -4.85 56.26
C THR A 306 26.94 -3.84 56.92
N LEU A 307 26.58 -2.57 56.84
CA LEU A 307 27.39 -1.50 57.44
C LEU A 307 27.21 -1.44 58.97
N PRO A 308 28.18 -0.82 59.68
CA PRO A 308 28.08 -0.71 61.13
C PRO A 308 26.70 -0.19 61.56
N GLU A 309 26.15 -0.79 62.62
CA GLU A 309 24.84 -0.43 63.15
C GLU A 309 24.57 1.09 63.21
N ALA A 310 25.61 1.86 63.49
CA ALA A 310 25.48 3.31 63.59
C ALA A 310 25.64 3.98 62.23
N LYS A 311 26.42 3.35 61.35
CA LYS A 311 26.64 3.92 60.02
C LYS A 311 25.31 3.90 59.29
N GLN A 312 24.57 2.82 59.47
CA GLN A 312 23.25 2.67 58.84
C GLN A 312 22.36 3.82 59.26
N LYS A 313 22.15 3.93 60.56
CA LYS A 313 21.33 4.99 61.13
C LYS A 313 21.61 6.35 60.50
N GLU A 314 22.90 6.68 60.36
CA GLU A 314 23.31 7.96 59.77
C GLU A 314 22.68 8.13 58.39
N ILE A 315 22.90 7.16 57.51
CA ILE A 315 22.35 7.21 56.16
C ILE A 315 20.84 7.38 56.23
N GLU A 316 20.16 6.39 56.81
CA GLU A 316 18.71 6.44 56.95
C GLU A 316 18.25 7.77 57.54
N ALA A 317 18.89 8.20 58.62
CA ALA A 317 18.53 9.46 59.25
C ALA A 317 18.67 10.63 58.27
N ASP A 318 19.62 10.51 57.35
CA ASP A 318 19.83 11.57 56.37
C ASP A 318 18.83 11.42 55.24
N ILE A 319 18.45 10.18 54.94
CA ILE A 319 17.49 9.91 53.87
C ILE A 319 16.19 10.61 54.25
N GLN A 320 15.80 10.47 55.51
CA GLN A 320 14.57 11.09 56.01
C GLN A 320 14.62 12.60 55.81
N ALA A 321 15.80 13.17 55.99
CA ALA A 321 16.02 14.61 55.85
C ALA A 321 15.66 15.09 54.44
N VAL A 322 15.73 14.16 53.48
CA VAL A 322 15.40 14.49 52.10
C VAL A 322 13.90 14.44 51.93
N TYR A 323 13.27 13.42 52.51
CA TYR A 323 11.83 13.25 52.43
C TYR A 323 11.14 14.42 53.10
N ALA A 324 11.93 15.29 53.73
CA ALA A 324 11.39 16.47 54.40
C ALA A 324 11.66 17.69 53.53
N GLN A 325 12.73 17.62 52.75
CA GLN A 325 13.14 18.71 51.87
C GLN A 325 12.43 18.62 50.51
N ARG A 326 11.78 17.48 50.27
CA ARG A 326 11.11 17.22 48.99
C ARG A 326 9.66 16.75 49.08
N PRO A 327 8.86 17.03 48.03
CA PRO A 327 7.45 16.63 47.99
C PRO A 327 7.32 15.16 48.35
N GLN A 328 6.15 14.76 48.84
CA GLN A 328 5.95 13.37 49.20
C GLN A 328 5.70 12.54 47.94
N LEU A 329 6.33 11.38 47.88
CA LEU A 329 6.20 10.50 46.73
C LEU A 329 4.95 9.68 46.89
N ALA A 330 4.30 9.38 45.77
CA ALA A 330 3.11 8.53 45.86
C ALA A 330 3.71 7.25 46.45
N MET A 331 2.91 6.47 47.15
CA MET A 331 3.46 5.27 47.75
C MET A 331 2.86 3.99 47.20
N VAL A 332 3.72 2.98 47.04
CA VAL A 332 3.31 1.69 46.52
C VAL A 332 2.57 0.94 47.62
N ASN A 333 3.04 1.12 48.84
CA ASN A 333 2.45 0.52 50.02
C ASN A 333 2.74 1.49 51.14
N SER A 334 1.73 2.29 51.47
CA SER A 334 1.86 3.32 52.49
C SER A 334 2.35 2.87 53.88
N ASP A 335 1.83 1.75 54.38
CA ASP A 335 2.22 1.26 55.71
C ASP A 335 3.65 0.75 55.88
N LYS A 336 4.21 0.12 54.85
CA LYS A 336 5.57 -0.42 54.96
C LYS A 336 6.63 0.58 54.48
N GLY A 337 6.16 1.77 54.09
CA GLY A 337 7.08 2.80 53.63
C GLY A 337 7.54 2.68 52.19
N ILE A 338 7.29 1.54 51.56
CA ILE A 338 7.68 1.31 50.18
C ILE A 338 7.15 2.42 49.25
N THR A 339 8.07 3.22 48.71
CA THR A 339 7.70 4.33 47.84
C THR A 339 7.70 4.02 46.35
N ASN A 340 7.33 5.03 45.57
CA ASN A 340 7.27 4.94 44.12
C ASN A 340 8.68 4.78 43.58
N LEU A 341 9.66 5.26 44.33
CA LEU A 341 11.06 5.17 43.92
C LEU A 341 11.83 4.09 44.68
N HIS A 342 11.15 3.02 45.06
CA HIS A 342 11.78 1.92 45.80
C HIS A 342 12.22 0.78 44.90
N VAL A 343 11.32 0.37 44.01
CA VAL A 343 11.60 -0.71 43.07
C VAL A 343 11.22 -0.32 41.65
N PRO A 344 12.12 -0.58 40.70
CA PRO A 344 11.88 -0.26 39.29
C PRO A 344 10.49 -0.61 38.83
N SER A 345 10.06 -1.83 39.12
CA SER A 345 8.76 -2.31 38.66
C SER A 345 7.52 -2.29 39.53
N ASP A 346 7.49 -1.50 40.61
CA ASP A 346 6.29 -1.47 41.41
C ASP A 346 5.24 -0.68 40.63
N VAL A 347 5.63 0.50 40.15
CA VAL A 347 4.75 1.37 39.40
C VAL A 347 5.06 1.27 37.92
N ILE A 348 4.18 0.63 37.16
CA ILE A 348 4.37 0.52 35.72
C ILE A 348 3.27 1.32 35.04
N VAL A 349 3.70 2.33 34.30
CA VAL A 349 2.83 3.26 33.58
C VAL A 349 1.48 2.73 33.01
N ASP A 350 1.50 1.59 32.31
CA ASP A 350 0.28 1.06 31.70
C ASP A 350 -0.84 0.78 32.68
N ALA A 351 -0.49 0.42 33.91
CA ALA A 351 -1.49 0.15 34.94
C ALA A 351 -1.59 1.31 35.91
N SER A 352 -0.44 1.78 36.38
CA SER A 352 -0.39 2.89 37.31
C SER A 352 -1.37 4.00 36.95
N MET A 353 -1.35 4.44 35.71
CA MET A 353 -2.23 5.51 35.28
C MET A 353 -3.74 5.20 35.31
N PRO A 354 -4.18 4.19 34.54
CA PRO A 354 -5.60 3.89 34.57
C PRO A 354 -6.15 3.93 35.99
N ALA A 355 -5.47 3.24 36.89
CA ALA A 355 -5.88 3.19 38.28
C ALA A 355 -5.91 4.60 38.86
N MET A 356 -4.81 5.32 38.69
CA MET A 356 -4.67 6.68 39.18
C MET A 356 -5.75 7.59 38.64
N ILE A 357 -6.23 7.31 37.43
CA ILE A 357 -7.30 8.15 36.91
C ILE A 357 -8.55 7.75 37.66
N ARG A 358 -8.84 6.46 37.67
CA ARG A 358 -10.01 5.93 38.35
C ARG A 358 -10.18 6.54 39.75
N ASP A 359 -9.13 6.44 40.56
CA ASP A 359 -9.15 6.96 41.93
C ASP A 359 -9.13 8.48 42.03
N SER A 360 -10.08 9.13 41.37
CA SER A 360 -10.18 10.59 41.42
C SER A 360 -8.87 11.30 41.09
N GLY A 361 -8.04 10.65 40.28
CA GLY A 361 -6.77 11.26 39.90
C GLY A 361 -5.86 11.40 41.10
N LYS A 362 -5.85 10.39 41.97
CA LYS A 362 -5.00 10.44 43.16
C LYS A 362 -4.25 9.13 43.35
N MET A 363 -3.23 9.19 44.21
CA MET A 363 -2.40 8.04 44.56
C MET A 363 -2.08 8.15 46.05
N TRP A 364 -2.10 7.03 46.75
CA TRP A 364 -1.85 7.02 48.18
C TRP A 364 -0.57 7.76 48.54
N GLY A 365 -0.65 8.54 49.61
CA GLY A 365 0.51 9.30 50.07
C GLY A 365 1.22 8.64 51.23
N PRO A 366 2.23 9.32 51.82
CA PRO A 366 3.01 8.79 52.94
C PRO A 366 2.12 8.46 54.14
N ASP A 367 1.15 9.33 54.38
CA ASP A 367 0.20 9.16 55.47
C ASP A 367 -0.52 7.83 55.29
N GLY A 368 -1.47 7.81 54.36
CA GLY A 368 -2.23 6.60 54.10
C GLY A 368 -3.52 6.91 53.37
N LYS A 369 -3.63 8.13 52.85
CA LYS A 369 -4.83 8.54 52.12
C LYS A 369 -4.46 9.01 50.72
N LEU A 370 -5.46 9.11 49.85
CA LEU A 370 -5.25 9.55 48.48
C LEU A 370 -5.00 11.06 48.36
N HIS A 371 -4.24 11.43 47.34
CA HIS A 371 -3.90 12.84 47.11
C HIS A 371 -3.70 13.10 45.63
N ASP A 372 -3.83 14.36 45.22
CA ASP A 372 -3.63 14.73 43.83
C ASP A 372 -2.19 14.43 43.51
N THR A 373 -1.92 14.13 42.25
CA THR A 373 -0.56 13.77 41.88
C THR A 373 -0.08 14.44 40.61
N LYS A 374 1.25 14.46 40.46
CA LYS A 374 1.91 15.02 39.29
C LYS A 374 2.54 13.78 38.64
N ALA A 375 1.81 13.16 37.72
CA ALA A 375 2.28 11.96 37.05
C ALA A 375 3.38 12.32 36.07
N VAL A 376 4.59 11.86 36.34
CA VAL A 376 5.69 12.17 35.45
C VAL A 376 5.91 11.12 34.36
N ILE A 377 5.57 11.52 33.13
CA ILE A 377 5.75 10.71 31.94
C ILE A 377 6.75 11.51 31.11
N PRO A 378 8.06 11.34 31.40
CA PRO A 378 9.21 11.98 30.77
C PRO A 378 9.14 12.25 29.28
N ASP A 379 8.79 11.23 28.50
CA ASP A 379 8.74 11.39 27.05
C ASP A 379 7.49 12.14 26.62
N ARG A 380 7.23 12.20 25.32
CA ARG A 380 6.04 12.90 24.82
C ARG A 380 5.18 12.05 23.92
N CYS A 381 5.70 10.91 23.48
CA CYS A 381 4.95 10.04 22.58
C CYS A 381 3.55 9.69 23.06
N TYR A 382 3.43 9.31 24.32
CA TYR A 382 2.13 8.94 24.84
C TYR A 382 1.76 9.66 26.12
N ALA A 383 2.52 10.69 26.49
CA ALA A 383 2.20 11.46 27.69
C ALA A 383 0.88 12.17 27.35
N GLY A 384 0.83 12.77 26.17
CA GLY A 384 -0.37 13.47 25.74
C GLY A 384 -1.65 12.73 26.02
N VAL A 385 -1.78 11.55 25.42
CA VAL A 385 -2.97 10.70 25.57
C VAL A 385 -3.52 10.63 27.00
N TYR A 386 -2.65 10.64 28.00
CA TYR A 386 -3.11 10.58 29.38
C TYR A 386 -3.58 11.94 29.86
N GLN A 387 -2.97 12.99 29.34
CA GLN A 387 -3.32 14.34 29.73
C GLN A 387 -4.75 14.63 29.26
N VAL A 388 -5.04 14.27 28.02
CA VAL A 388 -6.37 14.46 27.48
C VAL A 388 -7.38 13.79 28.38
N VAL A 389 -7.20 12.49 28.63
CA VAL A 389 -8.10 11.76 29.50
C VAL A 389 -8.16 12.39 30.88
N ILE A 390 -7.04 12.92 31.37
CA ILE A 390 -7.04 13.54 32.68
C ILE A 390 -7.79 14.86 32.66
N GLU A 391 -7.61 15.64 31.58
CA GLU A 391 -8.26 16.93 31.43
C GLU A 391 -9.71 16.79 30.99
N ASP A 392 -10.13 15.56 30.76
CA ASP A 392 -11.50 15.26 30.33
C ASP A 392 -12.33 15.05 31.60
N CYS A 393 -11.78 14.28 32.53
CA CYS A 393 -12.48 13.98 33.78
C CYS A 393 -12.79 15.20 34.62
N LYS A 394 -11.79 16.04 34.87
CA LYS A 394 -12.01 17.23 35.69
C LYS A 394 -12.89 18.25 34.96
N GLN A 395 -13.27 17.93 33.72
CA GLN A 395 -14.09 18.82 32.93
C GLN A 395 -15.39 18.17 32.47
N HIS A 396 -15.67 16.95 32.92
CA HIS A 396 -16.89 16.24 32.51
C HIS A 396 -17.26 15.14 33.48
N GLY A 397 -16.41 14.93 34.48
CA GLY A 397 -16.68 13.90 35.47
C GLY A 397 -16.34 12.49 35.03
N ALA A 398 -16.24 11.58 36.01
CA ALA A 398 -15.91 10.20 35.75
C ALA A 398 -16.88 9.57 34.76
N PHE A 399 -16.39 8.67 33.91
CA PHE A 399 -17.25 8.02 32.94
C PHE A 399 -18.20 7.10 33.70
N ASP A 400 -19.39 6.85 33.15
CA ASP A 400 -20.36 5.99 33.82
C ASP A 400 -20.38 4.59 33.21
N PRO A 401 -19.85 3.60 33.95
CA PRO A 401 -19.79 2.21 33.50
C PRO A 401 -21.11 1.75 32.92
N THR A 402 -22.18 2.43 33.36
CA THR A 402 -23.54 2.14 32.94
C THR A 402 -23.91 2.72 31.58
N THR A 403 -23.17 3.74 31.13
CA THR A 403 -23.49 4.39 29.86
C THR A 403 -22.36 4.50 28.82
N MET A 404 -21.12 4.66 29.28
CA MET A 404 -20.00 4.82 28.36
C MET A 404 -19.88 3.71 27.31
N GLY A 405 -19.19 4.03 26.23
CA GLY A 405 -19.02 3.07 25.16
C GLY A 405 -17.80 2.23 25.38
N SER A 406 -17.22 1.72 24.30
CA SER A 406 -16.03 0.88 24.35
C SER A 406 -15.01 1.28 23.29
N VAL A 407 -13.74 1.11 23.61
CA VAL A 407 -12.67 1.42 22.68
C VAL A 407 -11.81 0.19 22.55
N PRO A 408 -12.13 -0.69 21.60
CA PRO A 408 -11.32 -1.90 21.44
C PRO A 408 -9.93 -1.47 20.98
N ASN A 409 -9.18 -2.39 20.40
CA ASN A 409 -7.86 -2.01 19.95
C ASN A 409 -7.16 -3.04 19.09
N VAL A 410 -7.10 -2.76 17.80
CA VAL A 410 -6.43 -3.65 16.87
C VAL A 410 -5.03 -3.05 16.79
N GLY A 411 -4.14 -3.58 17.62
CA GLY A 411 -2.77 -3.10 17.69
C GLY A 411 -1.71 -3.90 16.96
N LEU A 412 -0.71 -3.17 16.48
CA LEU A 412 0.40 -3.75 15.76
C LEU A 412 1.48 -4.17 16.74
N MET A 413 1.95 -5.41 16.63
CA MET A 413 3.00 -5.90 17.51
C MET A 413 3.86 -7.00 16.88
N ALA A 414 3.27 -7.76 15.98
CA ALA A 414 3.97 -8.84 15.28
C ALA A 414 5.44 -8.58 15.02
N GLN A 415 6.26 -9.61 15.26
CA GLN A 415 7.71 -9.53 15.07
C GLN A 415 8.36 -8.47 15.95
N LYS A 416 8.02 -8.49 17.23
CA LYS A 416 8.57 -7.52 18.16
C LYS A 416 8.48 -6.16 17.50
N ALA A 417 7.29 -5.83 17.03
CA ALA A 417 7.05 -4.57 16.35
C ALA A 417 7.38 -3.37 17.21
N GLU A 418 8.14 -2.45 16.62
CA GLU A 418 8.51 -1.21 17.28
C GLU A 418 9.25 -1.38 18.60
N GLU A 419 9.08 -0.41 19.49
CA GLU A 419 9.72 -0.39 20.80
C GLU A 419 9.90 -1.74 21.49
N TYR A 420 8.87 -2.58 21.46
CA TYR A 420 8.93 -3.88 22.10
C TYR A 420 10.14 -4.71 21.75
N GLY A 421 10.93 -4.22 20.81
CA GLY A 421 12.13 -4.95 20.44
C GLY A 421 13.29 -4.04 20.11
N SER A 422 13.52 -3.04 20.96
CA SER A 422 14.59 -2.08 20.73
C SER A 422 15.75 -2.24 21.72
N HIS A 423 15.53 -3.03 22.76
CA HIS A 423 16.51 -3.27 23.77
C HIS A 423 17.95 -3.53 23.30
N ASP A 424 18.12 -4.51 22.42
CA ASP A 424 19.46 -4.85 21.91
C ASP A 424 20.00 -3.80 20.94
N LYS A 425 19.28 -2.70 20.83
CA LYS A 425 19.69 -1.60 19.98
C LYS A 425 19.57 -0.27 20.71
N THR A 426 19.61 -0.35 22.03
CA THR A 426 19.54 0.82 22.91
C THR A 426 20.86 0.84 23.67
N PHE A 427 21.60 1.93 23.50
CA PHE A 427 22.90 2.08 24.14
C PHE A 427 23.02 3.35 24.95
N GLN A 428 23.80 3.29 26.02
CA GLN A 428 24.04 4.46 26.82
C GLN A 428 25.34 5.02 26.23
N ILE A 429 25.26 6.19 25.61
CA ILE A 429 26.42 6.81 24.97
C ILE A 429 27.67 6.84 25.84
N PRO A 430 28.80 6.36 25.29
CA PRO A 430 30.11 6.29 25.96
C PRO A 430 30.90 7.57 26.00
N ALA A 431 30.57 8.50 25.11
CA ALA A 431 31.25 9.78 25.03
C ALA A 431 30.55 10.71 24.04
N ASP A 432 30.79 12.01 24.16
CA ASP A 432 30.17 12.94 23.23
C ASP A 432 30.52 12.43 21.85
N GLY A 433 29.63 12.62 20.90
CA GLY A 433 29.91 12.17 19.55
C GLY A 433 28.71 12.22 18.63
N VAL A 434 28.68 11.30 17.68
CA VAL A 434 27.56 11.24 16.76
C VAL A 434 27.36 9.78 16.38
N VAL A 435 26.11 9.32 16.43
CA VAL A 435 25.78 7.94 16.08
C VAL A 435 25.29 7.86 14.64
N ARG A 436 25.80 6.88 13.90
CA ARG A 436 25.44 6.68 12.51
C ARG A 436 25.03 5.24 12.19
N VAL A 437 23.83 5.07 11.64
CA VAL A 437 23.32 3.77 11.25
C VAL A 437 23.56 3.63 9.75
N THR A 438 24.43 2.72 9.35
CA THR A 438 24.77 2.53 7.95
C THR A 438 24.35 1.15 7.48
N ASP A 439 24.26 0.96 6.17
CA ASP A 439 23.86 -0.33 5.61
C ASP A 439 25.00 -1.15 4.98
N GLU A 440 24.62 -2.13 4.16
CA GLU A 440 25.56 -3.02 3.49
C GLU A 440 26.53 -2.32 2.54
N SER A 441 26.05 -1.35 1.79
CA SER A 441 26.91 -0.63 0.86
C SER A 441 27.74 0.40 1.61
N GLY A 442 27.08 1.09 2.54
CA GLY A 442 27.72 2.11 3.33
C GLY A 442 26.91 3.39 3.24
N LYS A 443 25.68 3.28 2.75
CA LYS A 443 24.79 4.42 2.62
C LYS A 443 24.35 4.82 4.02
N LEU A 444 24.41 6.12 4.30
CA LEU A 444 24.02 6.63 5.61
C LEU A 444 22.49 6.72 5.72
N LEU A 445 21.90 5.81 6.48
CA LEU A 445 20.45 5.76 6.67
C LEU A 445 19.94 6.69 7.75
N LEU A 446 20.61 6.69 8.89
CA LEU A 446 20.26 7.52 10.05
C LEU A 446 21.52 8.09 10.67
N GLU A 447 21.36 9.12 11.49
CA GLU A 447 22.50 9.76 12.13
C GLU A 447 21.95 10.78 13.11
N GLN A 448 22.26 10.62 14.38
CA GLN A 448 21.76 11.55 15.36
C GLN A 448 22.88 11.90 16.32
N SER A 449 23.07 13.19 16.57
CA SER A 449 24.11 13.66 17.48
C SER A 449 23.87 13.15 18.90
N VAL A 450 24.94 12.87 19.63
CA VAL A 450 24.75 12.39 20.99
C VAL A 450 25.70 12.98 22.02
N GLU A 451 25.37 12.77 23.29
CA GLU A 451 26.17 13.25 24.39
C GLU A 451 26.31 12.16 25.45
N ALA A 452 27.50 12.05 26.03
CA ALA A 452 27.78 11.05 27.04
C ALA A 452 26.65 10.93 28.06
N GLY A 453 26.28 9.67 28.34
CA GLY A 453 25.21 9.39 29.29
C GLY A 453 23.87 9.23 28.60
N ASP A 454 23.74 9.87 27.45
CA ASP A 454 22.52 9.82 26.66
C ASP A 454 22.06 8.41 26.31
N ILE A 455 20.75 8.28 26.08
CA ILE A 455 20.17 7.00 25.69
C ILE A 455 19.75 7.02 24.25
N TRP A 456 20.45 6.25 23.43
CA TRP A 456 20.15 6.17 22.01
C TRP A 456 19.55 4.81 21.65
N ARG A 457 18.52 4.83 20.80
CA ARG A 457 17.87 3.59 20.40
C ARG A 457 17.42 3.61 18.95
N MET A 458 17.15 2.42 18.43
CA MET A 458 16.69 2.27 17.07
C MET A 458 15.53 1.30 17.12
N CYS A 459 14.43 1.65 16.47
CA CYS A 459 13.25 0.79 16.45
C CYS A 459 12.91 0.39 15.02
N GLN A 460 12.42 -0.83 14.83
CA GLN A 460 12.07 -1.22 13.47
C GLN A 460 10.70 -1.90 13.33
N ALA A 461 9.88 -1.34 12.45
CA ALA A 461 8.55 -1.89 12.18
C ALA A 461 8.55 -2.53 10.79
N LYS A 462 8.31 -3.84 10.76
CA LYS A 462 8.30 -4.62 9.53
C LYS A 462 6.98 -4.59 8.74
N ASP A 463 7.14 -4.54 7.43
CA ASP A 463 6.04 -4.46 6.48
C ASP A 463 4.96 -5.53 6.61
N ALA A 464 5.36 -6.80 6.56
CA ALA A 464 4.38 -7.88 6.69
C ALA A 464 3.45 -7.61 7.89
N PRO A 465 4.02 -7.34 9.09
CA PRO A 465 3.20 -7.05 10.27
C PRO A 465 2.26 -5.85 10.10
N ILE A 466 2.74 -4.78 9.49
CA ILE A 466 1.91 -3.60 9.28
C ILE A 466 0.72 -3.97 8.40
N GLN A 467 0.94 -4.85 7.41
CA GLN A 467 -0.14 -5.28 6.53
C GLN A 467 -1.13 -6.16 7.27
N ASP A 468 -0.69 -7.27 7.83
CA ASP A 468 -1.58 -8.17 8.57
C ASP A 468 -2.39 -7.30 9.52
N TRP A 469 -1.75 -6.21 9.93
CA TRP A 469 -2.33 -5.22 10.84
C TRP A 469 -3.51 -4.51 10.16
N VAL A 470 -3.19 -3.65 9.19
CA VAL A 470 -4.22 -2.90 8.48
C VAL A 470 -5.41 -3.76 8.13
N LYS A 471 -5.18 -5.00 7.71
CA LYS A 471 -6.30 -5.87 7.37
C LYS A 471 -7.19 -5.98 8.59
N LEU A 472 -6.71 -6.73 9.58
CA LEU A 472 -7.42 -6.95 10.84
C LEU A 472 -8.12 -5.70 11.31
N ALA A 473 -7.50 -4.55 11.07
CA ALA A 473 -8.10 -3.29 11.45
C ALA A 473 -9.44 -3.23 10.73
N VAL A 474 -9.40 -3.19 9.41
CA VAL A 474 -10.62 -3.15 8.62
C VAL A 474 -11.59 -4.25 9.06
N ASN A 475 -11.09 -5.48 9.10
CA ASN A 475 -11.89 -6.62 9.52
C ASN A 475 -12.81 -6.21 10.68
N ARG A 476 -12.21 -5.78 11.79
CA ARG A 476 -13.00 -5.39 12.95
C ARG A 476 -13.96 -4.28 12.60
N ALA A 477 -13.47 -3.28 11.86
CA ALA A 477 -14.31 -2.15 11.47
C ALA A 477 -15.61 -2.66 10.84
N ARG A 478 -15.48 -3.70 10.01
CA ARG A 478 -16.62 -4.29 9.33
C ARG A 478 -17.52 -5.07 10.28
N ALA A 479 -17.01 -6.18 10.82
CA ALA A 479 -17.75 -7.04 11.72
C ALA A 479 -18.63 -6.31 12.73
N THR A 480 -18.15 -5.20 13.29
CA THR A 480 -18.93 -4.44 14.27
C THR A 480 -19.61 -3.26 13.61
N ASN A 481 -18.98 -2.74 12.57
CA ASN A 481 -19.51 -1.60 11.84
C ASN A 481 -19.48 -0.38 12.75
N THR A 482 -18.32 -0.16 13.35
CA THR A 482 -18.09 0.95 14.25
C THR A 482 -16.98 1.79 13.65
N PRO A 483 -16.94 3.10 13.97
CA PRO A 483 -15.85 3.90 13.41
C PRO A 483 -14.53 3.33 13.96
N ALA A 484 -13.43 3.53 13.23
CA ALA A 484 -12.13 3.01 13.68
C ALA A 484 -11.00 3.98 13.33
N VAL A 485 -10.28 4.43 14.35
CA VAL A 485 -9.20 5.38 14.14
C VAL A 485 -7.79 4.81 14.27
N PHE A 486 -6.89 5.32 13.42
CA PHE A 486 -5.50 4.94 13.48
C PHE A 486 -4.85 6.05 14.30
N TRP A 487 -4.22 5.72 15.43
CA TRP A 487 -3.56 6.76 16.24
C TRP A 487 -2.12 6.92 15.76
N LEU A 488 -1.91 7.74 14.73
CA LEU A 488 -0.58 7.96 14.16
C LEU A 488 -0.24 9.43 14.06
N ASP A 489 0.76 9.85 14.83
CA ASP A 489 1.18 11.25 14.87
C ASP A 489 2.14 11.61 13.75
N PRO A 490 1.78 12.60 12.93
CA PRO A 490 2.61 13.06 11.80
C PRO A 490 3.91 13.70 12.29
N ALA A 491 3.88 14.22 13.51
CA ALA A 491 5.05 14.84 14.09
C ALA A 491 6.20 13.84 14.12
N ARG A 492 5.88 12.60 14.53
CA ARG A 492 6.86 11.49 14.61
C ARG A 492 7.29 10.92 13.25
N ALA A 493 8.56 11.14 12.91
CA ALA A 493 9.13 10.67 11.65
C ALA A 493 8.80 9.20 11.43
N HIS A 494 8.48 8.50 12.51
CA HIS A 494 8.15 7.08 12.44
C HIS A 494 6.70 6.92 12.05
N ASP A 495 5.79 7.31 12.94
CA ASP A 495 4.36 7.21 12.70
C ASP A 495 4.08 7.72 11.30
N ALA A 496 4.82 8.76 10.91
CA ALA A 496 4.68 9.38 9.59
C ALA A 496 4.83 8.37 8.45
N GLN A 497 5.90 7.60 8.46
CA GLN A 497 6.10 6.63 7.40
C GLN A 497 5.16 5.47 7.54
N VAL A 498 4.66 5.26 8.75
CA VAL A 498 3.74 4.16 8.96
C VAL A 498 2.40 4.62 8.41
N ILE A 499 2.18 5.93 8.42
CA ILE A 499 0.93 6.48 7.88
C ILE A 499 0.85 6.25 6.38
N ALA A 500 1.99 6.42 5.71
CA ALA A 500 2.05 6.22 4.27
C ALA A 500 1.61 4.79 4.02
N LYS A 501 2.19 3.87 4.77
CA LYS A 501 1.86 2.45 4.65
C LYS A 501 0.35 2.24 4.71
N VAL A 502 -0.26 2.62 5.83
CA VAL A 502 -1.70 2.49 6.01
C VAL A 502 -2.51 3.09 4.89
N GLU A 503 -2.34 4.39 4.66
CA GLU A 503 -3.09 5.07 3.61
C GLU A 503 -3.10 4.29 2.31
N ARG A 504 -1.97 3.68 2.00
CA ARG A 504 -1.82 2.93 0.77
C ARG A 504 -2.37 1.50 0.83
N TYR A 505 -2.52 0.96 2.02
CA TYR A 505 -3.02 -0.41 2.15
C TYR A 505 -4.53 -0.52 2.27
N LEU A 506 -5.17 0.52 2.79
CA LEU A 506 -6.62 0.50 2.92
C LEU A 506 -7.17 0.43 1.49
N LYS A 507 -6.39 0.97 0.55
CA LYS A 507 -6.76 0.99 -0.86
C LYS A 507 -6.63 -0.41 -1.44
N ASP A 508 -6.58 -1.40 -0.56
CA ASP A 508 -6.47 -2.78 -0.97
C ASP A 508 -7.69 -3.54 -0.46
N TYR A 509 -8.47 -2.87 0.38
CA TYR A 509 -9.65 -3.47 0.96
C TYR A 509 -10.91 -2.67 0.68
N ASP A 510 -12.03 -3.15 1.22
CA ASP A 510 -13.32 -2.49 1.06
C ASP A 510 -13.52 -1.45 2.16
N THR A 511 -13.60 -0.19 1.76
CA THR A 511 -13.78 0.92 2.70
C THR A 511 -15.23 1.42 2.73
N SER A 512 -16.00 1.06 1.72
CA SER A 512 -17.41 1.48 1.59
C SER A 512 -18.31 1.22 2.80
N GLY A 513 -18.79 2.30 3.40
CA GLY A 513 -19.69 2.17 4.54
C GLY A 513 -19.01 2.08 5.89
N LEU A 514 -17.71 2.36 5.92
CA LEU A 514 -16.93 2.31 7.14
C LEU A 514 -16.38 3.69 7.48
N ASP A 515 -16.42 4.05 8.75
CA ASP A 515 -15.92 5.36 9.21
C ASP A 515 -14.46 5.25 9.64
N ILE A 516 -13.59 4.86 8.71
CA ILE A 516 -12.17 4.72 9.00
C ILE A 516 -11.47 6.05 8.75
N ARG A 517 -10.66 6.49 9.72
CA ARG A 517 -9.93 7.75 9.59
C ARG A 517 -8.68 7.75 10.45
N ILE A 518 -7.68 8.54 10.06
CA ILE A 518 -6.41 8.61 10.78
C ILE A 518 -6.20 9.91 11.55
N LEU A 519 -5.83 9.80 12.83
CA LEU A 519 -5.61 10.99 13.65
C LEU A 519 -4.44 10.85 14.60
N SER A 520 -4.07 11.96 15.22
CA SER A 520 -2.97 11.98 16.18
C SER A 520 -3.50 11.42 17.48
N PRO A 521 -2.65 10.70 18.24
CA PRO A 521 -3.10 10.12 19.51
C PRO A 521 -3.81 11.17 20.35
N VAL A 522 -3.43 12.42 20.14
CA VAL A 522 -4.02 13.53 20.88
C VAL A 522 -5.45 13.73 20.38
N GLU A 523 -5.59 13.96 19.07
CA GLU A 523 -6.90 14.15 18.43
C GLU A 523 -7.73 12.89 18.63
N ALA A 524 -7.09 11.74 18.44
CA ALA A 524 -7.74 10.45 18.58
C ALA A 524 -8.33 10.22 19.95
N THR A 525 -7.63 10.64 21.01
CA THR A 525 -8.15 10.44 22.35
C THR A 525 -9.35 11.32 22.55
N ARG A 526 -9.36 12.46 21.87
CA ARG A 526 -10.47 13.40 21.99
C ARG A 526 -11.66 12.84 21.22
N PHE A 527 -11.48 12.58 19.94
CA PHE A 527 -12.54 12.03 19.12
C PHE A 527 -13.15 10.81 19.79
N SER A 528 -12.33 10.07 20.53
CA SER A 528 -12.75 8.87 21.24
C SER A 528 -13.51 9.20 22.50
N LEU A 529 -12.87 9.93 23.40
CA LEU A 529 -13.51 10.31 24.65
C LEU A 529 -14.81 11.04 24.38
N ALA A 530 -14.95 11.57 23.17
CA ALA A 530 -16.18 12.27 22.77
C ALA A 530 -17.24 11.20 22.63
N ARG A 531 -17.14 10.43 21.57
CA ARG A 531 -18.07 9.34 21.28
C ARG A 531 -18.32 8.49 22.52
N ILE A 532 -17.28 8.29 23.32
CA ILE A 532 -17.45 7.46 24.50
C ILE A 532 -18.49 7.96 25.50
N ARG A 533 -18.35 9.18 25.99
CA ARG A 533 -19.30 9.70 26.98
C ARG A 533 -20.73 9.78 26.50
N GLU A 534 -20.95 10.14 25.24
CA GLU A 534 -22.31 10.21 24.71
C GLU A 534 -22.83 8.79 24.51
N GLY A 535 -21.95 7.81 24.72
CA GLY A 535 -22.34 6.42 24.61
C GLY A 535 -22.08 5.70 23.29
N LYS A 536 -21.11 6.16 22.52
CA LYS A 536 -20.83 5.52 21.24
C LYS A 536 -19.45 4.83 21.19
N ASP A 537 -19.37 3.70 20.50
CA ASP A 537 -18.13 2.94 20.38
C ASP A 537 -17.18 3.54 19.36
N THR A 538 -15.96 3.02 19.36
CA THR A 538 -14.93 3.48 18.43
C THR A 538 -13.66 2.64 18.50
N ILE A 539 -13.52 1.78 17.50
CA ILE A 539 -12.36 0.90 17.34
C ILE A 539 -11.05 1.65 17.35
N SER A 540 -10.12 1.21 18.20
CA SER A 540 -8.83 1.86 18.32
C SER A 540 -7.70 1.11 17.60
N VAL A 541 -7.29 1.59 16.44
CA VAL A 541 -6.21 0.96 15.71
C VAL A 541 -4.91 1.72 16.03
N THR A 542 -4.02 1.11 16.80
CA THR A 542 -2.79 1.78 17.20
C THR A 542 -1.55 0.92 17.16
N GLY A 543 -0.42 1.57 17.43
CA GLY A 543 0.86 0.90 17.45
C GLY A 543 0.95 -0.13 18.56
N ASN A 544 2.17 -0.57 18.87
CA ASN A 544 2.38 -1.59 19.89
C ASN A 544 2.36 -1.06 21.31
N VAL A 545 2.98 0.10 21.55
CA VAL A 545 2.99 0.68 22.89
C VAL A 545 1.60 1.14 23.30
N LEU A 546 0.92 1.88 22.41
CA LEU A 546 -0.42 2.34 22.71
C LEU A 546 -1.32 1.14 22.89
N ARG A 547 -1.09 0.11 22.07
CA ARG A 547 -1.88 -1.12 22.12
C ARG A 547 -2.07 -1.54 23.56
N ASP A 548 -0.99 -1.49 24.33
CA ASP A 548 -1.06 -1.85 25.74
C ASP A 548 -1.77 -0.72 26.50
N TYR A 549 -1.09 0.41 26.62
CA TYR A 549 -1.65 1.55 27.33
C TYR A 549 -3.16 1.60 27.31
N LEU A 550 -3.74 1.54 26.12
CA LEU A 550 -5.20 1.62 25.96
C LEU A 550 -5.99 0.41 26.46
N THR A 551 -5.59 -0.80 26.04
CA THR A 551 -6.28 -2.01 26.46
C THR A 551 -6.31 -2.12 27.98
N ASP A 552 -5.37 -1.43 28.61
CA ASP A 552 -5.27 -1.44 30.06
C ASP A 552 -6.08 -0.24 30.55
N LEU A 553 -6.01 0.86 29.81
CA LEU A 553 -6.73 2.06 30.20
C LEU A 553 -8.23 1.89 30.08
N PHE A 554 -8.78 2.19 28.90
CA PHE A 554 -10.23 2.10 28.71
C PHE A 554 -10.89 0.89 29.38
N PRO A 555 -10.42 -0.33 29.11
CA PRO A 555 -11.08 -1.45 29.77
C PRO A 555 -11.21 -1.24 31.27
N ILE A 556 -10.17 -0.73 31.91
CA ILE A 556 -10.27 -0.51 33.35
C ILE A 556 -11.46 0.39 33.67
N MET A 557 -11.55 1.54 33.01
CA MET A 557 -12.65 2.47 33.25
C MET A 557 -14.04 1.84 33.10
N GLU A 558 -14.22 1.05 32.05
CA GLU A 558 -15.52 0.45 31.80
C GLU A 558 -15.81 -0.93 32.40
N LEU A 559 -14.79 -1.75 32.59
CA LEU A 559 -15.06 -3.06 33.14
C LEU A 559 -14.44 -3.23 34.50
N GLY A 560 -13.72 -2.20 34.93
CA GLY A 560 -13.04 -2.24 36.21
C GLY A 560 -11.69 -2.90 36.03
N THR A 561 -11.67 -3.98 35.25
CA THR A 561 -10.43 -4.70 35.00
C THR A 561 -10.18 -4.99 33.54
N SER A 562 -8.90 -4.99 33.16
CA SER A 562 -8.51 -5.29 31.79
C SER A 562 -8.54 -6.79 31.69
N ALA A 563 -8.29 -7.43 32.82
CA ALA A 563 -8.28 -8.88 32.89
C ALA A 563 -9.63 -9.40 32.45
N LYS A 564 -10.64 -8.57 32.69
CA LYS A 564 -11.99 -8.94 32.37
C LYS A 564 -12.36 -8.85 30.89
N MET A 565 -11.40 -8.99 29.99
CA MET A 565 -11.77 -8.92 28.59
C MET A 565 -11.11 -9.91 27.65
N LEU A 566 -11.49 -9.85 26.38
CA LEU A 566 -11.00 -10.76 25.37
C LEU A 566 -9.75 -10.26 24.67
N SER A 567 -8.76 -11.15 24.51
CA SER A 567 -7.52 -10.79 23.83
C SER A 567 -7.07 -11.95 22.95
N ILE A 568 -7.34 -11.83 21.66
CA ILE A 568 -6.97 -12.87 20.70
C ILE A 568 -5.82 -12.43 19.81
N VAL A 569 -4.84 -13.32 19.63
CA VAL A 569 -3.71 -13.02 18.79
C VAL A 569 -3.71 -14.01 17.65
N PRO A 570 -4.15 -13.57 16.45
CA PRO A 570 -4.20 -14.40 15.24
C PRO A 570 -2.79 -14.60 14.74
N LEU A 571 -2.17 -15.73 15.07
CA LEU A 571 -0.79 -15.96 14.64
C LEU A 571 -0.68 -15.94 13.11
N MET A 572 0.33 -15.25 12.61
CA MET A 572 0.57 -15.15 11.17
C MET A 572 1.14 -16.42 10.59
N SER A 573 0.41 -17.50 10.81
CA SER A 573 0.80 -18.82 10.35
C SER A 573 -0.24 -19.72 10.98
N GLY A 574 -1.50 -19.46 10.62
CA GLY A 574 -2.66 -20.21 11.10
C GLY A 574 -2.67 -20.66 12.54
N GLY A 575 -1.88 -20.02 13.40
CA GLY A 575 -1.82 -20.44 14.79
C GLY A 575 -2.79 -19.67 15.63
N GLY A 576 -2.71 -19.87 16.95
CA GLY A 576 -3.62 -19.17 17.83
C GLY A 576 -3.08 -18.83 19.21
N LEU A 577 -2.81 -17.55 19.44
CA LEU A 577 -2.31 -17.15 20.74
C LEU A 577 -3.50 -16.55 21.47
N PHE A 578 -4.00 -17.27 22.48
CA PHE A 578 -5.13 -16.80 23.22
C PHE A 578 -4.75 -16.29 24.59
N GLU A 579 -4.54 -14.98 24.68
CA GLU A 579 -4.15 -14.35 25.92
C GLU A 579 -5.36 -14.29 26.86
N THR A 580 -5.11 -14.39 28.16
CA THR A 580 -6.12 -14.34 29.20
C THR A 580 -6.84 -13.01 29.27
N GLY A 581 -6.15 -12.00 29.79
CA GLY A 581 -6.74 -10.67 29.90
C GLY A 581 -5.73 -9.60 29.52
N ALA A 582 -6.17 -8.36 29.41
CA ALA A 582 -5.26 -7.29 29.06
C ALA A 582 -4.44 -6.89 30.26
N GLY A 583 -4.52 -7.70 31.33
CA GLY A 583 -3.77 -7.39 32.54
C GLY A 583 -2.56 -8.29 32.77
N GLY A 584 -1.96 -8.15 33.95
CA GLY A 584 -0.79 -8.94 34.31
C GLY A 584 -1.07 -9.78 35.54
N SER A 585 -0.03 -10.34 36.14
CA SER A 585 -0.22 -11.15 37.35
C SER A 585 -0.68 -10.08 38.32
N ALA A 586 -1.07 -10.46 39.54
CA ALA A 586 -1.53 -9.47 40.49
C ALA A 586 -0.81 -9.62 41.81
N PRO A 587 0.42 -9.12 41.87
CA PRO A 587 1.25 -9.19 43.08
C PRO A 587 0.43 -9.07 44.36
N LYS A 588 -0.28 -7.96 44.50
CA LYS A 588 -1.11 -7.73 45.68
C LYS A 588 -2.12 -8.85 45.90
N HIS A 589 -2.55 -9.50 44.82
CA HIS A 589 -3.50 -10.59 44.91
C HIS A 589 -2.92 -11.81 45.60
N VAL A 590 -1.59 -11.89 45.62
CA VAL A 590 -0.89 -12.99 46.28
C VAL A 590 -0.69 -12.59 47.73
N GLN A 591 -0.39 -11.31 47.90
CA GLN A 591 -0.17 -10.73 49.23
C GLN A 591 -1.39 -11.00 50.13
N GLN A 592 -2.58 -10.84 49.57
CA GLN A 592 -3.79 -11.09 50.34
C GLN A 592 -3.99 -12.57 50.60
N PHE A 593 -3.72 -13.40 49.59
CA PHE A 593 -3.88 -14.85 49.71
C PHE A 593 -2.99 -15.42 50.79
N LEU A 594 -1.76 -14.94 50.86
CA LEU A 594 -0.80 -15.43 51.83
C LEU A 594 -1.02 -14.87 53.24
N GLU A 595 -2.08 -14.06 53.40
CA GLU A 595 -2.40 -13.48 54.70
C GLU A 595 -3.80 -13.89 55.14
N GLU A 596 -4.80 -13.58 54.31
CA GLU A 596 -6.19 -13.91 54.64
C GLU A 596 -6.64 -15.26 54.08
N GLY A 597 -6.00 -15.73 53.02
CA GLY A 597 -6.43 -16.98 52.41
C GLY A 597 -7.54 -16.65 51.43
N TYR A 598 -7.47 -15.45 50.88
CA TYR A 598 -8.46 -14.99 49.93
C TYR A 598 -7.74 -14.61 48.64
N LEU A 599 -8.32 -15.01 47.51
CA LEU A 599 -7.76 -14.71 46.20
C LEU A 599 -8.85 -14.02 45.37
N ARG A 600 -8.77 -12.70 45.26
CA ARG A 600 -9.77 -11.96 44.50
C ARG A 600 -9.52 -11.88 43.01
N TRP A 601 -8.48 -12.58 42.55
CA TRP A 601 -8.12 -12.63 41.14
C TRP A 601 -9.32 -13.12 40.34
N ASP A 602 -9.73 -12.36 39.33
CA ASP A 602 -10.87 -12.72 38.50
C ASP A 602 -10.34 -13.63 37.38
N SER A 603 -10.92 -14.82 37.22
CA SER A 603 -10.46 -15.72 36.17
C SER A 603 -11.30 -15.67 34.90
N LEU A 604 -12.07 -14.60 34.71
CA LEU A 604 -12.92 -14.45 33.53
C LEU A 604 -12.07 -14.32 32.26
N GLY A 605 -10.85 -13.80 32.44
CA GLY A 605 -9.95 -13.67 31.32
C GLY A 605 -9.72 -15.04 30.69
N GLU A 606 -9.46 -16.02 31.56
CA GLU A 606 -9.22 -17.41 31.15
C GLU A 606 -10.45 -18.09 30.59
N PHE A 607 -11.61 -17.90 31.20
CA PHE A 607 -12.86 -18.51 30.72
C PHE A 607 -13.10 -18.10 29.28
N LEU A 608 -12.74 -16.86 28.97
CA LEU A 608 -12.94 -16.40 27.62
C LEU A 608 -11.88 -17.05 26.73
N ALA A 609 -10.63 -17.01 27.21
CA ALA A 609 -9.50 -17.58 26.48
C ALA A 609 -9.72 -19.03 26.12
N LEU A 610 -10.19 -19.81 27.09
CA LEU A 610 -10.49 -21.23 26.88
C LEU A 610 -11.59 -21.32 25.83
N ALA A 611 -12.73 -20.73 26.16
CA ALA A 611 -13.86 -20.72 25.25
C ALA A 611 -13.43 -20.21 23.88
N ALA A 612 -12.21 -19.70 23.78
CA ALA A 612 -11.68 -19.18 22.53
C ALA A 612 -10.88 -20.22 21.77
N SER A 613 -9.99 -20.90 22.49
CA SER A 613 -9.13 -21.92 21.88
C SER A 613 -9.85 -23.23 21.68
N LEU A 614 -10.87 -23.50 22.49
CA LEU A 614 -11.59 -24.75 22.32
C LEU A 614 -12.27 -24.70 20.96
N GLU A 615 -12.60 -23.49 20.51
CA GLU A 615 -13.25 -23.34 19.22
C GLU A 615 -12.22 -23.46 18.10
N HIS A 616 -11.14 -22.69 18.19
CA HIS A 616 -10.06 -22.72 17.20
C HIS A 616 -9.74 -24.18 16.92
N LEU A 617 -9.75 -24.97 17.99
CA LEU A 617 -9.48 -26.39 17.89
C LEU A 617 -10.53 -26.96 16.95
N GLY A 618 -11.72 -27.15 17.47
CA GLY A 618 -12.82 -27.70 16.69
C GLY A 618 -12.97 -27.21 15.26
N ASN A 619 -12.76 -25.92 15.02
CA ASN A 619 -12.90 -25.35 13.67
C ASN A 619 -11.81 -25.79 12.71
N ALA A 620 -10.55 -25.69 13.15
CA ALA A 620 -9.43 -26.07 12.30
C ALA A 620 -9.28 -27.58 12.14
N TYR A 621 -10.11 -28.32 12.88
CA TYR A 621 -10.05 -29.77 12.82
C TYR A 621 -11.40 -30.45 12.60
N LYS A 622 -11.40 -31.77 12.79
CA LYS A 622 -12.59 -32.59 12.63
C LYS A 622 -13.21 -32.82 13.99
N ASN A 623 -13.21 -31.79 14.84
CA ASN A 623 -13.74 -31.99 16.17
C ASN A 623 -15.04 -31.29 16.52
N PRO A 624 -16.15 -32.03 16.52
CA PRO A 624 -17.42 -31.41 16.87
C PRO A 624 -17.41 -31.22 18.38
N LYS A 625 -17.06 -32.30 19.09
CA LYS A 625 -16.98 -32.31 20.55
C LYS A 625 -16.35 -31.01 21.06
N ALA A 626 -15.28 -30.58 20.40
CA ALA A 626 -14.60 -29.34 20.77
C ALA A 626 -15.60 -28.19 20.69
N LEU A 627 -16.23 -28.07 19.52
CA LEU A 627 -17.22 -27.04 19.26
C LEU A 627 -18.38 -27.06 20.27
N VAL A 628 -18.60 -28.21 20.91
CA VAL A 628 -19.67 -28.33 21.89
C VAL A 628 -19.24 -27.90 23.28
N LEU A 629 -18.11 -28.41 23.75
CA LEU A 629 -17.66 -28.04 25.08
C LEU A 629 -17.17 -26.59 25.14
N ALA A 630 -17.06 -25.97 23.97
CA ALA A 630 -16.66 -24.57 23.90
C ALA A 630 -17.95 -23.75 23.80
N SER A 631 -18.92 -24.31 23.08
CA SER A 631 -20.21 -23.67 22.91
C SER A 631 -20.89 -23.56 24.25
N THR A 632 -20.70 -24.60 25.07
CA THR A 632 -21.25 -24.65 26.40
C THR A 632 -20.43 -23.74 27.32
N LEU A 633 -19.11 -23.95 27.34
CA LEU A 633 -18.24 -23.12 28.16
C LEU A 633 -18.65 -21.67 27.95
N ASP A 634 -18.79 -21.27 26.68
CA ASP A 634 -19.19 -19.89 26.37
C ASP A 634 -20.37 -19.57 27.26
N GLN A 635 -21.28 -20.53 27.34
CA GLN A 635 -22.51 -20.40 28.12
C GLN A 635 -22.35 -20.33 29.63
N ALA A 636 -21.77 -21.37 30.21
CA ALA A 636 -21.56 -21.40 31.64
C ALA A 636 -20.94 -20.07 32.07
N THR A 637 -20.11 -19.49 31.21
CA THR A 637 -19.48 -18.21 31.52
C THR A 637 -20.62 -17.24 31.68
N GLY A 638 -21.45 -17.13 30.65
CA GLY A 638 -22.60 -16.25 30.73
C GLY A 638 -23.28 -16.37 32.08
N LYS A 639 -23.60 -17.59 32.48
CA LYS A 639 -24.24 -17.83 33.77
C LYS A 639 -23.37 -17.33 34.93
N ILE A 640 -22.08 -17.15 34.69
CA ILE A 640 -21.22 -16.64 35.74
C ILE A 640 -21.53 -15.17 35.95
N LEU A 641 -21.62 -14.45 34.84
CA LEU A 641 -21.90 -13.01 34.85
C LEU A 641 -23.37 -12.68 35.15
N ASP A 642 -24.24 -13.65 34.94
CA ASP A 642 -25.66 -13.46 35.16
C ASP A 642 -26.11 -13.73 36.59
N ASN A 643 -25.42 -14.62 37.29
CA ASN A 643 -25.80 -14.91 38.67
C ASN A 643 -24.79 -14.35 39.65
N ASN A 644 -23.90 -13.52 39.13
CA ASN A 644 -22.86 -12.88 39.92
C ASN A 644 -22.00 -13.86 40.73
N LYS A 645 -21.50 -14.89 40.05
CA LYS A 645 -20.66 -15.86 40.72
C LYS A 645 -19.19 -15.53 40.52
N SER A 646 -18.89 -14.24 40.47
CA SER A 646 -17.53 -13.76 40.30
C SER A 646 -17.02 -13.29 41.66
N PRO A 647 -15.70 -13.42 41.91
CA PRO A 647 -14.98 -13.06 43.13
C PRO A 647 -15.35 -11.73 43.79
N ALA A 648 -15.62 -11.78 45.09
CA ALA A 648 -15.95 -10.57 45.83
C ALA A 648 -14.60 -9.94 46.15
N ARG A 649 -14.56 -9.04 47.12
CA ARG A 649 -13.29 -8.41 47.44
C ARG A 649 -12.75 -8.82 48.80
N LYS A 650 -13.62 -8.87 49.80
CA LYS A 650 -13.20 -9.21 51.16
C LYS A 650 -13.62 -10.62 51.55
N VAL A 651 -12.96 -11.18 52.56
CA VAL A 651 -13.25 -12.51 53.06
C VAL A 651 -14.76 -12.66 53.31
N GLY A 652 -15.25 -13.88 53.12
CA GLY A 652 -16.65 -14.11 53.33
C GLY A 652 -17.31 -14.69 52.08
N GLU A 653 -17.55 -13.85 51.07
CA GLU A 653 -18.22 -14.36 49.87
C GLU A 653 -17.42 -14.62 48.58
N ILE A 654 -17.53 -15.85 48.10
CA ILE A 654 -16.98 -16.35 46.82
C ILE A 654 -15.53 -16.64 46.35
N ASP A 655 -14.50 -15.95 46.84
CA ASP A 655 -13.12 -16.28 46.41
C ASP A 655 -12.92 -16.65 44.91
N ASN A 656 -11.96 -17.53 44.63
CA ASN A 656 -11.66 -17.95 43.26
C ASN A 656 -12.19 -19.34 42.90
N ARG A 657 -11.79 -20.39 43.63
CA ARG A 657 -12.28 -21.73 43.28
C ARG A 657 -13.78 -21.73 43.52
N GLY A 658 -14.27 -20.67 44.15
CA GLY A 658 -15.71 -20.55 44.38
C GLY A 658 -16.31 -20.36 43.00
N SER A 659 -15.71 -19.44 42.24
CA SER A 659 -16.17 -19.19 40.89
C SER A 659 -15.77 -20.41 40.06
N HIS A 660 -14.50 -20.80 40.14
CA HIS A 660 -14.04 -21.97 39.40
C HIS A 660 -15.05 -23.09 39.60
N PHE A 661 -15.66 -23.13 40.78
CA PHE A 661 -16.65 -24.14 41.10
C PHE A 661 -17.90 -23.92 40.25
N TYR A 662 -18.41 -22.70 40.25
CA TYR A 662 -19.59 -22.45 39.46
C TYR A 662 -19.30 -22.70 38.01
N LEU A 663 -18.13 -22.29 37.56
CA LEU A 663 -17.77 -22.54 36.16
C LEU A 663 -17.95 -24.04 35.95
N ALA A 664 -17.28 -24.81 36.81
CA ALA A 664 -17.33 -26.27 36.78
C ALA A 664 -18.78 -26.75 36.86
N LEU A 665 -19.55 -26.13 37.76
CA LEU A 665 -20.96 -26.48 37.95
C LEU A 665 -21.77 -26.16 36.70
N TYR A 666 -21.86 -24.87 36.38
CA TYR A 666 -22.61 -24.44 35.21
C TYR A 666 -22.16 -25.12 33.92
N TRP A 667 -20.90 -25.54 33.86
CA TRP A 667 -20.38 -26.16 32.64
C TRP A 667 -20.90 -27.55 32.53
N ALA A 668 -20.76 -28.30 33.62
CA ALA A 668 -21.22 -29.68 33.65
C ALA A 668 -22.69 -29.70 33.26
N GLN A 669 -23.49 -28.85 33.90
CA GLN A 669 -24.89 -28.80 33.58
C GLN A 669 -25.13 -28.41 32.13
N ALA A 670 -24.51 -27.33 31.71
CA ALA A 670 -24.68 -26.87 30.33
C ALA A 670 -24.46 -27.98 29.32
N LEU A 671 -23.55 -28.90 29.64
CA LEU A 671 -23.25 -30.02 28.75
C LEU A 671 -24.27 -31.12 28.91
N ALA A 672 -24.48 -31.55 30.14
CA ALA A 672 -25.42 -32.63 30.47
C ALA A 672 -26.87 -32.22 30.27
N ALA A 673 -27.09 -31.14 29.53
CA ALA A 673 -28.43 -30.66 29.28
C ALA A 673 -28.59 -30.33 27.81
N GLN A 674 -27.62 -30.73 27.01
CA GLN A 674 -27.69 -30.49 25.58
C GLN A 674 -27.86 -31.81 24.83
N THR A 675 -27.98 -31.72 23.52
CA THR A 675 -28.14 -32.91 22.71
C THR A 675 -27.37 -32.79 21.41
N GLU A 676 -26.42 -31.87 21.37
CA GLU A 676 -25.60 -31.70 20.18
C GLU A 676 -24.75 -32.94 20.11
N ASP A 677 -24.38 -33.43 21.29
CA ASP A 677 -23.57 -34.64 21.43
C ASP A 677 -24.10 -35.42 22.63
N LYS A 678 -24.91 -36.43 22.35
CA LYS A 678 -25.51 -37.28 23.38
C LYS A 678 -24.44 -37.89 24.28
N GLU A 679 -23.30 -38.23 23.69
CA GLU A 679 -22.19 -38.85 24.42
C GLU A 679 -21.78 -37.94 25.57
N LEU A 680 -21.34 -36.73 25.26
CA LEU A 680 -20.95 -35.79 26.31
C LEU A 680 -22.10 -35.69 27.30
N GLN A 681 -23.30 -35.40 26.81
CA GLN A 681 -24.48 -35.27 27.66
C GLN A 681 -24.58 -36.43 28.64
N ALA A 682 -24.25 -37.63 28.17
CA ALA A 682 -24.30 -38.82 29.00
C ALA A 682 -23.14 -38.91 30.00
N GLN A 683 -21.92 -38.69 29.51
CA GLN A 683 -20.74 -38.76 30.36
C GLN A 683 -20.41 -37.42 31.02
N PHE A 684 -21.45 -36.74 31.50
CA PHE A 684 -21.31 -35.47 32.19
C PHE A 684 -22.48 -35.25 33.13
N THR A 685 -23.47 -36.13 33.01
CA THR A 685 -24.65 -36.08 33.87
C THR A 685 -24.22 -36.53 35.26
N GLY A 686 -23.42 -37.59 35.30
CA GLY A 686 -22.95 -38.11 36.59
C GLY A 686 -22.40 -36.99 37.45
N ILE A 687 -21.81 -36.00 36.78
CA ILE A 687 -21.24 -34.84 37.46
C ILE A 687 -22.34 -33.78 37.64
N ALA A 688 -22.89 -33.31 36.53
CA ALA A 688 -23.96 -32.31 36.57
C ALA A 688 -24.83 -32.46 37.81
N LYS A 689 -25.32 -33.67 38.06
CA LYS A 689 -26.17 -33.89 39.24
C LYS A 689 -25.35 -34.40 40.42
N ALA A 690 -24.41 -33.59 40.87
CA ALA A 690 -23.55 -33.93 42.00
C ALA A 690 -23.03 -32.58 42.45
N LEU A 691 -22.83 -31.72 41.47
CA LEU A 691 -22.33 -30.38 41.71
C LEU A 691 -23.47 -29.50 42.18
N THR A 692 -24.72 -29.87 41.86
CA THR A 692 -25.84 -29.04 42.34
C THR A 692 -26.14 -29.49 43.74
N ASP A 693 -26.16 -30.79 43.91
CA ASP A 693 -26.46 -31.42 45.18
C ASP A 693 -25.47 -31.01 46.27
N ASN A 694 -24.21 -30.86 45.92
CA ASN A 694 -23.23 -30.50 46.91
C ASN A 694 -22.79 -29.04 46.81
N GLU A 695 -23.53 -28.23 46.06
CA GLU A 695 -23.18 -26.81 45.93
C GLU A 695 -23.06 -26.15 47.30
N THR A 696 -24.16 -26.15 48.05
CA THR A 696 -24.19 -25.54 49.37
C THR A 696 -23.03 -26.02 50.25
N LYS A 697 -22.73 -27.32 50.21
CA LYS A 697 -21.65 -27.89 51.00
C LYS A 697 -20.30 -27.44 50.47
N ILE A 698 -20.06 -27.70 49.18
CA ILE A 698 -18.79 -27.32 48.55
C ILE A 698 -18.49 -25.88 48.85
N VAL A 699 -19.38 -24.98 48.46
CA VAL A 699 -19.18 -23.56 48.72
C VAL A 699 -18.68 -23.44 50.16
N GLY A 700 -19.36 -24.12 51.07
CA GLY A 700 -18.99 -24.07 52.46
C GLY A 700 -17.58 -24.58 52.69
N GLU A 701 -17.25 -25.74 52.12
CA GLU A 701 -15.92 -26.33 52.27
C GLU A 701 -14.85 -25.35 51.79
N LEU A 702 -15.15 -24.62 50.71
CA LEU A 702 -14.21 -23.65 50.16
C LEU A 702 -14.01 -22.45 51.10
N ALA A 703 -15.09 -21.73 51.38
CA ALA A 703 -15.03 -20.57 52.28
C ALA A 703 -14.43 -20.99 53.63
N ALA A 704 -14.44 -22.29 53.89
CA ALA A 704 -13.92 -22.84 55.12
C ALA A 704 -12.39 -22.85 55.11
N ALA A 705 -11.80 -22.00 54.27
CA ALA A 705 -10.35 -21.91 54.18
C ALA A 705 -9.92 -20.44 54.10
N GLN A 706 -10.90 -19.55 54.24
CA GLN A 706 -10.64 -18.12 54.19
C GLN A 706 -10.42 -17.57 55.60
N GLY A 707 -9.62 -16.51 55.69
CA GLY A 707 -9.34 -15.90 57.00
C GLY A 707 -7.96 -16.20 57.57
N LYS A 708 -7.62 -17.48 57.66
CA LYS A 708 -6.32 -17.89 58.18
C LYS A 708 -5.21 -17.58 57.15
N PRO A 709 -3.94 -17.58 57.58
CA PRO A 709 -2.83 -17.29 56.68
C PRO A 709 -2.43 -18.55 55.92
N VAL A 710 -1.72 -18.37 54.82
CA VAL A 710 -1.25 -19.50 54.02
C VAL A 710 0.27 -19.49 53.89
N ASP A 711 0.85 -20.67 53.85
CA ASP A 711 2.29 -20.79 53.71
C ASP A 711 2.59 -21.81 52.61
N ILE A 712 3.20 -21.35 51.51
CA ILE A 712 3.54 -22.24 50.41
C ILE A 712 5.06 -22.39 50.20
N ALA A 713 5.82 -22.17 51.27
CA ALA A 713 7.27 -22.32 51.22
C ALA A 713 7.99 -21.51 50.15
N GLY A 714 7.33 -20.48 49.62
CA GLY A 714 7.97 -19.67 48.60
C GLY A 714 7.09 -18.57 48.04
N TYR A 715 7.37 -18.16 46.79
CA TYR A 715 6.60 -17.13 46.11
C TYR A 715 6.78 -17.27 44.60
N TYR A 716 8.04 -17.34 44.16
CA TYR A 716 8.37 -17.48 42.76
C TYR A 716 8.45 -18.95 42.38
N HIS A 717 8.73 -19.80 43.37
CA HIS A 717 8.84 -21.23 43.11
C HIS A 717 8.30 -22.02 44.30
N PRO A 718 7.01 -21.83 44.62
CA PRO A 718 6.29 -22.47 45.73
C PRO A 718 6.46 -23.97 45.78
N ASN A 719 6.09 -24.54 46.93
CA ASN A 719 6.12 -25.98 47.11
C ASN A 719 4.79 -26.35 46.44
N THR A 720 4.87 -26.98 45.28
CA THR A 720 3.67 -27.34 44.52
C THR A 720 2.58 -28.09 45.31
N ASP A 721 3.01 -28.99 46.20
CA ASP A 721 2.09 -29.79 47.01
C ASP A 721 1.26 -28.88 47.91
N LEU A 722 1.95 -28.17 48.79
CA LEU A 722 1.29 -27.25 49.71
C LEU A 722 0.33 -26.32 48.98
N THR A 723 0.74 -25.87 47.78
CA THR A 723 -0.08 -24.96 46.99
C THR A 723 -1.37 -25.60 46.50
N SER A 724 -1.27 -26.83 46.01
CA SER A 724 -2.46 -27.53 45.54
C SER A 724 -3.47 -27.69 46.65
N LYS A 725 -3.00 -28.04 47.84
CA LYS A 725 -3.92 -28.25 48.96
C LYS A 725 -4.56 -26.94 49.44
N ALA A 726 -3.84 -25.83 49.32
CA ALA A 726 -4.36 -24.54 49.73
C ALA A 726 -5.37 -24.05 48.70
N MET A 727 -5.09 -24.33 47.43
CA MET A 727 -5.95 -23.92 46.32
C MET A 727 -7.09 -24.88 46.02
N ARG A 728 -6.98 -26.10 46.53
CA ARG A 728 -8.00 -27.12 46.32
C ARG A 728 -8.44 -27.68 47.67
N PRO A 729 -9.01 -26.82 48.53
CA PRO A 729 -9.51 -27.12 49.86
C PRO A 729 -10.66 -28.11 49.92
N SER A 730 -11.74 -27.80 49.21
CA SER A 730 -12.93 -28.64 49.18
C SER A 730 -12.63 -30.07 48.75
N ALA A 731 -12.51 -30.96 49.73
CA ALA A 731 -12.19 -32.36 49.47
C ALA A 731 -13.38 -33.08 48.85
N THR A 732 -14.55 -32.44 48.93
CA THR A 732 -15.78 -33.01 48.37
C THR A 732 -15.93 -32.65 46.90
N PHE A 733 -15.43 -31.48 46.52
CA PHE A 733 -15.49 -31.04 45.13
C PHE A 733 -14.48 -31.87 44.37
N ASN A 734 -13.38 -32.20 45.03
CA ASN A 734 -12.32 -32.99 44.41
C ASN A 734 -12.75 -34.43 44.12
N ALA A 735 -13.33 -35.09 45.12
CA ALA A 735 -13.77 -36.47 44.95
C ALA A 735 -14.97 -36.53 44.00
N ALA A 736 -15.57 -35.38 43.72
CA ALA A 736 -16.71 -35.30 42.81
C ALA A 736 -16.21 -34.85 41.45
N LEU A 737 -14.96 -35.15 41.15
CA LEU A 737 -14.36 -34.74 39.88
C LEU A 737 -13.53 -35.85 39.24
N ALA A 738 -12.71 -36.53 40.04
CA ALA A 738 -11.87 -37.61 39.53
C ALA A 738 -12.75 -38.72 38.90
N PRO A 739 -13.85 -39.10 39.57
CA PRO A 739 -14.73 -40.14 39.04
C PRO A 739 -15.73 -39.52 38.05
N LEU A 740 -15.23 -39.00 36.93
CA LEU A 740 -16.10 -38.40 35.94
C LEU A 740 -17.13 -39.40 35.45
N THR B 3 11.93 -16.66 -39.02
CA THR B 3 13.03 -15.79 -38.49
C THR B 3 13.05 -14.32 -38.96
N PRO B 4 12.31 -13.97 -40.05
CA PRO B 4 12.31 -12.56 -40.49
C PRO B 4 12.61 -11.60 -39.34
N LYS B 5 13.78 -10.96 -39.40
CA LYS B 5 14.21 -10.08 -38.33
C LYS B 5 13.59 -8.70 -38.18
N ILE B 6 13.48 -8.32 -36.91
CA ILE B 6 12.97 -7.04 -36.46
C ILE B 6 13.90 -6.80 -35.27
N ILE B 7 14.71 -5.74 -35.34
CA ILE B 7 15.65 -5.45 -34.27
C ILE B 7 15.13 -4.45 -33.25
N TYR B 8 14.94 -4.92 -32.01
CA TYR B 8 14.50 -4.03 -30.93
C TYR B 8 15.83 -3.69 -30.26
N THR B 9 16.22 -2.43 -30.32
CA THR B 9 17.49 -2.06 -29.73
C THR B 9 17.44 -1.84 -28.23
N LEU B 10 18.55 -2.19 -27.57
CA LEU B 10 18.69 -2.01 -26.13
C LEU B 10 19.55 -0.77 -25.91
N THR B 11 19.05 0.18 -25.11
CA THR B 11 19.80 1.42 -24.88
C THR B 11 20.20 1.75 -23.43
N ASP B 12 20.00 2.98 -23.00
CA ASP B 12 20.49 3.35 -21.70
C ASP B 12 19.71 3.60 -20.41
N GLU B 13 18.93 4.66 -20.32
CA GLU B 13 18.29 4.92 -19.04
C GLU B 13 16.85 4.44 -18.94
N ALA B 14 15.90 5.37 -18.85
CA ALA B 14 14.48 5.03 -18.75
C ALA B 14 14.06 4.00 -19.81
N PRO B 15 14.26 4.33 -21.10
CA PRO B 15 13.92 3.40 -22.18
C PRO B 15 14.38 2.01 -21.78
N ALA B 16 15.66 1.93 -21.44
CA ALA B 16 16.31 0.69 -21.01
C ALA B 16 15.47 -0.05 -19.99
N LEU B 17 15.17 0.58 -18.86
CA LEU B 17 14.35 -0.08 -17.87
C LEU B 17 13.06 -0.52 -18.57
N ALA B 18 12.37 0.43 -19.19
CA ALA B 18 11.13 0.12 -19.86
C ALA B 18 11.16 -1.19 -20.65
N THR B 19 12.28 -1.44 -21.30
CA THR B 19 12.40 -2.65 -22.11
C THR B 19 12.29 -3.96 -21.33
N TYR B 20 12.77 -3.97 -20.09
CA TYR B 20 12.67 -5.20 -19.29
C TYR B 20 11.21 -5.58 -19.07
N SER B 21 10.35 -4.58 -19.20
CA SER B 21 8.92 -4.76 -19.01
C SER B 21 8.13 -5.01 -20.29
N LEU B 22 8.32 -4.13 -21.27
CA LEU B 22 7.59 -4.27 -22.52
C LEU B 22 8.12 -5.32 -23.49
N LEU B 23 9.45 -5.53 -23.52
CA LEU B 23 10.04 -6.47 -24.45
C LEU B 23 9.48 -7.88 -24.33
N PRO B 24 9.44 -8.43 -23.10
CA PRO B 24 8.88 -9.78 -23.04
C PRO B 24 7.48 -9.77 -23.64
N ILE B 25 6.67 -8.82 -23.24
CA ILE B 25 5.32 -8.70 -23.80
C ILE B 25 5.44 -8.76 -25.31
N ILE B 26 6.06 -7.74 -25.90
CA ILE B 26 6.21 -7.73 -27.36
C ILE B 26 6.60 -9.12 -27.85
N LYS B 27 7.51 -9.77 -27.12
CA LYS B 27 8.03 -11.09 -27.50
C LYS B 27 7.03 -12.25 -27.56
N ALA B 28 5.99 -12.17 -26.75
CA ALA B 28 4.97 -13.22 -26.70
C ALA B 28 3.94 -13.09 -27.81
N PHE B 29 3.71 -11.88 -28.28
CA PHE B 29 2.71 -11.66 -29.31
C PHE B 29 3.21 -11.91 -30.72
N THR B 30 4.48 -11.58 -30.96
CA THR B 30 5.04 -11.78 -32.29
C THR B 30 5.59 -13.20 -32.37
N GLY B 31 5.58 -13.90 -31.24
CA GLY B 31 6.09 -15.25 -31.20
C GLY B 31 5.39 -16.28 -32.07
N SER B 32 4.09 -16.46 -31.87
CA SER B 32 3.33 -17.45 -32.62
C SER B 32 2.97 -17.06 -34.06
N SER B 33 3.55 -15.98 -34.57
CA SER B 33 3.29 -15.58 -35.94
C SER B 33 4.55 -15.69 -36.80
N GLY B 34 5.48 -16.51 -36.34
CA GLY B 34 6.72 -16.72 -37.05
C GLY B 34 7.52 -15.47 -37.31
N ILE B 35 7.62 -14.62 -36.28
CA ILE B 35 8.37 -13.39 -36.39
C ILE B 35 9.49 -13.42 -35.38
N ALA B 36 10.69 -13.06 -35.80
CA ALA B 36 11.80 -13.06 -34.88
C ALA B 36 12.14 -11.65 -34.42
N VAL B 37 12.08 -11.44 -33.10
CA VAL B 37 12.38 -10.16 -32.49
C VAL B 37 13.68 -10.32 -31.70
N GLU B 38 14.80 -9.91 -32.31
CA GLU B 38 16.13 -10.01 -31.68
C GLU B 38 16.53 -8.68 -31.06
N THR B 39 17.53 -8.71 -30.19
CA THR B 39 18.00 -7.48 -29.58
C THR B 39 19.43 -7.22 -30.00
N ARG B 40 19.83 -5.95 -29.92
CA ARG B 40 21.19 -5.54 -30.23
C ARG B 40 21.49 -4.53 -29.14
N ASP B 41 22.65 -4.67 -28.50
CA ASP B 41 23.00 -3.77 -27.42
C ASP B 41 23.80 -2.58 -27.95
N ILE B 42 23.15 -1.43 -28.05
CA ILE B 42 23.83 -0.23 -28.53
C ILE B 42 24.00 0.76 -27.42
N SER B 43 23.65 0.36 -26.20
CA SER B 43 23.79 1.23 -25.04
C SER B 43 25.21 1.79 -24.93
N LEU B 44 25.41 2.73 -24.02
CA LEU B 44 26.73 3.31 -23.82
C LEU B 44 27.68 2.22 -23.35
N ALA B 45 27.34 1.58 -22.23
CA ALA B 45 28.18 0.54 -21.64
C ALA B 45 28.54 -0.57 -22.60
N GLY B 46 27.54 -1.17 -23.24
CA GLY B 46 27.82 -2.24 -24.18
C GLY B 46 28.78 -1.76 -25.24
N ARG B 47 28.46 -0.59 -25.78
CA ARG B 47 29.26 0.01 -26.81
C ARG B 47 30.73 0.12 -26.42
N LEU B 48 31.02 0.31 -25.12
CA LEU B 48 32.40 0.43 -24.68
C LEU B 48 32.96 -0.99 -24.47
N ILE B 49 32.19 -1.81 -23.76
CA ILE B 49 32.60 -3.18 -23.49
C ILE B 49 32.93 -3.90 -24.80
N ALA B 50 32.38 -3.40 -25.90
CA ALA B 50 32.59 -4.02 -27.21
C ALA B 50 33.78 -3.43 -27.95
N THR B 51 34.19 -2.24 -27.52
CA THR B 51 35.31 -1.54 -28.14
C THR B 51 36.70 -2.06 -27.75
N PHE B 52 36.83 -2.57 -26.51
CA PHE B 52 38.12 -3.07 -26.05
C PHE B 52 38.13 -4.54 -25.69
N PRO B 53 37.93 -5.42 -26.69
CA PRO B 53 37.91 -6.86 -26.47
C PRO B 53 39.21 -7.33 -25.82
N GLU B 54 40.30 -6.67 -26.21
CA GLU B 54 41.61 -7.03 -25.72
C GLU B 54 41.75 -6.95 -24.20
N TYR B 55 41.14 -5.95 -23.57
CA TYR B 55 41.24 -5.81 -22.11
C TYR B 55 40.27 -6.70 -21.33
N LEU B 56 39.27 -7.24 -22.02
CA LEU B 56 38.28 -8.09 -21.36
C LEU B 56 38.63 -9.56 -21.47
N THR B 57 37.99 -10.36 -20.63
CA THR B 57 38.18 -11.80 -20.63
C THR B 57 37.16 -12.49 -21.53
N ASP B 58 37.29 -13.80 -21.66
CA ASP B 58 36.39 -14.57 -22.52
C ASP B 58 34.93 -14.28 -22.27
N THR B 59 34.53 -14.27 -21.00
CA THR B 59 33.12 -14.07 -20.67
C THR B 59 32.62 -12.66 -20.40
N GLN B 60 33.42 -11.66 -20.71
CA GLN B 60 32.95 -10.30 -20.54
C GLN B 60 32.90 -9.55 -21.87
N LYS B 61 33.19 -10.27 -22.96
CA LYS B 61 33.14 -9.69 -24.31
C LYS B 61 31.68 -9.62 -24.73
N ILE B 62 31.41 -9.00 -25.87
CA ILE B 62 30.04 -8.87 -26.33
C ILE B 62 30.04 -8.26 -27.74
N SER B 63 29.63 -9.08 -28.71
CA SER B 63 29.58 -8.68 -30.12
C SER B 63 29.39 -7.18 -30.33
N ASP B 64 30.10 -6.63 -31.31
CA ASP B 64 30.02 -5.22 -31.64
C ASP B 64 28.77 -4.97 -32.49
N ASP B 65 27.67 -4.65 -31.83
CA ASP B 65 26.38 -4.43 -32.50
C ASP B 65 26.19 -3.12 -33.24
N LEU B 66 26.86 -2.06 -32.81
CA LEU B 66 26.70 -0.81 -33.52
C LEU B 66 27.18 -1.13 -34.92
N ALA B 67 28.40 -1.63 -35.00
CA ALA B 67 29.02 -1.98 -36.27
C ALA B 67 28.17 -2.93 -37.11
N GLU B 68 27.46 -3.84 -36.45
CA GLU B 68 26.61 -4.78 -37.18
C GLU B 68 25.38 -4.07 -37.74
N LEU B 69 24.68 -3.34 -36.87
CA LEU B 69 23.50 -2.58 -37.30
C LEU B 69 23.90 -1.68 -38.44
N GLY B 70 25.04 -1.03 -38.27
CA GLY B 70 25.55 -0.13 -39.30
C GLY B 70 25.43 -0.74 -40.68
N LYS B 71 25.70 -2.03 -40.80
CA LYS B 71 25.60 -2.70 -42.09
C LYS B 71 24.14 -3.00 -42.36
N LEU B 72 23.50 -3.67 -41.41
CA LEU B 72 22.09 -4.01 -41.54
C LEU B 72 21.26 -2.84 -42.07
N ALA B 73 21.67 -1.62 -41.74
CA ALA B 73 20.95 -0.42 -42.16
C ALA B 73 20.93 -0.16 -43.65
N THR B 74 21.99 -0.55 -44.35
CA THR B 74 22.10 -0.34 -45.81
C THR B 74 21.43 -1.42 -46.64
N THR B 75 21.04 -2.52 -46.01
CA THR B 75 20.39 -3.60 -46.71
C THR B 75 18.87 -3.37 -46.73
N PRO B 76 18.19 -3.89 -47.77
CA PRO B 76 16.74 -3.75 -47.93
C PRO B 76 15.85 -4.36 -46.86
N ASP B 77 16.29 -5.46 -46.26
CA ASP B 77 15.44 -6.09 -45.26
C ASP B 77 15.59 -5.51 -43.86
N ALA B 78 16.17 -4.32 -43.79
CA ALA B 78 16.35 -3.64 -42.51
C ALA B 78 14.96 -3.32 -41.96
N ASN B 79 14.81 -3.51 -40.66
CA ASN B 79 13.55 -3.26 -39.99
C ASN B 79 14.01 -3.12 -38.56
N ILE B 80 14.35 -1.90 -38.16
CA ILE B 80 14.85 -1.69 -36.83
C ILE B 80 13.98 -0.77 -35.98
N ILE B 81 13.68 -1.20 -34.75
CA ILE B 81 12.94 -0.35 -33.84
C ILE B 81 14.08 0.21 -32.97
N LYS B 82 14.30 1.51 -33.09
CA LYS B 82 15.38 2.21 -32.40
C LYS B 82 14.88 3.09 -31.27
N LEU B 83 15.25 2.78 -30.03
CA LEU B 83 14.84 3.59 -28.88
C LEU B 83 15.95 4.62 -28.58
N PRO B 84 15.62 5.70 -27.83
CA PRO B 84 16.59 6.75 -27.49
C PRO B 84 17.81 6.18 -26.79
N ASN B 85 18.98 6.77 -27.04
CA ASN B 85 20.19 6.30 -26.41
C ASN B 85 21.10 7.47 -26.08
N ILE B 86 21.85 7.32 -24.99
CA ILE B 86 22.78 8.34 -24.51
C ILE B 86 23.89 8.79 -25.46
N SER B 87 24.00 10.08 -25.69
CA SER B 87 25.11 10.60 -26.48
C SER B 87 26.04 11.03 -25.37
N ALA B 88 26.98 10.16 -25.02
CA ALA B 88 27.89 10.44 -23.92
C ALA B 88 28.72 11.70 -24.06
N SER B 89 28.96 12.32 -22.91
CA SER B 89 29.76 13.52 -22.80
C SER B 89 30.93 13.11 -21.91
N VAL B 90 32.13 13.56 -22.25
CA VAL B 90 33.29 13.18 -21.46
C VAL B 90 33.04 13.02 -19.98
N PRO B 91 32.44 14.03 -19.33
CA PRO B 91 32.17 13.95 -17.90
C PRO B 91 31.55 12.64 -17.45
N GLN B 92 31.03 12.64 -16.23
CA GLN B 92 30.43 11.45 -15.68
C GLN B 92 29.87 10.53 -16.79
N LEU B 93 29.37 11.11 -17.87
CA LEU B 93 28.85 10.26 -18.93
C LEU B 93 29.92 9.27 -19.39
N LYS B 94 30.82 9.63 -20.31
CA LYS B 94 31.85 8.67 -20.74
C LYS B 94 32.66 8.22 -19.53
N ALA B 95 33.11 9.19 -18.74
CA ALA B 95 33.90 8.92 -17.56
C ALA B 95 33.23 7.99 -16.54
N ALA B 96 32.14 8.42 -15.93
CA ALA B 96 31.47 7.60 -14.92
C ALA B 96 31.04 6.18 -15.30
N ILE B 97 30.66 5.93 -16.54
CA ILE B 97 30.29 4.57 -16.87
C ILE B 97 31.55 3.73 -17.06
N LYS B 98 32.65 4.40 -17.39
CA LYS B 98 33.90 3.68 -17.58
C LYS B 98 34.26 2.95 -16.30
N GLU B 99 34.08 3.61 -15.17
CA GLU B 99 34.39 2.94 -13.93
C GLU B 99 33.20 2.18 -13.39
N LEU B 100 31.99 2.59 -13.73
CA LEU B 100 30.81 1.85 -13.28
C LEU B 100 31.14 0.43 -13.66
N GLN B 101 32.01 0.29 -14.64
CA GLN B 101 32.49 -0.99 -15.13
C GLN B 101 33.64 -1.42 -14.23
N GLN B 102 34.86 -1.05 -14.61
CA GLN B 102 36.06 -1.39 -13.84
C GLN B 102 35.67 -1.62 -12.40
N GLN B 103 35.28 -0.52 -11.75
CA GLN B 103 34.88 -0.51 -10.35
C GLN B 103 34.71 -1.90 -9.78
N GLY B 104 33.54 -2.50 -9.99
CA GLY B 104 33.33 -3.84 -9.47
C GLY B 104 33.28 -4.89 -10.57
N TYR B 105 33.26 -4.43 -11.80
CA TYR B 105 33.16 -5.34 -12.93
C TYR B 105 34.52 -5.70 -13.59
N LYS B 106 34.62 -5.27 -14.84
CA LYS B 106 35.73 -5.48 -15.78
C LYS B 106 37.05 -4.71 -15.57
N LEU B 107 37.73 -4.38 -16.67
CA LEU B 107 39.02 -3.65 -16.64
C LEU B 107 39.39 -2.76 -17.85
N PRO B 108 38.49 -1.84 -18.29
CA PRO B 108 38.90 -1.01 -19.44
C PRO B 108 40.10 -0.13 -19.09
N ASP B 109 40.09 1.12 -19.51
CA ASP B 109 41.21 2.01 -19.25
C ASP B 109 40.81 3.48 -19.24
N TYR B 110 41.74 4.36 -18.90
CA TYR B 110 41.44 5.79 -18.78
C TYR B 110 41.65 6.76 -19.99
N PRO B 111 41.18 8.02 -19.86
CA PRO B 111 41.12 9.25 -20.71
C PRO B 111 42.15 10.38 -21.02
N GLU B 112 41.51 11.58 -21.10
CA GLU B 112 41.93 12.98 -21.41
C GLU B 112 43.15 13.55 -22.11
N GLU B 113 44.11 14.11 -21.36
CA GLU B 113 45.31 14.67 -21.99
C GLU B 113 46.40 13.62 -22.08
N PRO B 114 46.53 12.97 -23.26
CA PRO B 114 47.52 11.91 -23.49
C PRO B 114 48.94 12.42 -23.51
N LYS B 115 49.80 11.67 -22.83
CA LYS B 115 51.20 12.01 -22.78
C LYS B 115 52.05 10.81 -23.16
N THR B 116 51.39 9.69 -23.39
CA THR B 116 52.07 8.46 -23.78
C THR B 116 51.42 7.83 -24.98
N ASP B 117 52.23 7.14 -25.79
CA ASP B 117 51.75 6.48 -27.00
C ASP B 117 50.57 5.57 -26.71
N THR B 118 50.43 5.14 -25.46
CA THR B 118 49.32 4.28 -25.09
C THR B 118 48.09 5.10 -24.81
N GLU B 119 48.28 6.24 -24.14
CA GLU B 119 47.16 7.11 -23.84
C GLU B 119 46.57 7.69 -25.12
N LYS B 120 47.44 8.02 -26.08
CA LYS B 120 46.95 8.57 -27.33
C LYS B 120 46.14 7.54 -28.08
N ASP B 121 46.68 6.34 -28.26
CA ASP B 121 45.97 5.27 -28.95
C ASP B 121 44.61 4.98 -28.33
N VAL B 122 44.53 5.15 -27.00
CA VAL B 122 43.31 4.90 -26.22
C VAL B 122 42.30 6.04 -26.28
N LYS B 123 42.79 7.26 -26.09
CA LYS B 123 41.95 8.46 -26.11
C LYS B 123 41.31 8.56 -27.48
N ALA B 124 42.08 8.18 -28.49
CA ALA B 124 41.61 8.19 -29.86
C ALA B 124 40.43 7.22 -30.07
N ARG B 125 40.45 6.09 -29.37
CA ARG B 125 39.40 5.10 -29.52
C ARG B 125 38.16 5.38 -28.71
N TYR B 126 38.35 5.95 -27.53
CA TYR B 126 37.21 6.29 -26.69
C TYR B 126 36.46 7.45 -27.32
N ASP B 127 37.20 8.44 -27.81
CA ASP B 127 36.57 9.58 -28.45
C ASP B 127 35.50 9.15 -29.42
N LYS B 128 35.79 8.11 -30.22
CA LYS B 128 34.83 7.59 -31.20
C LYS B 128 33.57 7.04 -30.53
N ILE B 129 33.66 6.80 -29.23
CA ILE B 129 32.56 6.25 -28.45
C ILE B 129 31.69 7.32 -27.80
N LYS B 130 32.28 8.45 -27.42
CA LYS B 130 31.50 9.53 -26.84
C LYS B 130 30.79 10.23 -27.98
N GLY B 131 29.97 11.21 -27.65
CA GLY B 131 29.24 11.96 -28.68
C GLY B 131 28.10 11.19 -29.32
N SER B 132 27.60 11.67 -30.45
CA SER B 132 26.50 10.98 -31.12
C SER B 132 27.07 9.94 -32.07
N ALA B 133 27.15 8.70 -31.60
CA ALA B 133 27.73 7.64 -32.39
C ALA B 133 26.78 6.65 -33.03
N VAL B 134 25.65 6.41 -32.37
CA VAL B 134 24.65 5.47 -32.87
C VAL B 134 23.82 6.04 -34.01
N ASN B 135 22.98 7.02 -33.68
CA ASN B 135 22.10 7.62 -34.66
C ASN B 135 22.68 8.00 -36.02
N PRO B 136 23.76 8.79 -36.08
CA PRO B 136 24.28 9.13 -37.41
C PRO B 136 24.47 7.89 -38.30
N VAL B 137 24.86 6.78 -37.66
CA VAL B 137 25.05 5.54 -38.39
C VAL B 137 23.69 5.03 -38.87
N LEU B 138 22.88 4.52 -37.94
CA LEU B 138 21.56 4.00 -38.27
C LEU B 138 20.74 4.82 -39.25
N ARG B 139 20.77 6.15 -39.12
CA ARG B 139 19.96 7.04 -39.97
C ARG B 139 20.37 7.16 -41.42
N GLU B 140 20.10 6.11 -42.18
CA GLU B 140 20.41 6.10 -43.61
C GLU B 140 19.14 6.36 -44.39
N GLY B 141 18.55 7.53 -44.14
CA GLY B 141 17.33 7.91 -44.82
C GLY B 141 16.90 9.24 -44.25
N ASN B 142 15.79 9.80 -44.73
CA ASN B 142 15.36 11.09 -44.20
C ASN B 142 14.20 10.95 -43.22
N SER B 143 14.17 11.83 -42.23
CA SER B 143 13.15 11.82 -41.20
C SER B 143 11.77 12.29 -41.59
N ASP B 144 10.80 11.69 -40.93
CA ASP B 144 9.39 11.98 -41.09
C ASP B 144 8.72 11.80 -39.74
N ARG B 145 8.61 12.90 -38.98
CA ARG B 145 7.99 12.85 -37.67
C ARG B 145 6.65 13.56 -37.71
N ARG B 146 5.70 13.02 -36.96
CA ARG B 146 4.35 13.56 -36.98
C ARG B 146 3.44 12.89 -35.94
N ALA B 147 2.77 13.70 -35.13
CA ALA B 147 1.89 13.15 -34.11
C ALA B 147 0.64 12.56 -34.79
N PRO B 148 0.40 11.25 -34.58
CA PRO B 148 -0.76 10.54 -35.16
C PRO B 148 -2.07 11.15 -34.65
N LEU B 149 -3.01 11.39 -35.55
CA LEU B 149 -4.30 11.99 -35.18
C LEU B 149 -4.73 11.61 -33.76
N SER B 150 -5.05 10.34 -33.57
CA SER B 150 -5.46 9.85 -32.28
C SER B 150 -4.74 10.55 -31.13
N VAL B 151 -3.40 10.59 -31.21
CA VAL B 151 -2.60 11.23 -30.18
C VAL B 151 -2.93 12.71 -30.07
N LYS B 152 -3.05 13.36 -31.22
CA LYS B 152 -3.38 14.78 -31.21
C LYS B 152 -4.75 14.93 -30.55
N ASN B 153 -5.65 14.01 -30.89
CA ASN B 153 -7.01 14.03 -30.35
C ASN B 153 -7.03 13.70 -28.87
N TYR B 154 -6.10 12.86 -28.43
CA TYR B 154 -6.00 12.50 -27.04
C TYR B 154 -5.58 13.75 -26.30
N ALA B 155 -4.55 14.39 -26.84
CA ALA B 155 -3.96 15.60 -26.29
C ALA B 155 -5.01 16.69 -26.19
N ARG B 156 -5.84 16.77 -27.21
CA ARG B 156 -6.87 17.79 -27.23
C ARG B 156 -7.93 17.66 -26.14
N LYS B 157 -8.22 16.44 -25.73
CA LYS B 157 -9.24 16.23 -24.71
C LYS B 157 -8.65 15.96 -23.31
N HIS B 158 -7.34 15.79 -23.24
CA HIS B 158 -6.63 15.55 -21.98
C HIS B 158 -5.40 16.42 -21.91
N PRO B 159 -5.57 17.75 -22.00
CA PRO B 159 -4.51 18.76 -21.97
C PRO B 159 -3.51 18.66 -20.82
N HIS B 160 -2.22 18.73 -21.18
CA HIS B 160 -1.13 18.70 -20.24
C HIS B 160 -1.05 20.14 -19.75
N LYS B 161 -0.68 20.35 -18.48
CA LYS B 161 -0.61 21.71 -17.97
C LYS B 161 0.32 22.56 -18.84
N MET B 162 0.02 23.86 -18.90
CA MET B 162 0.81 24.80 -19.68
C MET B 162 1.05 26.05 -18.84
N GLY B 163 2.30 26.43 -18.68
CA GLY B 163 2.63 27.61 -17.89
C GLY B 163 1.96 28.85 -18.42
N ALA B 164 1.35 29.62 -17.54
CA ALA B 164 0.67 30.84 -17.94
C ALA B 164 1.73 31.79 -18.46
N TRP B 165 1.44 32.52 -19.53
CA TRP B 165 2.43 33.46 -20.08
C TRP B 165 2.11 34.94 -19.81
N SER B 166 3.12 35.67 -19.35
CA SER B 166 2.97 37.08 -19.05
C SER B 166 3.57 37.97 -20.14
N ALA B 167 2.80 38.96 -20.61
CA ALA B 167 3.28 39.86 -21.65
C ALA B 167 4.40 40.76 -21.16
N ASP B 168 4.61 40.85 -19.86
CA ASP B 168 5.69 41.68 -19.34
C ASP B 168 6.80 40.81 -18.81
N SER B 169 7.09 39.72 -19.52
CA SER B 169 8.11 38.78 -19.13
C SER B 169 9.50 39.31 -19.45
N LYS B 170 10.47 38.91 -18.64
CA LYS B 170 11.85 39.34 -18.80
C LYS B 170 12.62 38.40 -19.74
N SER B 171 12.19 37.14 -19.79
CA SER B 171 12.85 36.12 -20.63
C SER B 171 13.10 36.56 -22.08
N HIS B 172 14.15 35.98 -22.68
CA HIS B 172 14.54 36.27 -24.06
C HIS B 172 15.74 35.39 -24.43
N VAL B 173 16.11 35.41 -25.70
CA VAL B 173 17.25 34.64 -26.16
C VAL B 173 18.40 35.60 -26.52
N ALA B 174 19.61 35.23 -26.12
CA ALA B 174 20.77 36.08 -26.40
C ALA B 174 21.72 35.39 -27.38
N HIS B 175 22.05 36.08 -28.47
CA HIS B 175 22.96 35.53 -29.46
C HIS B 175 23.99 36.54 -29.96
N MET B 176 25.14 36.04 -30.42
CA MET B 176 26.17 36.91 -30.93
C MET B 176 25.64 37.66 -32.15
N ASP B 177 26.21 38.83 -32.42
CA ASP B 177 25.80 39.62 -33.56
C ASP B 177 26.81 39.54 -34.71
N ASN B 178 28.07 39.33 -34.36
CA ASN B 178 29.14 39.23 -35.36
C ASN B 178 30.11 38.05 -35.13
N GLY B 179 30.87 37.72 -36.16
CA GLY B 179 31.83 36.64 -36.09
C GLY B 179 31.39 35.35 -35.43
N ASP B 180 30.54 34.59 -36.10
CA ASP B 180 30.09 33.31 -35.55
C ASP B 180 29.95 32.36 -36.72
N PHE B 181 29.45 31.15 -36.47
CA PHE B 181 29.28 30.21 -37.56
C PHE B 181 28.37 30.83 -38.62
N TYR B 182 27.15 31.13 -38.21
CA TYR B 182 26.19 31.73 -39.12
C TYR B 182 26.86 32.84 -39.93
N GLY B 183 27.27 33.91 -39.26
CA GLY B 183 27.89 35.02 -39.95
C GLY B 183 29.16 34.73 -40.72
N SER B 184 29.78 33.57 -40.47
CA SER B 184 31.03 33.22 -41.14
C SER B 184 30.96 32.34 -42.37
N GLU B 185 29.81 31.71 -42.59
CA GLU B 185 29.60 30.80 -43.69
C GLU B 185 30.19 31.09 -45.07
N LYS B 186 30.45 30.03 -45.80
CA LYS B 186 31.01 30.06 -47.15
C LYS B 186 30.77 28.70 -47.78
N ALA B 187 29.91 28.63 -48.79
CA ALA B 187 29.61 27.35 -49.41
C ALA B 187 30.19 27.17 -50.79
N ALA B 188 30.21 25.91 -51.22
CA ALA B 188 30.72 25.55 -52.52
C ALA B 188 30.02 24.30 -53.01
N LEU B 189 29.76 24.27 -54.32
CA LEU B 189 29.10 23.14 -54.96
C LEU B 189 30.12 22.24 -55.64
N ILE B 190 30.38 21.07 -55.05
CA ILE B 190 31.35 20.15 -55.61
C ILE B 190 30.97 19.73 -57.03
N GLY B 191 31.92 19.82 -57.94
CA GLY B 191 31.66 19.48 -59.33
C GLY B 191 32.03 18.05 -59.72
N ALA B 192 33.27 17.65 -59.48
CA ALA B 192 33.71 16.31 -59.85
C ALA B 192 34.03 15.42 -58.67
N PRO B 193 33.74 14.12 -58.80
CA PRO B 193 33.98 13.12 -57.77
C PRO B 193 35.45 13.05 -57.44
N GLY B 194 35.80 13.44 -56.22
CA GLY B 194 37.19 13.40 -55.83
C GLY B 194 37.39 13.41 -54.32
N SER B 195 38.26 14.32 -53.87
CA SER B 195 38.55 14.47 -52.46
C SER B 195 39.10 15.87 -52.26
N VAL B 196 38.99 16.35 -51.03
CA VAL B 196 39.48 17.67 -50.71
C VAL B 196 40.42 17.59 -49.52
N LYS B 197 41.36 18.52 -49.45
CA LYS B 197 42.33 18.59 -48.36
C LYS B 197 42.04 19.86 -47.56
N ILE B 198 41.99 19.75 -46.23
CA ILE B 198 41.73 20.89 -45.35
C ILE B 198 43.08 21.31 -44.72
N GLU B 199 43.64 22.42 -45.18
CA GLU B 199 44.94 22.87 -44.69
C GLU B 199 45.01 24.30 -44.17
N LEU B 200 45.79 24.50 -43.13
CA LEU B 200 45.99 25.81 -42.52
C LEU B 200 47.26 26.47 -43.05
N ILE B 201 47.20 27.77 -43.34
CA ILE B 201 48.37 28.49 -43.81
C ILE B 201 48.64 29.59 -42.81
N ALA B 202 49.63 29.33 -41.94
CA ALA B 202 49.99 30.26 -40.87
C ALA B 202 50.68 31.55 -41.32
N LYS B 203 50.50 32.60 -40.52
CA LYS B 203 51.09 33.89 -40.80
C LYS B 203 52.59 33.68 -40.97
N ASP B 204 53.15 32.73 -40.23
CA ASP B 204 54.58 32.46 -40.34
C ASP B 204 54.95 31.73 -41.63
N GLY B 205 54.11 31.84 -42.64
CA GLY B 205 54.38 31.20 -43.92
C GLY B 205 54.27 29.68 -44.00
N SER B 206 54.40 28.99 -42.87
CA SER B 206 54.31 27.53 -42.86
C SER B 206 52.87 27.07 -43.02
N SER B 207 52.68 25.76 -43.17
CA SER B 207 51.34 25.20 -43.34
C SER B 207 51.14 23.89 -42.58
N THR B 208 50.02 23.80 -41.89
CA THR B 208 49.67 22.62 -41.13
C THR B 208 48.43 21.98 -41.72
N VAL B 209 48.48 20.66 -41.90
CA VAL B 209 47.35 19.91 -42.46
C VAL B 209 46.42 19.55 -41.32
N LEU B 210 45.11 19.70 -41.53
CA LEU B 210 44.15 19.39 -40.49
C LEU B 210 43.42 18.11 -40.89
N LYS B 211 43.31 17.91 -42.20
CA LYS B 211 42.67 16.73 -42.77
C LYS B 211 43.10 16.73 -44.21
N ALA B 212 43.85 15.72 -44.63
CA ALA B 212 44.35 15.67 -46.01
C ALA B 212 43.38 15.11 -47.04
N LYS B 213 42.72 14.01 -46.72
CA LYS B 213 41.78 13.39 -47.66
C LYS B 213 40.34 13.33 -47.14
N THR B 214 39.43 13.94 -47.87
CA THR B 214 38.01 13.94 -47.52
C THR B 214 37.23 13.88 -48.83
N SER B 215 36.79 12.68 -49.18
CA SER B 215 36.06 12.48 -50.42
C SER B 215 34.77 13.27 -50.55
N VAL B 216 34.54 13.79 -51.75
CA VAL B 216 33.35 14.56 -52.05
C VAL B 216 32.74 14.01 -53.34
N GLN B 217 31.44 13.81 -53.33
CA GLN B 217 30.72 13.29 -54.49
C GLN B 217 30.29 14.45 -55.38
N ALA B 218 29.79 14.11 -56.57
CA ALA B 218 29.31 15.12 -57.49
C ALA B 218 28.03 15.69 -56.89
N GLY B 219 27.75 16.95 -57.18
CA GLY B 219 26.56 17.58 -56.67
C GLY B 219 26.50 17.78 -55.17
N GLU B 220 27.57 17.41 -54.46
CA GLU B 220 27.61 17.57 -53.00
C GLU B 220 27.79 19.04 -52.64
N ILE B 221 27.20 19.46 -51.52
CA ILE B 221 27.31 20.84 -51.08
C ILE B 221 28.20 20.94 -49.85
N ILE B 222 29.31 21.66 -49.97
CA ILE B 222 30.18 21.82 -48.82
C ILE B 222 30.34 23.29 -48.43
N ASP B 223 30.32 23.53 -47.12
CA ASP B 223 30.42 24.86 -46.54
C ASP B 223 31.36 24.86 -45.34
N SER B 224 32.00 26.00 -45.08
CA SER B 224 32.90 26.10 -43.94
C SER B 224 32.64 27.41 -43.21
N SER B 225 32.68 27.37 -41.88
CA SER B 225 32.47 28.55 -41.07
C SER B 225 33.35 28.46 -39.84
N VAL B 226 33.35 29.50 -39.01
CA VAL B 226 34.18 29.48 -37.81
C VAL B 226 33.71 30.37 -36.68
N MET B 227 33.65 29.79 -35.48
CA MET B 227 33.24 30.52 -34.29
C MET B 227 34.51 31.20 -33.81
N SER B 228 34.45 32.51 -33.61
CA SER B 228 35.64 33.24 -33.16
C SER B 228 35.74 33.26 -31.64
N LYS B 229 36.83 32.72 -31.11
CA LYS B 229 37.03 32.63 -29.67
C LYS B 229 36.88 33.94 -28.94
N ASN B 230 37.64 34.95 -29.37
CA ASN B 230 37.59 36.25 -28.71
C ASN B 230 36.27 36.98 -28.95
N ALA B 231 35.58 36.66 -30.03
CA ALA B 231 34.30 37.30 -30.28
C ALA B 231 33.28 36.70 -29.33
N LEU B 232 33.38 35.38 -29.10
CA LEU B 232 32.49 34.66 -28.21
C LEU B 232 32.78 35.08 -26.78
N ARG B 233 34.07 35.24 -26.48
CA ARG B 233 34.56 35.66 -25.18
C ARG B 233 33.94 37.03 -24.86
N ASN B 234 34.02 37.94 -25.81
CA ASN B 234 33.44 39.28 -25.64
C ASN B 234 31.92 39.25 -25.56
N PHE B 235 31.32 38.19 -26.10
CA PHE B 235 29.88 38.06 -26.07
C PHE B 235 29.39 37.60 -24.72
N ILE B 236 29.86 36.44 -24.29
CA ILE B 236 29.46 35.85 -23.01
C ILE B 236 29.72 36.78 -21.84
N ALA B 237 30.79 37.56 -21.96
CA ALA B 237 31.15 38.50 -20.91
C ALA B 237 30.09 39.58 -20.77
N ALA B 238 29.61 40.07 -21.90
CA ALA B 238 28.57 41.09 -21.90
C ALA B 238 27.25 40.54 -21.42
N GLU B 239 26.84 39.40 -21.98
CA GLU B 239 25.57 38.80 -21.61
C GLU B 239 25.47 38.47 -20.14
N ILE B 240 26.59 38.18 -19.49
CA ILE B 240 26.55 37.91 -18.07
C ILE B 240 26.27 39.25 -17.40
N GLU B 241 27.19 40.18 -17.58
CA GLU B 241 27.09 41.51 -17.01
C GLU B 241 25.67 42.02 -17.11
N ASP B 242 25.19 42.10 -18.35
CA ASP B 242 23.84 42.56 -18.62
C ASP B 242 22.77 41.70 -17.96
N ALA B 243 23.01 40.40 -17.90
CA ALA B 243 22.05 39.50 -17.29
C ALA B 243 21.92 39.81 -15.80
N LYS B 244 22.92 40.49 -15.25
CA LYS B 244 22.90 40.86 -13.84
C LYS B 244 21.95 42.03 -13.65
N LYS B 245 22.04 43.01 -14.56
CA LYS B 245 21.19 44.19 -14.50
C LYS B 245 19.72 43.78 -14.63
N GLN B 246 19.43 42.99 -15.66
CA GLN B 246 18.08 42.50 -15.92
C GLN B 246 17.43 41.78 -14.74
N GLY B 247 18.25 41.23 -13.85
CA GLY B 247 17.70 40.51 -12.71
C GLY B 247 17.16 39.16 -13.15
N VAL B 248 17.81 38.58 -14.15
CA VAL B 248 17.42 37.29 -14.71
C VAL B 248 18.47 36.20 -14.54
N LEU B 249 18.03 34.95 -14.72
CA LEU B 249 18.91 33.80 -14.60
C LEU B 249 19.71 33.64 -15.88
N LEU B 250 20.98 33.28 -15.74
CA LEU B 250 21.83 33.08 -16.91
C LEU B 250 21.76 31.60 -17.27
N SER B 251 21.48 31.30 -18.53
CA SER B 251 21.41 29.91 -18.95
C SER B 251 22.01 29.71 -20.34
N VAL B 252 22.71 28.59 -20.50
CA VAL B 252 23.38 28.27 -21.76
C VAL B 252 22.72 27.11 -22.49
N HIS B 253 22.28 27.37 -23.72
CA HIS B 253 21.63 26.33 -24.51
C HIS B 253 22.48 25.94 -25.71
N LEU B 254 23.44 25.05 -25.46
CA LEU B 254 24.31 24.53 -26.51
C LEU B 254 23.97 23.06 -26.68
N LYS B 255 24.60 22.41 -27.64
CA LYS B 255 24.35 21.00 -27.90
C LYS B 255 25.66 20.25 -27.77
N ALA B 256 26.32 20.44 -26.62
CA ALA B 256 27.61 19.81 -26.37
C ALA B 256 27.52 18.29 -26.18
N THR B 257 26.60 17.67 -26.90
CA THR B 257 26.45 16.23 -26.86
C THR B 257 26.72 15.72 -28.25
N MET B 258 25.84 16.07 -29.17
CA MET B 258 25.98 15.65 -30.56
C MET B 258 27.18 16.36 -31.13
N MET B 259 27.33 17.63 -30.77
CA MET B 259 28.45 18.43 -31.22
C MET B 259 29.66 18.11 -30.37
N LYS B 260 30.05 16.86 -30.35
CA LYS B 260 31.17 16.41 -29.53
C LYS B 260 32.45 17.24 -29.59
N VAL B 261 32.64 18.00 -30.66
CA VAL B 261 33.87 18.78 -30.80
C VAL B 261 33.86 20.25 -30.43
N SER B 262 32.98 21.02 -31.08
CA SER B 262 32.93 22.46 -30.86
C SER B 262 32.17 22.98 -29.65
N ASP B 263 30.99 22.43 -29.42
CA ASP B 263 30.22 22.91 -28.29
C ASP B 263 30.90 22.74 -26.92
N PRO B 264 31.57 21.59 -26.68
CA PRO B 264 32.21 21.50 -25.37
C PRO B 264 33.24 22.62 -25.25
N ILE B 265 33.81 23.00 -26.38
CA ILE B 265 34.79 24.08 -26.38
C ILE B 265 34.12 25.41 -26.02
N MET B 266 33.00 25.71 -26.66
CA MET B 266 32.28 26.94 -26.36
C MET B 266 31.82 26.89 -24.92
N PHE B 267 31.35 25.71 -24.52
CA PHE B 267 30.89 25.50 -23.16
C PHE B 267 31.95 25.96 -22.17
N GLY B 268 33.16 25.45 -22.33
CA GLY B 268 34.24 25.80 -21.42
C GLY B 268 34.61 27.28 -21.39
N GLN B 269 34.65 27.92 -22.56
CA GLN B 269 34.99 29.34 -22.62
C GLN B 269 33.99 30.11 -21.77
N ILE B 270 32.79 29.55 -21.64
CA ILE B 270 31.75 30.17 -20.83
C ILE B 270 32.14 29.92 -19.38
N VAL B 271 32.24 28.64 -19.04
CA VAL B 271 32.60 28.23 -17.69
C VAL B 271 33.88 28.97 -17.31
N SER B 272 34.63 29.38 -18.32
CA SER B 272 35.86 30.12 -18.10
C SER B 272 35.56 31.57 -17.79
N GLU B 273 35.01 32.30 -18.76
CA GLU B 273 34.71 33.72 -18.55
C GLU B 273 33.75 33.99 -17.40
N PHE B 274 33.31 32.94 -16.72
CA PHE B 274 32.39 33.11 -15.59
C PHE B 274 33.16 33.03 -14.29
N TYR B 275 33.71 31.86 -14.01
CA TYR B 275 34.46 31.66 -12.78
C TYR B 275 35.88 32.17 -12.94
N LYS B 276 36.12 33.07 -13.89
CA LYS B 276 37.48 33.55 -14.13
C LYS B 276 38.27 33.99 -12.91
N ASP B 277 37.69 34.88 -12.10
CA ASP B 277 38.39 35.37 -10.93
C ASP B 277 38.89 34.24 -10.01
N ALA B 278 38.04 33.25 -9.78
CA ALA B 278 38.37 32.10 -8.92
C ALA B 278 39.37 31.16 -9.59
N LEU B 279 39.17 30.91 -10.88
CA LEU B 279 40.05 30.02 -11.63
C LEU B 279 41.37 30.73 -11.96
N THR B 280 41.37 32.05 -11.86
CA THR B 280 42.59 32.81 -12.13
C THR B 280 43.42 32.80 -10.86
N LYS B 281 42.75 32.87 -9.71
CA LYS B 281 43.39 32.87 -8.40
C LYS B 281 44.05 31.52 -8.13
N HIS B 282 43.54 30.48 -8.77
CA HIS B 282 44.07 29.13 -8.58
C HIS B 282 44.53 28.49 -9.88
N ALA B 283 45.04 29.34 -10.77
CA ALA B 283 45.53 28.89 -12.06
C ALA B 283 46.33 27.59 -12.01
N GLU B 284 47.29 27.51 -11.10
CA GLU B 284 48.12 26.32 -11.02
C GLU B 284 47.60 25.13 -10.24
N VAL B 285 46.96 25.36 -9.09
CA VAL B 285 46.48 24.23 -8.32
C VAL B 285 45.58 23.33 -9.17
N LEU B 286 44.76 23.95 -10.01
CA LEU B 286 43.86 23.24 -10.93
C LEU B 286 44.69 22.58 -12.02
N LYS B 287 45.63 23.34 -12.54
CA LYS B 287 46.54 22.88 -13.58
C LYS B 287 47.21 21.58 -13.15
N GLN B 288 47.61 21.50 -11.89
CA GLN B 288 48.25 20.30 -11.35
C GLN B 288 47.31 19.13 -11.48
N ILE B 289 46.23 19.12 -10.69
CA ILE B 289 45.25 18.05 -10.73
C ILE B 289 44.64 17.91 -12.13
N GLY B 290 45.04 18.80 -13.03
CA GLY B 290 44.55 18.73 -14.39
C GLY B 290 43.06 18.94 -14.57
N PHE B 291 42.61 20.18 -14.36
CA PHE B 291 41.21 20.53 -14.52
C PHE B 291 40.96 20.72 -16.02
N ASP B 292 39.72 20.42 -16.45
CA ASP B 292 39.36 20.55 -17.85
C ASP B 292 38.05 21.31 -18.00
N VAL B 293 38.15 22.64 -17.94
CA VAL B 293 36.98 23.49 -18.02
C VAL B 293 35.92 23.09 -19.06
N ASN B 294 36.34 22.46 -20.15
CA ASN B 294 35.39 22.05 -21.19
C ASN B 294 34.49 20.93 -20.68
N ASN B 295 34.68 20.57 -19.40
CA ASN B 295 33.88 19.52 -18.77
C ASN B 295 32.97 20.11 -17.70
N GLY B 296 32.86 21.44 -17.69
CA GLY B 296 32.02 22.11 -16.72
C GLY B 296 32.74 22.36 -15.39
N ILE B 297 32.25 23.33 -14.63
CA ILE B 297 32.88 23.63 -13.36
C ILE B 297 32.73 22.39 -12.50
N GLY B 298 31.76 21.55 -12.87
CA GLY B 298 31.53 20.33 -12.14
C GLY B 298 32.78 19.48 -11.99
N ASP B 299 33.60 19.48 -13.04
CA ASP B 299 34.85 18.70 -13.07
C ASP B 299 35.82 19.18 -11.97
N LEU B 300 35.83 20.49 -11.72
CA LEU B 300 36.67 21.07 -10.69
C LEU B 300 36.29 20.41 -9.36
N TYR B 301 35.04 20.56 -8.96
CA TYR B 301 34.53 19.99 -7.72
C TYR B 301 34.91 18.52 -7.48
N ALA B 302 35.17 17.77 -8.54
CA ALA B 302 35.51 16.35 -8.41
C ALA B 302 37.00 16.04 -8.41
N ARG B 303 37.78 16.96 -8.97
CA ARG B 303 39.22 16.81 -9.06
C ARG B 303 39.97 17.32 -7.82
N ILE B 304 39.35 18.24 -7.08
CA ILE B 304 39.99 18.81 -5.90
C ILE B 304 39.91 17.98 -4.63
N LYS B 305 38.93 17.08 -4.55
CA LYS B 305 38.74 16.24 -3.37
C LYS B 305 40.04 15.53 -2.98
N THR B 306 41.07 15.71 -3.80
CA THR B 306 42.36 15.09 -3.51
C THR B 306 43.30 16.10 -2.84
N LEU B 307 42.94 17.38 -2.91
CA LEU B 307 43.74 18.45 -2.31
C LEU B 307 43.55 18.52 -0.79
N PRO B 308 44.49 19.15 -0.07
CA PRO B 308 44.39 19.25 1.38
C PRO B 308 43.01 19.78 1.81
N GLU B 309 42.46 19.17 2.85
CA GLU B 309 41.14 19.52 3.37
C GLU B 309 40.87 21.03 3.42
N ALA B 310 41.91 21.81 3.73
CA ALA B 310 41.76 23.26 3.81
C ALA B 310 41.93 23.93 2.45
N LYS B 311 42.72 23.31 1.58
CA LYS B 311 42.94 23.88 0.25
C LYS B 311 41.62 23.85 -0.47
N GLN B 312 40.87 22.76 -0.29
CA GLN B 312 39.57 22.61 -0.94
C GLN B 312 38.68 23.76 -0.53
N LYS B 313 38.46 23.88 0.78
CA LYS B 313 37.62 24.93 1.34
C LYS B 313 37.91 26.29 0.71
N GLU B 314 39.18 26.62 0.55
CA GLU B 314 39.59 27.89 -0.02
C GLU B 314 38.98 28.07 -1.42
N ILE B 315 39.20 27.09 -2.30
CA ILE B 315 38.67 27.15 -3.64
C ILE B 315 37.15 27.31 -3.56
N GLU B 316 36.47 26.31 -2.98
CA GLU B 316 35.02 26.36 -2.87
C GLU B 316 34.56 27.69 -2.28
N ALA B 317 35.19 28.11 -1.20
CA ALA B 317 34.82 29.38 -0.56
C ALA B 317 34.95 30.54 -1.54
N ASP B 318 35.92 30.44 -2.46
CA ASP B 318 36.12 31.48 -3.44
C ASP B 318 35.13 31.33 -4.58
N ILE B 319 34.76 30.09 -4.88
CA ILE B 319 33.80 29.82 -5.95
C ILE B 319 32.50 30.51 -5.59
N GLN B 320 32.09 30.39 -4.32
CA GLN B 320 30.88 31.00 -3.83
C GLN B 320 30.92 32.51 -4.03
N ALA B 321 32.10 33.09 -3.84
CA ALA B 321 32.31 34.51 -3.99
C ALA B 321 31.96 34.99 -5.40
N VAL B 322 32.04 34.08 -6.35
CA VAL B 322 31.72 34.39 -7.74
C VAL B 322 30.19 34.33 -7.91
N TYR B 323 29.58 33.31 -7.34
CA TYR B 323 28.13 33.14 -7.43
C TYR B 323 27.44 34.31 -6.76
N ALA B 324 28.22 35.17 -6.13
CA ALA B 324 27.69 36.36 -5.47
C ALA B 324 27.96 37.59 -6.33
N GLN B 325 29.04 37.51 -7.11
CA GLN B 325 29.44 38.60 -7.98
C GLN B 325 28.75 38.50 -9.35
N ARG B 326 28.11 37.36 -9.60
CA ARG B 326 27.43 37.10 -10.87
C ARG B 326 25.98 36.62 -10.79
N PRO B 327 25.18 36.90 -11.84
CA PRO B 327 23.78 36.49 -11.89
C PRO B 327 23.65 35.02 -11.54
N GLN B 328 22.48 34.62 -11.05
CA GLN B 328 22.27 33.23 -10.69
C GLN B 328 22.04 32.41 -11.94
N LEU B 329 22.68 31.25 -12.00
CA LEU B 329 22.55 30.37 -13.16
C LEU B 329 21.30 29.54 -13.00
N ALA B 330 20.64 29.24 -14.12
CA ALA B 330 19.46 28.39 -14.03
C ALA B 330 20.07 27.12 -13.42
N MET B 331 19.27 26.32 -12.74
CA MET B 331 19.82 25.12 -12.13
C MET B 331 19.24 23.84 -12.68
N VAL B 332 20.09 22.84 -12.84
CA VAL B 332 19.69 21.53 -13.37
C VAL B 332 18.95 20.78 -12.27
N ASN B 333 19.40 20.98 -11.04
CA ASN B 333 18.79 20.36 -9.86
C ASN B 333 19.09 21.35 -8.76
N SER B 334 18.08 22.14 -8.42
CA SER B 334 18.19 23.18 -7.39
C SER B 334 18.67 22.73 -6.00
N ASP B 335 18.18 21.60 -5.51
CA ASP B 335 18.56 21.13 -4.18
C ASP B 335 19.98 20.62 -4.01
N LYS B 336 20.56 19.99 -5.02
CA LYS B 336 21.91 19.46 -4.91
C LYS B 336 22.96 20.45 -5.38
N GLY B 337 22.51 21.64 -5.75
CA GLY B 337 23.43 22.67 -6.22
C GLY B 337 23.89 22.55 -7.66
N ILE B 338 23.64 21.40 -8.29
CA ILE B 338 24.04 21.18 -9.69
C ILE B 338 23.51 22.28 -10.61
N THR B 339 24.44 23.09 -11.14
CA THR B 339 24.06 24.20 -12.02
C THR B 339 24.07 23.89 -13.51
N ASN B 340 23.71 24.91 -14.28
CA ASN B 340 23.65 24.79 -15.73
C ASN B 340 25.06 24.64 -16.26
N LEU B 341 26.03 25.13 -15.50
CA LEU B 341 27.42 25.05 -15.90
C LEU B 341 28.20 23.97 -15.14
N HIS B 342 27.51 22.88 -14.78
CA HIS B 342 28.15 21.79 -14.04
C HIS B 342 28.60 20.67 -14.94
N VAL B 343 27.71 20.25 -15.83
CA VAL B 343 28.01 19.17 -16.75
C VAL B 343 27.64 19.56 -18.18
N PRO B 344 28.54 19.31 -19.13
CA PRO B 344 28.32 19.63 -20.54
C PRO B 344 26.92 19.26 -21.01
N SER B 345 26.49 18.03 -20.71
CA SER B 345 25.20 17.53 -21.16
C SER B 345 23.95 17.57 -20.31
N ASP B 346 23.92 18.34 -19.23
CA ASP B 346 22.70 18.37 -18.44
C ASP B 346 21.66 19.16 -19.24
N VAL B 347 22.06 20.34 -19.71
CA VAL B 347 21.19 21.20 -20.47
C VAL B 347 21.52 21.11 -21.97
N ILE B 348 20.63 20.46 -22.72
CA ILE B 348 20.82 20.34 -24.17
C ILE B 348 19.72 21.14 -24.85
N VAL B 349 20.14 22.15 -25.59
CA VAL B 349 19.26 23.07 -26.31
C VAL B 349 17.93 22.54 -26.89
N ASP B 350 17.95 21.40 -27.58
CA ASP B 350 16.73 20.87 -28.19
C ASP B 350 15.62 20.59 -27.22
N ALA B 351 15.97 20.26 -25.99
CA ALA B 351 14.97 19.97 -24.97
C ALA B 351 14.84 21.13 -23.99
N SER B 352 15.99 21.60 -23.51
CA SER B 352 16.03 22.71 -22.57
C SER B 352 15.04 23.82 -22.95
N MET B 353 15.07 24.25 -24.19
CA MET B 353 14.19 25.33 -24.63
C MET B 353 12.70 25.01 -24.62
N PRO B 354 12.27 23.98 -25.36
CA PRO B 354 10.83 23.68 -25.36
C PRO B 354 10.27 23.73 -23.96
N ALA B 355 10.95 23.03 -23.04
CA ALA B 355 10.52 23.00 -21.63
C ALA B 355 10.48 24.41 -21.05
N MET B 356 11.59 25.13 -21.22
CA MET B 356 11.72 26.49 -20.72
C MET B 356 10.65 27.40 -21.29
N ILE B 357 10.17 27.11 -22.49
CA ILE B 357 9.12 27.93 -23.03
C ILE B 357 7.86 27.55 -22.29
N ARG B 358 7.57 26.25 -22.28
CA ARG B 358 6.39 25.72 -21.60
C ARG B 358 6.21 26.33 -20.20
N ASP B 359 7.26 26.24 -19.38
CA ASP B 359 7.24 26.76 -18.02
C ASP B 359 7.23 28.28 -17.90
N SER B 360 6.30 28.93 -18.59
CA SER B 360 6.20 30.38 -18.52
C SER B 360 7.51 31.09 -18.85
N GLY B 361 8.33 30.46 -19.68
CA GLY B 361 9.60 31.05 -20.04
C GLY B 361 10.50 31.22 -18.84
N LYS B 362 10.52 30.21 -17.97
CA LYS B 362 11.35 30.24 -16.78
C LYS B 362 12.12 28.94 -16.57
N MET B 363 13.13 29.02 -15.71
CA MET B 363 13.96 27.87 -15.36
C MET B 363 14.27 27.99 -13.87
N TRP B 364 14.26 26.86 -13.17
CA TRP B 364 14.51 26.85 -11.73
C TRP B 364 15.78 27.59 -11.36
N GLY B 365 15.69 28.37 -10.29
CA GLY B 365 16.83 29.15 -9.83
C GLY B 365 17.55 28.50 -8.68
N PRO B 366 18.54 29.17 -8.08
CA PRO B 366 19.33 28.65 -6.95
C PRO B 366 18.43 28.31 -5.75
N ASP B 367 17.46 29.19 -5.51
CA ASP B 367 16.51 29.01 -4.43
C ASP B 367 15.80 27.67 -4.64
N GLY B 368 14.85 27.66 -5.56
CA GLY B 368 14.10 26.45 -5.83
C GLY B 368 12.82 26.75 -6.57
N LYS B 369 12.70 27.96 -7.09
CA LYS B 369 11.51 28.36 -7.81
C LYS B 369 11.87 28.83 -9.21
N LEU B 370 10.88 28.94 -10.08
CA LEU B 370 11.09 29.37 -11.45
C LEU B 370 11.36 30.87 -11.57
N HIS B 371 12.12 31.26 -12.59
CA HIS B 371 12.44 32.67 -12.81
C HIS B 371 12.64 32.93 -14.29
N ASP B 372 12.49 34.18 -14.71
CA ASP B 372 12.69 34.56 -16.11
C ASP B 372 14.16 34.25 -16.42
N THR B 373 14.44 33.94 -17.68
CA THR B 373 15.79 33.59 -18.04
C THR B 373 16.29 34.25 -19.32
N LYS B 374 17.61 34.28 -19.45
CA LYS B 374 18.28 34.84 -20.61
C LYS B 374 18.92 33.61 -21.24
N ALA B 375 18.19 32.99 -22.16
CA ALA B 375 18.67 31.80 -22.84
C ALA B 375 19.77 32.17 -23.82
N VAL B 376 20.99 31.70 -23.55
CA VAL B 376 22.10 32.00 -24.43
C VAL B 376 22.32 30.95 -25.51
N ILE B 377 22.01 31.35 -26.74
CA ILE B 377 22.18 30.53 -27.92
C ILE B 377 23.19 31.34 -28.76
N PRO B 378 24.48 31.19 -28.47
CA PRO B 378 25.64 31.83 -29.09
C PRO B 378 25.58 32.09 -30.58
N ASP B 379 25.26 31.07 -31.36
CA ASP B 379 25.20 31.24 -32.81
C ASP B 379 23.92 31.98 -33.24
N ARG B 380 23.68 32.05 -34.55
CA ARG B 380 22.49 32.73 -35.06
C ARG B 380 21.62 31.87 -35.97
N CYS B 381 22.15 30.73 -36.42
CA CYS B 381 21.40 29.87 -37.33
C CYS B 381 20.01 29.50 -36.84
N TYR B 382 19.90 29.14 -35.58
CA TYR B 382 18.61 28.75 -35.05
C TYR B 382 18.22 29.46 -33.77
N ALA B 383 18.96 30.51 -33.42
CA ALA B 383 18.63 31.26 -32.23
C ALA B 383 17.34 31.98 -32.56
N GLY B 384 17.30 32.58 -33.75
CA GLY B 384 16.10 33.28 -34.19
C GLY B 384 14.81 32.53 -33.90
N VAL B 385 14.68 31.34 -34.48
CA VAL B 385 13.51 30.49 -34.33
C VAL B 385 12.94 30.44 -32.92
N TYR B 386 13.80 30.44 -31.92
CA TYR B 386 13.34 30.38 -30.54
C TYR B 386 12.84 31.75 -30.05
N GLN B 387 13.48 32.80 -30.56
CA GLN B 387 13.11 34.17 -30.19
C GLN B 387 11.69 34.44 -30.67
N VAL B 388 11.40 34.06 -31.92
CA VAL B 388 10.06 34.25 -32.48
C VAL B 388 9.05 33.58 -31.56
N VAL B 389 9.24 32.28 -31.30
CA VAL B 389 8.34 31.54 -30.44
C VAL B 389 8.26 32.18 -29.06
N ILE B 390 9.38 32.70 -28.58
CA ILE B 390 9.36 33.34 -27.26
C ILE B 390 8.61 34.67 -27.30
N GLU B 391 8.81 35.45 -28.37
CA GLU B 391 8.14 36.73 -28.53
C GLU B 391 6.70 36.58 -28.98
N ASP B 392 6.27 35.34 -29.21
CA ASP B 392 4.91 35.05 -29.63
C ASP B 392 4.07 34.81 -28.39
N CYS B 393 4.63 34.06 -27.44
CA CYS B 393 3.93 33.75 -26.21
C CYS B 393 3.61 34.99 -25.37
N LYS B 394 4.61 35.81 -25.10
CA LYS B 394 4.38 37.01 -24.29
C LYS B 394 3.49 38.03 -25.03
N GLN B 395 3.12 37.71 -26.25
CA GLN B 395 2.29 38.61 -27.05
C GLN B 395 0.99 37.95 -27.52
N HIS B 396 0.72 36.72 -27.07
CA HIS B 396 -0.49 36.01 -27.49
C HIS B 396 -0.86 34.90 -26.52
N GLY B 397 -0.04 34.70 -25.50
CA GLY B 397 -0.33 33.65 -24.52
C GLY B 397 0.04 32.25 -24.97
N ALA B 398 0.15 31.35 -23.99
CA ALA B 398 0.50 29.95 -24.24
C ALA B 398 -0.46 29.34 -25.23
N PHE B 399 0.03 28.44 -26.06
CA PHE B 399 -0.83 27.78 -27.04
C PHE B 399 -1.79 26.85 -26.28
N ASP B 400 -2.97 26.62 -26.85
CA ASP B 400 -3.94 25.75 -26.17
C ASP B 400 -3.93 24.34 -26.79
N PRO B 401 -3.41 23.34 -26.05
CA PRO B 401 -3.34 21.94 -26.49
C PRO B 401 -4.65 21.49 -27.08
N THR B 402 -5.72 22.16 -26.65
CA THR B 402 -7.09 21.88 -27.08
C THR B 402 -7.46 22.47 -28.44
N THR B 403 -6.73 23.50 -28.88
CA THR B 403 -7.05 24.13 -30.16
C THR B 403 -5.91 24.26 -31.19
N MET B 404 -4.67 24.42 -30.73
CA MET B 404 -3.54 24.57 -31.64
C MET B 404 -3.40 23.45 -32.70
N GLY B 405 -2.73 23.78 -33.78
CA GLY B 405 -2.54 22.81 -34.83
C GLY B 405 -1.31 21.98 -34.60
N SER B 406 -0.73 21.47 -35.69
CA SER B 406 0.46 20.63 -35.63
C SER B 406 1.48 21.03 -36.69
N VAL B 407 2.75 20.86 -36.34
CA VAL B 407 3.83 21.17 -37.26
C VAL B 407 4.70 19.93 -37.39
N PRO B 408 4.39 19.06 -38.36
CA PRO B 408 5.19 17.85 -38.51
C PRO B 408 6.58 18.29 -38.96
N ASN B 409 7.34 17.38 -39.54
CA ASN B 409 8.67 17.76 -39.98
C ASN B 409 9.37 16.73 -40.84
N VAL B 410 9.42 17.01 -42.13
CA VAL B 410 10.11 16.13 -43.05
C VAL B 410 11.51 16.73 -43.11
N GLY B 411 12.40 16.20 -42.26
CA GLY B 411 13.76 16.69 -42.20
C GLY B 411 14.82 15.88 -42.94
N LEU B 412 15.83 16.61 -43.41
CA LEU B 412 16.94 16.03 -44.14
C LEU B 412 18.01 15.61 -43.15
N MET B 413 18.49 14.37 -43.27
CA MET B 413 19.54 13.90 -42.36
C MET B 413 20.42 12.83 -43.00
N ALA B 414 19.83 12.05 -43.90
CA ALA B 414 20.54 10.96 -44.57
C ALA B 414 22.02 11.25 -44.82
N GLN B 415 22.83 10.22 -44.60
CA GLN B 415 24.28 10.29 -44.77
C GLN B 415 24.92 11.36 -43.90
N LYS B 416 24.59 11.33 -42.61
CA LYS B 416 25.13 12.30 -41.66
C LYS B 416 25.04 13.67 -42.33
N ALA B 417 23.85 13.98 -42.83
CA ALA B 417 23.61 15.24 -43.52
C ALA B 417 23.94 16.45 -42.65
N GLU B 418 24.68 17.38 -43.23
CA GLU B 418 25.05 18.62 -42.56
C GLU B 418 25.77 18.44 -41.23
N GLU B 419 25.58 19.41 -40.35
CA GLU B 419 26.21 19.44 -39.04
C GLU B 419 26.42 18.10 -38.35
N TYR B 420 25.39 17.26 -38.38
CA TYR B 420 25.45 15.95 -37.74
C TYR B 420 26.67 15.12 -38.09
N GLY B 421 27.47 15.61 -39.01
CA GLY B 421 28.67 14.88 -39.39
C GLY B 421 29.83 15.80 -39.72
N SER B 422 30.04 16.80 -38.86
CA SER B 422 31.10 17.77 -39.07
C SER B 422 32.27 17.62 -38.10
N HIS B 423 32.05 16.81 -37.07
CA HIS B 423 33.04 16.57 -36.03
C HIS B 423 34.48 16.31 -36.49
N ASP B 424 34.66 15.33 -37.37
CA ASP B 424 35.98 15.01 -37.87
C ASP B 424 36.50 16.05 -38.84
N LYS B 425 35.78 17.16 -38.95
CA LYS B 425 36.19 18.26 -39.82
C LYS B 425 36.05 19.59 -39.09
N THR B 426 36.11 19.51 -37.75
CA THR B 426 36.04 20.67 -36.88
C THR B 426 37.36 20.70 -36.13
N PHE B 427 38.09 21.80 -36.30
CA PHE B 427 39.38 21.95 -35.65
C PHE B 427 39.50 23.23 -34.84
N GLN B 428 40.27 23.17 -33.77
CA GLN B 428 40.49 24.35 -32.96
C GLN B 428 41.80 24.89 -33.56
N ILE B 429 41.73 26.09 -34.14
CA ILE B 429 42.88 26.72 -34.79
C ILE B 429 44.15 26.75 -33.91
N PRO B 430 45.28 26.27 -34.46
CA PRO B 430 46.57 26.20 -33.79
C PRO B 430 47.36 27.49 -33.77
N ALA B 431 47.02 28.41 -34.66
CA ALA B 431 47.72 29.69 -34.74
C ALA B 431 47.02 30.61 -35.74
N ASP B 432 47.23 31.91 -35.60
CA ASP B 432 46.63 32.85 -36.53
C ASP B 432 46.98 32.34 -37.91
N GLY B 433 46.09 32.52 -38.87
CA GLY B 433 46.40 32.07 -40.21
C GLY B 433 45.21 32.12 -41.14
N VAL B 434 45.17 31.19 -42.08
CA VAL B 434 44.06 31.12 -42.99
C VAL B 434 43.85 29.66 -43.38
N VAL B 435 42.60 29.21 -43.35
CA VAL B 435 42.29 27.82 -43.69
C VAL B 435 41.82 27.75 -45.13
N ARG B 436 42.33 26.76 -45.87
CA ARG B 436 41.95 26.56 -47.27
C ARG B 436 41.55 25.12 -47.56
N VAL B 437 40.36 24.97 -48.15
CA VAL B 437 39.86 23.65 -48.54
C VAL B 437 40.10 23.51 -50.03
N THR B 438 40.99 22.61 -50.42
CA THR B 438 41.34 22.40 -51.82
C THR B 438 40.93 21.01 -52.30
N ASP B 439 40.84 20.83 -53.61
CA ASP B 439 40.45 19.53 -54.17
C ASP B 439 41.61 18.71 -54.80
N GLU B 440 41.23 17.73 -55.61
CA GLU B 440 42.17 16.83 -56.28
C GLU B 440 43.16 17.53 -57.21
N SER B 441 42.67 18.52 -57.95
CA SER B 441 43.53 19.24 -58.88
C SER B 441 44.34 20.27 -58.14
N GLY B 442 43.68 20.95 -57.22
CA GLY B 442 44.33 21.98 -56.44
C GLY B 442 43.51 23.26 -56.53
N LYS B 443 42.28 23.13 -57.04
CA LYS B 443 41.40 24.28 -57.16
C LYS B 443 40.94 24.67 -55.75
N LEU B 444 40.98 25.97 -55.47
CA LEU B 444 40.58 26.49 -54.16
C LEU B 444 39.06 26.57 -54.06
N LEU B 445 38.47 25.65 -53.31
CA LEU B 445 37.02 25.61 -53.13
C LEU B 445 36.50 26.55 -52.06
N LEU B 446 37.17 26.54 -50.91
CA LEU B 446 36.80 27.38 -49.77
C LEU B 446 38.06 27.95 -49.12
N GLU B 447 37.89 28.99 -48.32
CA GLU B 447 39.01 29.65 -47.68
C GLU B 447 38.45 30.66 -46.71
N GLN B 448 38.76 30.52 -45.44
CA GLN B 448 38.25 31.44 -44.44
C GLN B 448 39.37 31.77 -43.46
N SER B 449 39.55 33.07 -43.22
CA SER B 449 40.58 33.53 -42.31
C SER B 449 40.35 33.03 -40.89
N VAL B 450 41.40 32.75 -40.15
CA VAL B 450 41.22 32.26 -38.80
C VAL B 450 42.17 32.87 -37.77
N GLU B 451 41.84 32.64 -36.50
CA GLU B 451 42.63 33.13 -35.39
C GLU B 451 42.75 32.05 -34.33
N ALA B 452 43.92 31.97 -33.73
CA ALA B 452 44.23 30.97 -32.72
C ALA B 452 43.09 30.83 -31.70
N GLY B 453 42.71 29.58 -31.43
CA GLY B 453 41.65 29.28 -30.48
C GLY B 453 40.30 29.12 -31.17
N ASP B 454 40.18 29.76 -32.33
CA ASP B 454 38.96 29.72 -33.12
C ASP B 454 38.50 28.31 -33.49
N ILE B 455 37.20 28.16 -33.70
CA ILE B 455 36.64 26.88 -34.09
C ILE B 455 36.25 26.89 -35.56
N TRP B 456 36.94 26.11 -36.36
CA TRP B 456 36.64 26.04 -37.78
C TRP B 456 36.05 24.67 -38.14
N ARG B 457 35.04 24.68 -39.01
CA ARG B 457 34.37 23.45 -39.41
C ARG B 457 33.93 23.47 -40.87
N MET B 458 33.65 22.29 -41.39
CA MET B 458 33.20 22.14 -42.76
C MET B 458 32.05 21.15 -42.70
N CYS B 459 30.95 21.50 -43.36
CA CYS B 459 29.78 20.62 -43.38
C CYS B 459 29.44 20.23 -44.80
N GLN B 460 28.96 19.01 -45.00
CA GLN B 460 28.61 18.59 -46.35
C GLN B 460 27.27 17.91 -46.51
N ALA B 461 26.44 18.47 -47.39
CA ALA B 461 25.11 17.93 -47.67
C ALA B 461 25.11 17.29 -49.05
N LYS B 462 24.88 15.97 -49.07
CA LYS B 462 24.88 15.19 -50.32
C LYS B 462 23.58 15.22 -51.11
N ASP B 463 23.75 15.27 -52.43
CA ASP B 463 22.65 15.34 -53.39
C ASP B 463 21.56 14.26 -53.26
N ALA B 464 21.95 12.99 -53.30
CA ALA B 464 20.99 11.91 -53.16
C ALA B 464 20.07 12.18 -51.96
N PRO B 465 20.64 12.48 -50.78
CA PRO B 465 19.81 12.75 -49.60
C PRO B 465 18.86 13.94 -49.78
N ILE B 466 19.34 15.02 -50.39
CA ILE B 466 18.50 16.19 -50.61
C ILE B 466 17.31 15.81 -51.48
N GLN B 467 17.53 14.94 -52.46
CA GLN B 467 16.46 14.49 -53.35
C GLN B 467 15.44 13.62 -52.63
N ASP B 468 15.91 12.51 -52.05
CA ASP B 468 15.03 11.61 -51.31
C ASP B 468 14.21 12.49 -50.37
N TRP B 469 14.83 13.58 -49.95
CA TRP B 469 14.24 14.56 -49.06
C TRP B 469 13.08 15.27 -49.72
N VAL B 470 13.39 16.11 -50.70
CA VAL B 470 12.37 16.86 -51.45
C VAL B 470 11.17 16.01 -51.80
N LYS B 471 11.40 14.76 -52.21
CA LYS B 471 10.30 13.88 -52.54
C LYS B 471 9.41 13.76 -51.33
N LEU B 472 9.87 13.01 -50.34
CA LEU B 472 9.16 12.79 -49.09
C LEU B 472 8.45 14.06 -48.61
N ALA B 473 9.06 15.21 -48.86
CA ALA B 473 8.46 16.47 -48.47
C ALA B 473 7.12 16.52 -49.19
N VAL B 474 7.16 16.57 -50.53
CA VAL B 474 5.96 16.61 -51.34
C VAL B 474 5.00 15.51 -50.88
N ASN B 475 5.49 14.27 -50.84
CA ASN B 475 4.69 13.13 -50.41
C ASN B 475 3.77 13.52 -49.27
N ARG B 476 4.36 13.96 -48.16
CA ARG B 476 3.55 14.35 -47.00
C ARG B 476 2.59 15.47 -47.37
N ALA B 477 3.10 16.47 -48.09
CA ALA B 477 2.27 17.58 -48.49
C ALA B 477 0.97 17.07 -49.11
N ARG B 478 1.10 16.04 -49.94
CA ARG B 478 -0.03 15.44 -50.63
C ARG B 478 -0.94 14.66 -49.68
N ALA B 479 -0.41 13.56 -49.16
CA ALA B 479 -1.16 12.70 -48.26
C ALA B 479 -2.07 13.43 -47.25
N THR B 480 -1.58 14.53 -46.69
CA THR B 480 -2.37 15.28 -45.71
C THR B 480 -3.06 16.47 -46.37
N ASN B 481 -2.41 16.99 -47.41
CA ASN B 481 -2.94 18.12 -48.15
C ASN B 481 -2.92 19.34 -47.24
N THR B 482 -1.77 19.57 -46.64
CA THR B 482 -1.55 20.68 -45.74
C THR B 482 -0.43 21.54 -46.32
N PRO B 483 -0.39 22.84 -45.98
CA PRO B 483 0.70 23.63 -46.56
C PRO B 483 2.01 23.08 -46.02
N ALA B 484 3.11 23.27 -46.75
CA ALA B 484 4.41 22.76 -46.29
C ALA B 484 5.51 23.74 -46.65
N VAL B 485 6.24 24.19 -45.63
CA VAL B 485 7.32 25.16 -45.82
C VAL B 485 8.73 24.59 -45.68
N PHE B 486 9.63 25.09 -46.52
CA PHE B 486 11.03 24.70 -46.44
C PHE B 486 11.68 25.80 -45.62
N TRP B 487 12.29 25.48 -44.48
CA TRP B 487 12.95 26.52 -43.69
C TRP B 487 14.39 26.72 -44.16
N LEU B 488 14.58 27.53 -45.20
CA LEU B 488 15.92 27.76 -45.74
C LEU B 488 16.27 29.23 -45.86
N ASP B 489 17.26 29.65 -45.06
CA ASP B 489 17.69 31.04 -45.03
C ASP B 489 18.67 31.40 -46.14
N PRO B 490 18.29 32.38 -46.97
CA PRO B 490 19.12 32.85 -48.09
C PRO B 490 20.42 33.49 -47.60
N ALA B 491 20.38 34.03 -46.40
CA ALA B 491 21.55 34.66 -45.82
C ALA B 491 22.70 33.63 -45.77
N ARG B 492 22.37 32.40 -45.37
CA ARG B 492 23.36 31.33 -45.26
C ARG B 492 23.81 30.76 -46.62
N ALA B 493 25.08 30.97 -46.95
CA ALA B 493 25.66 30.49 -48.19
C ALA B 493 25.33 29.01 -48.42
N HIS B 494 25.01 28.32 -47.34
CA HIS B 494 24.68 26.91 -47.41
C HIS B 494 23.23 26.74 -47.82
N ASP B 495 22.32 27.15 -46.94
CA ASP B 495 20.89 27.05 -47.19
C ASP B 495 20.61 27.56 -48.60
N ALA B 496 21.37 28.57 -48.99
CA ALA B 496 21.22 29.17 -50.29
C ALA B 496 21.37 28.17 -51.42
N GLN B 497 22.46 27.42 -51.42
CA GLN B 497 22.67 26.44 -52.48
C GLN B 497 21.73 25.27 -52.34
N VAL B 498 21.22 25.05 -51.13
CA VAL B 498 20.30 23.95 -50.92
C VAL B 498 18.95 24.41 -51.48
N ILE B 499 18.74 25.72 -51.48
CA ILE B 499 17.50 26.26 -52.02
C ILE B 499 17.44 26.04 -53.52
N ALA B 500 18.57 26.22 -54.19
CA ALA B 500 18.63 26.01 -55.63
C ALA B 500 18.18 24.57 -55.87
N LYS B 501 18.77 23.65 -55.11
CA LYS B 501 18.45 22.23 -55.23
C LYS B 501 16.93 22.03 -55.18
N VAL B 502 16.33 22.42 -54.07
CA VAL B 502 14.89 22.27 -53.89
C VAL B 502 14.06 22.87 -55.03
N GLU B 503 14.23 24.16 -55.26
CA GLU B 503 13.47 24.84 -56.30
C GLU B 503 13.46 24.05 -57.59
N ARG B 504 14.62 23.45 -57.92
CA ARG B 504 14.76 22.70 -59.15
C ARG B 504 14.22 21.27 -59.08
N TYR B 505 14.07 20.72 -57.87
CA TYR B 505 13.58 19.35 -57.75
C TYR B 505 12.09 19.24 -57.63
N LEU B 506 11.44 20.29 -57.14
CA LEU B 506 9.99 20.26 -57.02
C LEU B 506 9.44 20.20 -58.43
N LYS B 507 10.22 20.73 -59.37
CA LYS B 507 9.85 20.73 -60.79
C LYS B 507 10.00 19.34 -61.38
N ASP B 508 10.05 18.34 -60.49
CA ASP B 508 10.16 16.95 -60.91
C ASP B 508 8.96 16.20 -60.39
N TYR B 509 8.16 16.86 -59.55
CA TYR B 509 6.97 16.25 -58.98
C TYR B 509 5.70 17.06 -59.26
N ASP B 510 4.59 16.57 -58.72
CA ASP B 510 3.30 17.22 -58.89
C ASP B 510 3.09 18.27 -57.79
N THR B 511 3.01 19.54 -58.20
CA THR B 511 2.81 20.66 -57.28
C THR B 511 1.36 21.15 -57.23
N SER B 512 0.60 20.79 -58.25
CA SER B 512 -0.80 21.19 -58.39
C SER B 512 -1.72 20.94 -57.19
N GLY B 513 -2.20 22.02 -56.59
CA GLY B 513 -3.10 21.90 -55.46
C GLY B 513 -2.42 21.78 -54.11
N LEU B 514 -1.13 22.08 -54.08
CA LEU B 514 -0.35 22.04 -52.85
C LEU B 514 0.18 23.43 -52.52
N ASP B 515 0.14 23.79 -51.24
CA ASP B 515 0.62 25.09 -50.78
C ASP B 515 2.09 24.98 -50.33
N ILE B 516 2.97 24.60 -51.25
CA ILE B 516 4.39 24.47 -50.95
C ILE B 516 5.10 25.78 -51.19
N ARG B 517 5.87 26.25 -50.22
CA ARG B 517 6.61 27.50 -50.37
C ARG B 517 7.87 27.51 -49.49
N ILE B 518 8.85 28.31 -49.90
CA ILE B 518 10.11 28.38 -49.17
C ILE B 518 10.31 29.69 -48.40
N LEU B 519 10.68 29.58 -47.11
CA LEU B 519 10.89 30.76 -46.29
C LEU B 519 12.06 30.62 -45.33
N SER B 520 12.44 31.75 -44.71
CA SER B 520 13.52 31.78 -43.74
C SER B 520 12.98 31.21 -42.43
N PRO B 521 13.84 30.49 -41.68
CA PRO B 521 13.39 29.90 -40.40
C PRO B 521 12.67 30.95 -39.58
N VAL B 522 13.04 32.21 -39.79
CA VAL B 522 12.44 33.31 -39.06
C VAL B 522 11.02 33.50 -39.56
N GLU B 523 10.89 33.72 -40.88
CA GLU B 523 9.60 33.91 -41.52
C GLU B 523 8.76 32.66 -41.32
N ALA B 524 9.41 31.52 -41.52
CA ALA B 524 8.76 30.21 -41.37
C ALA B 524 8.16 29.99 -40.01
N THR B 525 8.86 30.40 -38.94
CA THR B 525 8.32 30.21 -37.59
C THR B 525 7.11 31.11 -37.41
N ARG B 526 7.10 32.26 -38.09
CA ARG B 526 5.98 33.18 -37.98
C ARG B 526 4.79 32.62 -38.73
N PHE B 527 4.99 32.35 -40.03
CA PHE B 527 3.92 31.80 -40.86
C PHE B 527 3.33 30.57 -40.17
N SER B 528 4.17 29.83 -39.44
CA SER B 528 3.74 28.63 -38.74
C SER B 528 2.97 28.96 -37.47
N LEU B 529 3.61 29.68 -36.56
CA LEU B 529 2.96 30.06 -35.32
C LEU B 529 1.65 30.79 -35.61
N ALA B 530 1.52 31.31 -36.83
CA ALA B 530 0.29 32.00 -37.23
C ALA B 530 -0.79 30.94 -37.36
N ARG B 531 -0.67 30.15 -38.42
CA ARG B 531 -1.58 29.06 -38.71
C ARG B 531 -1.84 28.22 -37.48
N ILE B 532 -0.82 28.03 -36.67
CA ILE B 532 -0.98 27.20 -35.50
C ILE B 532 -2.03 27.69 -34.52
N ARG B 533 -1.89 28.91 -34.01
CA ARG B 533 -2.85 29.44 -33.04
C ARG B 533 -4.30 29.53 -33.52
N GLU B 534 -4.50 29.88 -34.78
CA GLU B 534 -5.85 29.96 -35.31
C GLU B 534 -6.36 28.53 -35.51
N GLY B 535 -5.47 27.55 -35.30
CA GLY B 535 -5.85 26.15 -35.40
C GLY B 535 -5.60 25.42 -36.71
N LYS B 536 -4.62 25.89 -37.49
CA LYS B 536 -4.34 25.25 -38.77
C LYS B 536 -2.97 24.58 -38.81
N ASP B 537 -2.88 23.43 -39.50
CA ASP B 537 -1.62 22.68 -39.61
C ASP B 537 -0.67 23.27 -40.63
N THR B 538 0.56 22.77 -40.62
CA THR B 538 1.57 23.23 -41.54
C THR B 538 2.87 22.41 -41.48
N ILE B 539 3.01 21.53 -42.46
CA ILE B 539 4.16 20.64 -42.61
C ILE B 539 5.48 21.40 -42.60
N SER B 540 6.39 20.96 -41.75
CA SER B 540 7.69 21.60 -41.62
C SER B 540 8.83 20.87 -42.32
N VAL B 541 9.24 21.36 -43.50
CA VAL B 541 10.33 20.73 -44.22
C VAL B 541 11.64 21.49 -43.89
N THR B 542 12.51 20.87 -43.09
CA THR B 542 13.74 21.54 -42.70
C THR B 542 14.99 20.71 -42.74
N GLY B 543 16.12 21.37 -42.48
CA GLY B 543 17.39 20.70 -42.46
C GLY B 543 17.46 19.67 -41.36
N ASN B 544 18.68 19.23 -41.04
CA ASN B 544 18.90 18.22 -40.01
C ASN B 544 18.87 18.75 -38.56
N VAL B 545 19.47 19.91 -38.34
CA VAL B 545 19.48 20.49 -36.99
C VAL B 545 18.09 20.94 -36.59
N LEU B 546 17.42 21.67 -37.47
CA LEU B 546 16.07 22.13 -37.19
C LEU B 546 15.18 20.92 -37.00
N ARG B 547 15.39 19.91 -37.84
CA ARG B 547 14.63 18.67 -37.78
C ARG B 547 14.45 18.26 -36.35
N ASP B 548 15.51 18.32 -35.57
CA ASP B 548 15.45 17.96 -34.15
C ASP B 548 14.73 19.08 -33.41
N TYR B 549 15.40 20.22 -33.28
CA TYR B 549 14.83 21.36 -32.57
C TYR B 549 13.31 21.41 -32.59
N LEU B 550 12.73 21.35 -33.79
CA LEU B 550 11.28 21.41 -33.95
C LEU B 550 10.50 20.21 -33.46
N THR B 551 10.92 19.00 -33.86
CA THR B 551 10.24 17.77 -33.46
C THR B 551 10.23 17.65 -31.95
N ASP B 552 11.13 18.37 -31.31
CA ASP B 552 11.20 18.36 -29.85
C ASP B 552 10.39 19.54 -29.36
N LEU B 553 10.46 20.64 -30.10
CA LEU B 553 9.72 21.83 -29.74
C LEU B 553 8.21 21.66 -29.88
N PHE B 554 7.69 21.94 -31.06
CA PHE B 554 6.26 21.86 -31.25
C PHE B 554 5.59 20.67 -30.57
N PRO B 555 6.08 19.44 -30.83
CA PRO B 555 5.41 18.33 -30.16
C PRO B 555 5.26 18.52 -28.67
N ILE B 556 6.28 19.05 -28.01
CA ILE B 556 6.16 19.27 -26.57
C ILE B 556 4.98 20.17 -26.27
N MET B 557 4.91 21.31 -26.93
CA MET B 557 3.80 22.25 -26.72
C MET B 557 2.41 21.61 -26.88
N GLU B 558 2.23 20.83 -27.93
CA GLU B 558 0.94 20.22 -28.19
C GLU B 558 0.66 18.85 -27.57
N LEU B 559 1.66 18.02 -27.39
CA LEU B 559 1.41 16.71 -26.83
C LEU B 559 2.05 16.54 -25.46
N GLY B 560 2.74 17.58 -25.02
CA GLY B 560 3.40 17.55 -23.74
C GLY B 560 4.74 16.87 -23.92
N THR B 561 4.78 15.79 -24.69
CA THR B 561 6.02 15.08 -24.94
C THR B 561 6.28 14.77 -26.40
N SER B 562 7.56 14.79 -26.77
CA SER B 562 7.96 14.51 -28.15
C SER B 562 7.94 13.00 -28.23
N ALA B 563 8.20 12.37 -27.11
CA ALA B 563 8.21 10.92 -27.05
C ALA B 563 6.86 10.40 -27.49
N LYS B 564 5.85 11.22 -27.25
CA LYS B 564 4.48 10.84 -27.58
C LYS B 564 4.11 10.93 -29.06
N MET B 565 5.10 10.79 -29.94
CA MET B 565 4.76 10.83 -31.34
C MET B 565 5.43 9.84 -32.27
N LEU B 566 5.03 9.90 -33.53
CA LEU B 566 5.52 8.99 -34.55
C LEU B 566 6.78 9.51 -35.27
N SER B 567 7.78 8.62 -35.40
CA SER B 567 9.01 8.98 -36.09
C SER B 567 9.48 7.83 -36.96
N ILE B 568 9.19 7.95 -38.26
CA ILE B 568 9.58 6.93 -39.22
C ILE B 568 10.73 7.37 -40.12
N VAL B 569 11.72 6.50 -40.26
CA VAL B 569 12.87 6.79 -41.10
C VAL B 569 12.88 5.79 -42.24
N PRO B 570 12.44 6.22 -43.45
CA PRO B 570 12.39 5.39 -44.66
C PRO B 570 13.81 5.20 -45.15
N LEU B 571 14.43 4.07 -44.81
CA LEU B 571 15.81 3.83 -45.23
C LEU B 571 15.92 3.85 -46.76
N MET B 572 16.95 4.53 -47.26
CA MET B 572 17.19 4.64 -48.70
C MET B 572 17.77 3.37 -49.27
N SER B 573 17.04 2.28 -49.06
CA SER B 573 17.43 0.97 -49.51
C SER B 573 16.38 0.08 -48.87
N GLY B 574 15.14 0.32 -49.26
CA GLY B 574 13.98 -0.43 -48.77
C GLY B 574 13.96 -0.89 -47.32
N GLY B 575 14.76 -0.26 -46.47
CA GLY B 575 14.81 -0.65 -45.08
C GLY B 575 13.81 0.10 -44.23
N GLY B 576 13.88 -0.07 -42.92
CA GLY B 576 12.96 0.63 -42.05
C GLY B 576 13.52 0.96 -40.68
N LEU B 577 13.79 2.24 -40.45
CA LEU B 577 14.27 2.62 -39.15
C LEU B 577 13.06 3.21 -38.43
N PHE B 578 12.58 2.50 -37.41
CA PHE B 578 11.43 2.97 -36.67
C PHE B 578 11.81 3.50 -35.30
N GLU B 579 12.03 4.81 -35.22
CA GLU B 579 12.39 5.45 -33.96
C GLU B 579 11.17 5.52 -33.03
N THR B 580 11.43 5.44 -31.73
CA THR B 580 10.39 5.46 -30.72
C THR B 580 9.67 6.79 -30.66
N GLY B 581 10.35 7.81 -30.15
CA GLY B 581 9.74 9.12 -30.05
C GLY B 581 10.77 10.18 -30.41
N ALA B 582 10.33 11.42 -30.52
CA ALA B 582 11.25 12.50 -30.86
C ALA B 582 12.07 12.91 -29.64
N GLY B 583 11.98 12.11 -28.58
CA GLY B 583 12.71 12.42 -27.36
C GLY B 583 13.92 11.54 -27.11
N GLY B 584 14.52 11.68 -25.92
CA GLY B 584 15.69 10.88 -25.58
C GLY B 584 15.41 10.05 -24.35
N SER B 585 16.44 9.48 -23.73
CA SER B 585 16.26 8.69 -22.52
C SER B 585 15.76 9.73 -21.55
N ALA B 586 15.39 9.36 -20.34
CA ALA B 586 14.91 10.38 -19.42
C ALA B 586 15.63 10.24 -18.09
N PRO B 587 16.87 10.74 -18.02
CA PRO B 587 17.68 10.66 -16.81
C PRO B 587 16.84 10.76 -15.53
N LYS B 588 16.13 11.87 -15.39
CA LYS B 588 15.30 12.11 -14.23
C LYS B 588 14.31 10.98 -14.00
N HIS B 589 13.87 10.34 -15.09
CA HIS B 589 12.93 9.23 -14.99
C HIS B 589 13.52 8.04 -14.28
N VAL B 590 14.85 7.95 -14.26
CA VAL B 590 15.54 6.86 -13.59
C VAL B 590 15.72 7.25 -12.15
N GLN B 591 16.01 8.54 -11.97
CA GLN B 591 16.22 9.13 -10.65
C GLN B 591 15.01 8.85 -9.76
N GLN B 592 13.82 9.02 -10.32
CA GLN B 592 12.61 8.75 -9.56
C GLN B 592 12.44 7.26 -9.29
N PHE B 593 12.70 6.43 -10.31
CA PHE B 593 12.53 4.99 -10.17
C PHE B 593 13.43 4.43 -9.09
N LEU B 594 14.66 4.93 -9.02
CA LEU B 594 15.62 4.45 -8.03
C LEU B 594 15.37 5.01 -6.64
N GLU B 595 14.32 5.79 -6.49
CA GLU B 595 13.97 6.37 -5.19
C GLU B 595 12.58 5.96 -4.75
N GLU B 596 11.58 6.27 -5.57
CA GLU B 596 10.20 5.92 -5.25
C GLU B 596 9.74 4.58 -5.82
N GLY B 597 10.39 4.12 -6.88
CA GLY B 597 9.97 2.87 -7.48
C GLY B 597 8.87 3.18 -8.46
N TYR B 598 8.94 4.39 -9.01
CA TYR B 598 7.96 4.83 -9.98
C TYR B 598 8.67 5.20 -11.27
N LEU B 599 8.10 4.79 -12.39
CA LEU B 599 8.66 5.09 -13.69
C LEU B 599 7.58 5.78 -14.53
N ARG B 600 7.67 7.10 -14.65
CA ARG B 600 6.67 7.85 -15.42
C ARG B 600 6.94 7.93 -16.92
N TRP B 601 7.99 7.24 -17.37
CA TRP B 601 8.33 7.19 -18.77
C TRP B 601 7.13 6.68 -19.58
N ASP B 602 6.75 7.44 -20.60
CA ASP B 602 5.60 7.07 -21.44
C ASP B 602 6.13 6.16 -22.56
N SER B 603 5.56 4.97 -22.71
CA SER B 603 6.02 4.06 -23.75
C SER B 603 5.19 4.11 -25.03
N LEU B 604 4.40 5.18 -25.21
CA LEU B 604 3.58 5.33 -26.40
C LEU B 604 4.44 5.46 -27.66
N GLY B 605 5.66 5.96 -27.47
CA GLY B 605 6.56 6.10 -28.60
C GLY B 605 6.79 4.76 -29.22
N GLU B 606 7.03 3.76 -28.36
CA GLU B 606 7.29 2.38 -28.76
C GLU B 606 6.06 1.70 -29.33
N PHE B 607 4.91 1.90 -28.71
CA PHE B 607 3.66 1.28 -29.20
C PHE B 607 3.43 1.67 -30.65
N LEU B 608 3.78 2.91 -30.97
CA LEU B 608 3.59 3.37 -32.32
C LEU B 608 4.65 2.74 -33.19
N ALA B 609 5.89 2.77 -32.71
CA ALA B 609 7.04 2.21 -33.43
C ALA B 609 6.80 0.75 -33.79
N LEU B 610 6.32 -0.03 -32.81
CA LEU B 610 6.04 -1.45 -33.01
C LEU B 610 4.96 -1.55 -34.07
N ALA B 611 3.81 -0.98 -33.76
CA ALA B 611 2.70 -0.98 -34.68
C ALA B 611 3.14 -0.48 -36.06
N ALA B 612 4.36 0.06 -36.15
CA ALA B 612 4.88 0.58 -37.40
C ALA B 612 5.71 -0.45 -38.15
N SER B 613 6.59 -1.13 -37.43
CA SER B 613 7.45 -2.15 -38.03
C SER B 613 6.74 -3.48 -38.22
N LEU B 614 5.72 -3.75 -37.42
CA LEU B 614 5.00 -5.00 -37.59
C LEU B 614 4.33 -4.94 -38.95
N GLU B 615 3.99 -3.74 -39.41
CA GLU B 615 3.35 -3.59 -40.70
C GLU B 615 4.39 -3.71 -41.82
N HIS B 616 5.47 -2.93 -41.72
CA HIS B 616 6.54 -2.96 -42.72
C HIS B 616 6.89 -4.43 -42.99
N LEU B 617 6.86 -5.21 -41.91
CA LEU B 617 7.14 -6.63 -41.99
C LEU B 617 6.10 -7.20 -42.94
N GLY B 618 4.90 -7.41 -42.43
CA GLY B 618 3.82 -7.96 -43.22
C GLY B 618 3.67 -7.45 -44.65
N ASN B 619 3.87 -6.16 -44.89
CA ASN B 619 3.74 -5.60 -46.23
C ASN B 619 4.84 -6.02 -47.20
N ALA B 620 6.09 -5.93 -46.76
CA ALA B 620 7.22 -6.31 -47.60
C ALA B 620 7.36 -7.83 -47.76
N TYR B 621 6.55 -8.58 -47.02
CA TYR B 621 6.61 -10.03 -47.07
C TYR B 621 5.26 -10.71 -47.31
N LYS B 622 5.26 -12.02 -47.12
CA LYS B 622 4.06 -12.84 -47.29
C LYS B 622 3.46 -13.06 -45.92
N ASN B 623 3.43 -12.04 -45.07
CA ASN B 623 2.90 -12.24 -43.74
C ASN B 623 1.60 -11.55 -43.40
N PRO B 624 0.49 -12.30 -43.39
CA PRO B 624 -0.79 -11.68 -43.05
C PRO B 624 -0.78 -11.49 -41.54
N LYS B 625 -0.44 -12.57 -40.83
CA LYS B 625 -0.37 -12.56 -39.39
C LYS B 625 0.25 -11.26 -38.89
N ALA B 626 1.33 -10.83 -39.53
CA ALA B 626 2.01 -9.59 -39.15
C ALA B 626 1.00 -8.47 -39.25
N LEU B 627 0.39 -8.34 -40.42
CA LEU B 627 -0.62 -7.31 -40.68
C LEU B 627 -1.78 -7.33 -39.67
N VAL B 628 -2.00 -8.48 -39.03
CA VAL B 628 -3.07 -8.61 -38.06
C VAL B 628 -2.65 -8.18 -36.66
N LEU B 629 -1.51 -8.69 -36.19
CA LEU B 629 -1.07 -8.31 -34.86
C LEU B 629 -0.59 -6.85 -34.81
N ALA B 630 -0.47 -6.23 -35.98
CA ALA B 630 -0.08 -4.82 -36.04
C ALA B 630 -1.37 -4.02 -36.14
N SER B 631 -2.33 -4.58 -36.87
CA SER B 631 -3.63 -3.95 -37.05
C SER B 631 -4.31 -3.83 -35.71
N THR B 632 -4.12 -4.86 -34.88
CA THR B 632 -4.68 -4.90 -33.55
C THR B 632 -3.85 -4.00 -32.63
N LEU B 633 -2.54 -4.21 -32.63
CA LEU B 633 -1.69 -3.37 -31.81
C LEU B 633 -2.12 -1.92 -32.02
N ASP B 634 -2.21 -1.51 -33.28
CA ASP B 634 -2.62 -0.15 -33.59
C ASP B 634 -3.80 0.17 -32.69
N GLN B 635 -4.74 -0.77 -32.63
CA GLN B 635 -5.97 -0.64 -31.86
C GLN B 635 -5.81 -0.57 -30.35
N ALA B 636 -5.22 -1.62 -29.77
CA ALA B 636 -5.02 -1.66 -28.32
C ALA B 636 -4.41 -0.33 -27.89
N THR B 637 -3.57 0.26 -28.75
CA THR B 637 -2.96 1.54 -28.45
C THR B 637 -4.11 2.51 -28.28
N GLY B 638 -4.94 2.60 -29.30
CA GLY B 638 -6.09 3.48 -29.25
C GLY B 638 -6.76 3.36 -27.89
N LYS B 639 -7.10 2.15 -27.51
CA LYS B 639 -7.73 1.91 -26.23
C LYS B 639 -6.88 2.41 -25.07
N ILE B 640 -5.59 2.61 -25.30
CA ILE B 640 -4.73 3.11 -24.23
C ILE B 640 -5.06 4.60 -24.04
N LEU B 641 -5.12 5.30 -25.16
CA LEU B 641 -5.41 6.73 -25.14
C LEU B 641 -6.87 7.05 -24.85
N ASP B 642 -7.74 6.08 -25.05
CA ASP B 642 -9.17 6.28 -24.83
C ASP B 642 -9.64 6.00 -23.40
N ASN B 643 -8.93 5.15 -22.68
CA ASN B 643 -9.34 4.84 -21.32
C ASN B 643 -8.32 5.41 -20.34
N ASN B 644 -7.42 6.23 -20.87
CA ASN B 644 -6.40 6.87 -20.07
C ASN B 644 -5.53 5.91 -19.26
N LYS B 645 -5.02 4.88 -19.93
CA LYS B 645 -4.19 3.91 -19.25
C LYS B 645 -2.72 4.25 -19.44
N SER B 646 -2.44 5.55 -19.48
CA SER B 646 -1.07 6.04 -19.64
C SER B 646 -0.56 6.50 -18.28
N PRO B 647 0.75 6.38 -18.05
CA PRO B 647 1.45 6.74 -16.82
C PRO B 647 1.08 8.05 -16.18
N ALA B 648 0.80 8.00 -14.88
CA ALA B 648 0.48 9.20 -14.13
C ALA B 648 1.83 9.85 -13.80
N ARG B 649 1.86 10.75 -12.84
CA ARG B 649 3.12 11.39 -12.50
C ARG B 649 3.66 10.99 -11.13
N LYS B 650 2.77 10.94 -10.14
CA LYS B 650 3.19 10.59 -8.79
C LYS B 650 2.76 9.18 -8.40
N VAL B 651 3.43 8.63 -7.38
CA VAL B 651 3.14 7.29 -6.88
C VAL B 651 1.65 7.15 -6.63
N GLY B 652 1.15 5.93 -6.81
CA GLY B 652 -0.26 5.67 -6.62
C GLY B 652 -0.90 5.09 -7.87
N GLU B 653 -1.14 5.92 -8.88
CA GLU B 653 -1.80 5.41 -10.08
C GLU B 653 -0.99 5.16 -11.37
N ILE B 654 -1.11 3.93 -11.87
CA ILE B 654 -0.55 3.43 -13.13
C ILE B 654 0.91 3.16 -13.58
N ASP B 655 1.93 3.86 -13.10
CA ASP B 655 3.32 3.52 -13.52
C ASP B 655 3.53 3.15 -15.02
N ASN B 656 4.50 2.26 -15.29
CA ASN B 656 4.81 1.84 -16.66
C ASN B 656 4.29 0.45 -17.01
N ARG B 657 4.68 -0.59 -16.28
CA ARG B 657 4.19 -1.92 -16.62
C ARG B 657 2.69 -1.93 -16.40
N GLY B 658 2.19 -0.87 -15.78
CA GLY B 658 0.76 -0.75 -15.56
C GLY B 658 0.16 -0.57 -16.94
N SER B 659 0.77 0.33 -17.69
CA SER B 659 0.32 0.59 -19.06
C SER B 659 0.72 -0.62 -19.89
N HIS B 660 1.99 -1.02 -19.80
CA HIS B 660 2.45 -2.18 -20.54
C HIS B 660 1.44 -3.31 -20.32
N PHE B 661 0.82 -3.34 -19.15
CA PHE B 661 -0.18 -4.36 -18.85
C PHE B 661 -1.41 -4.15 -19.71
N TYR B 662 -1.94 -2.94 -19.69
CA TYR B 662 -3.11 -2.69 -20.49
C TYR B 662 -2.81 -2.93 -21.95
N LEU B 663 -1.62 -2.54 -22.39
CA LEU B 663 -1.25 -2.78 -23.77
C LEU B 663 -1.42 -4.28 -23.98
N ALA B 664 -0.75 -5.05 -23.11
CA ALA B 664 -0.80 -6.50 -23.13
C ALA B 664 -2.25 -6.98 -23.08
N LEU B 665 -3.03 -6.36 -22.18
CA LEU B 665 -4.44 -6.70 -22.00
C LEU B 665 -5.23 -6.39 -23.27
N TYR B 666 -5.33 -5.11 -23.58
CA TYR B 666 -6.08 -4.69 -24.75
C TYR B 666 -5.62 -5.35 -26.05
N TRP B 667 -4.37 -5.78 -26.10
CA TRP B 667 -3.84 -6.40 -27.32
C TRP B 667 -4.37 -7.80 -27.43
N ALA B 668 -4.21 -8.55 -26.34
CA ALA B 668 -4.67 -9.93 -26.31
C ALA B 668 -6.14 -9.94 -26.72
N GLN B 669 -6.94 -9.11 -26.06
CA GLN B 669 -8.36 -9.06 -26.37
C GLN B 669 -8.58 -8.68 -27.83
N ALA B 670 -7.96 -7.59 -28.27
CA ALA B 670 -8.11 -7.13 -29.64
C ALA B 670 -7.90 -8.26 -30.64
N LEU B 671 -6.98 -9.17 -30.32
CA LEU B 671 -6.66 -10.29 -31.21
C LEU B 671 -7.68 -11.40 -31.07
N ALA B 672 -7.92 -11.80 -29.82
CA ALA B 672 -8.85 -12.89 -29.50
C ALA B 672 -10.30 -12.50 -29.71
N ALA B 673 -10.51 -11.42 -30.44
CA ALA B 673 -11.86 -10.95 -30.70
C ALA B 673 -12.03 -10.64 -32.18
N GLN B 674 -11.05 -11.01 -32.99
CA GLN B 674 -11.11 -10.78 -34.42
C GLN B 674 -11.26 -12.10 -35.16
N THR B 675 -11.35 -12.02 -36.47
CA THR B 675 -11.51 -13.21 -37.27
C THR B 675 -10.74 -13.10 -38.57
N GLU B 676 -9.81 -12.15 -38.61
CA GLU B 676 -8.98 -11.99 -39.80
C GLU B 676 -8.10 -13.23 -39.85
N ASP B 677 -7.77 -13.73 -38.67
CA ASP B 677 -6.95 -14.92 -38.52
C ASP B 677 -7.48 -15.70 -37.33
N LYS B 678 -8.30 -16.72 -37.62
CA LYS B 678 -8.89 -17.57 -36.58
C LYS B 678 -7.82 -18.17 -35.67
N GLU B 679 -6.67 -18.50 -36.26
CA GLU B 679 -5.56 -19.11 -35.53
C GLU B 679 -5.17 -18.22 -34.37
N LEU B 680 -4.71 -17.00 -34.68
CA LEU B 680 -4.33 -16.07 -33.63
C LEU B 680 -5.49 -15.96 -32.64
N GLN B 681 -6.69 -15.67 -33.15
CA GLN B 681 -7.87 -15.55 -32.30
C GLN B 681 -7.97 -16.69 -31.30
N ALA B 682 -7.64 -17.89 -31.78
CA ALA B 682 -7.70 -19.08 -30.94
C ALA B 682 -6.53 -19.16 -29.95
N GLN B 683 -5.31 -18.96 -30.43
CA GLN B 683 -4.14 -19.03 -29.56
C GLN B 683 -3.82 -17.69 -28.89
N PHE B 684 -4.87 -17.01 -28.43
CA PHE B 684 -4.72 -15.72 -27.74
C PHE B 684 -5.91 -15.51 -26.82
N THR B 685 -6.90 -16.39 -26.94
CA THR B 685 -8.08 -16.34 -26.09
C THR B 685 -7.66 -16.78 -24.69
N GLY B 686 -6.85 -17.85 -24.65
CA GLY B 686 -6.38 -18.36 -23.38
C GLY B 686 -5.84 -17.25 -22.50
N ILE B 687 -5.25 -16.25 -23.16
CA ILE B 687 -4.69 -15.09 -22.48
C ILE B 687 -5.80 -14.03 -22.30
N ALA B 688 -6.35 -13.55 -23.41
CA ALA B 688 -7.41 -12.57 -23.39
C ALA B 688 -8.29 -12.72 -22.16
N LYS B 689 -8.76 -13.93 -21.90
CA LYS B 689 -9.63 -14.16 -20.73
C LYS B 689 -8.82 -14.66 -19.54
N ALA B 690 -7.88 -13.85 -19.10
CA ALA B 690 -7.02 -14.18 -17.95
C ALA B 690 -6.51 -12.83 -17.51
N LEU B 691 -6.30 -11.97 -18.49
CA LEU B 691 -5.82 -10.63 -18.24
C LEU B 691 -6.97 -9.75 -17.78
N THR B 692 -8.21 -10.12 -18.10
CA THR B 692 -9.32 -9.30 -17.65
C THR B 692 -9.62 -9.75 -16.24
N ASP B 693 -9.66 -11.06 -16.07
CA ASP B 693 -9.95 -11.68 -14.80
C ASP B 693 -8.99 -11.27 -13.70
N ASN B 694 -7.71 -11.12 -14.06
CA ASN B 694 -6.73 -10.73 -13.07
C ASN B 694 -6.30 -9.27 -13.15
N GLU B 695 -7.04 -8.46 -13.91
CA GLU B 695 -6.70 -7.05 -14.04
C GLU B 695 -6.59 -6.39 -12.68
N THR B 696 -7.69 -6.38 -11.94
CA THR B 696 -7.73 -5.78 -10.60
C THR B 696 -6.57 -6.25 -9.71
N LYS B 697 -6.27 -7.55 -9.74
CA LYS B 697 -5.19 -8.12 -8.93
C LYS B 697 -3.84 -7.67 -9.47
N ILE B 698 -3.59 -7.92 -10.76
CA ILE B 698 -2.33 -7.54 -11.40
C ILE B 698 -2.02 -6.08 -11.09
N VAL B 699 -2.93 -5.19 -11.49
CA VAL B 699 -2.73 -3.77 -11.24
C VAL B 699 -2.23 -3.66 -9.80
N GLY B 700 -2.93 -4.33 -8.90
CA GLY B 700 -2.55 -4.29 -7.50
C GLY B 700 -1.14 -4.80 -7.25
N GLU B 701 -0.82 -5.95 -7.84
CA GLU B 701 0.51 -6.52 -7.67
C GLU B 701 1.58 -5.55 -8.15
N LEU B 702 1.27 -4.80 -9.21
CA LEU B 702 2.22 -3.84 -9.76
C LEU B 702 2.42 -2.64 -8.83
N ALA B 703 1.33 -1.92 -8.54
CA ALA B 703 1.40 -0.76 -7.65
C ALA B 703 1.97 -1.17 -6.30
N ALA B 704 1.98 -2.47 -6.04
CA ALA B 704 2.50 -3.03 -4.80
C ALA B 704 4.03 -3.02 -4.80
N ALA B 705 4.62 -2.17 -5.63
CA ALA B 705 6.07 -2.09 -5.72
C ALA B 705 6.50 -0.63 -5.81
N GLN B 706 5.51 0.26 -5.68
CA GLN B 706 5.77 1.69 -5.73
C GLN B 706 5.99 2.25 -4.32
N GLY B 707 6.79 3.31 -4.22
CA GLY B 707 7.05 3.91 -2.92
C GLY B 707 8.43 3.63 -2.34
N LYS B 708 8.78 2.35 -2.25
CA LYS B 708 10.08 1.95 -1.71
C LYS B 708 11.17 2.25 -2.74
N PRO B 709 12.44 2.27 -2.30
CA PRO B 709 13.56 2.55 -3.20
C PRO B 709 13.97 1.30 -3.96
N VAL B 710 14.69 1.48 -5.06
CA VAL B 710 15.17 0.35 -5.86
C VAL B 710 16.69 0.39 -5.99
N ASP B 711 17.28 -0.80 -6.03
CA ASP B 711 18.71 -0.93 -6.15
C ASP B 711 19.02 -1.94 -7.24
N ILE B 712 19.63 -1.48 -8.33
CA ILE B 712 19.98 -2.38 -9.43
C ILE B 712 21.49 -2.52 -9.63
N ALA B 713 22.25 -2.30 -8.56
CA ALA B 713 23.71 -2.44 -8.59
C ALA B 713 24.43 -1.63 -9.66
N GLY B 714 23.76 -0.62 -10.23
CA GLY B 714 24.41 0.18 -11.25
C GLY B 714 23.54 1.29 -11.80
N TYR B 715 23.81 1.68 -13.03
CA TYR B 715 23.04 2.73 -13.73
C TYR B 715 23.23 2.59 -15.23
N TYR B 716 24.50 2.51 -15.65
CA TYR B 716 24.84 2.38 -17.06
C TYR B 716 24.93 0.91 -17.44
N HIS B 717 25.18 0.06 -16.45
CA HIS B 717 25.30 -1.36 -16.71
C HIS B 717 24.76 -2.13 -15.52
N PRO B 718 23.47 -1.94 -15.21
CA PRO B 718 22.76 -2.60 -14.10
C PRO B 718 22.93 -4.12 -14.03
N ASN B 719 22.55 -4.67 -12.88
CA ASN B 719 22.58 -6.11 -12.71
C ASN B 719 21.27 -6.49 -13.38
N THR B 720 21.35 -7.13 -14.55
CA THR B 720 20.15 -7.49 -15.31
C THR B 720 19.08 -8.25 -14.53
N ASP B 721 19.50 -9.13 -13.63
CA ASP B 721 18.59 -9.93 -12.82
C ASP B 721 17.74 -9.02 -11.93
N LEU B 722 18.43 -8.31 -11.04
CA LEU B 722 17.76 -7.40 -10.14
C LEU B 722 16.80 -6.47 -10.85
N THR B 723 17.20 -6.02 -12.05
CA THR B 723 16.37 -5.10 -12.86
C THR B 723 15.09 -5.76 -13.35
N SER B 724 15.20 -6.98 -13.85
CA SER B 724 14.02 -7.68 -14.32
C SER B 724 13.01 -7.84 -13.21
N LYS B 725 13.48 -8.23 -12.03
CA LYS B 725 12.55 -8.42 -10.91
C LYS B 725 11.91 -7.12 -10.44
N ALA B 726 12.63 -6.02 -10.57
CA ALA B 726 12.09 -4.72 -10.14
C ALA B 726 11.08 -4.23 -11.18
N MET B 727 11.37 -4.53 -12.45
CA MET B 727 10.50 -4.11 -13.56
C MET B 727 9.37 -5.07 -13.87
N ARG B 728 9.49 -6.29 -13.36
CA ARG B 728 8.47 -7.31 -13.57
C ARG B 728 8.04 -7.87 -12.22
N PRO B 729 7.46 -7.01 -11.37
CA PRO B 729 6.96 -7.30 -10.03
C PRO B 729 5.80 -8.30 -9.98
N SER B 730 4.72 -8.00 -10.70
CA SER B 730 3.53 -8.84 -10.74
C SER B 730 3.85 -10.26 -11.16
N ALA B 731 3.97 -11.16 -10.18
CA ALA B 731 4.29 -12.56 -10.45
C ALA B 731 3.11 -13.27 -11.06
N THR B 732 1.94 -12.65 -10.99
CA THR B 732 0.72 -13.23 -11.55
C THR B 732 0.56 -12.86 -13.03
N PHE B 733 1.07 -11.69 -13.41
CA PHE B 733 1.00 -11.25 -14.79
C PHE B 733 2.02 -12.08 -15.55
N ASN B 734 3.13 -12.41 -14.88
CA ASN B 734 4.19 -13.20 -15.49
C ASN B 734 3.76 -14.62 -15.79
N ALA B 735 3.19 -15.30 -14.78
CA ALA B 735 2.73 -16.68 -14.96
C ALA B 735 1.54 -16.75 -15.91
N ALA B 736 0.95 -15.61 -16.20
CA ALA B 736 -0.18 -15.53 -17.10
C ALA B 736 0.33 -15.07 -18.47
N LEU B 737 1.58 -15.38 -18.77
CA LEU B 737 2.18 -14.97 -20.03
C LEU B 737 3.01 -16.07 -20.67
N ALA B 738 3.84 -16.74 -19.86
CA ALA B 738 4.67 -17.83 -20.38
C ALA B 738 3.81 -18.93 -20.99
N PRO B 739 2.70 -19.31 -20.33
CA PRO B 739 1.83 -20.35 -20.86
C PRO B 739 0.83 -19.75 -21.85
N LEU B 740 1.33 -19.23 -22.97
CA LEU B 740 0.46 -18.62 -23.98
C LEU B 740 -0.57 -19.64 -24.46
N THR C 3 34.77 -56.17 9.54
CA THR C 3 33.49 -56.50 8.84
C THR C 3 32.60 -55.29 8.46
N PRO C 4 32.84 -54.09 9.04
CA PRO C 4 31.99 -52.93 8.67
C PRO C 4 31.42 -53.07 7.26
N LYS C 5 30.10 -53.24 7.18
CA LYS C 5 29.44 -53.47 5.91
C LYS C 5 29.24 -52.32 4.94
N ILE C 6 29.35 -52.68 3.66
CA ILE C 6 29.14 -51.82 2.52
C ILE C 6 28.45 -52.78 1.57
N ILE C 7 27.20 -52.49 1.22
CA ILE C 7 26.45 -53.38 0.33
C ILE C 7 26.51 -52.99 -1.13
N TYR C 8 27.12 -53.84 -1.95
CA TYR C 8 27.20 -53.61 -3.39
C TYR C 8 26.04 -54.46 -3.89
N THR C 9 25.02 -53.84 -4.45
CA THR C 9 23.86 -54.59 -4.91
C THR C 9 24.04 -55.20 -6.28
N LEU C 10 23.43 -56.37 -6.45
CA LEU C 10 23.47 -57.09 -7.71
C LEU C 10 22.13 -56.88 -8.40
N THR C 11 22.17 -56.42 -9.66
CA THR C 11 20.93 -56.14 -10.38
C THR C 11 20.67 -56.91 -11.68
N ASP C 12 20.24 -56.21 -12.72
CA ASP C 12 19.86 -56.93 -13.91
C ASP C 12 20.58 -57.04 -15.25
N GLU C 13 20.65 -55.97 -16.02
CA GLU C 13 21.25 -56.12 -17.33
C GLU C 13 22.72 -55.71 -17.42
N ALA C 14 23.02 -54.63 -18.13
CA ALA C 14 24.39 -54.14 -18.30
C ALA C 14 25.11 -54.02 -16.95
N PRO C 15 24.54 -53.23 -16.02
CA PRO C 15 25.16 -53.08 -14.69
C PRO C 15 25.60 -54.46 -14.23
N ALA C 16 24.65 -55.37 -14.21
CA ALA C 16 24.84 -56.75 -13.81
C ALA C 16 26.10 -57.33 -14.41
N LEU C 17 26.20 -57.35 -15.74
CA LEU C 17 27.41 -57.86 -16.36
C LEU C 17 28.60 -57.08 -15.78
N ALA C 18 28.54 -55.75 -15.87
CA ALA C 18 29.62 -54.92 -15.37
C ALA C 18 30.16 -55.38 -14.02
N THR C 19 29.27 -55.80 -13.13
CA THR C 19 29.68 -56.24 -11.81
C THR C 19 30.62 -57.45 -11.78
N TYR C 20 30.46 -58.38 -12.72
CA TYR C 20 31.33 -59.55 -12.76
C TYR C 20 32.76 -59.11 -12.99
N SER C 21 32.91 -57.93 -13.57
CA SER C 21 34.21 -57.39 -13.90
C SER C 21 34.77 -56.45 -12.83
N LEU C 22 33.98 -55.46 -12.45
CA LEU C 22 34.43 -54.49 -11.47
C LEU C 22 34.42 -54.95 -10.00
N LEU C 23 33.45 -55.76 -9.63
CA LEU C 23 33.31 -56.22 -8.25
C LEU C 23 34.55 -56.92 -7.72
N PRO C 24 35.08 -57.90 -8.46
CA PRO C 24 36.29 -58.50 -7.89
C PRO C 24 37.32 -57.41 -7.63
N ILE C 25 37.56 -56.55 -8.63
CA ILE C 25 38.50 -55.47 -8.46
C ILE C 25 38.17 -54.78 -7.15
N ILE C 26 37.04 -54.12 -7.08
CA ILE C 26 36.64 -53.43 -5.87
C ILE C 26 36.98 -54.29 -4.65
N LYS C 27 36.71 -55.59 -4.76
CA LYS C 27 36.93 -56.54 -3.66
C LYS C 27 38.37 -56.71 -3.18
N ALA C 28 39.33 -56.54 -4.07
CA ALA C 28 40.74 -56.69 -3.72
C ALA C 28 41.34 -55.47 -3.06
N PHE C 29 40.79 -54.29 -3.34
CA PHE C 29 41.32 -53.07 -2.77
C PHE C 29 40.80 -52.76 -1.38
N THR C 30 39.54 -53.10 -1.14
CA THR C 30 38.95 -52.84 0.17
C THR C 30 39.25 -54.01 1.09
N GLY C 31 39.85 -55.05 0.51
CA GLY C 31 40.16 -56.24 1.28
C GLY C 31 41.13 -56.06 2.43
N SER C 32 42.34 -55.58 2.11
CA SER C 32 43.37 -55.42 3.14
C SER C 32 43.22 -54.23 4.07
N SER C 33 42.07 -53.55 4.02
CA SER C 33 41.83 -52.41 4.91
C SER C 33 40.70 -52.72 5.89
N GLY C 34 40.46 -54.00 6.11
CA GLY C 34 39.43 -54.43 7.05
C GLY C 34 38.05 -53.92 6.73
N ILE C 35 37.68 -53.95 5.45
CA ILE C 35 36.38 -53.50 5.01
C ILE C 35 35.65 -54.67 4.38
N ALA C 36 34.40 -54.87 4.77
CA ALA C 36 33.65 -55.96 4.18
C ALA C 36 32.69 -55.46 3.12
N VAL C 37 32.84 -55.99 1.91
CA VAL C 37 31.99 -55.64 0.78
C VAL C 37 31.15 -56.88 0.45
N GLU C 38 29.90 -56.89 0.92
CA GLU C 38 28.99 -58.00 0.67
C GLU C 38 28.04 -57.68 -0.46
N THR C 39 27.37 -58.69 -0.99
CA THR C 39 26.42 -58.47 -2.07
C THR C 39 25.03 -58.86 -1.60
N ARG C 40 24.03 -58.31 -2.27
CA ARG C 40 22.64 -58.61 -1.99
C ARG C 40 22.03 -58.68 -3.40
N ASP C 41 21.27 -59.73 -3.65
CA ASP C 41 20.68 -59.90 -4.96
C ASP C 41 19.29 -59.27 -5.01
N ILE C 42 19.18 -58.10 -5.64
CA ILE C 42 17.89 -57.45 -5.75
C ILE C 42 17.39 -57.50 -7.16
N SER C 43 18.09 -58.21 -8.03
CA SER C 43 17.72 -58.34 -9.44
C SER C 43 16.27 -58.81 -9.58
N LEU C 44 15.75 -58.78 -10.81
CA LEU C 44 14.38 -59.20 -11.04
C LEU C 44 14.28 -60.67 -10.68
N ALA C 45 15.08 -61.50 -11.34
CA ALA C 45 15.07 -62.95 -11.13
C ALA C 45 15.20 -63.36 -9.68
N GLY C 46 16.23 -62.87 -9.01
CA GLY C 46 16.45 -63.22 -7.61
C GLY C 46 15.22 -62.86 -6.80
N ARG C 47 14.75 -61.65 -7.05
CA ARG C 47 13.58 -61.15 -6.36
C ARG C 47 12.36 -62.08 -6.48
N LEU C 48 12.24 -62.79 -7.61
CA LEU C 48 11.12 -63.72 -7.80
C LEU C 48 11.47 -65.04 -7.12
N ILE C 49 12.66 -65.54 -7.41
CA ILE C 49 13.14 -66.78 -6.83
C ILE C 49 13.04 -66.76 -5.31
N ALA C 50 13.04 -65.55 -4.75
CA ALA C 50 12.96 -65.36 -3.30
C ALA C 50 11.53 -65.25 -2.79
N THR C 51 10.62 -64.91 -3.70
CA THR C 51 9.22 -64.73 -3.36
C THR C 51 8.42 -66.02 -3.18
N PHE C 52 8.79 -67.08 -3.90
CA PHE C 52 8.08 -68.35 -3.80
C PHE C 52 8.93 -69.51 -3.32
N PRO C 53 9.40 -69.46 -2.06
CA PRO C 53 10.24 -70.51 -1.48
C PRO C 53 9.55 -71.86 -1.53
N GLU C 54 8.23 -71.81 -1.37
CA GLU C 54 7.44 -73.03 -1.37
C GLU C 54 7.56 -73.86 -2.66
N TYR C 55 7.59 -73.20 -3.81
CA TYR C 55 7.70 -73.92 -5.09
C TYR C 55 9.10 -74.38 -5.44
N LEU C 56 10.10 -73.84 -4.75
CA LEU C 56 11.49 -74.19 -5.02
C LEU C 56 11.99 -75.28 -4.10
N THR C 57 13.10 -75.91 -4.47
CA THR C 57 13.71 -76.96 -3.68
C THR C 57 14.77 -76.38 -2.75
N ASP C 58 15.34 -77.24 -1.92
CA ASP C 58 16.35 -76.81 -0.96
C ASP C 58 17.45 -75.96 -1.57
N THR C 59 18.00 -76.41 -2.70
CA THR C 59 19.10 -75.68 -3.34
C THR C 59 18.79 -74.63 -4.40
N GLN C 60 17.53 -74.24 -4.51
CA GLN C 60 17.21 -73.20 -5.47
C GLN C 60 16.62 -71.98 -4.77
N LYS C 61 16.58 -72.03 -3.43
CA LYS C 61 16.06 -70.91 -2.64
C LYS C 61 17.16 -69.85 -2.60
N ILE C 62 16.85 -68.69 -2.02
CA ILE C 62 17.82 -67.62 -1.93
C ILE C 62 17.26 -66.48 -1.07
N SER C 63 17.87 -66.28 0.09
CA SER C 63 17.48 -65.24 1.03
C SER C 63 16.77 -64.05 0.39
N ASP C 64 15.73 -63.56 1.05
CA ASP C 64 14.96 -62.41 0.56
C ASP C 64 15.70 -61.12 0.91
N ASP C 65 16.55 -60.67 -0.02
CA ASP C 65 17.37 -59.49 0.21
C ASP C 65 16.69 -58.12 0.10
N LEU C 66 15.66 -58.02 -0.72
CA LEU C 66 14.97 -56.74 -0.81
C LEU C 66 14.51 -56.46 0.61
N ALA C 67 13.76 -57.40 1.16
CA ALA C 67 13.23 -57.29 2.51
C ALA C 67 14.31 -57.00 3.54
N GLU C 68 15.50 -57.56 3.35
CA GLU C 68 16.57 -57.34 4.31
C GLU C 68 17.08 -55.92 4.18
N LEU C 69 17.43 -55.51 2.95
CA LEU C 69 17.92 -54.17 2.71
C LEU C 69 16.91 -53.18 3.25
N GLY C 70 15.64 -53.46 2.97
CA GLY C 70 14.57 -52.60 3.44
C GLY C 70 14.75 -52.20 4.89
N LYS C 71 15.21 -53.15 5.71
CA LYS C 71 15.44 -52.84 7.12
C LYS C 71 16.75 -52.10 7.25
N LEU C 72 17.80 -52.68 6.69
CA LEU C 72 19.13 -52.09 6.73
C LEU C 72 19.08 -50.60 6.41
N ALA C 73 18.13 -50.20 5.57
CA ALA C 73 18.02 -48.80 5.15
C ALA C 73 17.63 -47.83 6.26
N THR C 74 16.84 -48.29 7.23
CA THR C 74 16.40 -47.43 8.34
C THR C 74 17.40 -47.34 9.49
N THR C 75 18.41 -48.18 9.48
CA THR C 75 19.41 -48.14 10.52
C THR C 75 20.53 -47.17 10.15
N PRO C 76 21.19 -46.59 11.16
CA PRO C 76 22.29 -45.63 10.98
C PRO C 76 23.53 -46.11 10.26
N ASP C 77 23.88 -47.39 10.40
CA ASP C 77 25.10 -47.87 9.76
C ASP C 77 24.90 -48.31 8.32
N ALA C 78 23.77 -47.90 7.74
CA ALA C 78 23.49 -48.24 6.35
C ALA C 78 24.55 -47.57 5.48
N ASN C 79 25.00 -48.30 4.49
CA ASN C 79 25.99 -47.80 3.57
C ASN C 79 25.77 -48.71 2.38
N ILE C 80 24.92 -48.30 1.46
CA ILE C 80 24.61 -49.14 0.32
C ILE C 80 24.98 -48.53 -1.01
N ILE C 81 25.67 -49.29 -1.85
CA ILE C 81 25.98 -48.82 -3.19
C ILE C 81 24.89 -49.52 -4.01
N LYS C 82 23.97 -48.73 -4.55
CA LYS C 82 22.84 -49.23 -5.31
C LYS C 82 22.95 -48.99 -6.82
N LEU C 83 23.05 -50.06 -7.61
CA LEU C 83 23.12 -49.94 -9.06
C LEU C 83 21.71 -49.99 -9.68
N PRO C 84 21.53 -49.52 -10.92
CA PRO C 84 20.22 -49.53 -11.57
C PRO C 84 19.64 -50.94 -11.64
N ASN C 85 18.32 -51.05 -11.54
CA ASN C 85 17.67 -52.34 -11.60
C ASN C 85 16.35 -52.24 -12.33
N ILE C 86 16.02 -53.32 -13.03
CA ILE C 86 14.77 -53.42 -13.82
C ILE C 86 13.47 -53.22 -13.08
N SER C 87 12.64 -52.30 -13.56
CA SER C 87 11.30 -52.16 -12.98
C SER C 87 10.49 -52.97 -13.98
N ALA C 88 10.24 -54.23 -13.64
CA ALA C 88 9.55 -55.13 -14.53
C ALA C 88 8.16 -54.69 -14.93
N SER C 89 7.82 -55.02 -16.17
CA SER C 89 6.53 -54.74 -16.75
C SER C 89 5.95 -56.11 -17.06
N VAL C 90 4.67 -56.28 -16.80
CA VAL C 90 4.03 -57.57 -17.03
C VAL C 90 4.58 -58.32 -18.24
N PRO C 91 4.64 -57.68 -19.41
CA PRO C 91 5.16 -58.34 -20.61
C PRO C 91 6.44 -59.10 -20.40
N GLN C 92 7.08 -59.46 -21.51
CA GLN C 92 8.32 -60.21 -21.44
C GLN C 92 9.08 -59.92 -20.13
N LEU C 93 9.00 -58.69 -19.62
CA LEU C 93 9.72 -58.41 -18.39
C LEU C 93 9.28 -59.40 -17.30
N LYS C 94 8.19 -59.17 -16.56
CA LYS C 94 7.79 -60.12 -15.52
C LYS C 94 7.57 -61.49 -16.15
N ALA C 95 6.80 -61.51 -17.23
CA ALA C 95 6.51 -62.75 -17.93
C ALA C 95 7.74 -63.52 -18.39
N ALA C 96 8.51 -62.98 -19.34
CA ALA C 96 9.68 -63.69 -19.86
C ALA C 96 10.72 -64.20 -18.87
N ILE C 97 10.96 -63.48 -17.78
CA ILE C 97 11.95 -63.99 -16.83
C ILE C 97 11.33 -65.12 -16.03
N LYS C 98 10.02 -65.10 -15.90
CA LYS C 98 9.36 -66.16 -15.14
C LYS C 98 9.68 -67.50 -15.76
N GLU C 99 9.66 -67.57 -17.09
CA GLU C 99 9.97 -68.85 -17.69
C GLU C 99 11.46 -68.97 -17.95
N LEU C 100 12.17 -67.85 -18.12
CA LEU C 100 13.62 -67.94 -18.30
C LEU C 100 14.04 -68.86 -17.17
N GLN C 101 13.22 -68.90 -16.13
CA GLN C 101 13.45 -69.73 -14.97
C GLN C 101 12.90 -71.11 -15.27
N GLN C 102 11.63 -71.33 -14.94
CA GLN C 102 10.97 -72.62 -15.18
C GLN C 102 11.64 -73.32 -16.35
N GLN C 103 11.49 -72.73 -17.53
CA GLN C 103 12.05 -73.25 -18.77
C GLN C 103 13.04 -74.37 -18.54
N GLY C 104 14.29 -74.02 -18.25
CA GLY C 104 15.28 -75.06 -18.02
C GLY C 104 15.72 -75.14 -16.56
N TYR C 105 15.26 -74.17 -15.78
CA TYR C 105 15.63 -74.11 -14.38
C TYR C 105 14.62 -74.74 -13.41
N LYS C 106 14.08 -73.85 -12.56
CA LYS C 106 13.13 -74.08 -11.48
C LYS C 106 11.66 -74.40 -11.84
N LEU C 107 10.73 -73.97 -10.97
CA LEU C 107 9.27 -74.21 -11.15
C LEU C 107 8.29 -73.17 -10.55
N PRO C 108 8.44 -71.87 -10.85
CA PRO C 108 7.47 -70.95 -10.26
C PRO C 108 6.05 -71.20 -10.78
N ASP C 109 5.32 -70.16 -11.12
CA ASP C 109 3.96 -70.31 -11.60
C ASP C 109 3.48 -69.15 -12.46
N TYR C 110 2.30 -69.26 -13.04
CA TYR C 110 1.80 -68.23 -13.94
C TYR C 110 0.91 -67.08 -13.42
N PRO C 111 0.62 -66.06 -14.29
CA PRO C 111 -0.15 -64.78 -14.24
C PRO C 111 -1.67 -64.43 -14.40
N GLU C 112 -1.81 -63.27 -15.05
CA GLU C 112 -2.96 -62.40 -15.47
C GLU C 112 -4.38 -62.33 -14.97
N GLU C 113 -5.35 -62.85 -15.73
CA GLU C 113 -6.76 -62.80 -15.29
C GLU C 113 -7.10 -64.06 -14.47
N PRO C 114 -7.06 -63.93 -13.13
CA PRO C 114 -7.34 -65.03 -12.19
C PRO C 114 -8.78 -65.46 -12.19
N LYS C 115 -8.97 -66.78 -12.22
CA LYS C 115 -10.30 -67.33 -12.18
C LYS C 115 -10.40 -68.37 -11.08
N THR C 116 -9.29 -68.63 -10.42
CA THR C 116 -9.26 -69.59 -9.33
C THR C 116 -8.57 -69.00 -8.11
N ASP C 117 -9.01 -69.45 -6.94
CA ASP C 117 -8.47 -68.98 -5.68
C ASP C 117 -6.95 -69.09 -5.65
N THR C 118 -6.39 -69.94 -6.48
CA THR C 118 -4.94 -70.12 -6.50
C THR C 118 -4.32 -69.06 -7.39
N GLU C 119 -4.98 -68.78 -8.51
CA GLU C 119 -4.49 -67.77 -9.44
C GLU C 119 -4.54 -66.40 -8.78
N LYS C 120 -5.59 -66.13 -8.02
CA LYS C 120 -5.72 -64.86 -7.35
C LYS C 120 -4.61 -64.69 -6.32
N ASP C 121 -4.43 -65.68 -5.45
CA ASP C 121 -3.38 -65.62 -4.42
C ASP C 121 -2.00 -65.39 -5.03
N VAL C 122 -1.79 -65.96 -6.23
CA VAL C 122 -0.52 -65.87 -6.96
C VAL C 122 -0.32 -64.56 -7.71
N LYS C 123 -1.35 -64.12 -8.43
CA LYS C 123 -1.33 -62.87 -9.18
C LYS C 123 -1.08 -61.73 -8.21
N ALA C 124 -1.69 -61.86 -7.04
CA ALA C 124 -1.53 -60.87 -5.99
C ALA C 124 -0.08 -60.76 -5.50
N ARG C 125 0.64 -61.88 -5.49
CA ARG C 125 2.01 -61.91 -5.03
C ARG C 125 3.02 -61.46 -6.06
N TYR C 126 2.77 -61.82 -7.30
CA TYR C 126 3.66 -61.42 -8.38
C TYR C 126 3.54 -59.91 -8.59
N ASP C 127 2.30 -59.42 -8.58
CA ASP C 127 2.09 -58.00 -8.77
C ASP C 127 3.06 -57.20 -7.91
N LYS C 128 3.23 -57.60 -6.65
CA LYS C 128 4.13 -56.89 -5.74
C LYS C 128 5.57 -56.92 -6.24
N ILE C 129 5.86 -57.84 -7.16
CA ILE C 129 7.20 -58.01 -7.72
C ILE C 129 7.47 -57.16 -8.97
N LYS C 130 6.43 -56.94 -9.78
CA LYS C 130 6.57 -56.12 -10.98
C LYS C 130 6.58 -54.67 -10.52
N GLY C 131 6.78 -53.76 -11.46
CA GLY C 131 6.78 -52.34 -11.13
C GLY C 131 8.03 -51.90 -10.40
N SER C 132 7.99 -50.71 -9.79
CA SER C 132 9.16 -50.20 -9.07
C SER C 132 9.09 -50.70 -7.63
N ALA C 133 9.77 -51.80 -7.34
CA ALA C 133 9.73 -52.38 -6.01
C ALA C 133 10.95 -52.19 -5.14
N VAL C 134 12.12 -52.07 -5.76
CA VAL C 134 13.36 -51.88 -5.03
C VAL C 134 13.52 -50.46 -4.53
N ASN C 135 13.73 -49.55 -5.45
CA ASN C 135 13.96 -48.14 -5.12
C ASN C 135 13.05 -47.49 -4.08
N PRO C 136 11.73 -47.51 -4.27
CA PRO C 136 10.90 -46.88 -3.23
C PRO C 136 11.26 -47.33 -1.82
N VAL C 137 11.67 -48.58 -1.69
CA VAL C 137 12.06 -49.12 -0.41
C VAL C 137 13.37 -48.47 0.03
N LEU C 138 14.47 -48.85 -0.61
CA LEU C 138 15.77 -48.31 -0.30
C LEU C 138 15.83 -46.80 -0.08
N ARG C 139 15.12 -46.03 -0.88
CA ARG C 139 15.17 -44.56 -0.78
C ARG C 139 14.51 -43.94 0.44
N GLU C 140 15.17 -44.07 1.58
CA GLU C 140 14.67 -43.49 2.83
C GLU C 140 15.43 -42.20 3.12
N GLY C 141 15.31 -41.24 2.21
CA GLY C 141 15.98 -39.98 2.36
C GLY C 141 15.72 -39.19 1.09
N ASN C 142 16.25 -37.97 1.00
CA ASN C 142 16.02 -37.17 -0.20
C ASN C 142 17.21 -37.16 -1.15
N SER C 143 16.91 -37.09 -2.44
CA SER C 143 17.95 -37.09 -3.48
C SER C 143 18.75 -35.82 -3.64
N ASP C 144 19.99 -36.03 -4.06
CA ASP C 144 20.95 -34.99 -4.32
C ASP C 144 21.83 -35.47 -5.47
N ARG C 145 21.45 -35.11 -6.69
CA ARG C 145 22.21 -35.49 -7.86
C ARG C 145 22.93 -34.29 -8.44
N ARG C 146 24.15 -34.51 -8.92
CA ARG C 146 24.96 -33.42 -9.44
C ARG C 146 26.23 -33.92 -10.11
N ALA C 147 26.50 -33.46 -11.32
CA ALA C 147 27.69 -33.88 -12.04
C ALA C 147 28.91 -33.25 -11.39
N PRO C 148 29.86 -34.07 -10.92
CA PRO C 148 31.11 -33.60 -10.27
C PRO C 148 31.95 -32.76 -11.23
N LEU C 149 32.42 -31.61 -10.78
CA LEU C 149 33.22 -30.73 -11.63
C LEU C 149 34.03 -31.50 -12.68
N SER C 150 35.03 -32.24 -12.23
CA SER C 150 35.86 -33.03 -13.12
C SER C 150 35.07 -33.57 -14.31
N VAL C 151 33.94 -34.21 -14.04
CA VAL C 151 33.09 -34.79 -15.08
C VAL C 151 32.58 -33.70 -16.03
N LYS C 152 32.12 -32.60 -15.44
CA LYS C 152 31.63 -31.51 -16.25
C LYS C 152 32.79 -31.01 -17.11
N ASN C 153 33.97 -30.96 -16.51
CA ASN C 153 35.17 -30.49 -17.20
C ASN C 153 35.63 -31.47 -18.26
N TYR C 154 35.40 -32.75 -18.01
CA TYR C 154 35.75 -33.79 -18.96
C TYR C 154 34.85 -33.59 -20.18
N ALA C 155 33.56 -33.45 -19.88
CA ALA C 155 32.52 -33.28 -20.87
C ALA C 155 32.80 -32.05 -21.72
N ARG C 156 33.25 -30.99 -21.07
CA ARG C 156 33.55 -29.74 -21.75
C ARG C 156 34.68 -29.83 -22.79
N LYS C 157 35.67 -30.68 -22.53
CA LYS C 157 36.79 -30.82 -23.45
C LYS C 157 36.69 -32.06 -24.36
N HIS C 158 35.73 -32.93 -24.08
CA HIS C 158 35.49 -34.14 -24.88
C HIS C 158 33.99 -34.27 -25.18
N PRO C 159 33.40 -33.26 -25.84
CA PRO C 159 31.98 -33.20 -26.21
C PRO C 159 31.41 -34.40 -26.94
N HIS C 160 30.26 -34.85 -26.45
CA HIS C 160 29.54 -35.97 -27.03
C HIS C 160 28.78 -35.33 -28.17
N LYS C 161 28.59 -36.05 -29.29
CA LYS C 161 27.87 -35.48 -30.42
C LYS C 161 26.49 -34.97 -29.99
N MET C 162 26.03 -33.93 -30.67
CA MET C 162 24.73 -33.34 -30.38
C MET C 162 24.00 -33.08 -31.69
N GLY C 163 22.80 -33.62 -31.81
CA GLY C 163 22.01 -33.44 -33.02
C GLY C 163 21.81 -31.98 -33.36
N ALA C 164 22.04 -31.63 -34.62
CA ALA C 164 21.86 -30.25 -35.03
C ALA C 164 20.38 -29.93 -34.92
N TRP C 165 20.03 -28.72 -34.47
CA TRP C 165 18.62 -28.34 -34.33
C TRP C 165 18.14 -27.35 -35.38
N SER C 166 16.99 -27.66 -35.99
CA SER C 166 16.40 -26.81 -37.02
C SER C 166 15.24 -25.99 -36.47
N ALA C 167 15.24 -24.69 -36.73
CA ALA C 167 14.20 -23.80 -36.26
C ALA C 167 12.86 -24.08 -36.94
N ASP C 168 12.87 -24.82 -38.05
CA ASP C 168 11.62 -25.13 -38.72
C ASP C 168 11.27 -26.60 -38.51
N SER C 169 11.50 -27.07 -37.29
CA SER C 169 11.23 -28.46 -36.93
C SER C 169 9.74 -28.69 -36.70
N LYS C 170 9.31 -29.89 -37.00
CA LYS C 170 7.91 -30.28 -36.84
C LYS C 170 7.62 -30.82 -35.44
N SER C 171 8.65 -31.39 -34.80
CA SER C 171 8.51 -31.96 -33.47
C SER C 171 7.83 -31.04 -32.44
N HIS C 172 7.18 -31.68 -31.47
CA HIS C 172 6.47 -30.97 -30.38
C HIS C 172 5.89 -32.00 -29.40
N VAL C 173 5.36 -31.49 -28.29
CA VAL C 173 4.75 -32.37 -27.30
C VAL C 173 3.23 -32.17 -27.31
N ALA C 174 2.50 -33.28 -27.23
CA ALA C 174 1.04 -33.22 -27.24
C ALA C 174 0.46 -33.67 -25.90
N HIS C 175 -0.37 -32.83 -25.30
CA HIS C 175 -0.99 -33.14 -24.02
C HIS C 175 -2.46 -32.76 -23.95
N MET C 176 -3.21 -33.46 -23.11
CA MET C 176 -4.63 -33.19 -22.97
C MET C 176 -4.80 -31.78 -22.46
N ASP C 177 -5.96 -31.19 -22.74
CA ASP C 177 -6.25 -29.84 -22.29
C ASP C 177 -7.23 -29.81 -21.13
N ASN C 178 -8.09 -30.84 -21.07
CA ASN C 178 -9.09 -30.94 -19.99
C ASN C 178 -9.19 -32.34 -19.40
N GLY C 179 -9.82 -32.43 -18.23
CA GLY C 179 -10.00 -33.71 -17.56
C GLY C 179 -8.84 -34.68 -17.47
N ASP C 180 -7.84 -34.35 -16.68
CA ASP C 180 -6.69 -35.23 -16.53
C ASP C 180 -6.24 -35.16 -15.08
N PHE C 181 -5.14 -35.81 -14.73
CA PHE C 181 -4.68 -35.76 -13.35
C PHE C 181 -4.45 -34.31 -12.97
N TYR C 182 -3.54 -33.66 -13.68
CA TYR C 182 -3.23 -32.25 -13.42
C TYR C 182 -4.52 -31.45 -13.22
N GLY C 183 -5.32 -31.35 -14.26
CA GLY C 183 -6.55 -30.58 -14.17
C GLY C 183 -7.56 -31.06 -13.15
N SER C 184 -7.41 -32.28 -12.65
CA SER C 184 -8.37 -32.84 -11.69
C SER C 184 -8.04 -32.70 -10.21
N GLU C 185 -6.78 -32.38 -9.91
CA GLU C 185 -6.32 -32.29 -8.53
C GLU C 185 -7.20 -31.69 -7.46
N LYS C 186 -6.95 -32.15 -6.23
CA LYS C 186 -7.66 -31.72 -5.03
C LYS C 186 -6.83 -32.15 -3.83
N ALA C 187 -6.25 -31.19 -3.11
CA ALA C 187 -5.41 -31.54 -1.96
C ALA C 187 -6.02 -31.21 -0.63
N ALA C 188 -5.44 -31.82 0.40
CA ALA C 188 -5.89 -31.64 1.77
C ALA C 188 -4.72 -31.82 2.72
N LEU C 189 -4.71 -31.00 3.77
CA LEU C 189 -3.67 -31.05 4.78
C LEU C 189 -4.14 -31.84 6.00
N ILE C 190 -3.62 -33.05 6.17
CA ILE C 190 -4.00 -33.89 7.29
C ILE C 190 -3.71 -33.21 8.63
N GLY C 191 -4.71 -33.17 9.51
CA GLY C 191 -4.54 -32.53 10.80
C GLY C 191 -4.13 -33.45 11.94
N ALA C 192 -4.91 -34.50 12.17
CA ALA C 192 -4.60 -35.40 13.26
C ALA C 192 -4.18 -36.79 12.80
N PRO C 193 -3.24 -37.43 13.54
CA PRO C 193 -2.72 -38.76 13.25
C PRO C 193 -3.84 -39.77 13.27
N GLY C 194 -4.14 -40.34 12.12
CA GLY C 194 -5.20 -41.33 12.06
C GLY C 194 -5.11 -42.22 10.84
N SER C 195 -6.23 -42.35 10.15
CA SER C 195 -6.31 -43.16 8.94
C SER C 195 -7.49 -42.65 8.14
N VAL C 196 -7.46 -42.92 6.84
CA VAL C 196 -8.52 -42.49 5.97
C VAL C 196 -9.03 -43.68 5.17
N LYS C 197 -10.31 -43.63 4.79
CA LYS C 197 -10.95 -44.68 4.02
C LYS C 197 -11.26 -44.13 2.63
N ILE C 198 -10.92 -44.88 1.59
CA ILE C 198 -11.18 -44.46 0.20
C ILE C 198 -12.40 -45.25 -0.30
N GLU C 199 -13.54 -44.58 -0.41
CA GLU C 199 -14.78 -45.25 -0.83
C GLU C 199 -15.52 -44.62 -2.01
N LEU C 200 -16.11 -45.48 -2.82
CA LEU C 200 -16.88 -45.05 -4.00
C LEU C 200 -18.38 -45.03 -3.69
N ILE C 201 -19.07 -43.99 -4.14
CA ILE C 201 -20.52 -43.91 -3.92
C ILE C 201 -21.17 -43.86 -5.29
N ALA C 202 -21.68 -45.01 -5.70
CA ALA C 202 -22.31 -45.18 -7.02
C ALA C 202 -23.64 -44.46 -7.21
N LYS C 203 -23.92 -44.13 -8.47
CA LYS C 203 -25.17 -43.45 -8.81
C LYS C 203 -26.32 -44.29 -8.30
N ASP C 204 -26.13 -45.62 -8.30
CA ASP C 204 -27.18 -46.51 -7.82
C ASP C 204 -27.31 -46.52 -6.30
N GLY C 205 -26.86 -45.44 -5.65
CA GLY C 205 -26.93 -45.32 -4.21
C GLY C 205 -26.04 -46.21 -3.36
N SER C 206 -25.57 -47.32 -3.91
CA SER C 206 -24.71 -48.24 -3.17
C SER C 206 -23.29 -47.69 -3.04
N SER C 207 -22.46 -48.36 -2.25
CA SER C 207 -21.08 -47.91 -2.05
C SER C 207 -20.09 -49.07 -2.03
N THR C 208 -18.99 -48.88 -2.75
CA THR C 208 -17.93 -49.86 -2.83
C THR C 208 -16.66 -49.29 -2.21
N VAL C 209 -16.02 -50.08 -1.35
CA VAL C 209 -14.79 -49.67 -0.68
C VAL C 209 -13.63 -49.99 -1.61
N LEU C 210 -12.67 -49.07 -1.74
CA LEU C 210 -11.53 -49.30 -2.62
C LEU C 210 -10.30 -49.53 -1.74
N LYS C 211 -10.33 -48.92 -0.57
CA LYS C 211 -9.25 -49.03 0.42
C LYS C 211 -9.87 -48.50 1.69
N ALA C 212 -9.99 -49.34 2.71
CA ALA C 212 -10.62 -48.94 3.97
C ALA C 212 -9.71 -48.22 4.97
N LYS C 213 -8.50 -48.75 5.15
CA LYS C 213 -7.56 -48.15 6.09
C LYS C 213 -6.25 -47.69 5.44
N THR C 214 -5.95 -46.40 5.57
CA THR C 214 -4.73 -45.82 5.02
C THR C 214 -4.29 -44.74 6.00
N SER C 215 -3.34 -45.10 6.86
CA SER C 215 -2.84 -44.18 7.87
C SER C 215 -2.21 -42.90 7.33
N VAL C 216 -2.53 -41.80 7.99
CA VAL C 216 -2.02 -40.48 7.63
C VAL C 216 -1.45 -39.85 8.89
N GLN C 217 -0.25 -39.27 8.76
CA GLN C 217 0.42 -38.61 9.87
C GLN C 217 0.00 -37.15 9.93
N ALA C 218 0.38 -36.46 11.00
CA ALA C 218 0.06 -35.05 11.15
C ALA C 218 0.91 -34.30 10.14
N GLY C 219 0.40 -33.18 9.66
CA GLY C 219 1.14 -32.39 8.69
C GLY C 219 1.33 -33.03 7.31
N GLU C 220 0.78 -34.23 7.11
CA GLU C 220 0.91 -34.92 5.83
C GLU C 220 0.03 -34.25 4.79
N ILE C 221 0.49 -34.25 3.54
CA ILE C 221 -0.28 -33.63 2.47
C ILE C 221 -0.86 -34.69 1.54
N ILE C 222 -2.18 -34.75 1.46
CA ILE C 222 -2.79 -35.74 0.57
C ILE C 222 -3.64 -35.08 -0.52
N ASP C 223 -3.52 -35.61 -1.73
CA ASP C 223 -4.24 -35.11 -2.89
C ASP C 223 -4.81 -36.25 -3.73
N SER C 224 -5.90 -35.99 -4.44
CA SER C 224 -6.50 -37.00 -5.27
C SER C 224 -6.89 -36.40 -6.61
N SER C 225 -6.66 -37.15 -7.69
CA SER C 225 -6.99 -36.71 -9.03
C SER C 225 -7.45 -37.90 -9.84
N VAL C 226 -7.90 -37.65 -11.07
CA VAL C 226 -8.38 -38.74 -11.93
C VAL C 226 -8.28 -38.51 -13.43
N MET C 227 -7.69 -39.48 -14.12
CA MET C 227 -7.55 -39.43 -15.56
C MET C 227 -8.89 -39.92 -16.09
N SER C 228 -9.53 -39.15 -16.96
CA SER C 228 -10.82 -39.54 -17.50
C SER C 228 -10.63 -40.39 -18.77
N LYS C 229 -11.14 -41.62 -18.73
CA LYS C 229 -11.00 -42.55 -19.85
C LYS C 229 -11.46 -41.99 -21.18
N ASN C 230 -12.71 -41.53 -21.23
CA ASN C 230 -13.27 -41.00 -22.45
C ASN C 230 -12.62 -39.67 -22.88
N ALA C 231 -12.05 -38.94 -21.93
CA ALA C 231 -11.41 -37.69 -22.30
C ALA C 231 -10.07 -38.05 -22.94
N LEU C 232 -9.41 -39.07 -22.40
CA LEU C 232 -8.13 -39.53 -22.92
C LEU C 232 -8.35 -40.16 -24.30
N ARG C 233 -9.43 -40.93 -24.39
CA ARG C 233 -9.85 -41.61 -25.61
C ARG C 233 -10.03 -40.56 -26.72
N ASN C 234 -10.74 -39.48 -26.40
CA ASN C 234 -10.98 -38.40 -27.34
C ASN C 234 -9.70 -37.65 -27.67
N PHE C 235 -8.73 -37.71 -26.77
CA PHE C 235 -7.46 -37.03 -26.97
C PHE C 235 -6.57 -37.78 -27.95
N ILE C 236 -6.24 -39.03 -27.60
CA ILE C 236 -5.37 -39.87 -28.41
C ILE C 236 -5.91 -40.01 -29.82
N ALA C 237 -7.22 -40.02 -29.95
CA ALA C 237 -7.86 -40.17 -31.26
C ALA C 237 -7.53 -38.96 -32.14
N ALA C 238 -7.61 -37.78 -31.54
CA ALA C 238 -7.33 -36.56 -32.27
C ALA C 238 -5.84 -36.46 -32.61
N GLU C 239 -5.00 -36.69 -31.61
CA GLU C 239 -3.55 -36.59 -31.82
C GLU C 239 -3.02 -37.53 -32.89
N ILE C 240 -3.68 -38.66 -33.08
CA ILE C 240 -3.26 -39.57 -34.13
C ILE C 240 -3.65 -38.90 -35.43
N GLU C 241 -4.95 -38.69 -35.60
CA GLU C 241 -5.49 -38.07 -36.80
C GLU C 241 -4.62 -36.92 -37.22
N ASP C 242 -4.48 -35.95 -36.33
CA ASP C 242 -3.67 -34.77 -36.60
C ASP C 242 -2.21 -35.10 -36.87
N ALA C 243 -1.69 -36.11 -36.19
CA ALA C 243 -0.30 -36.51 -36.39
C ALA C 243 -0.11 -37.03 -37.82
N LYS C 244 -1.21 -37.40 -38.46
CA LYS C 244 -1.14 -37.91 -39.82
C LYS C 244 -0.98 -36.72 -40.77
N LYS C 245 -1.73 -35.66 -40.50
CA LYS C 245 -1.66 -34.46 -41.33
C LYS C 245 -0.26 -33.85 -41.27
N GLN C 246 0.25 -33.67 -40.06
CA GLN C 246 1.58 -33.11 -39.82
C GLN C 246 2.69 -33.86 -40.53
N GLY C 247 2.47 -35.13 -40.83
CA GLY C 247 3.50 -35.92 -41.49
C GLY C 247 4.61 -36.27 -40.52
N VAL C 248 4.21 -36.48 -39.26
CA VAL C 248 5.14 -36.80 -38.17
C VAL C 248 4.90 -38.18 -37.55
N LEU C 249 5.91 -38.66 -36.83
CA LEU C 249 5.85 -39.95 -36.16
C LEU C 249 5.03 -39.81 -34.88
N LEU C 250 4.22 -40.80 -34.58
CA LEU C 250 3.42 -40.78 -33.36
C LEU C 250 4.22 -41.52 -32.28
N SER C 251 4.41 -40.88 -31.13
CA SER C 251 5.15 -41.54 -30.05
C SER C 251 4.51 -41.27 -28.70
N VAL C 252 4.52 -42.28 -27.84
CA VAL C 252 3.93 -42.19 -26.50
C VAL C 252 4.98 -42.20 -25.41
N HIS C 253 4.99 -41.15 -24.61
CA HIS C 253 5.95 -41.06 -23.52
C HIS C 253 5.26 -41.11 -22.15
N LEU C 254 5.00 -42.34 -21.72
CA LEU C 254 4.39 -42.62 -20.44
C LEU C 254 5.44 -43.30 -19.57
N LYS C 255 5.10 -43.55 -18.31
CA LYS C 255 6.02 -44.20 -17.41
C LYS C 255 5.38 -45.47 -16.89
N ALA C 256 4.92 -46.31 -17.83
CA ALA C 256 4.26 -47.56 -17.47
C ALA C 256 5.19 -48.59 -16.83
N THR C 257 6.17 -48.13 -16.06
CA THR C 257 7.07 -49.04 -15.38
C THR C 257 6.89 -48.76 -13.91
N MET C 258 7.25 -47.56 -13.48
CA MET C 258 7.13 -47.17 -12.09
C MET C 258 5.66 -47.05 -11.79
N MET C 259 4.91 -46.49 -12.72
CA MET C 259 3.47 -46.34 -12.57
C MET C 259 2.78 -47.66 -12.89
N LYS C 260 3.17 -48.71 -12.19
CA LYS C 260 2.63 -50.04 -12.43
C LYS C 260 1.12 -50.16 -12.59
N VAL C 261 0.38 -49.19 -12.07
CA VAL C 261 -1.08 -49.29 -12.15
C VAL C 261 -1.82 -48.51 -13.22
N SER C 262 -1.63 -47.19 -13.26
CA SER C 262 -2.34 -46.34 -14.21
C SER C 262 -1.77 -46.22 -15.61
N ASP C 263 -0.47 -46.08 -15.74
CA ASP C 263 0.09 -45.94 -17.06
C ASP C 263 -0.13 -47.14 -17.98
N PRO C 264 0.00 -48.39 -17.48
CA PRO C 264 -0.25 -49.48 -18.41
C PRO C 264 -1.69 -49.37 -18.92
N ILE C 265 -2.58 -48.84 -18.07
CA ILE C 265 -3.97 -48.67 -18.47
C ILE C 265 -4.08 -47.62 -19.58
N MET C 266 -3.42 -46.49 -19.40
CA MET C 266 -3.45 -45.45 -20.43
C MET C 266 -2.80 -45.99 -21.68
N PHE C 267 -1.73 -46.75 -21.46
CA PHE C 267 -0.99 -47.35 -22.56
C PHE C 267 -1.93 -48.14 -23.45
N GLY C 268 -2.67 -49.06 -22.84
CA GLY C 268 -3.62 -49.89 -23.57
C GLY C 268 -4.71 -49.13 -24.33
N GLN C 269 -5.30 -48.12 -23.70
CA GLN C 269 -6.35 -47.33 -24.34
C GLN C 269 -5.80 -46.73 -25.62
N ILE C 270 -4.49 -46.52 -25.65
CA ILE C 270 -3.82 -45.98 -26.82
C ILE C 270 -3.76 -47.11 -27.83
N VAL C 271 -3.09 -48.18 -27.42
CA VAL C 271 -2.93 -49.37 -28.24
C VAL C 271 -4.31 -49.77 -28.73
N SER C 272 -5.33 -49.37 -27.97
CA SER C 272 -6.70 -49.69 -28.34
C SER C 272 -7.19 -48.73 -29.42
N GLU C 273 -7.30 -47.45 -29.09
CA GLU C 273 -7.79 -46.48 -30.05
C GLU C 273 -6.95 -46.38 -31.34
N PHE C 274 -5.89 -47.18 -31.42
CA PHE C 274 -5.05 -47.17 -32.61
C PHE C 274 -5.41 -48.33 -33.51
N TYR C 275 -5.19 -49.55 -33.04
CA TYR C 275 -5.49 -50.75 -33.82
C TYR C 275 -6.96 -51.09 -33.70
N LYS C 276 -7.79 -50.12 -33.35
CA LYS C 276 -9.21 -50.42 -33.15
C LYS C 276 -9.90 -51.21 -34.26
N ASP C 277 -9.78 -50.75 -35.51
CA ASP C 277 -10.41 -51.43 -36.63
C ASP C 277 -10.05 -52.91 -36.70
N ALA C 278 -8.76 -53.22 -36.52
CA ALA C 278 -8.28 -54.59 -36.57
C ALA C 278 -8.69 -55.41 -35.34
N LEU C 279 -8.62 -54.78 -34.17
CA LEU C 279 -8.99 -55.44 -32.93
C LEU C 279 -10.51 -55.52 -32.80
N THR C 280 -11.20 -54.71 -33.58
CA THR C 280 -12.66 -54.72 -33.55
C THR C 280 -13.13 -55.86 -34.45
N LYS C 281 -12.42 -56.05 -35.56
CA LYS C 281 -12.72 -57.10 -36.52
C LYS C 281 -12.49 -58.49 -35.93
N HIS C 282 -11.62 -58.56 -34.93
CA HIS C 282 -11.28 -59.83 -34.28
C HIS C 282 -11.54 -59.79 -32.79
N ALA C 283 -12.57 -59.04 -32.41
CA ALA C 283 -12.93 -58.91 -31.01
C ALA C 283 -12.89 -60.21 -30.23
N GLU C 284 -13.47 -61.28 -30.77
CA GLU C 284 -13.51 -62.55 -30.06
C GLU C 284 -12.29 -63.46 -30.17
N VAL C 285 -11.71 -63.57 -31.35
CA VAL C 285 -10.57 -64.45 -31.49
C VAL C 285 -9.48 -64.10 -30.47
N LEU C 286 -9.29 -62.81 -30.24
CA LEU C 286 -8.31 -62.31 -29.27
C LEU C 286 -8.83 -62.60 -27.86
N LYS C 287 -10.12 -62.34 -27.67
CA LYS C 287 -10.80 -62.58 -26.41
C LYS C 287 -10.56 -64.03 -25.95
N GLN C 288 -10.62 -64.96 -26.89
CA GLN C 288 -10.40 -66.37 -26.59
C GLN C 288 -9.01 -66.55 -26.03
N ILE C 289 -8.00 -66.38 -26.87
CA ILE C 289 -6.62 -66.54 -26.44
C ILE C 289 -6.29 -65.59 -25.31
N GLY C 290 -7.23 -64.74 -24.95
CA GLY C 290 -7.04 -63.79 -23.86
C GLY C 290 -5.97 -62.74 -24.11
N PHE C 291 -6.23 -61.80 -25.02
CA PHE C 291 -5.30 -60.73 -25.31
C PHE C 291 -5.43 -59.68 -24.21
N ASP C 292 -4.34 -59.00 -23.90
CA ASP C 292 -4.35 -57.96 -22.86
C ASP C 292 -3.70 -56.68 -23.39
N VAL C 293 -4.49 -55.88 -24.10
CA VAL C 293 -4.01 -54.65 -24.71
C VAL C 293 -3.09 -53.81 -23.81
N ASN C 294 -3.30 -53.85 -22.50
CA ASN C 294 -2.46 -53.06 -21.59
C ASN C 294 -1.02 -53.58 -21.59
N ASN C 295 -0.75 -54.58 -22.44
CA ASN C 295 0.58 -55.18 -22.54
C ASN C 295 1.18 -54.87 -23.88
N GLY C 296 0.55 -53.96 -24.61
CA GLY C 296 1.03 -53.58 -25.93
C GLY C 296 0.53 -54.49 -27.04
N ILE C 297 0.54 -54.00 -28.27
CA ILE C 297 0.07 -54.80 -29.38
C ILE C 297 1.02 -56.00 -29.47
N GLY C 298 2.22 -55.83 -28.89
CA GLY C 298 3.21 -56.89 -28.88
C GLY C 298 2.66 -58.20 -28.33
N ASP C 299 1.82 -58.10 -27.31
CA ASP C 299 1.19 -59.25 -26.66
C ASP C 299 0.31 -60.03 -27.66
N LEU C 300 -0.35 -59.31 -28.56
CA LEU C 300 -1.18 -59.94 -29.57
C LEU C 300 -0.30 -60.88 -30.40
N TYR C 301 0.72 -60.31 -31.02
CA TYR C 301 1.67 -61.07 -31.84
C TYR C 301 2.18 -62.36 -31.21
N ALA C 302 2.22 -62.43 -29.88
CA ALA C 302 2.73 -63.61 -29.18
C ALA C 302 1.66 -64.62 -28.75
N ARG C 303 0.42 -64.15 -28.63
CA ARG C 303 -0.69 -64.99 -28.22
C ARG C 303 -1.37 -65.71 -29.39
N ILE C 304 -1.21 -65.17 -30.60
CA ILE C 304 -1.86 -65.76 -31.77
C ILE C 304 -1.11 -66.93 -32.40
N LYS C 305 0.19 -67.03 -32.17
CA LYS C 305 0.99 -68.11 -32.75
C LYS C 305 0.36 -69.48 -32.47
N THR C 306 -0.71 -69.49 -31.70
CA THR C 306 -1.39 -70.74 -31.39
C THR C 306 -2.59 -70.94 -32.31
N LEU C 307 -3.00 -69.87 -32.99
CA LEU C 307 -4.13 -69.92 -33.91
C LEU C 307 -3.75 -70.57 -35.25
N PRO C 308 -4.75 -71.08 -36.00
CA PRO C 308 -4.48 -71.72 -37.29
C PRO C 308 -3.56 -70.85 -38.15
N GLU C 309 -2.60 -71.50 -38.80
CA GLU C 309 -1.61 -70.83 -39.66
C GLU C 309 -2.19 -69.74 -40.55
N ALA C 310 -3.42 -69.94 -41.02
CA ALA C 310 -4.08 -68.97 -41.88
C ALA C 310 -4.80 -67.90 -41.08
N LYS C 311 -5.27 -68.26 -39.88
CA LYS C 311 -5.98 -67.31 -39.04
C LYS C 311 -5.02 -66.22 -38.65
N GLN C 312 -3.78 -66.62 -38.37
CA GLN C 312 -2.74 -65.67 -37.98
C GLN C 312 -2.55 -64.66 -39.08
N LYS C 313 -2.20 -65.16 -40.26
CA LYS C 313 -2.00 -64.32 -41.43
C LYS C 313 -3.07 -63.25 -41.58
N GLU C 314 -4.33 -63.65 -41.41
CA GLU C 314 -5.47 -62.72 -41.52
C GLU C 314 -5.30 -61.55 -40.57
N ILE C 315 -5.10 -61.84 -39.28
CA ILE C 315 -4.92 -60.79 -38.30
C ILE C 315 -3.74 -59.92 -38.71
N GLU C 316 -2.56 -60.52 -38.79
CA GLU C 316 -1.37 -59.76 -39.17
C GLU C 316 -1.61 -58.95 -40.43
N ALA C 317 -2.17 -59.59 -41.44
CA ALA C 317 -2.44 -58.89 -42.69
C ALA C 317 -3.36 -57.69 -42.47
N ASP C 318 -4.24 -57.79 -41.48
CA ASP C 318 -5.14 -56.69 -41.18
C ASP C 318 -4.45 -55.65 -40.34
N ILE C 319 -3.52 -56.10 -39.50
CA ILE C 319 -2.77 -55.20 -38.64
C ILE C 319 -2.02 -54.23 -39.54
N GLN C 320 -1.39 -54.77 -40.58
CA GLN C 320 -0.63 -53.97 -41.53
C GLN C 320 -1.52 -52.90 -42.16
N ALA C 321 -2.77 -53.25 -42.41
CA ALA C 321 -3.76 -52.36 -43.01
C ALA C 321 -3.97 -51.12 -42.16
N VAL C 322 -3.69 -51.24 -40.86
CA VAL C 322 -3.84 -50.13 -39.93
C VAL C 322 -2.59 -49.26 -40.01
N TYR C 323 -1.42 -49.89 -40.06
CA TYR C 323 -0.16 -49.17 -40.15
C TYR C 323 -0.12 -48.38 -41.45
N ALA C 324 -1.12 -48.58 -42.29
CA ALA C 324 -1.21 -47.87 -43.57
C ALA C 324 -2.24 -46.76 -43.45
N GLN C 325 -3.22 -46.98 -42.58
CA GLN C 325 -4.30 -46.03 -42.35
C GLN C 325 -3.91 -44.99 -41.28
N ARG C 326 -2.79 -45.25 -40.59
CA ARG C 326 -2.32 -44.38 -39.51
C ARG C 326 -0.86 -43.96 -39.58
N PRO C 327 -0.53 -42.79 -38.99
CA PRO C 327 0.84 -42.25 -38.99
C PRO C 327 1.80 -43.34 -38.52
N GLN C 328 3.07 -43.22 -38.92
CA GLN C 328 4.05 -44.22 -38.53
C GLN C 328 4.48 -43.97 -37.08
N LEU C 329 4.57 -45.05 -36.31
CA LEU C 329 4.95 -44.94 -34.92
C LEU C 329 6.46 -44.86 -34.83
N ALA C 330 6.97 -44.13 -33.85
CA ALA C 330 8.41 -44.09 -33.68
C ALA C 330 8.72 -45.56 -33.41
N MET C 331 9.92 -46.01 -33.70
CA MET C 331 10.22 -47.41 -33.47
C MET C 331 11.29 -47.64 -32.44
N VAL C 332 11.10 -48.68 -31.63
CA VAL C 332 12.07 -49.03 -30.58
C VAL C 332 13.27 -49.70 -31.23
N ASN C 333 13.00 -50.48 -32.28
CA ASN C 333 14.03 -51.17 -33.02
C ASN C 333 13.45 -51.27 -34.42
N SER C 334 13.90 -50.38 -35.29
CA SER C 334 13.42 -50.33 -36.67
C SER C 334 13.50 -51.60 -37.50
N ASP C 335 14.61 -52.33 -37.40
CA ASP C 335 14.79 -53.56 -38.18
C ASP C 335 13.92 -54.76 -37.82
N LYS C 336 13.63 -54.95 -36.54
CA LYS C 336 12.81 -56.09 -36.13
C LYS C 336 11.33 -55.74 -36.06
N GLY C 337 11.00 -54.51 -36.45
CA GLY C 337 9.61 -54.09 -36.45
C GLY C 337 9.05 -53.66 -35.12
N ILE C 338 9.77 -53.94 -34.03
CA ILE C 338 9.32 -53.57 -32.69
C ILE C 338 8.99 -52.08 -32.58
N THR C 339 7.70 -51.77 -32.40
CA THR C 339 7.24 -50.39 -32.32
C THR C 339 7.15 -49.81 -30.92
N ASN C 340 6.77 -48.55 -30.88
CA ASN C 340 6.63 -47.80 -29.63
C ASN C 340 5.47 -48.39 -28.85
N LEU C 341 4.54 -49.00 -29.57
CA LEU C 341 3.35 -49.59 -28.95
C LEU C 341 3.43 -51.12 -28.88
N HIS C 342 4.65 -51.64 -28.74
CA HIS C 342 4.85 -53.10 -28.67
C HIS C 342 4.94 -53.61 -27.25
N VAL C 343 5.76 -52.92 -26.45
CA VAL C 343 5.94 -53.30 -25.05
C VAL C 343 5.79 -52.08 -24.13
N PRO C 344 5.01 -52.22 -23.05
CA PRO C 344 4.79 -51.14 -22.10
C PRO C 344 6.05 -50.38 -21.76
N SER C 345 7.11 -51.11 -21.45
CA SER C 345 8.36 -50.48 -21.02
C SER C 345 9.51 -50.24 -21.97
N ASP C 346 9.29 -50.29 -23.27
CA ASP C 346 10.42 -50.03 -24.16
C ASP C 346 10.72 -48.54 -24.10
N VAL C 347 9.67 -47.73 -24.26
CA VAL C 347 9.79 -46.29 -24.24
C VAL C 347 9.33 -45.73 -22.90
N ILE C 348 10.27 -45.29 -22.07
CA ILE C 348 9.92 -44.71 -20.78
C ILE C 348 10.28 -43.22 -20.83
N VAL C 349 9.26 -42.40 -20.67
CA VAL C 349 9.36 -40.94 -20.72
C VAL C 349 10.65 -40.26 -20.20
N ASP C 350 11.12 -40.66 -19.01
CA ASP C 350 12.30 -40.02 -18.45
C ASP C 350 13.54 -40.11 -19.29
N ALA C 351 13.67 -41.18 -20.07
CA ALA C 351 14.83 -41.37 -20.94
C ALA C 351 14.46 -41.05 -22.39
N SER C 352 13.34 -41.61 -22.83
CA SER C 352 12.85 -41.40 -24.18
C SER C 352 13.00 -39.96 -24.64
N MET C 353 12.53 -39.02 -23.83
CA MET C 353 12.61 -37.62 -24.18
C MET C 353 14.00 -37.01 -24.29
N PRO C 354 14.78 -37.05 -23.21
CA PRO C 354 16.12 -36.47 -23.30
C PRO C 354 16.80 -36.89 -24.60
N ALA C 355 16.77 -38.19 -24.89
CA ALA C 355 17.38 -38.73 -26.09
C ALA C 355 16.75 -38.10 -27.33
N MET C 356 15.42 -38.13 -27.36
CA MET C 356 14.66 -37.58 -28.47
C MET C 356 14.95 -36.11 -28.67
N ILE C 357 15.30 -35.40 -27.61
CA ILE C 357 15.62 -34.00 -27.80
C ILE C 357 16.99 -33.97 -28.43
N ARG C 358 17.93 -34.67 -27.80
CA ARG C 358 19.32 -34.74 -28.30
C ARG C 358 19.38 -34.99 -29.80
N ASP C 359 18.70 -36.04 -30.25
CA ASP C 359 18.66 -36.42 -31.66
C ASP C 359 17.84 -35.49 -32.56
N SER C 360 18.14 -34.20 -32.50
CA SER C 360 17.46 -33.22 -33.34
C SER C 360 15.95 -33.28 -33.21
N GLY C 361 15.47 -33.71 -32.05
CA GLY C 361 14.04 -33.81 -31.84
C GLY C 361 13.43 -34.85 -32.77
N LYS C 362 14.11 -35.97 -32.94
CA LYS C 362 13.59 -37.02 -33.81
C LYS C 362 13.71 -38.40 -33.16
N MET C 363 12.98 -39.36 -33.73
CA MET C 363 12.99 -40.75 -33.27
C MET C 363 12.93 -41.63 -34.51
N TRP C 364 13.67 -42.73 -34.50
CA TRP C 364 13.71 -43.63 -35.65
C TRP C 364 12.34 -44.03 -36.12
N GLY C 365 12.16 -44.04 -37.44
CA GLY C 365 10.89 -44.39 -38.04
C GLY C 365 10.85 -45.82 -38.54
N PRO C 366 9.76 -46.24 -39.20
CA PRO C 366 9.59 -47.60 -39.73
C PRO C 366 10.71 -47.97 -40.70
N ASP C 367 11.08 -47.00 -41.52
CA ASP C 367 12.15 -47.17 -42.50
C ASP C 367 13.43 -47.55 -41.76
N GLY C 368 14.05 -46.55 -41.15
CA GLY C 368 15.27 -46.80 -40.42
C GLY C 368 16.05 -45.51 -40.19
N LYS C 369 15.39 -44.38 -40.41
CA LYS C 369 16.03 -43.08 -40.24
C LYS C 369 15.24 -42.24 -39.25
N LEU C 370 15.85 -41.18 -38.76
CA LEU C 370 15.20 -40.28 -37.81
C LEU C 370 14.15 -39.37 -38.47
N HIS C 371 13.15 -38.98 -37.69
CA HIS C 371 12.08 -38.13 -38.19
C HIS C 371 11.52 -37.29 -37.06
N ASP C 372 10.88 -36.17 -37.40
CA ASP C 372 10.26 -35.30 -36.40
C ASP C 372 9.18 -36.12 -35.73
N THR C 373 8.90 -35.81 -34.47
CA THR C 373 7.92 -36.59 -33.74
C THR C 373 6.93 -35.75 -32.95
N LYS C 374 5.81 -36.38 -32.62
CA LYS C 374 4.76 -35.76 -31.84
C LYS C 374 4.79 -36.56 -30.56
N ALA C 375 5.57 -36.07 -29.58
CA ALA C 375 5.70 -36.75 -28.29
C ALA C 375 4.42 -36.59 -27.49
N VAL C 376 3.72 -37.69 -27.27
CA VAL C 376 2.49 -37.62 -26.50
C VAL C 376 2.68 -37.85 -25.00
N ILE C 377 2.53 -36.77 -24.25
CA ILE C 377 2.64 -36.78 -22.80
C ILE C 377 1.23 -36.36 -22.37
N PRO C 378 0.31 -37.34 -22.29
CA PRO C 378 -1.09 -37.21 -21.90
C PRO C 378 -1.46 -36.22 -20.82
N ASP C 379 -0.76 -36.29 -19.69
CA ASP C 379 -1.05 -35.38 -18.58
C ASP C 379 -0.49 -33.99 -18.82
N ARG C 380 -0.55 -33.12 -17.81
CA ARG C 380 -0.03 -31.76 -17.96
C ARG C 380 0.99 -31.36 -16.93
N CYS C 381 1.09 -32.15 -15.85
CA CYS C 381 2.01 -31.82 -14.78
C CYS C 381 3.44 -31.57 -15.24
N TYR C 382 3.96 -32.44 -16.10
CA TYR C 382 5.32 -32.25 -16.56
C TYR C 382 5.47 -32.24 -18.07
N ALA C 383 4.35 -32.18 -18.79
CA ALA C 383 4.41 -32.12 -20.24
C ALA C 383 5.05 -30.77 -20.57
N GLY C 384 4.57 -29.73 -19.92
CA GLY C 384 5.08 -28.40 -20.14
C GLY C 384 6.60 -28.34 -20.19
N VAL C 385 7.24 -28.75 -19.09
CA VAL C 385 8.69 -28.73 -18.97
C VAL C 385 9.44 -29.21 -20.21
N TYR C 386 8.90 -30.20 -20.90
CA TYR C 386 9.54 -30.72 -22.10
C TYR C 386 9.29 -29.82 -23.31
N GLN C 387 8.10 -29.20 -23.33
CA GLN C 387 7.75 -28.32 -24.43
C GLN C 387 8.68 -27.12 -24.43
N VAL C 388 8.90 -26.53 -23.25
CA VAL C 388 9.80 -25.39 -23.13
C VAL C 388 11.16 -25.77 -23.70
N VAL C 389 11.74 -26.85 -23.19
CA VAL C 389 13.03 -27.30 -23.68
C VAL C 389 12.99 -27.57 -25.18
N ILE C 390 11.87 -28.09 -25.66
CA ILE C 390 11.77 -28.37 -27.09
C ILE C 390 11.66 -27.09 -27.88
N GLU C 391 10.90 -26.12 -27.36
CA GLU C 391 10.72 -24.84 -28.04
C GLU C 391 11.90 -23.91 -27.84
N ASP C 392 12.88 -24.37 -27.06
CA ASP C 392 14.09 -23.61 -26.79
C ASP C 392 15.13 -23.96 -27.85
N CYS C 393 15.24 -25.25 -28.15
CA CYS C 393 16.18 -25.72 -29.14
C CYS C 393 15.92 -25.20 -30.54
N LYS C 394 14.70 -25.33 -31.03
CA LYS C 394 14.39 -24.85 -32.37
C LYS C 394 14.44 -23.32 -32.46
N GLN C 395 14.71 -22.67 -31.32
CA GLN C 395 14.76 -21.22 -31.28
C GLN C 395 16.10 -20.70 -30.77
N HIS C 396 17.07 -21.59 -30.55
CA HIS C 396 18.38 -21.18 -30.04
C HIS C 396 19.45 -22.21 -30.32
N GLY C 397 19.05 -23.33 -30.90
CA GLY C 397 20.00 -24.38 -31.22
C GLY C 397 20.40 -25.26 -30.05
N ALA C 398 20.97 -26.42 -30.37
CA ALA C 398 21.41 -27.37 -29.36
C ALA C 398 22.37 -26.73 -28.39
N PHE C 399 22.31 -27.14 -27.13
CA PHE C 399 23.19 -26.59 -26.12
C PHE C 399 24.61 -27.08 -26.43
N ASP C 400 25.62 -26.30 -26.05
CA ASP C 400 27.01 -26.70 -26.31
C ASP C 400 27.67 -27.30 -25.06
N PRO C 401 27.90 -28.62 -25.07
CA PRO C 401 28.51 -29.34 -23.95
C PRO C 401 29.74 -28.61 -23.44
N THR C 402 30.33 -27.83 -24.34
CA THR C 402 31.54 -27.05 -24.07
C THR C 402 31.30 -25.74 -23.32
N THR C 403 30.08 -25.23 -23.37
CA THR C 403 29.76 -23.97 -22.69
C THR C 403 28.59 -23.96 -21.70
N MET C 404 27.55 -24.77 -21.96
CA MET C 404 26.39 -24.80 -21.08
C MET C 404 26.70 -25.02 -19.60
N GLY C 405 25.77 -24.63 -18.74
CA GLY C 405 25.96 -24.78 -17.33
C GLY C 405 25.45 -26.12 -16.86
N SER C 406 25.06 -26.19 -15.60
CA SER C 406 24.54 -27.42 -14.99
C SER C 406 23.31 -27.16 -14.15
N VAL C 407 22.42 -28.14 -14.12
CA VAL C 407 21.21 -28.03 -13.33
C VAL C 407 21.14 -29.25 -12.41
N PRO C 408 21.72 -29.15 -11.21
CA PRO C 408 21.67 -30.28 -10.30
C PRO C 408 20.21 -30.50 -9.92
N ASN C 409 19.98 -31.19 -8.81
CA ASN C 409 18.61 -31.43 -8.41
C ASN C 409 18.45 -32.03 -7.04
N VAL C 410 18.04 -31.20 -6.09
CA VAL C 410 17.78 -31.66 -4.74
C VAL C 410 16.29 -31.99 -4.77
N GLY C 411 16.00 -33.26 -5.03
CA GLY C 411 14.61 -33.71 -5.11
C GLY C 411 14.05 -34.43 -3.89
N LEU C 412 12.75 -34.25 -3.71
CA LEU C 412 12.02 -34.85 -2.61
C LEU C 412 11.54 -36.22 -3.02
N MET C 413 11.78 -37.23 -2.19
CA MET C 413 11.34 -38.59 -2.50
C MET C 413 11.11 -39.44 -1.25
N ALA C 414 11.86 -39.15 -0.19
CA ALA C 414 11.76 -39.87 1.08
C ALA C 414 10.34 -40.35 1.39
N GLN C 415 10.26 -41.58 1.89
CA GLN C 415 9.00 -42.24 2.25
C GLN C 415 8.06 -42.35 1.08
N LYS C 416 8.57 -42.86 -0.03
CA LYS C 416 7.76 -43.01 -1.23
C LYS C 416 6.97 -41.73 -1.41
N ALA C 417 7.70 -40.61 -1.40
CA ALA C 417 7.09 -39.30 -1.54
C ALA C 417 6.32 -39.15 -2.83
N GLU C 418 5.10 -38.63 -2.71
CA GLU C 418 4.23 -38.37 -3.85
C GLU C 418 3.97 -39.59 -4.72
N GLU C 419 3.72 -39.32 -6.00
CA GLU C 419 3.41 -40.34 -6.99
C GLU C 419 4.12 -41.69 -6.82
N TYR C 420 5.41 -41.67 -6.53
CA TYR C 420 6.18 -42.89 -6.37
C TYR C 420 5.58 -43.90 -5.42
N GLY C 421 4.50 -43.53 -4.76
CA GLY C 421 3.83 -44.45 -3.85
C GLY C 421 2.32 -44.30 -3.88
N SER C 422 1.75 -44.22 -5.07
CA SER C 422 0.30 -44.05 -5.23
C SER C 422 -0.39 -45.31 -5.75
N HIS C 423 0.41 -46.26 -6.23
CA HIS C 423 -0.10 -47.50 -6.80
C HIS C 423 -1.23 -48.20 -6.03
N ASP C 424 -1.01 -48.48 -4.75
CA ASP C 424 -2.00 -49.15 -3.92
C ASP C 424 -3.17 -48.23 -3.57
N LYS C 425 -3.20 -47.06 -4.20
CA LYS C 425 -4.27 -46.10 -3.98
C LYS C 425 -4.75 -45.55 -5.33
N THR C 426 -4.51 -46.33 -6.37
CA THR C 426 -4.93 -45.98 -7.73
C THR C 426 -5.92 -47.07 -8.15
N PHE C 427 -7.15 -46.66 -8.45
CA PHE C 427 -8.18 -47.60 -8.83
C PHE C 427 -8.83 -47.26 -10.17
N GLN C 428 -9.25 -48.29 -10.89
CA GLN C 428 -9.95 -48.09 -12.14
C GLN C 428 -11.42 -48.12 -11.71
N ILE C 429 -12.09 -46.98 -11.84
CA ILE C 429 -13.49 -46.87 -11.44
C ILE C 429 -14.37 -47.98 -11.96
N PRO C 430 -15.14 -48.63 -11.06
CA PRO C 430 -16.06 -49.73 -11.35
C PRO C 430 -17.42 -49.33 -11.91
N ALA C 431 -17.78 -48.07 -11.73
CA ALA C 431 -19.07 -47.56 -12.23
C ALA C 431 -19.18 -46.06 -12.01
N ASP C 432 -20.05 -45.41 -12.77
CA ASP C 432 -20.20 -43.97 -12.59
C ASP C 432 -20.43 -43.77 -11.11
N GLY C 433 -19.96 -42.66 -10.57
CA GLY C 433 -20.18 -42.41 -9.16
C GLY C 433 -19.39 -41.24 -8.61
N VAL C 434 -19.03 -41.32 -7.35
CA VAL C 434 -18.25 -40.27 -6.74
C VAL C 434 -17.37 -40.92 -5.69
N VAL C 435 -16.08 -40.56 -5.71
CA VAL C 435 -15.13 -41.10 -4.73
C VAL C 435 -14.95 -40.13 -3.58
N ARG C 436 -14.96 -40.67 -2.36
CA ARG C 436 -14.80 -39.87 -1.15
C ARG C 436 -13.73 -40.43 -0.21
N VAL C 437 -12.77 -39.59 0.14
CA VAL C 437 -11.69 -39.96 1.07
C VAL C 437 -12.07 -39.38 2.43
N THR C 438 -12.38 -40.25 3.38
CA THR C 438 -12.79 -39.83 4.71
C THR C 438 -11.78 -40.26 5.77
N ASP C 439 -11.84 -39.63 6.95
CA ASP C 439 -10.92 -39.97 8.03
C ASP C 439 -11.51 -40.80 9.17
N GLU C 440 -10.82 -40.79 10.31
CA GLU C 440 -11.24 -41.54 11.50
C GLU C 440 -12.57 -41.12 12.08
N SER C 441 -12.85 -39.83 12.10
CA SER C 441 -14.11 -39.33 12.64
C SER C 441 -15.21 -39.50 11.61
N GLY C 442 -14.86 -39.19 10.37
CA GLY C 442 -15.81 -39.28 9.28
C GLY C 442 -15.84 -37.95 8.55
N LYS C 443 -14.85 -37.10 8.81
CA LYS C 443 -14.77 -35.80 8.15
C LYS C 443 -14.37 -36.04 6.70
N LEU C 444 -15.06 -35.36 5.79
CA LEU C 444 -14.79 -35.50 4.37
C LEU C 444 -13.58 -34.68 3.96
N LEU C 445 -12.46 -35.36 3.73
CA LEU C 445 -11.21 -34.71 3.35
C LEU C 445 -11.11 -34.38 1.86
N LEU C 446 -11.46 -35.37 1.03
CA LEU C 446 -11.41 -35.23 -0.44
C LEU C 446 -12.65 -35.88 -1.03
N GLU C 447 -12.94 -35.54 -2.28
CA GLU C 447 -14.11 -36.05 -2.96
C GLU C 447 -14.05 -35.58 -4.41
N GLN C 448 -13.98 -36.52 -5.35
CA GLN C 448 -13.90 -36.16 -6.74
C GLN C 448 -14.82 -37.06 -7.53
N SER C 449 -15.64 -36.45 -8.38
CA SER C 449 -16.59 -37.18 -9.21
C SER C 449 -15.88 -38.13 -10.16
N VAL C 450 -16.47 -39.28 -10.44
CA VAL C 450 -15.83 -40.21 -11.35
C VAL C 450 -16.75 -40.87 -12.35
N GLU C 451 -16.14 -41.51 -13.35
CA GLU C 451 -16.85 -42.22 -14.40
C GLU C 451 -16.18 -43.55 -14.68
N ALA C 452 -17.00 -44.57 -14.89
CA ALA C 452 -16.53 -45.92 -15.16
C ALA C 452 -15.37 -45.92 -16.13
N GLY C 453 -14.33 -46.68 -15.77
CA GLY C 453 -13.14 -46.79 -16.59
C GLY C 453 -12.06 -45.81 -16.17
N ASP C 454 -12.50 -44.71 -15.57
CA ASP C 454 -11.61 -43.66 -15.10
C ASP C 454 -10.54 -44.14 -14.14
N ILE C 455 -9.42 -43.41 -14.09
CA ILE C 455 -8.33 -43.74 -13.20
C ILE C 455 -8.25 -42.74 -12.06
N TRP C 456 -8.53 -43.20 -10.86
CA TRP C 456 -8.50 -42.34 -9.69
C TRP C 456 -7.33 -42.73 -8.79
N ARG C 457 -6.66 -41.71 -8.25
CA ARG C 457 -5.51 -41.94 -7.38
C ARG C 457 -5.41 -40.93 -6.25
N MET C 458 -4.62 -41.27 -5.24
CA MET C 458 -4.40 -40.40 -4.10
C MET C 458 -2.92 -40.46 -3.84
N CYS C 459 -2.32 -39.30 -3.66
CA CYS C 459 -0.88 -39.22 -3.39
C CYS C 459 -0.63 -38.53 -2.06
N GLN C 460 0.40 -38.96 -1.34
CA GLN C 460 0.67 -38.32 -0.06
C GLN C 460 2.13 -37.95 0.19
N ALA C 461 2.36 -36.67 0.48
CA ALA C 461 3.69 -36.16 0.77
C ALA C 461 3.79 -35.86 2.25
N LYS C 462 4.70 -36.57 2.93
CA LYS C 462 4.90 -36.42 4.36
C LYS C 462 5.83 -35.27 4.79
N ASP C 463 5.43 -34.62 5.89
CA ASP C 463 6.14 -33.48 6.45
C ASP C 463 7.63 -33.67 6.73
N ALA C 464 7.99 -34.69 7.51
CA ALA C 464 9.40 -34.94 7.79
C ALA C 464 10.22 -34.90 6.49
N PRO C 465 9.81 -35.64 5.45
CA PRO C 465 10.54 -35.63 4.18
C PRO C 465 10.64 -34.24 3.53
N ILE C 466 9.55 -33.48 3.57
CA ILE C 466 9.57 -32.16 2.97
C ILE C 466 10.60 -31.30 3.69
N GLN C 467 10.72 -31.48 5.01
CA GLN C 467 11.67 -30.71 5.78
C GLN C 467 13.12 -31.11 5.48
N ASP C 468 13.44 -32.39 5.65
CA ASP C 468 14.79 -32.89 5.36
C ASP C 468 15.15 -32.38 3.98
N TRP C 469 14.11 -32.23 3.16
CA TRP C 469 14.21 -31.75 1.79
C TRP C 469 14.67 -30.28 1.77
N VAL C 470 13.78 -29.39 2.18
CA VAL C 470 14.09 -27.96 2.22
C VAL C 470 15.49 -27.68 2.76
N LYS C 471 15.90 -28.41 3.80
CA LYS C 471 17.23 -28.19 4.36
C LYS C 471 18.23 -28.43 3.24
N LEU C 472 18.41 -29.70 2.91
CA LEU C 472 19.33 -30.12 1.86
C LEU C 472 19.31 -29.17 0.68
N ALA C 473 18.15 -28.61 0.39
CA ALA C 473 18.03 -27.67 -0.70
C ALA C 473 18.96 -26.51 -0.37
N VAL C 474 18.68 -25.82 0.72
CA VAL C 474 19.51 -24.71 1.15
C VAL C 474 20.98 -25.15 1.19
N ASN C 475 21.25 -26.23 1.91
CA ASN C 475 22.60 -26.77 2.01
C ASN C 475 23.35 -26.63 0.67
N ARG C 476 22.82 -27.25 -0.38
CA ARG C 476 23.47 -27.17 -1.67
C ARG C 476 23.58 -25.73 -2.13
N ALA C 477 22.51 -24.97 -1.97
CA ALA C 477 22.52 -23.57 -2.38
C ALA C 477 23.76 -22.87 -1.81
N ARG C 478 24.07 -23.18 -0.55
CA ARG C 478 25.21 -22.59 0.13
C ARG C 478 26.52 -23.11 -0.40
N ALA C 479 26.80 -24.39 -0.17
CA ALA C 479 28.03 -25.03 -0.60
C ALA C 479 28.54 -24.60 -1.97
N THR C 480 27.66 -24.45 -2.94
CA THR C 480 28.05 -24.04 -4.29
C THR C 480 27.85 -22.54 -4.49
N ASN C 481 26.87 -21.99 -3.78
CA ASN C 481 26.56 -20.58 -3.86
C ASN C 481 26.05 -20.27 -5.26
N THR C 482 25.08 -21.08 -5.67
CA THR C 482 24.44 -20.94 -6.97
C THR C 482 22.95 -20.68 -6.73
N PRO C 483 22.29 -20.02 -7.69
CA PRO C 483 20.85 -19.79 -7.44
C PRO C 483 20.17 -21.16 -7.36
N ALA C 484 19.03 -21.25 -6.69
CA ALA C 484 18.32 -22.52 -6.56
C ALA C 484 16.81 -22.29 -6.59
N VAL C 485 16.15 -22.94 -7.54
CA VAL C 485 14.71 -22.80 -7.71
C VAL C 485 13.88 -24.00 -7.27
N PHE C 486 12.72 -23.71 -6.70
CA PHE C 486 11.78 -24.75 -6.30
C PHE C 486 10.79 -24.81 -7.45
N TRP C 487 10.66 -25.96 -8.12
CA TRP C 487 9.69 -26.06 -9.22
C TRP C 487 8.33 -26.48 -8.67
N LEU C 488 7.54 -25.50 -8.20
CA LEU C 488 6.23 -25.80 -7.62
C LEU C 488 5.13 -24.96 -8.26
N ASP C 489 4.22 -25.65 -8.95
CA ASP C 489 3.12 -24.98 -9.64
C ASP C 489 1.93 -24.67 -8.76
N PRO C 490 1.56 -23.39 -8.65
CA PRO C 490 0.44 -22.95 -7.82
C PRO C 490 -0.90 -23.49 -8.33
N ALA C 491 -0.95 -23.77 -9.63
CA ALA C 491 -2.15 -24.31 -10.23
C ALA C 491 -2.53 -25.59 -9.54
N ARG C 492 -1.53 -26.44 -9.28
CA ARG C 492 -1.73 -27.74 -8.61
C ARG C 492 -2.02 -27.63 -7.11
N ALA C 493 -3.24 -28.02 -6.72
CA ALA C 493 -3.67 -27.98 -5.33
C ALA C 493 -2.66 -28.64 -4.41
N HIS C 494 -1.82 -29.48 -5.01
CA HIS C 494 -0.79 -30.19 -4.26
C HIS C 494 0.42 -29.30 -4.09
N ASP C 495 1.10 -29.02 -5.19
CA ASP C 495 2.30 -28.18 -5.18
C ASP C 495 2.00 -26.94 -4.33
N ALA C 496 0.76 -26.49 -4.40
CA ALA C 496 0.33 -25.32 -3.67
C ALA C 496 0.54 -25.45 -2.18
N GLN C 497 0.07 -26.55 -1.59
CA GLN C 497 0.25 -26.73 -0.16
C GLN C 497 1.69 -27.06 0.18
N VAL C 498 2.42 -27.56 -0.79
CA VAL C 498 3.81 -27.89 -0.55
C VAL C 498 4.57 -26.57 -0.56
N ILE C 499 4.05 -25.60 -1.30
CA ILE C 499 4.68 -24.28 -1.37
C ILE C 499 4.59 -23.60 -0.01
N ALA C 500 3.46 -23.77 0.66
CA ALA C 500 3.27 -23.17 1.97
C ALA C 500 4.37 -23.73 2.87
N LYS C 501 4.52 -25.05 2.83
CA LYS C 501 5.53 -25.74 3.62
C LYS C 501 6.88 -25.08 3.41
N VAL C 502 7.38 -25.08 2.17
CA VAL C 502 8.67 -24.49 1.85
C VAL C 502 8.83 -23.06 2.33
N GLU C 503 7.94 -22.17 1.88
CA GLU C 503 8.03 -20.77 2.25
C GLU C 503 8.22 -20.59 3.75
N ARG C 504 7.55 -21.44 4.53
CA ARG C 504 7.64 -21.37 5.98
C ARG C 504 8.87 -22.04 6.59
N TYR C 505 9.49 -22.95 5.85
CA TYR C 505 10.66 -23.65 6.38
C TYR C 505 11.99 -22.96 6.07
N LEU C 506 12.02 -22.20 4.98
CA LEU C 506 13.25 -21.49 4.65
C LEU C 506 13.49 -20.49 5.78
N LYS C 507 12.40 -20.07 6.41
CA LYS C 507 12.46 -19.12 7.51
C LYS C 507 13.00 -19.80 8.76
N ASP C 508 13.65 -20.94 8.55
CA ASP C 508 14.23 -21.69 9.65
C ASP C 508 15.73 -21.80 9.42
N TYR C 509 16.17 -21.38 8.23
CA TYR C 509 17.57 -21.43 7.86
C TYR C 509 18.12 -20.07 7.45
N ASP C 510 19.39 -20.06 7.07
CA ASP C 510 20.07 -18.86 6.64
C ASP C 510 19.87 -18.64 5.13
N THR C 511 19.17 -17.56 4.79
CA THR C 511 18.89 -17.22 3.40
C THR C 511 19.81 -16.13 2.86
N SER C 512 20.48 -15.42 3.76
CA SER C 512 21.38 -14.32 3.41
C SER C 512 22.47 -14.62 2.39
N GLY C 513 22.39 -13.98 1.23
CA GLY C 513 23.39 -14.16 0.20
C GLY C 513 23.12 -15.31 -0.75
N LEU C 514 21.90 -15.84 -0.72
CA LEU C 514 21.51 -16.95 -1.57
C LEU C 514 20.38 -16.50 -2.49
N ASP C 515 20.43 -16.93 -3.75
CA ASP C 515 19.40 -16.58 -4.73
C ASP C 515 18.31 -17.68 -4.79
N ILE C 516 17.65 -17.92 -3.66
CA ILE C 516 16.62 -18.93 -3.59
C ILE C 516 15.27 -18.32 -3.96
N ARG C 517 14.54 -18.97 -4.88
CA ARG C 517 13.23 -18.46 -5.29
C ARG C 517 12.36 -19.59 -5.80
N ILE C 518 11.04 -19.40 -5.72
CA ILE C 518 10.08 -20.42 -6.13
C ILE C 518 9.34 -20.08 -7.44
N LEU C 519 9.31 -21.02 -8.38
CA LEU C 519 8.64 -20.81 -9.65
C LEU C 519 7.90 -22.04 -10.16
N SER C 520 7.12 -21.84 -11.21
CA SER C 520 6.38 -22.92 -11.84
C SER C 520 7.35 -23.71 -12.72
N PRO C 521 7.17 -25.03 -12.81
CA PRO C 521 8.06 -25.84 -13.63
C PRO C 521 8.22 -25.20 -15.02
N VAL C 522 7.21 -24.48 -15.44
CA VAL C 522 7.23 -23.83 -16.73
C VAL C 522 8.20 -22.65 -16.66
N GLU C 523 7.97 -21.74 -15.72
CA GLU C 523 8.82 -20.57 -15.52
C GLU C 523 10.23 -21.05 -15.16
N ALA C 524 10.28 -22.05 -14.29
CA ALA C 524 11.54 -22.61 -13.83
C ALA C 524 12.39 -23.16 -14.95
N THR C 525 11.77 -23.82 -15.92
CA THR C 525 12.55 -24.38 -17.02
C THR C 525 13.09 -23.25 -17.88
N ARG C 526 12.36 -22.13 -17.91
CA ARG C 526 12.79 -20.97 -18.69
C ARG C 526 13.94 -20.30 -17.97
N PHE C 527 13.70 -19.91 -16.73
CA PHE C 527 14.73 -19.25 -15.93
C PHE C 527 16.01 -20.08 -15.95
N SER C 528 15.85 -21.40 -16.03
CA SER C 528 16.98 -22.32 -16.05
C SER C 528 17.65 -22.35 -17.43
N LEU C 529 16.89 -22.72 -18.45
CA LEU C 529 17.43 -22.78 -19.78
C LEU C 529 18.08 -21.45 -20.15
N ALA C 530 17.68 -20.38 -19.46
CA ALA C 530 18.23 -19.05 -19.70
C ALA C 530 19.68 -19.09 -19.22
N ARG C 531 19.83 -19.10 -17.89
CA ARG C 531 21.13 -19.16 -17.24
C ARG C 531 22.00 -20.23 -17.87
N ILE C 532 21.40 -21.34 -18.25
CA ILE C 532 22.19 -22.43 -18.83
C ILE C 532 22.96 -22.05 -20.09
N ARG C 533 22.27 -21.59 -21.13
CA ARG C 533 22.94 -21.26 -22.38
C ARG C 533 23.98 -20.16 -22.29
N GLU C 534 23.75 -19.15 -21.45
CA GLU C 534 24.73 -18.08 -21.28
C GLU C 534 25.89 -18.63 -20.43
N GLY C 535 25.73 -19.87 -19.95
CA GLY C 535 26.78 -20.52 -19.19
C GLY C 535 26.72 -20.44 -17.68
N LYS C 536 25.55 -20.24 -17.11
CA LYS C 536 25.44 -20.14 -15.66
C LYS C 536 24.68 -21.31 -15.03
N ASP C 537 25.11 -21.73 -13.84
CA ASP C 537 24.47 -22.85 -13.14
C ASP C 537 23.18 -22.45 -12.44
N THR C 538 22.45 -23.45 -11.96
CA THR C 538 21.21 -23.21 -11.26
C THR C 538 20.60 -24.49 -10.64
N ILE C 539 20.78 -24.60 -9.33
CA ILE C 539 20.29 -25.71 -8.55
C ILE C 539 18.82 -25.93 -8.74
N SER C 540 18.44 -27.17 -9.02
CA SER C 540 17.04 -27.52 -9.25
C SER C 540 16.38 -28.25 -8.07
N VAL C 541 15.59 -27.54 -7.30
CA VAL C 541 14.90 -28.16 -6.16
C VAL C 541 13.48 -28.53 -6.61
N THR C 542 13.22 -29.82 -6.78
CA THR C 542 11.91 -30.25 -7.26
C THR C 542 11.35 -31.46 -6.58
N GLY C 543 10.12 -31.78 -6.94
CA GLY C 543 9.42 -32.93 -6.39
C GLY C 543 10.10 -34.23 -6.77
N ASN C 544 9.40 -35.34 -6.57
CA ASN C 544 9.94 -36.67 -6.85
C ASN C 544 9.93 -37.08 -8.32
N VAL C 545 8.85 -36.75 -9.02
CA VAL C 545 8.75 -37.11 -10.44
C VAL C 545 9.74 -36.26 -11.24
N LEU C 546 9.73 -34.95 -11.02
CA LEU C 546 10.63 -34.08 -11.74
C LEU C 546 12.05 -34.46 -11.40
N ARG C 547 12.27 -34.82 -10.14
CA ARG C 547 13.60 -35.23 -9.67
C ARG C 547 14.21 -36.16 -10.68
N ASP C 548 13.43 -37.12 -11.16
CA ASP C 548 13.92 -38.06 -12.17
C ASP C 548 14.04 -37.35 -13.51
N TYR C 549 12.89 -37.04 -14.10
CA TYR C 549 12.86 -36.36 -15.39
C TYR C 549 14.08 -35.50 -15.65
N LEU C 550 14.38 -34.58 -14.73
CA LEU C 550 15.51 -33.66 -14.88
C LEU C 550 16.91 -34.28 -14.79
N THR C 551 17.14 -35.08 -13.75
CA THR C 551 18.45 -35.72 -13.57
C THR C 551 18.79 -36.57 -14.78
N ASP C 552 17.75 -36.96 -15.51
CA ASP C 552 17.94 -37.78 -16.70
C ASP C 552 18.05 -36.83 -17.87
N LEU C 553 17.27 -35.76 -17.83
CA LEU C 553 17.28 -34.78 -18.90
C LEU C 553 18.59 -33.99 -18.95
N PHE C 554 18.67 -32.89 -18.21
CA PHE C 554 19.87 -32.07 -18.26
C PHE C 554 21.18 -32.84 -18.31
N PRO C 555 21.41 -33.78 -17.37
CA PRO C 555 22.67 -34.50 -17.44
C PRO C 555 22.94 -35.08 -18.82
N ILE C 556 21.94 -35.63 -19.45
CA ILE C 556 22.14 -36.19 -20.78
C ILE C 556 22.69 -35.12 -21.72
N MET C 557 22.01 -33.98 -21.79
CA MET C 557 22.46 -32.90 -22.65
C MET C 557 23.91 -32.48 -22.44
N GLU C 558 24.31 -32.35 -21.18
CA GLU C 558 25.66 -31.90 -20.87
C GLU C 558 26.74 -32.95 -20.69
N LEU C 559 26.39 -34.15 -20.25
CA LEU C 559 27.42 -35.17 -20.05
C LEU C 559 27.23 -36.33 -21.01
N GLY C 560 26.15 -36.26 -21.78
CA GLY C 560 25.84 -37.32 -22.71
C GLY C 560 25.07 -38.39 -21.98
N THR C 561 25.50 -38.70 -20.75
CA THR C 561 24.82 -39.71 -19.95
C THR C 561 24.52 -39.28 -18.53
N SER C 562 23.40 -39.77 -18.02
CA SER C 562 22.99 -39.44 -16.65
C SER C 562 23.81 -40.37 -15.78
N ALA C 563 24.15 -41.52 -16.35
CA ALA C 563 24.94 -42.51 -15.63
C ALA C 563 26.25 -41.90 -15.23
N LYS C 564 26.68 -40.92 -16.02
CA LYS C 564 27.94 -40.27 -15.79
C LYS C 564 27.95 -39.23 -14.66
N MET C 565 27.06 -39.37 -13.69
CA MET C 565 27.09 -38.40 -12.62
C MET C 565 26.91 -38.92 -11.21
N LEU C 566 26.98 -38.00 -10.25
CA LEU C 566 26.89 -38.32 -8.84
C LEU C 566 25.47 -38.30 -8.30
N SER C 567 25.09 -39.34 -7.55
CA SER C 567 23.76 -39.42 -6.96
C SER C 567 23.85 -39.94 -5.54
N ILE C 568 23.78 -39.04 -4.58
CA ILE C 568 23.87 -39.40 -3.17
C ILE C 568 22.54 -39.28 -2.45
N VAL C 569 22.18 -40.31 -1.69
CA VAL C 569 20.94 -40.28 -0.95
C VAL C 569 21.27 -40.33 0.54
N PRO C 570 21.19 -39.18 1.23
CA PRO C 570 21.48 -39.05 2.65
C PRO C 570 20.32 -39.69 3.43
N LEU C 571 20.49 -40.94 3.84
CA LEU C 571 19.41 -41.60 4.57
C LEU C 571 19.04 -40.86 5.84
N MET C 572 17.74 -40.70 6.08
CA MET C 572 17.23 -39.98 7.26
C MET C 572 17.35 -40.84 8.51
N SER C 573 18.57 -41.26 8.79
CA SER C 573 18.90 -42.09 9.92
C SER C 573 20.35 -42.44 9.68
N GLY C 574 21.19 -41.41 9.66
CA GLY C 574 22.62 -41.53 9.44
C GLY C 574 23.13 -42.58 8.48
N GLY C 575 22.27 -43.05 7.57
CA GLY C 575 22.68 -44.07 6.63
C GLY C 575 23.23 -43.49 5.35
N GLY C 576 23.49 -44.35 4.37
CA GLY C 576 24.02 -43.86 3.12
C GLY C 576 23.63 -44.66 1.90
N LEU C 577 22.76 -44.10 1.07
CA LEU C 577 22.38 -44.78 -0.14
C LEU C 577 23.17 -44.13 -1.26
N PHE C 578 24.12 -44.86 -1.80
CA PHE C 578 24.94 -44.32 -2.87
C PHE C 578 24.57 -44.91 -4.23
N GLU C 579 23.69 -44.22 -4.94
CA GLU C 579 23.26 -44.67 -6.25
C GLU C 579 24.39 -44.47 -7.26
N THR C 580 24.43 -45.34 -8.25
CA THR C 580 25.45 -45.31 -9.30
C THR C 580 25.34 -44.08 -10.19
N GLY C 581 24.30 -44.05 -11.02
CA GLY C 581 24.11 -42.93 -11.92
C GLY C 581 22.64 -42.61 -12.00
N ALA C 582 22.31 -41.49 -12.64
CA ALA C 582 20.91 -41.10 -12.78
C ALA C 582 20.22 -41.91 -13.85
N GLY C 583 20.90 -42.95 -14.33
CA GLY C 583 20.34 -43.80 -15.37
C GLY C 583 19.87 -45.15 -14.89
N GLY C 584 19.50 -46.02 -15.84
CA GLY C 584 19.03 -47.36 -15.51
C GLY C 584 19.94 -48.40 -16.14
N SER C 585 19.49 -49.66 -16.17
CA SER C 585 20.29 -50.72 -16.79
C SER C 585 20.28 -50.28 -18.23
N ALA C 586 21.00 -50.97 -19.10
CA ALA C 586 21.01 -50.54 -20.50
C ALA C 586 20.73 -51.72 -21.40
N PRO C 587 19.45 -52.12 -21.50
CA PRO C 587 19.02 -53.24 -22.33
C PRO C 587 19.86 -53.40 -23.58
N LYS C 588 19.87 -52.37 -24.43
CA LYS C 588 20.63 -52.37 -25.66
C LYS C 588 22.12 -52.67 -25.42
N HIS C 589 22.62 -52.31 -24.25
CA HIS C 589 24.02 -52.54 -23.91
C HIS C 589 24.32 -54.02 -23.76
N VAL C 590 23.28 -54.80 -23.49
CA VAL C 590 23.42 -56.26 -23.36
C VAL C 590 23.29 -56.86 -24.74
N GLN C 591 22.37 -56.29 -25.51
CA GLN C 591 22.10 -56.72 -26.88
C GLN C 591 23.41 -56.69 -27.68
N GLN C 592 24.20 -55.64 -27.50
CA GLN C 592 25.47 -55.55 -28.23
C GLN C 592 26.48 -56.57 -27.69
N PHE C 593 26.54 -56.72 -26.36
CA PHE C 593 27.48 -57.66 -25.74
C PHE C 593 27.24 -59.09 -26.19
N LEU C 594 25.96 -59.47 -26.28
CA LEU C 594 25.60 -60.82 -26.68
C LEU C 594 25.74 -61.06 -28.19
N GLU C 595 26.21 -60.06 -28.92
CA GLU C 595 26.40 -60.19 -30.35
C GLU C 595 27.84 -59.93 -30.74
N GLU C 596 28.36 -58.75 -30.40
CA GLU C 596 29.73 -58.39 -30.74
C GLU C 596 30.75 -58.73 -29.63
N GLY C 597 30.28 -58.83 -28.39
CA GLY C 597 31.20 -59.10 -27.30
C GLY C 597 31.77 -57.76 -26.84
N TYR C 598 30.96 -56.71 -27.01
CA TYR C 598 31.36 -55.38 -26.63
C TYR C 598 30.35 -54.84 -25.64
N LEU C 599 30.84 -54.20 -24.58
CA LEU C 599 30.00 -53.62 -23.55
C LEU C 599 30.37 -52.15 -23.41
N ARG C 600 29.56 -51.27 -23.99
CA ARG C 600 29.84 -49.84 -23.93
C ARG C 600 29.34 -49.14 -22.67
N TRP C 601 28.77 -49.93 -21.76
CA TRP C 601 28.26 -49.41 -20.50
C TRP C 601 29.38 -48.65 -19.78
N ASP C 602 29.12 -47.40 -19.41
CA ASP C 602 30.11 -46.59 -18.71
C ASP C 602 29.97 -46.88 -17.21
N SER C 603 31.06 -47.25 -16.55
CA SER C 603 31.00 -47.54 -15.12
C SER C 603 31.44 -46.38 -14.24
N LEU C 604 31.49 -45.16 -14.78
CA LEU C 604 31.88 -43.98 -14.01
C LEU C 604 30.88 -43.69 -12.90
N GLY C 605 29.64 -44.13 -13.09
CA GLY C 605 28.63 -43.93 -12.08
C GLY C 605 29.07 -44.61 -10.80
N GLU C 606 29.54 -45.85 -10.95
CA GLU C 606 30.01 -46.67 -9.85
C GLU C 606 31.29 -46.15 -9.24
N PHE C 607 32.26 -45.75 -10.06
CA PHE C 607 33.52 -45.20 -9.53
C PHE C 607 33.25 -44.05 -8.59
N LEU C 608 32.25 -43.25 -8.92
CA LEU C 608 31.92 -42.13 -8.06
C LEU C 608 31.24 -42.67 -6.81
N ALA C 609 30.29 -43.58 -7.01
CA ALA C 609 29.52 -44.18 -5.92
C ALA C 609 30.43 -44.84 -4.90
N LEU C 610 31.41 -45.58 -5.38
CA LEU C 610 32.38 -46.25 -4.50
C LEU C 610 33.16 -45.16 -3.77
N ALA C 611 33.84 -44.34 -4.53
CA ALA C 611 34.61 -43.25 -3.96
C ALA C 611 33.73 -42.42 -3.01
N ALA C 612 32.42 -42.70 -3.00
CA ALA C 612 31.50 -41.96 -2.14
C ALA C 612 31.25 -42.69 -0.83
N SER C 613 31.04 -43.99 -0.91
CA SER C 613 30.77 -44.81 0.27
C SER C 613 32.02 -45.19 1.01
N LEU C 614 33.15 -45.23 0.30
CA LEU C 614 34.40 -45.57 0.97
C LEU C 614 34.70 -44.45 1.96
N GLU C 615 34.25 -43.24 1.65
CA GLU C 615 34.46 -42.10 2.54
C GLU C 615 33.48 -42.15 3.71
N HIS C 616 32.18 -42.28 3.41
CA HIS C 616 31.14 -42.36 4.44
C HIS C 616 31.61 -43.36 5.48
N LEU C 617 32.24 -44.43 5.00
CA LEU C 617 32.77 -45.45 5.86
C LEU C 617 33.78 -44.77 6.77
N GLY C 618 34.97 -44.52 6.24
CA GLY C 618 36.02 -43.88 7.01
C GLY C 618 35.62 -42.71 7.92
N ASN C 619 34.71 -41.86 7.46
CA ASN C 619 34.28 -40.70 8.26
C ASN C 619 33.44 -41.08 9.48
N ALA C 620 32.44 -41.93 9.29
CA ALA C 620 31.57 -42.33 10.39
C ALA C 620 32.25 -43.32 11.33
N TYR C 621 33.45 -43.75 10.98
CA TYR C 621 34.18 -44.71 11.79
C TYR C 621 35.62 -44.29 12.11
N LYS C 622 36.37 -45.25 12.64
CA LYS C 622 37.76 -45.05 13.01
C LYS C 622 38.62 -45.59 11.89
N ASN C 623 38.22 -45.36 10.64
CA ASN C 623 39.01 -45.92 9.56
C ASN C 623 39.74 -44.94 8.68
N PRO C 624 41.06 -44.82 8.87
CA PRO C 624 41.84 -43.91 8.04
C PRO C 624 41.99 -44.59 6.68
N LYS C 625 42.41 -45.85 6.72
CA LYS C 625 42.60 -46.65 5.53
C LYS C 625 41.48 -46.41 4.52
N ALA C 626 40.24 -46.37 5.02
CA ALA C 626 39.07 -46.13 4.17
C ALA C 626 39.26 -44.79 3.47
N LEU C 627 39.51 -43.76 4.28
CA LEU C 627 39.73 -42.41 3.78
C LEU C 627 40.86 -42.34 2.75
N VAL C 628 41.79 -43.30 2.80
CA VAL C 628 42.91 -43.32 1.86
C VAL C 628 42.56 -44.01 0.54
N LEU C 629 41.96 -45.20 0.62
CA LEU C 629 41.63 -45.89 -0.60
C LEU C 629 40.46 -45.23 -1.33
N ALA C 630 39.82 -44.27 -0.67
CA ALA C 630 38.73 -43.53 -1.29
C ALA C 630 39.33 -42.25 -1.86
N SER C 631 40.31 -41.70 -1.13
CA SER C 631 41.00 -40.48 -1.54
C SER C 631 41.73 -40.76 -2.83
N THR C 632 42.27 -41.98 -2.93
CA THR C 632 42.99 -42.41 -4.12
C THR C 632 41.98 -42.76 -5.20
N LEU C 633 41.01 -43.60 -4.87
CA LEU C 633 40.00 -43.95 -5.84
C LEU C 633 39.53 -42.67 -6.51
N ASP C 634 39.18 -41.67 -5.71
CA ASP C 634 38.73 -40.39 -6.25
C ASP C 634 39.67 -40.02 -7.36
N GLN C 635 40.96 -40.18 -7.09
CA GLN C 635 42.03 -39.83 -8.01
C GLN C 635 42.12 -40.67 -9.27
N ALA C 636 42.30 -41.97 -9.10
CA ALA C 636 42.40 -42.87 -10.25
C ALA C 636 41.25 -42.56 -11.20
N THR C 637 40.10 -42.18 -10.65
CA THR C 637 38.95 -41.85 -11.47
C THR C 637 39.39 -40.70 -12.33
N GLY C 638 39.85 -39.63 -11.67
CA GLY C 638 40.33 -38.45 -12.38
C GLY C 638 41.19 -38.87 -13.55
N LYS C 639 42.19 -39.69 -13.29
CA LYS C 639 43.05 -40.17 -14.36
C LYS C 639 42.26 -40.93 -15.42
N ILE C 640 41.07 -41.40 -15.11
CA ILE C 640 40.27 -42.09 -16.10
C ILE C 640 39.78 -41.06 -17.10
N LEU C 641 39.25 -39.97 -16.57
CA LEU C 641 38.72 -38.88 -17.39
C LEU C 641 39.79 -38.02 -18.07
N ASP C 642 41.01 -38.07 -17.54
CA ASP C 642 42.11 -37.29 -18.07
C ASP C 642 42.88 -37.97 -19.18
N ASN C 643 42.92 -39.31 -19.19
CA ASN C 643 43.63 -40.01 -20.24
C ASN C 643 42.67 -40.71 -21.18
N ASN C 644 41.39 -40.38 -21.03
CA ASN C 644 40.32 -40.93 -21.85
C ASN C 644 40.28 -42.45 -21.86
N LYS C 645 40.31 -43.06 -20.68
CA LYS C 645 40.26 -44.49 -20.57
C LYS C 645 38.83 -44.97 -20.34
N SER C 646 37.88 -44.26 -20.93
CA SER C 646 36.47 -44.60 -20.81
C SER C 646 36.04 -45.29 -22.10
N PRO C 647 35.06 -46.21 -22.00
CA PRO C 647 34.49 -46.99 -23.10
C PRO C 647 34.19 -46.28 -24.40
N ALA C 648 34.67 -46.85 -25.49
CA ALA C 648 34.41 -46.28 -26.81
C ALA C 648 33.02 -46.77 -27.18
N ARG C 649 32.66 -46.71 -28.45
CA ARG C 649 31.34 -47.15 -28.85
C ARG C 649 31.35 -48.43 -29.68
N LYS C 650 32.27 -48.51 -30.63
CA LYS C 650 32.35 -49.68 -31.51
C LYS C 650 33.54 -50.57 -31.16
N VAL C 651 33.46 -51.83 -31.60
CA VAL C 651 34.51 -52.81 -31.35
C VAL C 651 35.87 -52.23 -31.73
N GLY C 652 36.90 -52.66 -31.02
CA GLY C 652 38.22 -52.16 -31.30
C GLY C 652 38.85 -51.52 -30.08
N GLU C 653 38.43 -50.32 -29.72
CA GLU C 653 39.04 -49.66 -28.57
C GLU C 653 38.29 -49.58 -27.22
N ILE C 654 38.97 -50.06 -26.18
CA ILE C 654 38.57 -50.02 -24.77
C ILE C 654 37.45 -50.75 -23.98
N ASP C 655 36.31 -51.10 -24.57
CA ASP C 655 35.28 -51.86 -23.80
C ASP C 655 35.05 -51.42 -22.32
N ASN C 656 34.68 -52.37 -21.46
CA ASN C 656 34.43 -52.09 -20.05
C ASN C 656 35.54 -52.53 -19.11
N ARG C 657 35.91 -53.82 -19.11
CA ARG C 657 36.98 -54.23 -18.20
C ARG C 657 38.26 -53.55 -18.64
N GLY C 658 38.21 -52.92 -19.81
CA GLY C 658 39.36 -52.18 -20.30
C GLY C 658 39.50 -51.00 -19.35
N SER C 659 38.38 -50.33 -19.10
CA SER C 659 38.39 -49.21 -18.19
C SER C 659 38.58 -49.78 -16.79
N HIS C 660 37.77 -50.76 -16.44
CA HIS C 660 37.90 -51.40 -15.12
C HIS C 660 39.36 -51.70 -14.87
N PHE C 661 40.10 -52.00 -15.94
CA PHE C 661 41.51 -52.30 -15.82
C PHE C 661 42.25 -51.04 -15.44
N TYR C 662 42.04 -49.96 -16.18
CA TYR C 662 42.73 -48.73 -15.87
C TYR C 662 42.36 -48.29 -14.47
N LEU C 663 41.09 -48.42 -14.12
CA LEU C 663 40.69 -48.04 -12.77
C LEU C 663 41.61 -48.83 -11.82
N ALA C 664 41.64 -50.14 -12.02
CA ALA C 664 42.45 -51.05 -11.23
C ALA C 664 43.91 -50.62 -11.29
N LEU C 665 44.37 -50.28 -12.50
CA LEU C 665 45.75 -49.84 -12.73
C LEU C 665 46.01 -48.54 -11.98
N TYR C 666 45.35 -47.47 -12.40
CA TYR C 666 45.54 -46.17 -11.79
C TYR C 666 45.32 -46.15 -10.28
N TRP C 667 44.49 -47.07 -9.79
CA TRP C 667 44.18 -47.13 -8.37
C TRP C 667 45.36 -47.71 -7.62
N ALA C 668 45.81 -48.86 -8.10
CA ALA C 668 46.95 -49.53 -7.49
C ALA C 668 48.10 -48.54 -7.40
N GLN C 669 48.42 -47.89 -8.52
CA GLN C 669 49.51 -46.93 -8.52
C GLN C 669 49.23 -45.78 -7.56
N ALA C 670 48.05 -45.21 -7.65
CA ALA C 670 47.69 -44.09 -6.79
C ALA C 670 47.95 -44.41 -5.32
N LEU C 671 47.74 -45.66 -4.95
CA LEU C 671 47.95 -46.08 -3.57
C LEU C 671 49.41 -46.33 -3.29
N ALA C 672 50.04 -47.15 -4.13
CA ALA C 672 51.45 -47.51 -3.98
C ALA C 672 52.39 -46.37 -4.29
N ALA C 673 51.86 -45.14 -4.28
CA ALA C 673 52.66 -43.97 -4.55
C ALA C 673 52.37 -42.89 -3.53
N GLN C 674 51.64 -43.25 -2.48
CA GLN C 674 51.31 -42.31 -1.43
C GLN C 674 52.03 -42.68 -0.16
N THR C 675 51.84 -41.88 0.87
CA THR C 675 52.48 -42.14 2.14
C THR C 675 51.55 -41.80 3.30
N GLU C 676 50.27 -41.69 3.01
CA GLU C 676 49.30 -41.40 4.05
C GLU C 676 49.25 -42.64 4.91
N ASP C 677 49.43 -43.78 4.25
CA ASP C 677 49.44 -45.09 4.91
C ASP C 677 50.51 -45.94 4.22
N LYS C 678 51.68 -46.01 4.86
CA LYS C 678 52.80 -46.79 4.35
C LYS C 678 52.42 -48.25 4.10
N GLU C 679 51.55 -48.78 4.96
CA GLU C 679 51.10 -50.16 4.87
C GLU C 679 50.48 -50.40 3.50
N LEU C 680 49.40 -49.68 3.19
CA LEU C 680 48.76 -49.85 1.90
C LEU C 680 49.83 -49.67 0.82
N GLN C 681 50.56 -48.56 0.88
CA GLN C 681 51.60 -48.28 -0.10
C GLN C 681 52.47 -49.50 -0.33
N ALA C 682 52.77 -50.23 0.75
CA ALA C 682 53.61 -51.42 0.67
C ALA C 682 52.87 -52.62 0.11
N GLN C 683 51.67 -52.89 0.61
CA GLN C 683 50.90 -54.03 0.12
C GLN C 683 50.02 -53.68 -1.08
N PHE C 684 50.58 -52.92 -2.01
CA PHE C 684 49.90 -52.53 -3.24
C PHE C 684 50.92 -52.22 -4.32
N THR C 685 52.19 -52.22 -3.93
CA THR C 685 53.28 -51.98 -4.87
C THR C 685 53.42 -53.24 -5.72
N GLY C 686 53.33 -54.40 -5.07
CA GLY C 686 53.44 -55.66 -5.77
C GLY C 686 52.53 -55.68 -6.99
N ILE C 687 51.39 -55.01 -6.86
CA ILE C 687 50.42 -54.91 -7.95
C ILE C 687 50.79 -53.72 -8.83
N ALA C 688 50.80 -52.52 -8.26
CA ALA C 688 51.14 -51.31 -8.99
C ALA C 688 52.15 -51.58 -10.09
N LYS C 689 53.25 -52.25 -9.76
CA LYS C 689 54.27 -52.55 -10.77
C LYS C 689 54.09 -53.95 -11.34
N ALA C 690 52.94 -54.17 -11.99
CA ALA C 690 52.63 -55.45 -12.59
C ALA C 690 51.56 -55.09 -13.59
N LEU C 691 50.75 -54.12 -13.18
CA LEU C 691 49.66 -53.65 -14.01
C LEU C 691 50.21 -52.69 -15.06
N THR C 692 51.38 -52.09 -14.82
CA THR C 692 51.93 -51.20 -15.83
C THR C 692 52.66 -52.05 -16.83
N ASP C 693 53.42 -52.99 -16.27
CA ASP C 693 54.23 -53.91 -17.05
C ASP C 693 53.39 -54.75 -18.02
N ASN C 694 52.21 -55.16 -17.58
CA ASN C 694 51.36 -55.96 -18.44
C ASN C 694 50.20 -55.19 -19.05
N GLU C 695 50.24 -53.86 -18.98
CA GLU C 695 49.16 -53.06 -19.55
C GLU C 695 48.94 -53.41 -21.02
N THR C 696 49.97 -53.20 -21.82
CA THR C 696 49.91 -53.49 -23.26
C THR C 696 49.36 -54.90 -23.56
N LYS C 697 49.82 -55.89 -22.79
CA LYS C 697 49.37 -57.27 -22.96
C LYS C 697 47.91 -57.43 -22.50
N ILE C 698 47.64 -57.03 -21.27
CA ILE C 698 46.30 -57.14 -20.71
C ILE C 698 45.31 -56.52 -21.68
N VAL C 699 45.50 -55.24 -21.99
CA VAL C 699 44.60 -54.56 -22.91
C VAL C 699 44.36 -55.49 -24.09
N GLY C 700 45.46 -56.04 -24.61
CA GLY C 700 45.36 -56.96 -25.74
C GLY C 700 44.53 -58.19 -25.41
N GLU C 701 44.79 -58.81 -24.26
CA GLU C 701 44.03 -59.99 -23.85
C GLU C 701 42.54 -59.68 -23.78
N LEU C 702 42.20 -58.49 -23.32
CA LEU C 702 40.80 -58.06 -23.22
C LEU C 702 40.16 -57.87 -24.60
N ALA C 703 40.72 -56.97 -25.41
CA ALA C 703 40.20 -56.72 -26.76
C ALA C 703 40.17 -58.01 -27.56
N ALA C 704 40.92 -59.00 -27.09
CA ALA C 704 41.00 -60.31 -27.74
C ALA C 704 39.73 -61.13 -27.47
N ALA C 705 38.65 -60.46 -27.12
CA ALA C 705 37.40 -61.12 -26.84
C ALA C 705 36.24 -60.36 -27.47
N GLN C 706 36.58 -59.32 -28.22
CA GLN C 706 35.59 -58.50 -28.89
C GLN C 706 35.35 -59.00 -30.31
N GLY C 707 34.14 -58.79 -30.83
CA GLY C 707 33.82 -59.22 -32.18
C GLY C 707 32.94 -60.47 -32.26
N LYS C 708 33.36 -61.55 -31.59
CA LYS C 708 32.61 -62.79 -31.59
C LYS C 708 31.35 -62.64 -30.71
N PRO C 709 30.37 -63.55 -30.87
CA PRO C 709 29.15 -63.49 -30.07
C PRO C 709 29.37 -64.14 -28.70
N VAL C 710 28.49 -63.83 -27.76
CA VAL C 710 28.58 -64.40 -26.42
C VAL C 710 27.30 -65.14 -26.07
N ASP C 711 27.44 -66.21 -25.29
CA ASP C 711 26.30 -67.00 -24.89
C ASP C 711 26.41 -67.24 -23.38
N ILE C 712 25.46 -66.71 -22.62
CA ILE C 712 25.48 -66.89 -21.16
C ILE C 712 24.28 -67.69 -20.66
N ALA C 713 23.71 -68.52 -21.53
CA ALA C 713 22.60 -69.38 -21.17
C ALA C 713 21.38 -68.68 -20.58
N GLY C 714 21.27 -67.37 -20.78
CA GLY C 714 20.13 -66.65 -20.26
C GLY C 714 20.16 -65.16 -20.53
N TYR C 715 19.50 -64.40 -19.66
CA TYR C 715 19.44 -62.94 -19.76
C TYR C 715 19.10 -62.34 -18.39
N TYR C 716 18.04 -62.86 -17.78
CA TYR C 716 17.59 -62.38 -16.49
C TYR C 716 18.24 -63.17 -15.39
N HIS C 717 18.66 -64.40 -15.72
CA HIS C 717 19.30 -65.25 -14.72
C HIS C 717 20.38 -66.10 -15.38
N PRO C 718 21.39 -65.45 -15.98
CA PRO C 718 22.52 -66.07 -16.68
C PRO C 718 23.20 -67.18 -15.90
N ASN C 719 24.02 -67.95 -16.62
CA ASN C 719 24.80 -69.01 -16.01
C ASN C 719 25.97 -68.19 -15.48
N THR C 720 26.04 -68.02 -14.17
CA THR C 720 27.09 -67.21 -13.55
C THR C 720 28.53 -67.53 -13.98
N ASP C 721 28.82 -68.82 -14.19
CA ASP C 721 30.15 -69.28 -14.60
C ASP C 721 30.49 -68.69 -15.97
N LEU C 722 29.70 -69.07 -16.96
CA LEU C 722 29.92 -68.59 -18.32
C LEU C 722 30.07 -67.08 -18.36
N THR C 723 29.29 -66.37 -17.54
CA THR C 723 29.33 -64.91 -17.50
C THR C 723 30.68 -64.37 -16.98
N SER C 724 31.16 -64.96 -15.89
CA SER C 724 32.42 -64.53 -15.33
C SER C 724 33.54 -64.68 -16.35
N LYS C 725 33.56 -65.80 -17.07
CA LYS C 725 34.61 -66.02 -18.04
C LYS C 725 34.52 -65.08 -19.24
N ALA C 726 33.29 -64.69 -19.60
CA ALA C 726 33.10 -63.77 -20.71
C ALA C 726 33.50 -62.36 -20.28
N MET C 727 33.20 -62.03 -19.03
CA MET C 727 33.50 -60.71 -18.48
C MET C 727 34.90 -60.56 -17.92
N ARG C 728 35.54 -61.68 -17.68
CA ARG C 728 36.91 -61.69 -17.15
C ARG C 728 37.80 -62.52 -18.05
N PRO C 729 37.95 -62.09 -19.31
CA PRO C 729 38.76 -62.73 -20.35
C PRO C 729 40.26 -62.79 -20.06
N SER C 730 40.86 -61.62 -19.82
CA SER C 730 42.29 -61.52 -19.54
C SER C 730 42.73 -62.39 -18.38
N ALA C 731 43.27 -63.55 -18.71
CA ALA C 731 43.72 -64.49 -17.69
C ALA C 731 44.98 -64.00 -17.01
N THR C 732 45.63 -62.99 -17.61
CA THR C 732 46.85 -62.42 -17.05
C THR C 732 46.53 -61.31 -16.05
N PHE C 733 45.41 -60.62 -16.26
CA PHE C 733 44.98 -59.56 -15.35
C PHE C 733 44.47 -60.26 -14.10
N ASN C 734 43.85 -61.43 -14.29
CA ASN C 734 43.30 -62.19 -13.18
C ASN C 734 44.38 -62.74 -12.26
N ALA C 735 45.39 -63.40 -12.84
CA ALA C 735 46.47 -63.96 -12.05
C ALA C 735 47.32 -62.85 -11.42
N ALA C 736 47.14 -61.63 -11.90
CA ALA C 736 47.87 -60.49 -11.38
C ALA C 736 46.98 -59.74 -10.40
N LEU C 737 46.06 -60.46 -9.77
CA LEU C 737 45.14 -59.85 -8.83
C LEU C 737 44.94 -60.69 -7.57
N ALA C 738 44.76 -62.00 -7.74
CA ALA C 738 44.58 -62.90 -6.60
C ALA C 738 45.78 -62.82 -5.65
N PRO C 739 47.01 -62.82 -6.20
CA PRO C 739 48.20 -62.76 -5.34
C PRO C 739 48.52 -61.29 -5.02
N LEU C 740 47.63 -60.63 -4.28
CA LEU C 740 47.85 -59.23 -3.92
C LEU C 740 49.17 -59.07 -3.15
N THR D 3 -15.17 27.11 35.11
CA THR D 3 -16.44 26.80 34.40
C THR D 3 -17.33 28.00 34.00
N PRO D 4 -17.10 29.19 34.57
CA PRO D 4 -17.93 30.35 34.20
C PRO D 4 -18.50 30.19 32.78
N LYS D 5 -19.82 30.02 32.70
CA LYS D 5 -20.47 29.78 31.43
C LYS D 5 -20.66 30.93 30.45
N ILE D 6 -20.55 30.56 29.18
CA ILE D 6 -20.75 31.41 28.02
C ILE D 6 -21.44 30.44 27.08
N ILE D 7 -22.69 30.72 26.72
CA ILE D 7 -23.44 29.83 25.85
C ILE D 7 -23.38 30.21 24.36
N TYR D 8 -22.76 29.35 23.56
CA TYR D 8 -22.69 29.57 22.12
C TYR D 8 -23.85 28.71 21.63
N THR D 9 -24.86 29.33 21.06
CA THR D 9 -26.01 28.57 20.61
C THR D 9 -25.84 27.95 19.25
N LEU D 10 -26.41 26.76 19.07
CA LEU D 10 -26.37 26.04 17.80
C LEU D 10 -27.71 26.25 17.11
N THR D 11 -27.67 26.71 15.85
CA THR D 11 -28.92 26.98 15.13
C THR D 11 -29.17 26.19 13.83
N ASP D 12 -29.60 26.89 12.78
CA ASP D 12 -29.99 26.16 11.60
C ASP D 12 -29.26 26.04 10.27
N GLU D 13 -29.16 27.10 9.48
CA GLU D 13 -28.55 26.93 8.17
C GLU D 13 -27.09 27.36 8.09
N ALA D 14 -26.78 28.43 7.35
CA ALA D 14 -25.41 28.93 7.20
C ALA D 14 -24.72 29.05 8.55
N PRO D 15 -25.28 29.85 9.47
CA PRO D 15 -24.67 30.01 10.80
C PRO D 15 -24.23 28.64 11.28
N ALA D 16 -25.20 27.72 11.28
CA ALA D 16 -24.99 26.34 11.70
C ALA D 16 -23.72 25.77 11.11
N LEU D 17 -23.62 25.72 9.80
CA LEU D 17 -22.41 25.20 9.19
C LEU D 17 -21.24 25.98 9.77
N ALA D 18 -21.30 27.30 9.67
CA ALA D 18 -20.21 28.13 10.16
C ALA D 18 -19.68 27.69 11.52
N THR D 19 -20.57 27.26 12.40
CA THR D 19 -20.16 26.85 13.74
C THR D 19 -19.23 25.64 13.78
N TYR D 20 -19.39 24.71 12.84
CA TYR D 20 -18.52 23.54 12.81
C TYR D 20 -17.08 23.97 12.59
N SER D 21 -16.93 25.15 12.02
CA SER D 21 -15.62 25.69 11.69
C SER D 21 -15.07 26.65 12.74
N LEU D 22 -15.87 27.64 13.11
CA LEU D 22 -15.42 28.61 14.09
C LEU D 22 -15.43 28.17 15.55
N LEU D 23 -16.41 27.34 15.92
CA LEU D 23 -16.55 26.89 17.31
C LEU D 23 -15.31 26.21 17.85
N PRO D 24 -14.78 25.21 17.12
CA PRO D 24 -13.57 24.62 17.70
C PRO D 24 -12.53 25.72 17.94
N ILE D 25 -12.30 26.56 16.94
CA ILE D 25 -11.35 27.64 17.11
C ILE D 25 -11.68 28.35 18.41
N ILE D 26 -12.84 28.99 18.47
CA ILE D 26 -13.24 29.70 19.68
C ILE D 26 -12.91 28.86 20.91
N LYS D 27 -13.17 27.55 20.82
CA LYS D 27 -12.95 26.62 21.93
C LYS D 27 -11.51 26.45 22.41
N ALA D 28 -10.55 26.62 21.51
CA ALA D 28 -9.15 26.46 21.87
C ALA D 28 -8.54 27.69 22.53
N PHE D 29 -9.09 28.87 22.23
CA PHE D 29 -8.56 30.10 22.79
C PHE D 29 -9.10 30.44 24.18
N THR D 30 -10.35 30.08 24.43
CA THR D 30 -10.94 30.35 25.72
C THR D 30 -10.66 29.18 26.64
N GLY D 31 -10.06 28.14 26.09
CA GLY D 31 -9.74 26.96 26.88
C GLY D 31 -8.76 27.13 28.03
N SER D 32 -7.56 27.62 27.72
CA SER D 32 -6.55 27.79 28.74
C SER D 32 -6.70 28.99 29.67
N SER D 33 -7.85 29.66 29.60
CA SER D 33 -8.08 30.81 30.48
C SER D 33 -9.22 30.53 31.45
N GLY D 34 -9.46 29.24 31.67
CA GLY D 34 -10.49 28.81 32.60
C GLY D 34 -11.88 29.33 32.27
N ILE D 35 -12.23 29.29 31.00
CA ILE D 35 -13.54 29.74 30.55
C ILE D 35 -14.26 28.57 29.93
N ALA D 36 -15.52 28.37 30.31
CA ALA D 36 -16.29 27.28 29.75
C ALA D 36 -17.24 27.76 28.67
N VAL D 37 -17.07 27.23 27.47
CA VAL D 37 -17.91 27.57 26.32
C VAL D 37 -18.75 26.33 26.00
N GLU D 38 -20.00 26.33 26.48
CA GLU D 38 -20.92 25.21 26.24
C GLU D 38 -21.86 25.54 25.09
N THR D 39 -22.52 24.50 24.57
CA THR D 39 -23.47 24.71 23.48
C THR D 39 -24.88 24.34 23.95
N ARG D 40 -25.87 24.89 23.27
CA ARG D 40 -27.26 24.60 23.54
C ARG D 40 -27.85 24.52 22.15
N ASP D 41 -28.61 23.45 21.89
CA ASP D 41 -29.21 23.27 20.59
C ASP D 41 -30.60 23.91 20.53
N ILE D 42 -30.70 25.07 19.90
CA ILE D 42 -32.00 25.73 19.77
C ILE D 42 -32.49 25.67 18.33
N SER D 43 -31.77 24.95 17.48
CA SER D 43 -32.14 24.83 16.07
C SER D 43 -33.60 24.36 15.94
N LEU D 44 -34.11 24.38 14.70
CA LEU D 44 -35.48 23.95 14.47
C LEU D 44 -35.59 22.46 14.84
N ALA D 45 -34.77 21.63 14.20
CA ALA D 45 -34.80 20.18 14.43
C ALA D 45 -34.66 19.78 15.88
N GLY D 46 -33.62 20.26 16.55
CA GLY D 46 -33.43 19.91 17.95
C GLY D 46 -34.68 20.29 18.72
N ARG D 47 -35.13 21.51 18.49
CA ARG D 47 -36.30 22.03 19.16
C ARG D 47 -37.52 21.09 19.05
N LEU D 48 -37.64 20.37 17.93
CA LEU D 48 -38.76 19.46 17.75
C LEU D 48 -38.42 18.14 18.43
N ILE D 49 -37.22 17.64 18.16
CA ILE D 49 -36.75 16.39 18.75
C ILE D 49 -36.86 16.43 20.27
N ALA D 50 -36.86 17.63 20.82
CA ALA D 50 -36.94 17.82 22.27
C ALA D 50 -38.38 17.95 22.76
N THR D 51 -39.28 18.28 21.84
CA THR D 51 -40.67 18.48 22.18
C THR D 51 -41.46 17.19 22.38
N PHE D 52 -41.10 16.13 21.64
CA PHE D 52 -41.82 14.86 21.76
C PHE D 52 -40.97 13.70 22.27
N PRO D 53 -40.50 13.78 23.52
CA PRO D 53 -39.67 12.73 24.11
C PRO D 53 -40.36 11.38 24.06
N GLU D 54 -41.69 11.41 24.23
CA GLU D 54 -42.49 10.20 24.25
C GLU D 54 -42.37 9.37 22.96
N TYR D 55 -42.31 10.02 21.80
CA TYR D 55 -42.21 9.28 20.53
C TYR D 55 -40.80 8.80 20.21
N LEU D 56 -39.81 9.35 20.89
CA LEU D 56 -38.43 8.99 20.62
C LEU D 56 -37.94 7.91 21.57
N THR D 57 -36.81 7.29 21.20
CA THR D 57 -36.21 6.24 21.99
C THR D 57 -35.15 6.83 22.91
N ASP D 58 -34.57 5.97 23.76
CA ASP D 58 -33.57 6.42 24.72
C ASP D 58 -32.47 7.26 24.10
N THR D 59 -31.92 6.80 22.98
CA THR D 59 -30.81 7.51 22.36
C THR D 59 -31.12 8.55 21.29
N GLN D 60 -32.38 8.95 21.16
CA GLN D 60 -32.69 9.99 20.18
C GLN D 60 -33.29 11.21 20.88
N LYS D 61 -33.33 11.16 22.22
CA LYS D 61 -33.84 12.29 23.00
C LYS D 61 -32.74 13.35 23.04
N ILE D 62 -33.04 14.52 23.60
CA ILE D 62 -32.08 15.59 23.68
C ILE D 62 -32.64 16.73 24.51
N SER D 63 -32.03 16.95 25.67
CA SER D 63 -32.45 18.01 26.61
C SER D 63 -33.15 19.20 25.94
N ASP D 64 -34.19 19.70 26.59
CA ASP D 64 -34.96 20.82 26.08
C ASP D 64 -34.20 22.12 26.42
N ASP D 65 -33.36 22.55 25.50
CA ASP D 65 -32.54 23.74 25.72
C ASP D 65 -33.23 25.10 25.61
N LEU D 66 -34.26 25.20 24.79
CA LEU D 66 -34.93 26.48 24.67
C LEU D 66 -35.38 26.77 26.08
N ALA D 67 -36.14 25.83 26.63
CA ALA D 67 -36.68 25.94 27.98
C ALA D 67 -35.62 26.25 29.02
N GLU D 68 -34.41 25.71 28.84
CA GLU D 68 -33.34 25.93 29.80
C GLU D 68 -32.82 27.35 29.67
N LEU D 69 -32.49 27.75 28.45
CA LEU D 69 -31.98 29.09 28.19
C LEU D 69 -33.00 30.08 28.71
N GLY D 70 -34.26 29.80 28.43
CA GLY D 70 -35.33 30.68 28.88
C GLY D 70 -35.16 31.08 30.33
N LYS D 71 -34.71 30.15 31.17
CA LYS D 71 -34.49 30.45 32.57
C LYS D 71 -33.17 31.20 32.70
N LEU D 72 -32.12 30.60 32.17
CA LEU D 72 -30.80 31.21 32.20
C LEU D 72 -30.84 32.70 31.85
N ALA D 73 -31.79 33.08 31.00
CA ALA D 73 -31.90 34.46 30.59
C ALA D 73 -32.28 35.44 31.69
N THR D 74 -33.07 34.99 32.66
CA THR D 74 -33.52 35.87 33.74
C THR D 74 -32.54 35.98 34.91
N THR D 75 -31.52 35.14 34.89
CA THR D 75 -30.52 35.18 35.94
C THR D 75 -29.40 36.16 35.57
N PRO D 76 -28.73 36.73 36.58
CA PRO D 76 -27.64 37.70 36.39
C PRO D 76 -26.40 37.20 35.69
N ASP D 77 -26.06 35.94 35.86
CA ASP D 77 -24.84 35.43 35.21
C ASP D 77 -25.03 34.98 33.77
N ALA D 78 -26.14 35.39 33.17
CA ALA D 78 -26.43 35.05 31.80
C ALA D 78 -25.37 35.71 30.93
N ASN D 79 -24.90 34.97 29.93
CA ASN D 79 -23.89 35.46 29.02
C ASN D 79 -24.10 34.53 27.82
N ILE D 80 -24.97 34.93 26.91
CA ILE D 80 -25.27 34.07 25.78
C ILE D 80 -24.90 34.68 24.44
N ILE D 81 -24.21 33.90 23.61
CA ILE D 81 -23.89 34.36 22.26
C ILE D 81 -24.97 33.65 21.43
N LYS D 82 -25.89 34.45 20.88
CA LYS D 82 -27.02 33.94 20.12
C LYS D 82 -26.92 34.17 18.62
N LEU D 83 -26.85 33.10 17.85
CA LEU D 83 -26.74 33.21 16.40
C LEU D 83 -28.14 33.14 15.80
N PRO D 84 -28.32 33.61 14.54
CA PRO D 84 -29.63 33.59 13.87
C PRO D 84 -30.21 32.18 13.80
N ASN D 85 -31.51 32.07 13.92
CA ASN D 85 -32.15 30.76 13.85
C ASN D 85 -33.47 30.85 13.10
N ILE D 86 -33.82 29.76 12.43
CA ILE D 86 -35.05 29.67 11.65
C ILE D 86 -36.36 29.88 12.37
N SER D 87 -37.20 30.79 11.89
CA SER D 87 -38.53 30.94 12.47
C SER D 87 -39.33 30.12 11.47
N ALA D 88 -39.58 28.86 11.83
CA ALA D 88 -40.29 27.97 10.93
C ALA D 88 -41.69 28.40 10.52
N SER D 89 -42.01 28.07 9.28
CA SER D 89 -43.30 28.36 8.68
C SER D 89 -43.88 26.98 8.38
N VAL D 90 -45.17 26.81 8.63
CA VAL D 90 -45.81 25.52 8.41
C VAL D 90 -45.26 24.75 7.21
N PRO D 91 -45.18 25.40 6.04
CA PRO D 91 -44.67 24.71 4.85
C PRO D 91 -43.38 23.95 5.06
N GLN D 92 -42.73 23.58 3.97
CA GLN D 92 -41.49 22.83 4.05
C GLN D 92 -40.73 23.13 5.36
N LEU D 93 -40.82 24.36 5.86
CA LEU D 93 -40.11 24.66 7.10
C LEU D 93 -40.56 23.69 8.19
N LYS D 94 -41.64 23.95 8.92
CA LYS D 94 -42.05 22.99 9.97
C LYS D 94 -42.26 21.60 9.34
N ALA D 95 -43.02 21.57 8.26
CA ALA D 95 -43.33 20.33 7.57
C ALA D 95 -42.10 19.54 7.12
N ALA D 96 -41.32 20.08 6.19
CA ALA D 96 -40.15 19.35 5.67
C ALA D 96 -39.10 18.86 6.67
N ILE D 97 -38.86 19.58 7.76
CA ILE D 97 -37.89 19.08 8.70
C ILE D 97 -38.49 17.96 9.54
N LYS D 98 -39.81 17.97 9.67
CA LYS D 98 -40.49 16.94 10.43
C LYS D 98 -40.17 15.59 9.83
N GLU D 99 -40.19 15.49 8.50
CA GLU D 99 -39.88 14.23 7.88
C GLU D 99 -38.38 14.10 7.62
N LEU D 100 -37.67 15.22 7.46
CA LEU D 100 -36.22 15.12 7.29
C LEU D 100 -35.79 14.22 8.43
N GLN D 101 -36.61 14.20 9.47
CA GLN D 101 -36.39 13.36 10.64
C GLN D 101 -36.94 11.96 10.33
N GLN D 102 -38.22 11.75 10.67
CA GLN D 102 -38.88 10.48 10.43
C GLN D 102 -38.19 9.77 9.29
N GLN D 103 -38.34 10.33 8.11
CA GLN D 103 -37.79 9.81 6.87
C GLN D 103 -36.80 8.69 7.12
N GLY D 104 -35.55 9.04 7.41
CA GLY D 104 -34.56 8.01 7.65
C GLY D 104 -34.15 7.93 9.11
N TYR D 105 -34.60 8.91 9.88
CA TYR D 105 -34.23 8.99 11.28
C TYR D 105 -35.25 8.38 12.26
N LYS D 106 -35.79 9.28 13.08
CA LYS D 106 -36.76 9.05 14.17
C LYS D 106 -38.22 8.73 13.81
N LEU D 107 -39.15 9.17 14.66
CA LEU D 107 -40.60 8.93 14.47
C LEU D 107 -41.59 9.96 15.06
N PRO D 108 -41.42 11.27 14.76
CA PRO D 108 -42.40 12.20 15.34
C PRO D 108 -43.82 11.94 14.81
N ASP D 109 -44.55 12.99 14.46
CA ASP D 109 -45.91 12.83 13.98
C ASP D 109 -46.37 13.99 13.10
N TYR D 110 -47.57 13.87 12.51
CA TYR D 110 -48.06 14.90 11.60
C TYR D 110 -48.95 16.06 12.11
N PRO D 111 -49.23 17.07 11.24
CA PRO D 111 -50.00 18.35 11.27
C PRO D 111 -51.51 18.71 11.10
N GLU D 112 -51.64 19.87 10.41
CA GLU D 112 -52.79 20.72 9.99
C GLU D 112 -54.23 20.81 10.48
N GLU D 113 -55.20 20.25 9.73
CA GLU D 113 -56.60 20.32 10.17
C GLU D 113 -56.94 19.08 10.99
N PRO D 114 -56.92 19.21 12.33
CA PRO D 114 -57.20 18.14 13.27
C PRO D 114 -58.64 17.69 13.27
N LYS D 115 -58.84 16.38 13.26
CA LYS D 115 -60.17 15.84 13.29
C LYS D 115 -60.29 14.80 14.40
N THR D 116 -59.16 14.54 15.07
CA THR D 116 -59.13 13.58 16.16
C THR D 116 -58.46 14.19 17.39
N ASP D 117 -58.89 13.76 18.56
CA ASP D 117 -58.37 14.25 19.82
C ASP D 117 -56.84 14.14 19.85
N THR D 118 -56.28 13.24 19.04
CA THR D 118 -54.83 13.08 19.02
C THR D 118 -54.21 14.13 18.13
N GLU D 119 -54.85 14.40 16.99
CA GLU D 119 -54.36 15.40 16.07
C GLU D 119 -54.42 16.79 16.71
N LYS D 120 -55.47 17.07 17.46
CA LYS D 120 -55.58 18.35 18.11
C LYS D 120 -54.49 18.53 19.15
N ASP D 121 -54.32 17.53 20.03
CA ASP D 121 -53.28 17.59 21.07
C ASP D 121 -51.89 17.82 20.47
N VAL D 122 -51.68 17.25 19.28
CA VAL D 122 -50.40 17.33 18.54
C VAL D 122 -50.20 18.64 17.81
N LYS D 123 -51.21 19.07 17.05
CA LYS D 123 -51.17 20.31 16.28
C LYS D 123 -50.96 21.46 17.24
N ALA D 124 -51.55 21.34 18.43
CA ALA D 124 -51.41 22.35 19.47
C ALA D 124 -49.96 22.44 19.98
N ARG D 125 -49.25 21.32 19.98
CA ARG D 125 -47.89 21.31 20.46
C ARG D 125 -46.89 21.76 19.42
N TYR D 126 -47.13 21.38 18.18
CA TYR D 126 -46.24 21.76 17.10
C TYR D 126 -46.35 23.26 16.88
N ASP D 127 -47.57 23.76 16.88
CA ASP D 127 -47.78 25.18 16.67
C ASP D 127 -46.82 25.99 17.54
N LYS D 128 -46.63 25.59 18.79
CA LYS D 128 -45.74 26.30 19.71
C LYS D 128 -44.30 26.25 19.21
N ILE D 129 -44.04 25.34 18.28
CA ILE D 129 -42.69 25.16 17.75
C ILE D 129 -42.44 26.00 16.49
N LYS D 130 -43.47 26.21 15.67
CA LYS D 130 -43.29 27.02 14.48
C LYS D 130 -43.26 28.47 14.92
N GLY D 131 -43.06 29.37 13.96
CA GLY D 131 -43.04 30.79 14.28
C GLY D 131 -41.80 31.23 15.02
N SER D 132 -41.84 32.42 15.62
CA SER D 132 -40.69 32.94 16.33
C SER D 132 -40.79 32.47 17.76
N ALA D 133 -40.10 31.38 18.06
CA ALA D 133 -40.14 30.79 19.40
C ALA D 133 -38.93 31.02 20.27
N VAL D 134 -37.76 31.13 19.65
CA VAL D 134 -36.51 31.32 20.38
C VAL D 134 -36.33 32.74 20.89
N ASN D 135 -36.11 33.65 19.95
CA ASN D 135 -35.86 35.04 20.29
C ASN D 135 -36.79 35.71 21.32
N PRO D 136 -38.12 35.69 21.12
CA PRO D 136 -38.96 36.35 22.14
C PRO D 136 -38.61 35.90 23.55
N VAL D 137 -38.20 34.64 23.68
CA VAL D 137 -37.83 34.12 24.99
C VAL D 137 -36.52 34.76 25.41
N LEU D 138 -35.43 34.38 24.76
CA LEU D 138 -34.12 34.92 25.09
C LEU D 138 -34.05 36.42 25.32
N ARG D 139 -34.75 37.19 24.50
CA ARG D 139 -34.73 38.64 24.61
C ARG D 139 -35.39 39.27 25.81
N GLU D 140 -34.73 39.17 26.97
CA GLU D 140 -35.23 39.76 28.19
C GLU D 140 -34.45 41.05 28.47
N GLY D 141 -34.57 42.00 27.55
CA GLY D 141 -33.88 43.27 27.67
C GLY D 141 -34.14 44.05 26.39
N ASN D 142 -33.61 45.26 26.30
CA ASN D 142 -33.86 46.03 25.10
C ASN D 142 -32.65 46.05 24.16
N SER D 143 -32.94 46.10 22.86
CA SER D 143 -31.91 46.09 21.84
C SER D 143 -31.09 47.36 21.68
N ASP D 144 -29.86 47.13 21.26
CA ASP D 144 -28.88 48.16 21.00
C ASP D 144 -27.99 47.67 19.86
N ARG D 145 -28.37 48.04 18.64
CA ARG D 145 -27.60 47.65 17.45
C ARG D 145 -26.89 48.86 16.86
N ARG D 146 -25.68 48.63 16.38
CA ARG D 146 -24.87 49.71 15.85
C ARG D 146 -23.59 49.21 15.21
N ALA D 147 -23.34 49.64 13.99
CA ALA D 147 -22.14 49.22 13.29
C ALA D 147 -20.88 49.86 13.94
N PRO D 148 -19.95 49.03 14.43
CA PRO D 148 -18.71 49.50 15.08
C PRO D 148 -17.86 50.33 14.11
N LEU D 149 -17.37 51.48 14.56
CA LEU D 149 -16.59 52.36 13.69
C LEU D 149 -15.78 51.59 12.64
N SER D 150 -14.79 50.82 13.10
CA SER D 150 -13.95 50.03 12.22
C SER D 150 -14.73 49.49 11.03
N VAL D 151 -15.86 48.83 11.32
CA VAL D 151 -16.70 48.25 10.27
C VAL D 151 -17.18 49.34 9.34
N LYS D 152 -17.65 50.45 9.90
CA LYS D 152 -18.14 51.55 9.07
C LYS D 152 -16.99 52.03 8.21
N ASN D 153 -15.81 52.10 8.82
CA ASN D 153 -14.60 52.54 8.13
C ASN D 153 -14.15 51.57 7.07
N TYR D 154 -14.38 50.29 7.34
CA TYR D 154 -14.04 49.25 6.39
C TYR D 154 -14.91 49.42 5.17
N ALA D 155 -16.21 49.58 5.47
CA ALA D 155 -17.26 49.76 4.47
C ALA D 155 -16.98 50.96 3.62
N ARG D 156 -16.52 52.02 4.26
CA ARG D 156 -16.21 53.24 3.55
C ARG D 156 -15.07 53.15 2.53
N LYS D 157 -14.09 52.30 2.80
CA LYS D 157 -12.98 52.15 1.89
C LYS D 157 -13.06 50.91 0.98
N HIS D 158 -14.04 50.05 1.26
CA HIS D 158 -14.26 48.83 0.47
C HIS D 158 -15.77 48.69 0.17
N PRO D 159 -16.35 49.70 -0.49
CA PRO D 159 -17.76 49.77 -0.86
C PRO D 159 -18.33 48.55 -1.60
N HIS D 160 -19.49 48.10 -1.10
CA HIS D 160 -20.20 46.98 -1.69
C HIS D 160 -20.96 47.61 -2.84
N LYS D 161 -21.14 46.87 -3.94
CA LYS D 161 -21.86 47.44 -5.07
C LYS D 161 -23.24 47.96 -4.64
N MET D 162 -23.71 48.99 -5.34
CA MET D 162 -25.01 49.59 -5.06
C MET D 162 -25.73 49.83 -6.38
N GLY D 163 -26.93 49.29 -6.50
CA GLY D 163 -27.69 49.46 -7.73
C GLY D 163 -27.90 50.92 -8.08
N ALA D 164 -27.67 51.26 -9.34
CA ALA D 164 -27.85 52.64 -9.79
C ALA D 164 -29.33 52.96 -9.67
N TRP D 165 -29.67 54.17 -9.23
CA TRP D 165 -31.08 54.55 -9.10
C TRP D 165 -31.56 55.53 -10.17
N SER D 166 -32.70 55.22 -10.77
CA SER D 166 -33.29 56.06 -11.81
C SER D 166 -34.45 56.90 -11.28
N ALA D 167 -34.41 58.20 -11.57
CA ALA D 167 -35.47 59.08 -11.10
C ALA D 167 -36.82 58.79 -11.77
N ASP D 168 -36.81 58.04 -12.87
CA ASP D 168 -38.06 57.73 -13.54
C ASP D 168 -38.41 56.27 -13.30
N SER D 169 -38.18 55.80 -12.09
CA SER D 169 -38.46 54.42 -11.73
C SER D 169 -39.94 54.20 -11.51
N LYS D 170 -40.37 52.98 -11.80
CA LYS D 170 -41.78 52.61 -11.65
C LYS D 170 -42.08 52.09 -10.23
N SER D 171 -41.07 51.51 -9.58
CA SER D 171 -41.19 50.97 -8.23
C SER D 171 -41.87 51.88 -7.23
N HIS D 172 -42.53 51.26 -6.24
CA HIS D 172 -43.24 51.98 -5.18
C HIS D 172 -43.83 50.98 -4.18
N VAL D 173 -44.37 51.49 -3.08
CA VAL D 173 -44.98 50.62 -2.09
C VAL D 173 -46.50 50.82 -2.11
N ALA D 174 -47.24 49.71 -2.02
CA ALA D 174 -48.70 49.77 -2.04
C ALA D 174 -49.28 49.33 -0.70
N HIS D 175 -50.11 50.19 -0.11
CA HIS D 175 -50.74 49.88 1.17
C HIS D 175 -52.22 50.26 1.22
N MET D 176 -52.98 49.56 2.05
CA MET D 176 -54.40 49.85 2.19
C MET D 176 -54.58 51.27 2.71
N ASP D 177 -55.73 51.85 2.41
CA ASP D 177 -56.01 53.22 2.85
C ASP D 177 -56.99 53.24 4.00
N ASN D 178 -57.86 52.23 4.07
CA ASN D 178 -58.86 52.14 5.14
C ASN D 178 -58.96 50.72 5.74
N GLY D 179 -59.60 50.65 6.91
CA GLY D 179 -59.79 49.39 7.60
C GLY D 179 -58.63 48.42 7.67
N ASP D 180 -57.63 48.76 8.48
CA ASP D 180 -56.48 47.88 8.64
C ASP D 180 -56.04 47.98 10.09
N PHE D 181 -54.94 47.32 10.46
CA PHE D 181 -54.48 47.39 11.82
C PHE D 181 -54.25 48.84 12.20
N TYR D 182 -53.34 49.48 11.47
CA TYR D 182 -53.03 50.87 11.72
C TYR D 182 -54.31 51.67 11.93
N GLY D 183 -55.12 51.77 10.88
CA GLY D 183 -56.35 52.53 10.98
C GLY D 183 -57.38 52.07 11.98
N SER D 184 -57.23 50.87 12.50
CA SER D 184 -58.20 50.33 13.45
C SER D 184 -57.88 50.46 14.94
N GLU D 185 -56.62 50.77 15.25
CA GLU D 185 -56.13 50.88 16.62
C GLU D 185 -57.01 51.51 17.70
N LYS D 186 -56.77 51.07 18.93
CA LYS D 186 -57.48 51.52 20.12
C LYS D 186 -56.69 51.10 21.33
N ALA D 187 -56.10 52.07 22.03
CA ALA D 187 -55.28 51.73 23.18
C ALA D 187 -55.90 52.05 24.52
N ALA D 188 -55.30 51.45 25.55
CA ALA D 188 -55.76 51.63 26.92
C ALA D 188 -54.60 51.47 27.87
N LEU D 189 -54.59 52.28 28.93
CA LEU D 189 -53.55 52.26 29.95
C LEU D 189 -54.02 51.48 31.17
N ILE D 190 -53.51 50.28 31.35
CA ILE D 190 -53.91 49.46 32.47
C ILE D 190 -53.61 50.16 33.80
N GLY D 191 -54.61 50.20 34.68
CA GLY D 191 -54.45 50.84 35.97
C GLY D 191 -54.07 49.93 37.13
N ALA D 192 -54.83 48.88 37.35
CA ALA D 192 -54.52 47.98 38.45
C ALA D 192 -54.09 46.59 38.01
N PRO D 193 -53.18 45.97 38.78
CA PRO D 193 -52.65 44.63 38.49
C PRO D 193 -53.77 43.63 38.52
N GLY D 194 -54.07 43.04 37.37
CA GLY D 194 -55.14 42.06 37.32
C GLY D 194 -55.03 41.16 36.10
N SER D 195 -56.15 41.02 35.40
CA SER D 195 -56.23 40.21 34.20
C SER D 195 -57.41 40.70 33.39
N VAL D 196 -57.37 40.42 32.10
CA VAL D 196 -58.43 40.83 31.21
C VAL D 196 -58.93 39.62 30.43
N LYS D 197 -60.21 39.70 30.04
CA LYS D 197 -60.85 38.63 29.27
C LYS D 197 -61.15 39.17 27.87
N ILE D 198 -60.82 38.40 26.84
CA ILE D 198 -61.07 38.82 25.45
C ILE D 198 -62.28 38.05 24.96
N GLU D 199 -63.43 38.70 24.85
CA GLU D 199 -64.66 38.03 24.42
C GLU D 199 -65.41 38.65 23.23
N LEU D 200 -65.99 37.77 22.41
CA LEU D 200 -66.75 38.20 21.24
C LEU D 200 -68.25 38.23 21.54
N ILE D 201 -68.94 39.26 21.09
CA ILE D 201 -70.38 39.36 21.29
C ILE D 201 -71.02 39.40 19.91
N ALA D 202 -71.54 38.23 19.50
CA ALA D 202 -72.16 38.05 18.19
C ALA D 202 -73.49 38.75 17.99
N LYS D 203 -73.76 39.10 16.73
CA LYS D 203 -75.00 39.76 16.38
C LYS D 203 -76.16 38.93 16.90
N ASP D 204 -75.97 37.61 16.89
CA ASP D 204 -77.02 36.72 17.38
C ASP D 204 -77.15 36.74 18.91
N GLY D 205 -76.70 37.81 19.53
CA GLY D 205 -76.80 37.94 20.98
C GLY D 205 -75.91 37.06 21.85
N SER D 206 -75.45 35.93 21.31
CA SER D 206 -74.59 35.02 22.07
C SER D 206 -73.17 35.57 22.20
N SER D 207 -72.34 34.92 23.00
CA SER D 207 -70.96 35.36 23.19
C SER D 207 -69.96 34.22 23.23
N THR D 208 -68.88 34.39 22.51
CA THR D 208 -67.81 33.40 22.44
C THR D 208 -66.54 33.98 23.06
N VAL D 209 -65.91 33.20 23.94
CA VAL D 209 -64.67 33.60 24.60
C VAL D 209 -63.50 33.27 23.67
N LEU D 210 -62.55 34.17 23.55
CA LEU D 210 -61.41 33.93 22.68
C LEU D 210 -60.18 33.70 23.57
N LYS D 211 -60.22 34.33 24.74
CA LYS D 211 -59.15 34.23 25.72
C LYS D 211 -59.77 34.79 26.99
N ALA D 212 -59.89 33.95 28.02
CA ALA D 212 -60.52 34.38 29.26
C ALA D 212 -59.61 35.10 30.26
N LYS D 213 -58.41 34.56 30.47
CA LYS D 213 -57.47 35.17 31.39
C LYS D 213 -56.15 35.62 30.74
N THR D 214 -55.86 36.91 30.86
CA THR D 214 -54.64 37.50 30.33
C THR D 214 -54.20 38.59 31.30
N SER D 215 -53.25 38.23 32.16
CA SER D 215 -52.76 39.16 33.15
C SER D 215 -52.12 40.43 32.60
N VAL D 216 -52.44 41.53 33.27
CA VAL D 216 -51.92 42.83 32.89
C VAL D 216 -51.36 43.50 34.15
N GLN D 217 -50.15 44.06 34.02
CA GLN D 217 -49.49 44.74 35.12
C GLN D 217 -49.91 46.21 35.16
N ALA D 218 -49.53 46.90 36.23
CA ALA D 218 -49.84 48.30 36.36
C ALA D 218 -49.00 49.04 35.35
N GLY D 219 -49.49 50.16 34.86
CA GLY D 219 -48.73 50.93 33.88
C GLY D 219 -48.54 50.28 32.52
N GLU D 220 -49.11 49.10 32.33
CA GLU D 220 -48.99 48.39 31.05
C GLU D 220 -49.86 49.07 29.99
N ILE D 221 -49.41 49.05 28.75
CA ILE D 221 -50.16 49.66 27.66
C ILE D 221 -50.74 48.58 26.75
N ILE D 222 -52.06 48.51 26.65
CA ILE D 222 -52.66 47.52 25.78
C ILE D 222 -53.51 48.16 24.69
N ASP D 223 -53.39 47.64 23.48
CA ASP D 223 -54.09 48.14 22.31
C ASP D 223 -54.66 46.97 21.48
N SER D 224 -55.76 47.22 20.78
CA SER D 224 -56.36 46.19 19.94
C SER D 224 -56.73 46.80 18.58
N SER D 225 -56.51 46.03 17.51
CA SER D 225 -56.84 46.48 16.17
C SER D 225 -57.29 45.29 15.36
N VAL D 226 -57.70 45.51 14.11
CA VAL D 226 -58.16 44.40 13.29
C VAL D 226 -58.05 44.62 11.80
N MET D 227 -57.48 43.65 11.11
CA MET D 227 -57.34 43.69 9.66
C MET D 227 -58.67 43.20 9.13
N SER D 228 -59.33 43.97 8.27
CA SER D 228 -60.61 43.57 7.72
C SER D 228 -60.42 42.71 6.46
N LYS D 229 -60.92 41.48 6.51
CA LYS D 229 -60.79 40.54 5.39
C LYS D 229 -61.25 41.08 4.03
N ASN D 230 -62.49 41.55 3.98
CA ASN D 230 -63.04 42.07 2.74
C ASN D 230 -62.40 43.39 2.32
N ALA D 231 -61.84 44.13 3.26
CA ALA D 231 -61.18 45.37 2.90
C ALA D 231 -59.84 45.02 2.26
N LEU D 232 -59.18 43.99 2.80
CA LEU D 232 -57.90 43.52 2.28
C LEU D 232 -58.12 42.87 0.93
N ARG D 233 -59.21 42.12 0.84
CA ARG D 233 -59.62 41.43 -0.38
C ARG D 233 -59.80 42.47 -1.49
N ASN D 234 -60.51 43.54 -1.19
CA ASN D 234 -60.73 44.62 -2.15
C ASN D 234 -59.43 45.36 -2.48
N PHE D 235 -58.48 45.31 -1.58
CA PHE D 235 -57.21 45.99 -1.77
C PHE D 235 -56.33 45.23 -2.73
N ILE D 236 -56.00 43.98 -2.37
CA ILE D 236 -55.14 43.13 -3.18
C ILE D 236 -55.65 42.96 -4.59
N ALA D 237 -56.97 42.95 -4.72
CA ALA D 237 -57.59 42.79 -6.02
C ALA D 237 -57.26 43.99 -6.90
N ALA D 238 -57.34 45.19 -6.32
CA ALA D 238 -57.05 46.40 -7.08
C ALA D 238 -55.56 46.50 -7.41
N GLU D 239 -54.72 46.27 -6.41
CA GLU D 239 -53.28 46.38 -6.61
C GLU D 239 -52.77 45.43 -7.67
N ILE D 240 -53.42 44.29 -7.84
CA ILE D 240 -53.00 43.37 -8.88
C ILE D 240 -53.36 44.03 -10.20
N GLU D 241 -54.66 44.24 -10.37
CA GLU D 241 -55.21 44.84 -11.59
C GLU D 241 -54.33 45.99 -12.03
N ASP D 242 -54.19 46.97 -11.14
CA ASP D 242 -53.37 48.15 -11.40
C ASP D 242 -51.91 47.82 -11.67
N ALA D 243 -51.39 46.80 -10.98
CA ALA D 243 -50.01 46.41 -11.17
C ALA D 243 -49.81 45.87 -12.58
N LYS D 244 -50.90 45.48 -13.23
CA LYS D 244 -50.84 44.96 -14.58
C LYS D 244 -50.66 46.14 -15.54
N LYS D 245 -51.43 47.21 -15.32
CA LYS D 245 -51.35 48.41 -16.14
C LYS D 245 -49.93 49.01 -16.08
N GLN D 246 -49.45 49.21 -14.85
CA GLN D 246 -48.11 49.76 -14.61
C GLN D 246 -46.98 48.99 -15.30
N GLY D 247 -47.21 47.73 -15.61
CA GLY D 247 -46.18 46.94 -16.25
C GLY D 247 -45.08 46.61 -15.26
N VAL D 248 -45.47 46.40 -14.00
CA VAL D 248 -44.55 46.08 -12.92
C VAL D 248 -44.80 44.72 -12.30
N LEU D 249 -43.80 44.24 -11.56
CA LEU D 249 -43.86 42.96 -10.87
C LEU D 249 -44.68 43.11 -9.59
N LEU D 250 -45.51 42.12 -9.29
CA LEU D 250 -46.31 42.16 -8.07
C LEU D 250 -45.51 41.43 -6.98
N SER D 251 -45.34 42.06 -5.83
CA SER D 251 -44.60 41.42 -4.75
C SER D 251 -45.23 41.71 -3.40
N VAL D 252 -45.23 40.69 -2.54
CA VAL D 252 -45.83 40.80 -1.22
C VAL D 252 -44.77 40.80 -0.11
N HIS D 253 -44.78 41.85 0.70
CA HIS D 253 -43.83 41.95 1.79
C HIS D 253 -44.51 41.91 3.14
N LEU D 254 -44.78 40.69 3.59
CA LEU D 254 -45.40 40.44 4.87
C LEU D 254 -44.36 39.77 5.75
N LYS D 255 -44.69 39.52 7.00
CA LYS D 255 -43.77 38.87 7.91
C LYS D 255 -44.41 37.60 8.45
N ALA D 256 -44.86 36.76 7.52
CA ALA D 256 -45.53 35.53 7.87
C ALA D 256 -44.61 34.51 8.52
N THR D 257 -43.66 34.98 9.30
CA THR D 257 -42.75 34.08 10.00
C THR D 257 -42.93 34.36 11.47
N MET D 258 -42.55 35.55 11.89
CA MET D 258 -42.69 35.96 13.28
C MET D 258 -44.17 36.08 13.57
N MET D 259 -44.91 36.64 12.62
CA MET D 259 -46.36 36.79 12.77
C MET D 259 -47.04 35.47 12.45
N LYS D 260 -46.67 34.43 13.17
CA LYS D 260 -47.21 33.09 12.95
C LYS D 260 -48.71 32.99 12.77
N VAL D 261 -49.47 33.93 13.29
CA VAL D 261 -50.92 33.86 13.21
C VAL D 261 -51.66 34.62 12.11
N SER D 262 -51.45 35.94 12.07
CA SER D 262 -52.16 36.78 11.10
C SER D 262 -51.59 36.89 9.71
N ASP D 263 -50.28 37.02 9.60
CA ASP D 263 -49.71 37.15 8.27
C ASP D 263 -49.94 35.95 7.35
N PRO D 264 -49.82 34.71 7.88
CA PRO D 264 -50.07 33.61 6.95
C PRO D 264 -51.50 33.73 6.43
N ILE D 265 -52.39 34.26 7.26
CA ILE D 265 -53.77 34.43 6.86
C ILE D 265 -53.88 35.45 5.74
N MET D 266 -53.22 36.60 5.91
CA MET D 266 -53.25 37.63 4.88
C MET D 266 -52.59 37.07 3.63
N PHE D 267 -51.51 36.32 3.84
CA PHE D 267 -50.75 35.71 2.76
C PHE D 267 -51.70 34.90 1.88
N GLY D 268 -52.45 33.99 2.51
CA GLY D 268 -53.39 33.16 1.77
C GLY D 268 -54.47 33.91 1.01
N GLN D 269 -55.07 34.92 1.63
CA GLN D 269 -56.12 35.71 0.97
C GLN D 269 -55.57 36.31 -0.32
N ILE D 270 -54.26 36.51 -0.36
CA ILE D 270 -53.59 37.04 -1.53
C ILE D 270 -53.53 35.89 -2.51
N VAL D 271 -52.86 34.82 -2.09
CA VAL D 271 -52.70 33.63 -2.90
C VAL D 271 -54.10 33.23 -3.38
N SER D 272 -55.10 33.63 -2.63
CA SER D 272 -56.46 33.31 -3.01
C SER D 272 -56.95 34.25 -4.10
N GLU D 273 -57.05 35.53 -3.79
CA GLU D 273 -57.53 36.51 -4.76
C GLU D 273 -56.69 36.59 -6.05
N PHE D 274 -55.62 35.79 -6.12
CA PHE D 274 -54.77 35.79 -7.30
C PHE D 274 -55.14 34.62 -8.20
N TYR D 275 -54.91 33.40 -7.71
CA TYR D 275 -55.22 32.20 -8.48
C TYR D 275 -56.69 31.85 -8.36
N LYS D 276 -57.53 32.83 -8.04
CA LYS D 276 -58.95 32.53 -7.85
C LYS D 276 -59.64 31.73 -8.96
N ASP D 277 -59.50 32.19 -10.20
CA ASP D 277 -60.13 31.50 -11.31
C ASP D 277 -59.78 30.01 -11.36
N ALA D 278 -58.49 29.70 -11.16
CA ALA D 278 -58.00 28.32 -11.19
C ALA D 278 -58.41 27.53 -9.97
N LEU D 279 -58.34 28.17 -8.81
CA LEU D 279 -58.73 27.52 -7.57
C LEU D 279 -60.26 27.46 -7.44
N THR D 280 -60.96 28.26 -8.23
CA THR D 280 -62.42 28.23 -8.20
C THR D 280 -62.89 27.09 -9.10
N LYS D 281 -62.17 26.89 -10.20
CA LYS D 281 -62.47 25.83 -11.16
C LYS D 281 -62.23 24.45 -10.55
N HIS D 282 -61.36 24.40 -9.54
CA HIS D 282 -61.03 23.12 -8.89
C HIS D 282 -61.30 23.18 -7.38
N ALA D 283 -62.34 23.92 -7.01
CA ALA D 283 -62.72 24.08 -5.63
C ALA D 283 -62.67 22.78 -4.84
N GLU D 284 -63.26 21.71 -5.37
CA GLU D 284 -63.29 20.45 -4.65
C GLU D 284 -62.07 19.53 -4.74
N VAL D 285 -61.48 19.41 -5.91
CA VAL D 285 -60.34 18.52 -6.04
C VAL D 285 -59.26 18.87 -5.01
N LEU D 286 -59.07 20.17 -4.79
CA LEU D 286 -58.09 20.68 -3.82
C LEU D 286 -58.62 20.40 -2.42
N LYS D 287 -59.91 20.66 -2.25
CA LYS D 287 -60.59 20.44 -0.99
C LYS D 287 -60.35 19.01 -0.50
N GLN D 288 -60.42 18.06 -1.43
CA GLN D 288 -60.20 16.65 -1.12
C GLN D 288 -58.80 16.46 -0.54
N ILE D 289 -57.78 16.61 -1.39
CA ILE D 289 -56.41 16.46 -0.95
C ILE D 289 -56.08 17.45 0.17
N GLY D 290 -57.05 18.30 0.50
CA GLY D 290 -56.84 19.26 1.57
C GLY D 290 -55.77 20.30 1.34
N PHE D 291 -56.03 21.22 0.42
CA PHE D 291 -55.09 22.29 0.12
C PHE D 291 -55.23 23.36 1.21
N ASP D 292 -54.13 24.06 1.52
CA ASP D 292 -54.15 25.09 2.54
C ASP D 292 -53.50 26.37 2.01
N VAL D 293 -54.28 27.15 1.27
CA VAL D 293 -53.79 28.38 0.67
C VAL D 293 -52.88 29.24 1.56
N ASN D 294 -53.08 29.20 2.88
CA ASN D 294 -52.25 30.00 3.79
C ASN D 294 -50.82 29.47 3.81
N ASN D 295 -50.55 28.47 2.98
CA ASN D 295 -49.23 27.87 2.87
C ASN D 295 -48.61 28.16 1.52
N GLY D 296 -49.23 29.07 0.78
CA GLY D 296 -48.74 29.43 -0.54
C GLY D 296 -49.23 28.49 -1.62
N ILE D 297 -49.23 28.98 -2.86
CA ILE D 297 -49.68 28.16 -3.97
C ILE D 297 -48.74 26.98 -4.04
N GLY D 298 -47.57 27.15 -3.44
CA GLY D 298 -46.58 26.08 -3.45
C GLY D 298 -47.14 24.79 -2.89
N ASP D 299 -47.98 24.90 -1.87
CA ASP D 299 -48.59 23.74 -1.21
C ASP D 299 -49.46 22.95 -2.21
N LEU D 300 -50.14 23.67 -3.11
CA LEU D 300 -50.97 23.02 -4.13
C LEU D 300 -50.06 22.09 -4.93
N TYR D 301 -49.04 22.64 -5.56
CA TYR D 301 -48.10 21.89 -6.37
C TYR D 301 -47.59 20.60 -5.72
N ALA D 302 -47.57 20.55 -4.39
CA ALA D 302 -47.06 19.37 -3.69
C ALA D 302 -48.14 18.36 -3.26
N ARG D 303 -49.37 18.83 -3.15
CA ARG D 303 -50.49 18.00 -2.74
C ARG D 303 -51.16 17.27 -3.89
N ILE D 304 -51.00 17.80 -5.10
CA ILE D 304 -51.64 17.20 -6.27
C ILE D 304 -50.89 16.02 -6.89
N LYS D 305 -49.59 15.92 -6.64
CA LYS D 305 -48.79 14.84 -7.20
C LYS D 305 -49.42 13.46 -6.92
N THR D 306 -50.49 13.46 -6.15
CA THR D 306 -51.17 12.21 -5.83
C THR D 306 -52.36 12.01 -6.76
N LEU D 307 -52.77 13.07 -7.44
CA LEU D 307 -53.90 13.02 -8.38
C LEU D 307 -53.52 12.34 -9.70
N PRO D 308 -54.53 11.86 -10.46
CA PRO D 308 -54.24 11.20 -11.74
C PRO D 308 -53.30 12.05 -12.61
N GLU D 309 -52.35 11.40 -13.25
CA GLU D 309 -51.36 12.05 -14.12
C GLU D 309 -51.94 13.15 -15.02
N ALA D 310 -53.17 12.94 -15.48
CA ALA D 310 -53.82 13.90 -16.37
C ALA D 310 -54.55 14.97 -15.57
N LYS D 311 -55.02 14.61 -14.38
CA LYS D 311 -55.73 15.57 -13.54
C LYS D 311 -54.76 16.67 -13.16
N GLN D 312 -53.52 16.28 -12.87
CA GLN D 312 -52.48 17.22 -12.49
C GLN D 312 -52.29 18.22 -13.60
N LYS D 313 -51.94 17.71 -14.78
CA LYS D 313 -51.72 18.55 -15.95
C LYS D 313 -52.80 19.62 -16.10
N GLU D 314 -54.06 19.23 -15.94
CA GLU D 314 -55.20 20.14 -16.07
C GLU D 314 -55.03 21.33 -15.13
N ILE D 315 -54.84 21.04 -13.85
CA ILE D 315 -54.66 22.10 -12.86
C ILE D 315 -53.48 22.98 -13.27
N GLU D 316 -52.29 22.39 -13.33
CA GLU D 316 -51.09 23.14 -13.72
C GLU D 316 -51.32 23.93 -14.98
N ALA D 317 -51.89 23.29 -16.00
CA ALA D 317 -52.16 23.96 -17.26
C ALA D 317 -53.07 25.18 -17.07
N ASP D 318 -53.96 25.08 -16.09
CA ASP D 318 -54.87 26.19 -15.80
C ASP D 318 -54.17 27.23 -14.96
N ILE D 319 -53.25 26.78 -14.10
CA ILE D 319 -52.48 27.70 -13.24
C ILE D 319 -51.73 28.65 -14.14
N GLN D 320 -51.12 28.09 -15.19
CA GLN D 320 -50.35 28.89 -16.14
C GLN D 320 -51.22 29.96 -16.79
N ALA D 321 -52.48 29.60 -17.04
CA ALA D 321 -53.46 30.50 -17.65
C ALA D 321 -53.66 31.75 -16.81
N VAL D 322 -53.40 31.63 -15.51
CA VAL D 322 -53.55 32.76 -14.59
C VAL D 322 -52.30 33.63 -14.68
N TYR D 323 -51.13 32.99 -14.71
CA TYR D 323 -49.88 33.71 -14.80
C TYR D 323 -49.82 34.49 -16.11
N ALA D 324 -50.83 34.27 -16.96
CA ALA D 324 -50.90 34.97 -18.24
C ALA D 324 -51.93 36.08 -18.14
N GLN D 325 -52.91 35.88 -17.27
CA GLN D 325 -53.99 36.84 -17.06
C GLN D 325 -53.59 37.88 -16.01
N ARG D 326 -52.49 37.63 -15.30
CA ARG D 326 -52.02 38.50 -14.22
C ARG D 326 -50.56 38.92 -14.28
N PRO D 327 -50.23 40.10 -13.70
CA PRO D 327 -48.87 40.62 -13.69
C PRO D 327 -47.90 39.55 -13.22
N GLN D 328 -46.64 39.67 -13.61
CA GLN D 328 -45.65 38.68 -13.21
C GLN D 328 -45.23 38.94 -11.78
N LEU D 329 -45.15 37.87 -10.99
CA LEU D 329 -44.77 37.98 -9.59
C LEU D 329 -43.27 38.03 -9.49
N ALA D 330 -42.76 38.79 -8.53
CA ALA D 330 -41.32 38.83 -8.34
C ALA D 330 -41.02 37.36 -8.05
N MET D 331 -39.82 36.89 -8.35
CA MET D 331 -39.51 35.50 -8.10
C MET D 331 -38.43 35.29 -7.06
N VAL D 332 -38.63 34.26 -6.23
CA VAL D 332 -37.68 33.92 -5.18
C VAL D 332 -36.48 33.24 -5.82
N ASN D 333 -36.76 32.44 -6.85
CA ASN D 333 -35.73 31.75 -7.59
C ASN D 333 -36.29 31.63 -8.99
N SER D 334 -35.84 32.51 -9.87
CA SER D 334 -36.31 32.57 -11.25
C SER D 334 -36.23 31.27 -12.06
N ASP D 335 -35.11 30.53 -11.95
CA ASP D 335 -34.93 29.31 -12.73
C ASP D 335 -35.80 28.11 -12.36
N LYS D 336 -36.11 27.94 -11.07
CA LYS D 336 -36.93 26.81 -10.64
C LYS D 336 -38.41 27.16 -10.59
N GLY D 337 -38.74 28.38 -11.00
CA GLY D 337 -40.12 28.81 -11.01
C GLY D 337 -40.69 29.26 -9.67
N ILE D 338 -39.97 28.98 -8.59
CA ILE D 338 -40.43 29.36 -7.25
C ILE D 338 -40.77 30.86 -7.17
N THR D 339 -42.04 31.18 -7.01
CA THR D 339 -42.49 32.57 -6.96
C THR D 339 -42.58 33.16 -5.54
N ASN D 340 -42.98 34.43 -5.52
CA ASN D 340 -43.12 35.17 -4.27
C ASN D 340 -44.30 34.61 -3.50
N LEU D 341 -45.23 33.98 -4.20
CA LEU D 341 -46.41 33.40 -3.57
C LEU D 341 -46.33 31.88 -3.49
N HIS D 342 -45.12 31.34 -3.35
CA HIS D 342 -44.92 29.88 -3.27
C HIS D 342 -44.84 29.39 -1.83
N VAL D 343 -44.02 30.07 -1.02
CA VAL D 343 -43.85 29.71 0.37
C VAL D 343 -44.01 30.93 1.27
N PRO D 344 -44.77 30.79 2.35
CA PRO D 344 -45.01 31.88 3.30
C PRO D 344 -43.76 32.66 3.63
N SER D 345 -42.69 31.93 3.97
CA SER D 345 -41.43 32.55 4.38
C SER D 345 -40.26 32.76 3.43
N ASP D 346 -40.49 32.73 2.12
CA ASP D 346 -39.35 32.97 1.24
C ASP D 346 -39.05 34.47 1.29
N VAL D 347 -40.09 35.27 1.11
CA VAL D 347 -39.98 36.72 1.12
C VAL D 347 -40.45 37.29 2.45
N ILE D 348 -39.51 37.74 3.27
CA ILE D 348 -39.86 38.34 4.56
C ILE D 348 -39.50 39.82 4.49
N VAL D 349 -40.53 40.64 4.64
CA VAL D 349 -40.42 42.10 4.60
C VAL D 349 -39.15 42.80 5.12
N ASP D 350 -38.68 42.41 6.30
CA ASP D 350 -37.49 43.05 6.88
C ASP D 350 -36.24 42.95 6.03
N ALA D 351 -36.11 41.86 5.28
CA ALA D 351 -34.95 41.66 4.41
C ALA D 351 -35.34 41.97 2.94
N SER D 352 -36.44 41.40 2.50
CA SER D 352 -36.91 41.59 1.15
C SER D 352 -36.75 43.04 0.68
N MET D 353 -37.23 43.98 1.49
CA MET D 353 -37.16 45.39 1.11
C MET D 353 -35.75 45.99 1.00
N PRO D 354 -34.97 45.96 2.09
CA PRO D 354 -33.64 46.52 1.99
C PRO D 354 -32.96 46.09 0.71
N ALA D 355 -32.98 44.80 0.44
CA ALA D 355 -32.36 44.25 -0.75
C ALA D 355 -32.99 44.87 -2.00
N MET D 356 -34.32 44.84 -2.05
CA MET D 356 -35.08 45.37 -3.17
C MET D 356 -34.77 46.84 -3.38
N ILE D 357 -34.44 47.55 -2.32
CA ILE D 357 -34.11 48.95 -2.51
C ILE D 357 -32.73 48.97 -3.15
N ARG D 358 -31.80 48.30 -2.51
CA ARG D 358 -30.43 48.21 -2.98
C ARG D 358 -30.38 47.95 -4.49
N ASP D 359 -31.04 46.89 -4.93
CA ASP D 359 -31.06 46.51 -6.35
C ASP D 359 -31.87 47.43 -7.25
N SER D 360 -31.57 48.72 -7.20
CA SER D 360 -32.25 49.68 -8.06
C SER D 360 -33.77 49.63 -7.94
N GLY D 361 -34.25 49.22 -6.77
CA GLY D 361 -35.68 49.12 -6.57
C GLY D 361 -36.29 48.08 -7.49
N LYS D 362 -35.61 46.95 -7.66
CA LYS D 362 -36.11 45.89 -8.52
C LYS D 362 -36.01 44.52 -7.86
N MET D 363 -36.73 43.55 -8.43
CA MET D 363 -36.74 42.18 -7.95
C MET D 363 -36.80 41.29 -9.19
N TRP D 364 -36.06 40.19 -9.17
CA TRP D 364 -36.01 39.28 -10.30
C TRP D 364 -37.38 38.88 -10.78
N GLY D 365 -37.55 38.86 -12.10
CA GLY D 365 -38.82 38.49 -12.68
C GLY D 365 -38.87 37.05 -13.16
N PRO D 366 -39.95 36.62 -13.83
CA PRO D 366 -40.11 35.26 -14.35
C PRO D 366 -39.00 34.89 -15.31
N ASP D 367 -38.61 35.86 -16.15
CA ASP D 367 -37.55 35.67 -17.12
C ASP D 367 -36.27 35.29 -16.37
N GLY D 368 -35.65 36.30 -15.76
CA GLY D 368 -34.43 36.06 -15.01
C GLY D 368 -33.66 37.33 -14.80
N LYS D 369 -34.31 38.46 -15.05
CA LYS D 369 -33.67 39.76 -14.88
C LYS D 369 -34.47 40.61 -13.92
N LEU D 370 -33.85 41.69 -13.43
CA LEU D 370 -34.51 42.60 -12.49
C LEU D 370 -35.54 43.50 -13.16
N HIS D 371 -36.55 43.89 -12.39
CA HIS D 371 -37.62 44.74 -12.90
C HIS D 371 -38.20 45.60 -11.77
N ASP D 372 -38.82 46.72 -12.14
CA ASP D 372 -39.43 47.59 -11.14
C ASP D 372 -40.51 46.78 -10.46
N THR D 373 -40.81 47.10 -9.22
CA THR D 373 -41.80 46.34 -8.48
C THR D 373 -42.79 47.19 -7.70
N LYS D 374 -43.92 46.57 -7.38
CA LYS D 374 -44.98 47.19 -6.61
C LYS D 374 -44.94 46.39 -5.30
N ALA D 375 -44.19 46.88 -4.33
CA ALA D 375 -44.05 46.22 -3.05
C ALA D 375 -45.32 46.39 -2.25
N VAL D 376 -46.01 45.28 -1.99
CA VAL D 376 -47.24 45.36 -1.24
C VAL D 376 -47.04 45.14 0.26
N ILE D 377 -47.21 46.22 1.00
CA ILE D 377 -47.13 46.24 2.46
C ILE D 377 -48.54 46.68 2.88
N PRO D 378 -49.47 45.72 2.94
CA PRO D 378 -50.88 45.86 3.31
C PRO D 378 -51.23 46.85 4.39
N ASP D 379 -50.54 46.79 5.53
CA ASP D 379 -50.85 47.71 6.63
C ASP D 379 -50.29 49.08 6.37
N ARG D 380 -50.35 49.97 7.36
CA ARG D 380 -49.82 51.34 7.21
C ARG D 380 -48.80 51.73 8.26
N CYS D 381 -48.70 50.96 9.33
CA CYS D 381 -47.77 51.29 10.41
C CYS D 381 -46.34 51.53 9.96
N TYR D 382 -45.83 50.67 9.10
CA TYR D 382 -44.47 50.84 8.65
C TYR D 382 -44.31 50.82 7.14
N ALA D 383 -45.43 50.91 6.42
CA ALA D 383 -45.37 50.93 4.97
C ALA D 383 -44.73 52.27 4.62
N GLY D 384 -45.21 53.33 5.28
CA GLY D 384 -44.68 54.66 5.04
C GLY D 384 -43.17 54.73 4.99
N VAL D 385 -42.52 54.34 6.09
CA VAL D 385 -41.07 54.35 6.22
C VAL D 385 -40.34 53.85 4.97
N TYR D 386 -40.87 52.84 4.30
CA TYR D 386 -40.21 52.32 3.11
C TYR D 386 -40.47 53.20 1.90
N GLN D 387 -41.63 53.83 1.87
CA GLN D 387 -42.00 54.70 0.76
C GLN D 387 -41.07 55.89 0.76
N VAL D 388 -40.83 56.47 1.93
CA VAL D 388 -39.93 57.61 2.05
C VAL D 388 -38.59 57.23 1.49
N VAL D 389 -38.00 56.16 2.00
CA VAL D 389 -36.71 55.70 1.53
C VAL D 389 -36.73 55.42 0.04
N ILE D 390 -37.86 54.90 -0.46
CA ILE D 390 -37.97 54.61 -1.89
C ILE D 390 -38.07 55.89 -2.70
N GLU D 391 -38.83 56.86 -2.20
CA GLU D 391 -39.01 58.14 -2.86
C GLU D 391 -37.81 59.05 -2.67
N ASP D 392 -36.85 58.62 -1.89
CA ASP D 392 -35.65 59.39 -1.62
C ASP D 392 -34.61 59.01 -2.68
N CYS D 393 -34.50 57.72 -2.96
CA CYS D 393 -33.55 57.22 -3.94
C CYS D 393 -33.79 57.74 -5.35
N LYS D 394 -35.03 57.61 -5.83
CA LYS D 394 -35.33 58.07 -7.17
C LYS D 394 -35.29 59.60 -7.28
N GLN D 395 -35.01 60.26 -6.15
CA GLN D 395 -34.95 61.71 -6.13
C GLN D 395 -33.62 62.25 -5.62
N HIS D 396 -32.65 61.36 -5.38
CA HIS D 396 -31.33 61.77 -4.88
C HIS D 396 -30.26 60.73 -5.15
N GLY D 397 -30.66 59.60 -5.73
CA GLY D 397 -29.70 58.55 -6.03
C GLY D 397 -29.32 57.68 -4.84
N ALA D 398 -28.75 56.51 -5.15
CA ALA D 398 -28.32 55.55 -4.13
C ALA D 398 -27.36 56.21 -3.15
N PHE D 399 -27.44 55.81 -1.89
CA PHE D 399 -26.54 56.37 -0.88
C PHE D 399 -25.12 55.87 -1.19
N ASP D 400 -24.11 56.65 -0.81
CA ASP D 400 -22.73 56.25 -1.05
C ASP D 400 -22.07 55.68 0.20
N PRO D 401 -21.83 54.35 0.22
CA PRO D 401 -21.22 53.64 1.33
C PRO D 401 -19.99 54.38 1.84
N THR D 402 -19.40 55.15 0.93
CA THR D 402 -18.19 55.92 1.20
C THR D 402 -18.45 57.23 1.94
N THR D 403 -19.67 57.74 1.89
CA THR D 403 -19.98 59.02 2.55
C THR D 403 -21.16 59.03 3.54
N MET D 404 -22.19 58.23 3.28
CA MET D 404 -23.36 58.21 4.16
C MET D 404 -23.06 57.98 5.63
N GLY D 405 -23.98 58.41 6.48
CA GLY D 405 -23.79 58.25 7.91
C GLY D 405 -24.30 56.92 8.38
N SER D 406 -24.71 56.87 9.64
CA SER D 406 -25.24 55.66 10.25
C SER D 406 -26.48 55.94 11.10
N VAL D 407 -27.39 54.98 11.13
CA VAL D 407 -28.60 55.08 11.92
C VAL D 407 -28.67 53.87 12.84
N PRO D 408 -28.10 53.99 14.05
CA PRO D 408 -28.15 52.85 14.98
C PRO D 408 -29.60 52.64 15.36
N ASN D 409 -29.83 51.94 16.47
CA ASN D 409 -31.21 51.71 16.86
C ASN D 409 -31.38 51.12 18.24
N VAL D 410 -31.80 51.96 19.17
CA VAL D 410 -32.05 51.51 20.53
C VAL D 410 -33.53 51.18 20.50
N GLY D 411 -33.83 49.91 20.24
CA GLY D 411 -35.22 49.47 20.16
C GLY D 411 -35.79 48.77 21.39
N LEU D 412 -37.09 48.95 21.57
CA LEU D 412 -37.82 48.37 22.67
C LEU D 412 -38.31 46.99 22.27
N MET D 413 -38.07 46.00 23.11
CA MET D 413 -38.52 44.63 22.81
C MET D 413 -38.73 43.79 24.06
N ALA D 414 -38.00 44.10 25.13
CA ALA D 414 -38.11 43.38 26.39
C ALA D 414 -39.54 42.90 26.72
N GLN D 415 -39.61 41.68 27.21
CA GLN D 415 -40.87 41.02 27.58
C GLN D 415 -41.83 40.90 26.40
N LYS D 416 -41.31 40.38 25.28
CA LYS D 416 -42.12 40.22 24.09
C LYS D 416 -42.90 41.50 23.90
N ALA D 417 -42.18 42.61 23.91
CA ALA D 417 -42.78 43.93 23.76
C ALA D 417 -43.53 44.07 22.46
N GLU D 418 -44.76 44.59 22.56
CA GLU D 418 -45.62 44.83 21.42
C GLU D 418 -45.89 43.61 20.55
N GLU D 419 -46.12 43.87 19.27
CA GLU D 419 -46.42 42.85 18.27
C GLU D 419 -45.73 41.50 18.47
N TYR D 420 -44.43 41.53 18.77
CA TYR D 420 -43.66 40.31 18.96
C TYR D 420 -44.28 39.30 19.89
N GLY D 421 -45.37 39.68 20.55
CA GLY D 421 -46.02 38.75 21.46
C GLY D 421 -47.54 38.90 21.43
N SER D 422 -48.11 38.98 20.23
CA SER D 422 -49.56 39.15 20.08
C SER D 422 -50.25 37.90 19.56
N HIS D 423 -49.45 36.94 19.10
CA HIS D 423 -49.96 35.71 18.54
C HIS D 423 -51.09 35.02 19.32
N ASP D 424 -50.86 34.75 20.61
CA ASP D 424 -51.86 34.09 21.43
C ASP D 424 -53.03 35.00 21.76
N LYS D 425 -53.06 36.17 21.13
CA LYS D 425 -54.14 37.13 21.33
C LYS D 425 -54.60 37.68 19.98
N THR D 426 -54.37 36.87 18.94
CA THR D 426 -54.79 37.19 17.58
C THR D 426 -55.75 36.08 17.17
N PHE D 427 -56.98 36.49 16.84
CA PHE D 427 -58.03 35.55 16.46
C PHE D 427 -58.66 35.89 15.14
N GLN D 428 -59.09 34.85 14.42
CA GLN D 428 -59.78 35.06 13.16
C GLN D 428 -61.24 35.05 13.58
N ILE D 429 -61.92 36.18 13.42
CA ILE D 429 -63.32 36.31 13.82
C ILE D 429 -64.22 35.19 13.31
N PRO D 430 -65.00 34.57 14.21
CA PRO D 430 -65.91 33.47 13.93
C PRO D 430 -67.26 33.84 13.36
N ALA D 431 -67.64 35.10 13.54
CA ALA D 431 -68.92 35.61 13.03
C ALA D 431 -69.02 37.11 13.23
N ASP D 432 -69.87 37.77 12.46
CA ASP D 432 -70.03 39.20 12.62
C ASP D 432 -70.27 39.42 14.10
N GLY D 433 -69.82 40.53 14.64
CA GLY D 433 -70.05 40.80 16.04
C GLY D 433 -69.26 41.97 16.56
N VAL D 434 -68.89 41.90 17.84
CA VAL D 434 -68.10 42.94 18.44
C VAL D 434 -67.20 42.31 19.50
N VAL D 435 -65.93 42.68 19.49
CA VAL D 435 -64.99 42.13 20.46
C VAL D 435 -64.80 43.12 21.62
N ARG D 436 -64.82 42.60 22.84
CA ARG D 436 -64.65 43.41 24.04
C ARG D 436 -63.59 42.86 24.99
N VAL D 437 -62.62 43.71 25.33
CA VAL D 437 -61.56 43.34 26.27
C VAL D 437 -61.95 43.94 27.62
N THR D 438 -62.26 43.07 28.59
CA THR D 438 -62.69 43.49 29.92
C THR D 438 -61.69 43.06 30.98
N ASP D 439 -61.75 43.71 32.15
CA ASP D 439 -60.82 43.37 33.24
C ASP D 439 -61.43 42.56 34.38
N GLU D 440 -60.74 42.57 35.52
CA GLU D 440 -61.16 41.84 36.72
C GLU D 440 -62.49 42.26 37.30
N SER D 441 -62.76 43.57 37.28
CA SER D 441 -64.02 44.07 37.82
C SER D 441 -65.12 43.90 36.80
N GLY D 442 -64.77 44.20 35.56
CA GLY D 442 -65.73 44.10 34.48
C GLY D 442 -65.75 45.42 33.72
N LYS D 443 -64.76 46.27 33.97
CA LYS D 443 -64.67 47.56 33.31
C LYS D 443 -64.27 47.31 31.86
N LEU D 444 -64.95 47.99 30.94
CA LEU D 444 -64.69 47.83 29.52
C LEU D 444 -63.45 48.64 29.11
N LEU D 445 -62.33 47.96 28.88
CA LEU D 445 -61.09 48.62 28.50
C LEU D 445 -60.98 48.92 27.02
N LEU D 446 -61.33 47.93 26.19
CA LEU D 446 -61.28 48.06 24.74
C LEU D 446 -62.52 47.42 24.14
N GLU D 447 -62.79 47.74 22.88
CA GLU D 447 -63.97 47.21 22.20
C GLU D 447 -63.88 47.65 20.75
N GLN D 448 -63.82 46.70 19.84
CA GLN D 448 -63.74 47.06 18.44
C GLN D 448 -64.66 46.16 17.64
N SER D 449 -65.47 46.77 16.78
CA SER D 449 -66.42 46.02 15.96
C SER D 449 -65.70 45.06 15.02
N VAL D 450 -66.30 43.89 14.75
CA VAL D 450 -65.66 42.95 13.86
C VAL D 450 -66.57 42.28 12.85
N GLU D 451 -65.95 41.63 11.87
CA GLU D 451 -66.68 40.93 10.84
C GLU D 451 -66.01 39.59 10.56
N ALA D 452 -66.84 38.58 10.32
CA ALA D 452 -66.36 37.23 10.07
C ALA D 452 -65.19 37.19 9.10
N GLY D 453 -64.14 36.44 9.49
CA GLY D 453 -62.94 36.31 8.67
C GLY D 453 -61.87 37.31 9.09
N ASP D 454 -62.31 38.41 9.69
CA ASP D 454 -61.42 39.47 10.15
C ASP D 454 -60.35 38.99 11.14
N ILE D 455 -59.23 39.71 11.15
CA ILE D 455 -58.14 39.39 12.06
C ILE D 455 -58.09 40.42 13.20
N TRP D 456 -58.37 39.97 14.40
CA TRP D 456 -58.35 40.84 15.56
C TRP D 456 -57.18 40.46 16.49
N ARG D 457 -56.49 41.47 17.00
CA ARG D 457 -55.35 41.25 17.89
C ARG D 457 -55.25 42.28 18.98
N MET D 458 -54.47 41.94 20.01
CA MET D 458 -54.26 42.83 21.14
C MET D 458 -52.78 42.78 21.41
N CYS D 459 -52.18 43.96 21.58
CA CYS D 459 -50.74 44.03 21.85
C CYS D 459 -50.49 44.72 23.19
N GLN D 460 -49.48 44.30 23.92
CA GLN D 460 -49.21 44.94 25.20
C GLN D 460 -47.76 45.31 25.45
N ALA D 461 -47.52 46.60 25.72
CA ALA D 461 -46.19 47.11 26.02
C ALA D 461 -46.08 47.43 27.52
N LYS D 462 -45.19 46.71 28.19
CA LYS D 462 -44.98 46.87 29.62
C LYS D 462 -44.06 48.01 30.04
N ASP D 463 -44.45 48.67 31.13
CA ASP D 463 -43.76 49.83 31.68
C ASP D 463 -42.27 49.63 31.96
N ALA D 464 -41.92 48.63 32.74
CA ALA D 464 -40.51 48.38 33.04
C ALA D 464 -39.68 48.42 31.74
N PRO D 465 -40.09 47.65 30.71
CA PRO D 465 -39.35 47.64 29.44
C PRO D 465 -39.25 49.02 28.77
N ILE D 466 -40.33 49.78 28.78
CA ILE D 466 -40.31 51.12 28.20
C ILE D 466 -39.27 51.98 28.92
N GLN D 467 -39.16 51.82 30.23
CA GLN D 467 -38.20 52.59 31.02
C GLN D 467 -36.77 52.19 30.71
N ASP D 468 -36.45 50.90 30.91
CA ASP D 468 -35.10 50.39 30.63
C ASP D 468 -34.73 50.89 29.24
N TRP D 469 -35.77 51.04 28.42
CA TRP D 469 -35.65 51.50 27.04
C TRP D 469 -35.19 52.97 27.02
N VAL D 470 -36.08 53.88 27.43
CA VAL D 470 -35.77 55.30 27.45
C VAL D 470 -34.38 55.59 27.99
N LYS D 471 -33.98 54.87 29.04
CA LYS D 471 -32.65 55.08 29.59
C LYS D 471 -31.64 54.84 28.47
N LEU D 472 -31.44 53.55 28.17
CA LEU D 472 -30.52 53.12 27.12
C LEU D 472 -30.54 54.07 25.92
N ALA D 473 -31.72 54.62 25.62
CA ALA D 473 -31.83 55.55 24.52
C ALA D 473 -30.89 56.69 24.85
N VAL D 474 -31.17 57.41 25.93
CA VAL D 474 -30.33 58.52 26.36
C VAL D 474 -28.86 58.09 26.41
N ASN D 475 -28.60 57.00 27.13
CA ASN D 475 -27.25 56.47 27.25
C ASN D 475 -26.51 56.60 25.92
N ARG D 476 -27.04 55.98 24.87
CA ARG D 476 -26.39 56.03 23.57
C ARG D 476 -26.25 57.47 23.10
N ALA D 477 -27.32 58.23 23.24
CA ALA D 477 -27.32 59.63 22.83
C ALA D 477 -26.08 60.33 23.39
N ARG D 478 -25.77 60.04 24.64
CA ARG D 478 -24.63 60.62 25.33
C ARG D 478 -23.31 60.08 24.82
N ALA D 479 -23.05 58.81 25.07
CA ALA D 479 -21.82 58.18 24.65
C ALA D 479 -21.30 58.60 23.27
N THR D 480 -22.19 58.74 22.29
CA THR D 480 -21.79 59.12 20.94
C THR D 480 -21.97 60.62 20.74
N ASN D 481 -22.96 61.18 21.41
CA ASN D 481 -23.26 62.60 21.32
C ASN D 481 -23.78 62.89 19.92
N THR D 482 -24.74 62.09 19.52
CA THR D 482 -25.36 62.23 18.22
C THR D 482 -26.85 62.48 18.43
N PRO D 483 -27.52 63.12 17.47
CA PRO D 483 -28.94 63.35 17.71
C PRO D 483 -29.64 61.99 17.79
N ALA D 484 -30.78 61.91 18.47
CA ALA D 484 -31.50 60.64 18.61
C ALA D 484 -33.00 60.85 18.56
N VAL D 485 -33.66 60.22 17.62
CA VAL D 485 -35.10 60.37 17.46
C VAL D 485 -35.94 59.17 17.90
N PHE D 486 -37.10 59.47 18.47
CA PHE D 486 -38.03 58.43 18.87
C PHE D 486 -39.00 58.36 17.71
N TRP D 487 -39.14 57.20 17.06
CA TRP D 487 -40.11 57.10 15.95
C TRP D 487 -41.48 56.70 16.50
N LEU D 488 -42.27 57.68 16.95
CA LEU D 488 -43.58 57.38 17.53
C LEU D 488 -44.68 58.21 16.88
N ASP D 489 -45.58 57.53 16.18
CA ASP D 489 -46.69 58.18 15.48
C ASP D 489 -47.88 58.50 16.39
N PRO D 490 -48.26 59.79 16.46
CA PRO D 490 -49.39 60.24 17.29
C PRO D 490 -50.70 59.68 16.77
N ALA D 491 -50.74 59.39 15.47
CA ALA D 491 -51.94 58.86 14.87
C ALA D 491 -52.33 57.56 15.57
N ARG D 492 -51.34 56.72 15.85
CA ARG D 492 -51.55 55.45 16.53
C ARG D 492 -51.84 55.57 18.03
N ALA D 493 -53.06 55.20 18.42
CA ALA D 493 -53.50 55.25 19.82
C ALA D 493 -52.49 54.58 20.74
N HIS D 494 -51.66 53.71 20.16
CA HIS D 494 -50.63 53.01 20.91
C HIS D 494 -49.42 53.90 21.08
N ASP D 495 -48.73 54.18 19.97
CA ASP D 495 -47.54 55.02 19.98
C ASP D 495 -47.83 56.25 20.82
N ALA D 496 -49.07 56.73 20.72
CA ALA D 496 -49.49 57.91 21.44
C ALA D 496 -49.28 57.77 22.94
N GLN D 497 -49.78 56.70 23.54
CA GLN D 497 -49.60 56.54 24.97
C GLN D 497 -48.16 56.21 25.33
N VAL D 498 -47.42 55.69 24.36
CA VAL D 498 -46.03 55.35 24.61
C VAL D 498 -45.28 56.67 24.57
N ILE D 499 -45.81 57.64 23.85
CA ILE D 499 -45.17 58.94 23.77
C ILE D 499 -45.26 59.65 25.12
N ALA D 500 -46.40 59.49 25.79
CA ALA D 500 -46.59 60.11 27.08
C ALA D 500 -45.50 59.56 27.99
N LYS D 501 -45.33 58.24 27.97
CA LYS D 501 -44.32 57.55 28.77
C LYS D 501 -42.97 58.21 28.57
N VAL D 502 -42.48 58.18 27.33
CA VAL D 502 -41.19 58.77 27.01
C VAL D 502 -41.02 60.20 27.48
N GLU D 503 -41.91 61.08 27.01
CA GLU D 503 -41.84 62.48 27.37
C GLU D 503 -41.64 62.68 28.86
N ARG D 504 -42.30 61.84 29.64
CA ARG D 504 -42.23 61.93 31.10
C ARG D 504 -40.99 61.27 31.70
N TYR D 505 -40.38 60.35 30.98
CA TYR D 505 -39.22 59.67 31.52
C TYR D 505 -37.90 60.34 31.22
N LEU D 506 -37.85 61.09 30.13
CA LEU D 506 -36.62 61.79 29.79
C LEU D 506 -36.38 62.80 30.91
N LYS D 507 -37.47 63.24 31.53
CA LYS D 507 -37.41 64.20 32.63
C LYS D 507 -36.87 63.53 33.89
N ASP D 508 -36.22 62.39 33.69
CA ASP D 508 -35.64 61.64 34.80
C ASP D 508 -34.15 61.53 34.57
N TYR D 509 -33.72 61.93 33.38
CA TYR D 509 -32.32 61.88 33.02
C TYR D 509 -31.75 63.23 32.60
N ASP D 510 -30.47 63.23 32.22
CA ASP D 510 -29.79 64.44 31.78
C ASP D 510 -29.98 64.64 30.28
N THR D 511 -30.67 65.71 29.92
CA THR D 511 -30.95 66.03 28.52
C THR D 511 -30.02 67.12 27.97
N SER D 512 -29.36 67.83 28.87
CA SER D 512 -28.46 68.93 28.51
C SER D 512 -27.37 68.61 27.51
N GLY D 513 -27.44 69.26 26.34
CA GLY D 513 -26.43 69.04 25.32
C GLY D 513 -26.69 67.90 24.37
N LEU D 514 -27.91 67.37 24.42
CA LEU D 514 -28.31 66.26 23.57
C LEU D 514 -29.45 66.69 22.64
N ASP D 515 -29.38 66.26 21.38
CA ASP D 515 -30.41 66.60 20.39
C ASP D 515 -31.50 65.51 20.35
N ILE D 516 -32.16 65.28 21.47
CA ILE D 516 -33.20 64.27 21.53
C ILE D 516 -34.54 64.89 21.16
N ARG D 517 -35.27 64.24 20.24
CA ARG D 517 -36.58 64.73 19.83
C ARG D 517 -37.45 63.59 19.32
N ILE D 518 -38.76 63.78 19.39
CA ILE D 518 -39.74 62.77 18.98
C ILE D 518 -40.47 63.10 17.67
N LEU D 519 -40.48 62.14 16.74
CA LEU D 519 -41.15 62.34 15.46
C LEU D 519 -41.88 61.11 14.96
N SER D 520 -42.68 61.31 13.91
CA SER D 520 -43.41 60.21 13.29
C SER D 520 -42.44 59.43 12.42
N PRO D 521 -42.63 58.11 12.33
CA PRO D 521 -41.73 57.28 11.51
C PRO D 521 -41.55 57.89 10.14
N VAL D 522 -42.58 58.62 9.71
CA VAL D 522 -42.55 59.28 8.41
C VAL D 522 -41.55 60.44 8.48
N GLU D 523 -41.80 61.36 9.41
CA GLU D 523 -40.95 62.53 9.61
C GLU D 523 -39.55 62.04 9.96
N ALA D 524 -39.51 61.06 10.85
CA ALA D 524 -38.26 60.48 11.33
C ALA D 524 -37.39 59.93 10.20
N THR D 525 -38.01 59.27 9.23
CA THR D 525 -37.22 58.70 8.13
C THR D 525 -36.67 59.82 7.28
N ARG D 526 -37.40 60.93 7.24
CA ARG D 526 -36.97 62.09 6.45
C ARG D 526 -35.82 62.76 7.18
N PHE D 527 -36.06 63.17 8.40
CA PHE D 527 -35.03 63.83 9.20
C PHE D 527 -33.75 62.99 9.18
N SER D 528 -33.91 61.68 9.12
CA SER D 528 -32.78 60.77 9.12
C SER D 528 -32.12 60.72 7.75
N LEU D 529 -32.88 60.35 6.74
CA LEU D 529 -32.33 60.27 5.39
C LEU D 529 -31.69 61.60 4.99
N ALA D 530 -32.07 62.66 5.70
CA ALA D 530 -31.51 63.98 5.43
C ALA D 530 -30.08 63.94 5.94
N ARG D 531 -29.94 63.94 7.27
CA ARG D 531 -28.64 63.89 7.91
C ARG D 531 -27.76 62.82 7.29
N ILE D 532 -28.37 61.70 6.92
CA ILE D 532 -27.58 60.61 6.37
C ILE D 532 -26.81 60.98 5.09
N ARG D 533 -27.50 61.43 4.06
CA ARG D 533 -26.82 61.75 2.81
C ARG D 533 -25.76 62.84 2.91
N GLU D 534 -25.99 63.85 3.74
CA GLU D 534 -25.01 64.92 3.89
C GLU D 534 -23.85 64.38 4.72
N GLY D 535 -24.02 63.16 5.22
CA GLY D 535 -22.98 62.51 6.00
C GLY D 535 -23.05 62.60 7.51
N LYS D 536 -24.23 62.81 8.07
CA LYS D 536 -24.34 62.92 9.52
C LYS D 536 -25.10 61.76 10.16
N ASP D 537 -24.67 61.35 11.36
CA ASP D 537 -25.32 60.25 12.07
C ASP D 537 -26.60 60.67 12.75
N THR D 538 -27.33 59.68 13.24
CA THR D 538 -28.59 59.91 13.94
C THR D 538 -29.20 58.64 14.56
N ILE D 539 -29.02 58.53 15.88
CA ILE D 539 -29.52 57.41 16.68
C ILE D 539 -31.00 57.19 16.49
N SER D 540 -31.38 55.96 16.17
CA SER D 540 -32.78 55.62 15.95
C SER D 540 -33.46 54.92 17.14
N VAL D 541 -34.25 55.63 17.91
CA VAL D 541 -34.92 55.02 19.05
C VAL D 541 -36.34 54.64 18.60
N THR D 542 -36.59 53.35 18.43
CA THR D 542 -37.91 52.92 17.96
C THR D 542 -38.49 51.71 18.66
N GLY D 543 -39.72 51.39 18.29
CA GLY D 543 -40.41 50.25 18.85
C GLY D 543 -39.72 48.94 18.50
N ASN D 544 -40.43 47.84 18.69
CA ASN D 544 -39.87 46.51 18.43
C ASN D 544 -39.90 46.11 16.96
N VAL D 545 -40.99 46.41 16.25
CA VAL D 545 -41.08 46.06 14.84
C VAL D 545 -40.09 46.89 14.01
N LEU D 546 -40.10 48.20 14.23
CA LEU D 546 -39.19 49.07 13.51
C LEU D 546 -37.76 48.66 13.84
N ARG D 547 -37.54 48.33 15.13
CA ARG D 547 -36.23 47.92 15.60
C ARG D 547 -35.59 46.98 14.61
N ASP D 548 -36.37 46.01 14.13
CA ASP D 548 -35.87 45.05 13.14
C ASP D 548 -35.76 45.76 11.79
N TYR D 549 -36.91 46.08 11.19
CA TYR D 549 -36.93 46.73 9.89
C TYR D 549 -35.72 47.61 9.63
N LEU D 550 -35.42 48.52 10.55
CA LEU D 550 -34.29 49.43 10.38
C LEU D 550 -32.90 48.80 10.48
N THR D 551 -32.67 48.00 11.52
CA THR D 551 -31.37 47.37 11.73
C THR D 551 -31.03 46.50 10.54
N ASP D 552 -32.06 46.12 9.81
CA ASP D 552 -31.87 45.30 8.62
C ASP D 552 -31.76 46.25 7.42
N LEU D 553 -32.52 47.32 7.45
CA LEU D 553 -32.51 48.27 6.39
C LEU D 553 -31.21 49.05 6.32
N PHE D 554 -31.13 50.15 7.06
CA PHE D 554 -29.92 50.97 7.01
C PHE D 554 -28.60 50.20 6.98
N PRO D 555 -28.37 49.30 7.93
CA PRO D 555 -27.11 48.57 7.88
C PRO D 555 -26.85 47.96 6.50
N ILE D 556 -27.86 47.40 5.86
CA ILE D 556 -27.63 46.82 4.55
C ILE D 556 -27.09 47.88 3.60
N MET D 557 -27.75 49.03 3.54
CA MET D 557 -27.30 50.11 2.64
C MET D 557 -25.85 50.52 2.86
N GLU D 558 -25.47 50.69 4.12
CA GLU D 558 -24.11 51.12 4.44
C GLU D 558 -23.03 50.05 4.62
N LEU D 559 -23.38 48.87 5.09
CA LEU D 559 -22.35 47.87 5.29
C LEU D 559 -22.56 46.68 4.35
N GLY D 560 -23.62 46.74 3.56
CA GLY D 560 -23.92 45.66 2.64
C GLY D 560 -24.71 44.60 3.37
N THR D 561 -24.28 44.31 4.60
CA THR D 561 -24.96 43.31 5.42
C THR D 561 -25.28 43.76 6.83
N SER D 562 -26.41 43.29 7.35
CA SER D 562 -26.80 43.62 8.71
C SER D 562 -26.00 42.70 9.59
N ALA D 563 -25.65 41.56 9.03
CA ALA D 563 -24.88 40.57 9.76
C ALA D 563 -23.58 41.19 10.17
N LYS D 564 -23.14 42.15 9.36
CA LYS D 564 -21.87 42.81 9.60
C LYS D 564 -21.87 43.84 10.70
N MET D 565 -22.75 43.70 11.68
CA MET D 565 -22.74 44.69 12.75
C MET D 565 -22.93 44.18 14.18
N LEU D 566 -22.85 45.11 15.11
CA LEU D 566 -22.95 44.79 16.52
C LEU D 566 -24.37 44.83 17.05
N SER D 567 -24.75 43.80 17.80
CA SER D 567 -26.09 43.74 18.41
C SER D 567 -25.99 43.21 19.83
N ILE D 568 -26.06 44.12 20.80
CA ILE D 568 -25.98 43.76 22.20
C ILE D 568 -27.32 43.91 22.91
N VAL D 569 -27.68 42.89 23.67
CA VAL D 569 -28.92 42.93 24.41
C VAL D 569 -28.60 42.88 25.90
N PRO D 570 -28.69 44.05 26.57
CA PRO D 570 -28.41 44.19 28.00
C PRO D 570 -29.56 43.56 28.78
N LEU D 571 -29.41 42.32 29.19
CA LEU D 571 -30.48 41.66 29.92
C LEU D 571 -30.85 42.42 31.20
N MET D 572 -32.16 42.59 31.42
CA MET D 572 -32.67 43.31 32.58
C MET D 572 -32.56 42.48 33.85
N SER D 573 -31.34 42.04 34.13
CA SER D 573 -31.03 41.23 35.28
C SER D 573 -29.57 40.86 35.05
N GLY D 574 -28.73 41.90 35.01
CA GLY D 574 -27.30 41.78 34.80
C GLY D 574 -26.78 40.72 33.85
N GLY D 575 -27.63 40.26 32.94
CA GLY D 575 -27.21 39.22 32.03
C GLY D 575 -26.67 39.79 30.74
N GLY D 576 -26.42 38.93 29.78
CA GLY D 576 -25.89 39.40 28.51
C GLY D 576 -26.27 38.57 27.30
N LEU D 577 -27.14 39.13 26.48
CA LEU D 577 -27.52 38.42 25.27
C LEU D 577 -26.71 39.07 24.14
N PHE D 578 -25.75 38.33 23.62
CA PHE D 578 -24.93 38.85 22.54
C PHE D 578 -25.29 38.24 21.19
N GLU D 579 -26.16 38.93 20.46
CA GLU D 579 -26.59 38.48 19.15
C GLU D 579 -25.45 38.70 18.14
N THR D 580 -25.38 37.80 17.16
CA THR D 580 -24.37 37.82 16.10
C THR D 580 -24.49 39.03 15.22
N GLY D 581 -25.51 39.04 14.37
CA GLY D 581 -25.72 40.17 13.47
C GLY D 581 -27.19 40.51 13.39
N ALA D 582 -27.52 41.62 12.74
CA ALA D 582 -28.91 42.02 12.61
C ALA D 582 -29.58 41.19 11.53
N GLY D 583 -28.89 40.14 11.05
CA GLY D 583 -29.46 39.28 10.02
C GLY D 583 -29.93 37.92 10.52
N GLY D 584 -30.29 37.04 9.57
CA GLY D 584 -30.77 35.72 9.92
C GLY D 584 -29.87 34.66 9.31
N SER D 585 -30.32 33.41 9.28
CA SER D 585 -29.53 32.34 8.67
C SER D 585 -29.53 32.77 7.21
N ALA D 586 -28.81 32.07 6.34
CA ALA D 586 -28.79 32.48 4.96
C ALA D 586 -29.06 31.30 4.06
N PRO D 587 -30.34 30.92 3.97
CA PRO D 587 -30.77 29.79 3.16
C PRO D 587 -29.91 29.61 1.89
N LYS D 588 -29.89 30.64 1.05
CA LYS D 588 -29.14 30.61 -0.19
C LYS D 588 -27.66 30.30 0.05
N HIS D 589 -27.16 30.69 1.22
CA HIS D 589 -25.76 30.44 1.57
C HIS D 589 -25.48 28.96 1.73
N VAL D 590 -26.52 28.19 1.99
CA VAL D 590 -26.39 26.75 2.14
C VAL D 590 -26.51 26.13 0.78
N GLN D 591 -27.41 26.70 -0.01
CA GLN D 591 -27.67 26.25 -1.36
C GLN D 591 -26.37 26.24 -2.16
N GLN D 592 -25.57 27.29 -2.00
CA GLN D 592 -24.30 27.37 -2.71
C GLN D 592 -23.30 26.37 -2.15
N PHE D 593 -23.25 26.24 -0.83
CA PHE D 593 -22.32 25.30 -0.19
C PHE D 593 -22.56 23.88 -0.62
N LEU D 594 -23.82 23.50 -0.73
CA LEU D 594 -24.18 22.14 -1.11
C LEU D 594 -24.04 21.89 -2.62
N GLU D 595 -23.57 22.89 -3.35
CA GLU D 595 -23.37 22.75 -4.78
C GLU D 595 -21.91 23.00 -5.17
N GLU D 596 -21.41 24.17 -4.82
CA GLU D 596 -20.04 24.54 -5.15
C GLU D 596 -19.03 24.21 -4.04
N GLY D 597 -19.51 24.13 -2.81
CA GLY D 597 -18.59 23.85 -1.71
C GLY D 597 -18.03 25.19 -1.27
N TYR D 598 -18.83 26.24 -1.46
CA TYR D 598 -18.43 27.57 -1.08
C TYR D 598 -19.45 28.12 -0.08
N LEU D 599 -18.96 28.78 0.96
CA LEU D 599 -19.83 29.37 1.98
C LEU D 599 -19.44 30.84 2.12
N ARG D 600 -20.23 31.70 1.51
CA ARG D 600 -19.95 33.14 1.56
C ARG D 600 -20.46 33.86 2.80
N TRP D 601 -21.01 33.09 3.73
CA TRP D 601 -21.53 33.63 4.98
C TRP D 601 -20.42 34.38 5.71
N ASP D 602 -20.67 35.62 6.08
CA ASP D 602 -19.68 36.44 6.76
C ASP D 602 -19.84 36.18 8.26
N SER D 603 -18.75 35.79 8.91
CA SER D 603 -18.82 35.51 10.36
C SER D 603 -18.39 36.68 11.24
N LEU D 604 -18.35 37.90 10.68
CA LEU D 604 -17.94 39.08 11.44
C LEU D 604 -18.94 39.39 12.54
N GLY D 605 -20.18 38.95 12.34
CA GLY D 605 -21.21 39.16 13.34
C GLY D 605 -20.77 38.49 14.62
N GLU D 606 -20.30 37.25 14.48
CA GLU D 606 -19.83 36.45 15.60
C GLU D 606 -18.55 36.96 16.24
N PHE D 607 -17.58 37.38 15.41
CA PHE D 607 -16.30 37.90 15.94
C PHE D 607 -16.58 39.07 16.86
N LEU D 608 -17.60 39.85 16.53
CA LEU D 608 -17.93 40.98 17.36
C LEU D 608 -18.61 40.47 18.61
N ALA D 609 -19.57 39.56 18.42
CA ALA D 609 -20.33 38.97 19.51
C ALA D 609 -19.43 38.35 20.54
N LEU D 610 -18.44 37.57 20.08
CA LEU D 610 -17.47 36.91 20.96
C LEU D 610 -16.71 38.00 21.70
N ALA D 611 -16.04 38.83 20.92
CA ALA D 611 -15.28 39.94 21.48
C ALA D 611 -16.15 40.77 22.41
N ALA D 612 -17.45 40.48 22.43
CA ALA D 612 -18.38 41.21 23.28
C ALA D 612 -18.62 40.50 24.58
N SER D 613 -18.86 39.20 24.50
CA SER D 613 -19.14 38.40 25.70
C SER D 613 -17.87 38.03 26.45
N LEU D 614 -16.74 37.97 25.75
CA LEU D 614 -15.49 37.65 26.44
C LEU D 614 -15.20 38.78 27.40
N GLU D 615 -15.65 39.98 27.08
CA GLU D 615 -15.43 41.12 27.96
C GLU D 615 -16.42 41.08 29.12
N HIS D 616 -17.71 40.95 28.81
CA HIS D 616 -18.75 40.89 29.85
C HIS D 616 -18.30 39.91 30.92
N LEU D 617 -17.68 38.82 30.45
CA LEU D 617 -17.15 37.80 31.34
C LEU D 617 -16.15 38.50 32.24
N GLY D 618 -14.95 38.74 31.71
CA GLY D 618 -13.90 39.39 32.47
C GLY D 618 -14.30 40.57 33.35
N ASN D 619 -15.21 41.42 32.89
CA ASN D 619 -15.63 42.58 33.68
C ASN D 619 -16.47 42.22 34.90
N ALA D 620 -17.48 41.38 34.70
CA ALA D 620 -18.36 40.98 35.80
C ALA D 620 -17.69 40.00 36.77
N TYR D 621 -16.48 39.55 36.41
CA TYR D 621 -15.76 38.61 37.25
C TYR D 621 -14.32 39.02 37.56
N LYS D 622 -13.58 38.08 38.11
CA LYS D 622 -12.19 38.27 38.49
C LYS D 622 -11.31 37.71 37.37
N ASN D 623 -11.71 37.94 36.12
CA ASN D 623 -10.93 37.37 35.04
C ASN D 623 -10.17 38.34 34.15
N PRO D 624 -8.85 38.46 34.36
CA PRO D 624 -8.06 39.36 33.52
C PRO D 624 -7.91 38.67 32.17
N LYS D 625 -7.49 37.40 32.22
CA LYS D 625 -7.30 36.59 31.04
C LYS D 625 -8.42 36.82 30.03
N ALA D 626 -9.67 36.85 30.51
CA ALA D 626 -10.84 37.10 29.66
C ALA D 626 -10.63 38.44 28.94
N LEU D 627 -10.40 39.48 29.73
CA LEU D 627 -10.17 40.83 29.22
C LEU D 627 -9.02 40.89 28.21
N VAL D 628 -8.12 39.93 28.26
CA VAL D 628 -6.99 39.90 27.33
C VAL D 628 -7.33 39.21 26.02
N LEU D 629 -7.92 38.02 26.10
CA LEU D 629 -8.25 37.30 24.89
C LEU D 629 -9.39 37.96 24.15
N ALA D 630 -10.05 38.92 24.80
CA ALA D 630 -11.15 39.65 24.17
C ALA D 630 -10.53 40.93 23.61
N SER D 631 -9.54 41.47 24.32
CA SER D 631 -8.85 42.68 23.90
C SER D 631 -8.12 42.39 22.62
N THR D 632 -7.58 41.18 22.52
CA THR D 632 -6.87 40.74 21.35
C THR D 632 -7.86 40.38 20.26
N LEU D 633 -8.84 39.54 20.59
CA LEU D 633 -9.85 39.18 19.61
C LEU D 633 -10.34 40.46 18.93
N ASP D 634 -10.69 41.46 19.72
CA ASP D 634 -11.14 42.74 19.17
C ASP D 634 -10.18 43.12 18.06
N GLN D 635 -8.89 42.96 18.35
CA GLN D 635 -7.80 43.29 17.44
C GLN D 635 -7.69 42.44 16.19
N ALA D 636 -7.53 41.13 16.36
CA ALA D 636 -7.43 40.22 15.23
C ALA D 636 -8.57 40.52 14.27
N THR D 637 -9.73 40.89 14.81
CA THR D 637 -10.87 41.24 13.98
C THR D 637 -10.41 42.40 13.12
N GLY D 638 -9.97 43.47 13.77
CA GLY D 638 -9.49 44.62 13.05
C GLY D 638 -8.64 44.19 11.87
N LYS D 639 -7.65 43.34 12.15
CA LYS D 639 -6.76 42.85 11.10
C LYS D 639 -7.53 42.09 10.02
N ILE D 640 -8.74 41.63 10.34
CA ILE D 640 -9.54 40.94 9.35
C ILE D 640 -10.03 41.97 8.33
N LEU D 641 -10.55 43.07 8.85
CA LEU D 641 -11.08 44.16 8.02
C LEU D 641 -9.99 45.00 7.35
N ASP D 642 -8.78 44.97 7.90
CA ASP D 642 -7.67 45.73 7.37
C ASP D 642 -6.89 45.04 6.26
N ASN D 643 -6.87 43.71 6.25
CA ASN D 643 -6.16 42.99 5.21
C ASN D 643 -7.12 42.28 4.28
N ASN D 644 -8.41 42.61 4.43
CA ASN D 644 -9.47 42.05 3.61
C ASN D 644 -9.50 40.53 3.61
N LYS D 645 -9.48 39.94 4.80
CA LYS D 645 -9.52 38.49 4.90
C LYS D 645 -10.95 38.03 5.15
N SER D 646 -11.90 38.73 4.54
CA SER D 646 -13.32 38.41 4.65
C SER D 646 -13.74 37.70 3.37
N PRO D 647 -14.72 36.79 3.47
CA PRO D 647 -15.30 35.98 2.39
C PRO D 647 -15.59 36.70 1.07
N ALA D 648 -15.10 36.12 -0.02
CA ALA D 648 -15.35 36.67 -1.34
C ALA D 648 -16.74 36.18 -1.71
N ARG D 649 -17.09 36.23 -2.99
CA ARG D 649 -18.42 35.78 -3.38
C ARG D 649 -18.41 34.50 -4.19
N LYS D 650 -17.48 34.41 -5.14
CA LYS D 650 -17.40 33.23 -6.00
C LYS D 650 -16.22 32.33 -5.66
N VAL D 651 -16.30 31.07 -6.07
CA VAL D 651 -15.24 30.10 -5.81
C VAL D 651 -13.90 30.67 -6.20
N GLY D 652 -12.86 30.24 -5.49
CA GLY D 652 -11.54 30.73 -5.75
C GLY D 652 -10.91 31.37 -4.52
N GLU D 653 -11.34 32.59 -4.18
CA GLU D 653 -10.73 33.26 -3.04
C GLU D 653 -11.47 33.35 -1.69
N ILE D 654 -10.80 32.86 -0.65
CA ILE D 654 -11.21 32.93 0.76
C ILE D 654 -12.34 32.22 1.54
N ASP D 655 -13.47 31.86 0.96
CA ASP D 655 -14.51 31.12 1.73
C ASP D 655 -14.74 31.58 3.20
N ASN D 656 -15.11 30.63 4.06
CA ASN D 656 -15.38 30.93 5.47
C ASN D 656 -14.26 30.50 6.42
N ARG D 657 -13.90 29.21 6.45
CA ARG D 657 -12.83 28.80 7.37
C ARG D 657 -11.55 29.47 6.92
N GLY D 658 -11.60 30.09 5.74
CA GLY D 658 -10.43 30.81 5.25
C GLY D 658 -10.32 32.00 6.19
N SER D 659 -11.43 32.68 6.41
CA SER D 659 -11.42 33.81 7.31
C SER D 659 -11.24 33.25 8.73
N HIS D 660 -12.06 32.27 9.10
CA HIS D 660 -11.94 31.66 10.43
C HIS D 660 -10.47 31.38 10.69
N PHE D 661 -9.73 31.05 9.62
CA PHE D 661 -8.31 30.76 9.73
C PHE D 661 -7.57 32.01 10.11
N TYR D 662 -7.78 33.07 9.35
CA TYR D 662 -7.09 34.30 9.66
C TYR D 662 -7.46 34.77 11.06
N LEU D 663 -8.72 34.62 11.43
CA LEU D 663 -9.14 35.00 12.75
C LEU D 663 -8.22 34.24 13.70
N ALA D 664 -8.21 32.92 13.50
CA ALA D 664 -7.38 32.02 14.30
C ALA D 664 -5.92 32.45 14.25
N LEU D 665 -5.46 32.80 13.05
CA LEU D 665 -4.09 33.23 12.85
C LEU D 665 -3.81 34.54 13.57
N TYR D 666 -4.48 35.59 13.14
CA TYR D 666 -4.30 36.89 13.73
C TYR D 666 -4.55 36.91 15.22
N TRP D 667 -5.37 35.99 15.72
CA TRP D 667 -5.68 35.96 17.15
C TRP D 667 -4.51 35.38 17.91
N ALA D 668 -4.04 34.24 17.44
CA ALA D 668 -2.90 33.57 18.08
C ALA D 668 -1.75 34.57 18.16
N GLN D 669 -1.43 35.20 17.03
CA GLN D 669 -0.35 36.16 17.02
C GLN D 669 -0.61 37.32 17.97
N ALA D 670 -1.79 37.91 17.86
CA ALA D 670 -2.15 39.04 18.71
C ALA D 670 -1.90 38.73 20.19
N LEU D 671 -2.12 37.48 20.57
CA LEU D 671 -1.91 37.07 21.95
C LEU D 671 -0.45 36.82 22.24
N ALA D 672 0.17 35.99 21.40
CA ALA D 672 1.57 35.62 21.55
C ALA D 672 2.51 36.76 21.26
N ALA D 673 1.98 37.98 21.25
CA ALA D 673 2.78 39.15 20.98
C ALA D 673 2.49 40.24 21.99
N GLN D 674 1.74 39.89 23.03
CA GLN D 674 1.44 40.86 24.07
C GLN D 674 2.15 40.49 25.37
N THR D 675 1.96 41.29 26.39
CA THR D 675 2.60 41.04 27.66
C THR D 675 1.67 41.39 28.81
N GLU D 676 0.38 41.52 28.51
CA GLU D 676 -0.58 41.82 29.54
C GLU D 676 -0.64 40.58 30.41
N ASP D 677 -0.45 39.43 29.76
CA ASP D 677 -0.46 38.14 30.43
C ASP D 677 0.61 37.28 29.76
N LYS D 678 1.77 37.21 30.41
CA LYS D 678 2.89 36.42 29.91
C LYS D 678 2.51 34.96 29.67
N GLU D 679 1.63 34.45 30.54
CA GLU D 679 1.19 33.07 30.45
C GLU D 679 0.57 32.82 29.08
N LEU D 680 -0.51 33.54 28.76
CA LEU D 680 -1.14 33.37 27.47
C LEU D 680 -0.07 33.52 26.39
N GLN D 681 0.67 34.63 26.44
CA GLN D 681 1.72 34.89 25.47
C GLN D 681 2.59 33.67 25.26
N ALA D 682 2.88 32.96 26.34
CA ALA D 682 3.72 31.77 26.28
C ALA D 682 2.98 30.55 25.71
N GLN D 683 1.77 30.29 26.21
CA GLN D 683 1.00 29.15 25.74
C GLN D 683 0.13 29.49 24.54
N PHE D 684 0.70 30.24 23.61
CA PHE D 684 0.02 30.63 22.36
C PHE D 684 1.04 30.91 21.28
N THR D 685 2.31 30.93 21.67
CA THR D 685 3.40 31.14 20.74
C THR D 685 3.54 29.88 19.89
N GLY D 686 3.46 28.72 20.57
CA GLY D 686 3.57 27.45 19.88
C GLY D 686 2.67 27.42 18.65
N ILE D 687 1.54 28.11 18.77
CA ILE D 687 0.57 28.20 17.68
C ILE D 687 0.93 29.38 16.78
N ALA D 688 0.93 30.58 17.35
CA ALA D 688 1.30 31.76 16.60
C ALA D 688 2.31 31.48 15.50
N LYS D 689 3.41 30.83 15.86
CA LYS D 689 4.43 30.50 14.86
C LYS D 689 4.25 29.11 14.30
N ALA D 690 3.13 28.89 13.64
CA ALA D 690 2.80 27.61 13.04
C ALA D 690 1.72 27.96 12.04
N LEU D 691 0.91 28.93 12.42
CA LEU D 691 -0.18 29.41 11.59
C LEU D 691 0.38 30.35 10.54
N THR D 692 1.55 30.94 10.78
CA THR D 692 2.10 31.83 9.77
C THR D 692 2.84 30.95 8.78
N ASP D 693 3.59 30.03 9.34
CA ASP D 693 4.41 29.10 8.58
C ASP D 693 3.57 28.25 7.62
N ASN D 694 2.38 27.85 8.06
CA ASN D 694 1.54 27.04 7.21
C ASN D 694 0.38 27.80 6.59
N GLU D 695 0.43 29.13 6.63
CA GLU D 695 -0.65 29.94 6.04
C GLU D 695 -0.87 29.59 4.59
N THR D 696 0.17 29.77 3.78
CA THR D 696 0.12 29.47 2.34
C THR D 696 -0.43 28.05 2.06
N LYS D 697 0.02 27.08 2.85
CA LYS D 697 -0.42 25.70 2.69
C LYS D 697 -1.88 25.55 3.13
N ILE D 698 -2.16 25.94 4.37
CA ILE D 698 -3.52 25.84 4.90
C ILE D 698 -4.49 26.47 3.93
N VAL D 699 -4.31 27.74 3.62
CA VAL D 699 -5.19 28.41 2.69
C VAL D 699 -5.42 27.45 1.52
N GLY D 700 -4.32 26.90 1.01
CA GLY D 700 -4.41 25.97 -0.10
C GLY D 700 -5.27 24.76 0.23
N GLU D 701 -5.01 24.15 1.37
CA GLU D 701 -5.76 22.97 1.79
C GLU D 701 -7.26 23.29 1.85
N LEU D 702 -7.59 24.50 2.29
CA LEU D 702 -8.98 24.91 2.39
C LEU D 702 -9.62 25.08 1.01
N ALA D 703 -9.08 25.99 0.20
CA ALA D 703 -9.61 26.21 -1.16
C ALA D 703 -9.63 24.90 -1.95
N ALA D 704 -8.87 23.92 -1.47
CA ALA D 704 -8.79 22.62 -2.11
C ALA D 704 -10.04 21.80 -1.84
N ALA D 705 -11.13 22.48 -1.51
CA ALA D 705 -12.39 21.81 -1.21
C ALA D 705 -13.55 22.58 -1.85
N GLN D 706 -13.19 23.60 -2.61
CA GLN D 706 -14.18 24.43 -3.29
C GLN D 706 -14.42 23.90 -4.71
N GLY D 707 -15.63 24.11 -5.23
CA GLY D 707 -15.95 23.66 -6.57
C GLY D 707 -16.82 22.42 -6.65
N LYS D 708 -16.41 21.36 -5.97
CA LYS D 708 -17.16 20.11 -5.96
C LYS D 708 -18.41 20.26 -5.10
N PRO D 709 -19.40 19.36 -5.25
CA PRO D 709 -20.64 19.43 -4.45
C PRO D 709 -20.43 18.79 -3.09
N VAL D 710 -21.31 19.12 -2.15
CA VAL D 710 -21.23 18.57 -0.81
C VAL D 710 -22.51 17.83 -0.43
N ASP D 711 -22.37 16.76 0.34
CA ASP D 711 -23.51 15.98 0.75
C ASP D 711 -23.40 15.74 2.26
N ILE D 712 -24.35 16.30 3.02
CA ILE D 712 -24.35 16.12 4.47
C ILE D 712 -25.54 15.31 4.97
N ALA D 713 -26.10 14.47 4.11
CA ALA D 713 -27.22 13.62 4.48
C ALA D 713 -28.46 14.34 5.04
N GLY D 714 -28.56 15.65 4.84
CA GLY D 714 -29.70 16.38 5.35
C GLY D 714 -29.67 17.86 5.07
N TYR D 715 -30.33 18.64 5.93
CA TYR D 715 -30.38 20.09 5.81
C TYR D 715 -30.72 20.70 7.16
N TYR D 716 -31.80 20.21 7.77
CA TYR D 716 -32.24 20.69 9.07
C TYR D 716 -31.59 19.91 10.18
N HIS D 717 -31.18 18.68 9.87
CA HIS D 717 -30.55 17.83 10.87
C HIS D 717 -29.47 16.97 10.22
N PRO D 718 -28.47 17.63 9.62
CA PRO D 718 -27.34 17.00 8.92
C PRO D 718 -26.65 15.88 9.71
N ASN D 719 -25.83 15.12 9.01
CA ASN D 719 -25.06 14.06 9.64
C ASN D 719 -23.89 14.89 10.16
N THR D 720 -23.80 15.06 11.48
CA THR D 720 -22.76 15.87 12.09
C THR D 720 -21.31 15.54 11.67
N ASP D 721 -21.03 14.26 11.48
CA ASP D 721 -19.70 13.81 11.07
C ASP D 721 -19.35 14.37 9.70
N LEU D 722 -20.14 13.98 8.71
CA LEU D 722 -19.92 14.45 7.36
C LEU D 722 -19.77 15.96 7.29
N THR D 723 -20.55 16.67 8.10
CA THR D 723 -20.51 18.14 8.13
C THR D 723 -19.17 18.66 8.66
N SER D 724 -18.69 18.08 9.74
CA SER D 724 -17.43 18.52 10.30
C SER D 724 -16.31 18.36 9.30
N LYS D 725 -16.29 17.24 8.59
CA LYS D 725 -15.23 17.01 7.61
C LYS D 725 -15.32 17.95 6.41
N ALA D 726 -16.53 18.33 6.03
CA ALA D 726 -16.72 19.24 4.92
C ALA D 726 -16.33 20.66 5.34
N MET D 727 -16.64 21.00 6.59
CA MET D 727 -16.34 22.33 7.12
C MET D 727 -14.93 22.47 7.69
N ARG D 728 -14.28 21.34 7.94
CA ARG D 728 -12.93 21.34 8.48
C ARG D 728 -12.03 20.50 7.60
N PRO D 729 -11.88 20.91 6.33
CA PRO D 729 -11.06 20.27 5.29
C PRO D 729 -9.57 20.21 5.59
N SER D 730 -8.97 21.38 5.82
CA SER D 730 -7.53 21.48 6.10
C SER D 730 -7.10 20.63 7.28
N ALA D 731 -6.54 19.45 6.97
CA ALA D 731 -6.11 18.52 7.99
C ALA D 731 -4.85 19.03 8.68
N THR D 732 -4.21 20.02 8.07
CA THR D 732 -3.00 20.61 8.63
C THR D 732 -3.32 21.71 9.62
N PHE D 733 -4.43 22.40 9.40
CA PHE D 733 -4.86 23.47 10.29
C PHE D 733 -5.38 22.78 11.55
N ASN D 734 -5.99 21.62 11.37
CA ASN D 734 -6.55 20.86 12.48
C ASN D 734 -5.48 20.33 13.42
N ALA D 735 -4.48 19.67 12.85
CA ALA D 735 -3.39 19.11 13.65
C ALA D 735 -2.53 20.22 14.27
N ALA D 736 -2.70 21.44 13.78
CA ALA D 736 -1.96 22.59 14.30
C ALA D 736 -2.86 23.34 15.27
N LEU D 737 -3.79 22.62 15.90
CA LEU D 737 -4.73 23.25 16.82
C LEU D 737 -4.94 22.42 18.08
N ALA D 738 -5.10 21.11 17.93
CA ALA D 738 -5.30 20.23 19.08
C ALA D 738 -4.10 20.31 20.03
N PRO D 739 -2.87 20.31 19.49
CA PRO D 739 -1.69 20.39 20.33
C PRO D 739 -1.37 21.85 20.64
N LEU D 740 -2.26 22.51 21.38
CA LEU D 740 -2.04 23.91 21.73
C LEU D 740 -0.73 24.08 22.50
PA NAP E . -1.29 -5.58 37.48
O1A NAP E . -1.04 -5.69 36.11
O2A NAP E . -1.74 -6.72 38.37
O5B NAP E . -2.32 -4.40 37.74
C5B NAP E . -3.72 -4.60 37.42
C4B NAP E . -4.39 -4.44 38.82
O4B NAP E . -5.83 -4.65 38.53
C3B NAP E . -4.09 -5.57 39.85
O3B NAP E . -3.08 -5.05 40.75
C2B NAP E . -5.42 -5.78 40.50
O2B NAP E . -5.72 -4.73 41.44
C1B NAP E . -6.36 -5.72 39.28
N9A NAP E . -6.35 -6.98 38.50
C8A NAP E . -5.50 -7.47 37.52
N7A NAP E . -5.82 -8.66 37.05
C5A NAP E . -6.96 -8.97 37.78
C6A NAP E . -7.75 -10.10 37.69
N6A NAP E . -7.56 -11.17 36.89
N1A NAP E . -8.86 -10.16 38.55
C2A NAP E . -9.16 -9.11 39.42
N3A NAP E . -8.39 -7.98 39.52
C4A NAP E . -7.29 -7.94 38.67
O3 NAP E . -0.05 -4.94 38.23
PN NAP E . 1.30 -4.28 37.74
O1N NAP E . 2.02 -3.76 38.91
O2N NAP E . 0.94 -3.30 36.70
O5D NAP E . 2.16 -5.50 37.16
C5D NAP E . 1.86 -6.87 37.60
C4D NAP E . 2.88 -7.81 37.06
O4D NAP E . 2.39 -8.41 35.86
C3D NAP E . 4.28 -7.22 36.70
O3D NAP E . 5.34 -8.05 37.20
C2D NAP E . 4.28 -7.14 35.20
O2D NAP E . 5.58 -7.27 34.66
C1D NAP E . 3.37 -8.25 34.80
N1N NAP E . 2.52 -8.10 33.60
C2N NAP E . 2.40 -9.12 32.60
C3N NAP E . 1.58 -8.88 31.49
C7N NAP E . 1.44 -9.96 30.40
O7N NAP E . 0.73 -9.68 29.46
N7N NAP E . 2.06 -11.11 30.51
C4N NAP E . 0.88 -7.60 31.32
C5N NAP E . 1.00 -6.62 32.35
C6N NAP E . 1.83 -6.83 33.50
P2B NAP E . -6.91 -4.71 42.58
O1X NAP E . -6.16 -4.70 43.93
O2X NAP E . -7.61 -3.43 42.26
O3X NAP E . -7.75 -5.95 42.41
PA NAP F . 15.24 14.15 -22.81
O1A NAP F . 15.48 14.03 -24.19
O2A NAP F . 14.81 13.05 -21.90
O5B NAP F . 14.18 15.31 -22.58
C5B NAP F . 12.80 15.06 -22.88
C4B NAP F . 12.15 15.27 -21.49
O4B NAP F . 10.70 15.02 -21.76
C3B NAP F . 12.47 14.18 -20.41
O3B NAP F . 13.46 14.77 -19.57
C2B NAP F . 11.15 13.96 -19.76
O2B NAP F . 10.83 15.03 -18.84
C1B NAP F . 10.19 13.96 -20.98
N9A NAP F . 10.21 12.68 -21.71
C8A NAP F . 11.06 12.18 -22.67
N7A NAP F . 10.75 10.97 -23.10
C5A NAP F . 9.63 10.67 -22.39
C6A NAP F . 8.85 9.51 -22.40
N6A NAP F . 9.07 8.43 -23.18
N1A NAP F . 7.74 9.47 -21.56
C2A NAP F . 7.43 10.55 -20.72
N3A NAP F . 8.17 11.71 -20.66
C4A NAP F . 9.28 11.72 -21.51
O3 NAP F . 16.48 14.79 -22.08
PN NAP F . 17.80 15.48 -22.61
O1N NAP F . 18.50 16.06 -21.46
O2N NAP F . 17.39 16.41 -23.70
O5D NAP F . 18.67 14.27 -23.17
C5D NAP F . 18.43 12.91 -22.65
C4D NAP F . 19.47 11.94 -23.17
O4D NAP F . 18.96 11.32 -24.37
C3D NAP F . 20.85 12.56 -23.56
O3D NAP F . 21.92 11.75 -23.06
C2D NAP F . 20.82 12.61 -25.07
O2D NAP F . 22.12 12.49 -25.63
C1D NAP F . 19.93 11.46 -25.44
N1N NAP F . 19.07 11.57 -26.66
C2N NAP F . 18.96 10.53 -27.62
C3N NAP F . 18.13 10.71 -28.73
C7N NAP F . 18.00 9.59 -29.78
O7N NAP F . 17.27 9.82 -30.72
N7N NAP F . 18.65 8.46 -29.65
C4N NAP F . 17.38 11.97 -28.91
C5N NAP F . 17.51 12.97 -27.92
C6N NAP F . 18.35 12.81 -26.79
P2B NAP F . 9.66 15.04 -17.68
O1X NAP F . 10.43 15.12 -16.33
O2X NAP F . 8.92 16.30 -18.05
O3X NAP F . 8.85 13.78 -17.81
PA NAP G . 18.06 -46.52 -19.97
O1A NAP G . 17.65 -46.00 -18.73
O2A NAP G . 19.21 -47.46 -20.17
O5B NAP G . 18.31 -45.33 -20.98
C5B NAP G . 19.50 -44.56 -20.84
C4B NAP G . 20.22 -44.83 -22.21
O4B NAP G . 21.49 -44.04 -22.12
C3B NAP G . 20.75 -46.27 -22.42
O3B NAP G . 19.79 -46.90 -23.25
C2B NAP G . 22.09 -46.04 -23.07
O2B NAP G . 21.91 -45.68 -24.45
C1B NAP G . 22.63 -44.84 -22.25
N9A NAP G . 23.15 -45.25 -20.95
C8A NAP G . 22.55 -45.51 -19.72
N7A NAP G . 23.38 -45.86 -18.75
C5A NAP G . 24.61 -45.82 -19.37
C6A NAP G . 25.86 -46.09 -18.85
N6A NAP G . 26.12 -46.46 -17.59
N1A NAP G . 26.95 -45.96 -19.71
C2A NAP G . 26.78 -45.58 -21.06
N3A NAP G . 25.55 -45.31 -21.61
C4A NAP G . 24.48 -45.45 -20.73
O3 NAP G . 16.84 -47.22 -20.70
PN NAP G . 15.30 -47.25 -20.42
O1N NAP G . 14.61 -47.91 -21.54
O2N NAP G . 14.90 -45.86 -20.12
O5D NAP G . 15.15 -48.21 -19.14
C5D NAP G . 16.20 -49.17 -18.82
C4D NAP G . 15.77 -50.05 -17.69
O4D NAP G . 16.28 -49.52 -16.46
C3D NAP G . 14.25 -50.24 -17.47
O3D NAP G . 13.93 -51.61 -17.28
C2D NAP G . 13.95 -49.38 -16.25
O2D NAP G . 12.86 -49.89 -15.48
C1D NAP G . 15.21 -49.41 -15.48
N1N NAP G . 15.61 -48.21 -14.72
C2N NAP G . 16.08 -48.28 -13.38
C3N NAP G . 16.44 -47.08 -12.73
C7N NAP G . 16.96 -47.13 -11.27
O7N NAP G . 17.24 -46.08 -10.76
N7N NAP G . 17.09 -48.27 -10.63
C4N NAP G . 16.32 -45.78 -13.40
C5N NAP G . 15.87 -45.76 -14.76
C6N NAP G . 15.49 -46.96 -15.44
P2B NAP G . 23.07 -45.63 -25.60
O1X NAP G . 22.69 -46.75 -26.61
O2X NAP G . 22.90 -44.24 -26.14
O3X NAP G . 24.41 -45.92 -24.93
PA NAP H . -31.49 36.50 5.70
O1A NAP H . -31.88 37.00 6.94
O2A NAP H . -30.38 35.54 5.47
O5B NAP H . -31.21 37.71 4.69
C5B NAP H . -30.00 38.47 4.81
C4B NAP H . -29.33 38.20 3.44
O4B NAP H . -28.05 38.97 3.54
C3B NAP H . -28.82 36.75 3.20
O3B NAP H . -29.79 36.12 2.36
C2B NAP H . -27.48 36.96 2.55
O2B NAP H . -27.62 37.31 1.17
C1B NAP H . -26.91 38.14 3.39
N9A NAP H . -26.37 37.71 4.71
C8A NAP H . -26.99 37.46 5.93
N7A NAP H . -26.18 37.08 6.89
C5A NAP H . -24.94 37.09 6.26
C6A NAP H . -23.69 36.78 6.77
N6A NAP H . -23.42 36.39 8.05
N1A NAP H . -22.61 36.88 5.90
C2A NAP H . -22.77 37.27 4.57
N3A NAP H . -24.00 37.58 4.03
C4A NAP H . -25.06 37.48 4.92
O3 NAP H . -32.73 35.87 4.96
PN NAP H . -34.30 35.87 5.24
O1N NAP H . -34.98 35.23 4.10
O2N NAP H . -34.68 37.29 5.54
O5D NAP H . -34.47 34.92 6.50
C5D NAP H . -33.43 33.92 6.80
C4D NAP H . -33.87 33.04 7.92
O4D NAP H . -33.34 33.54 9.16
C3D NAP H . -35.42 32.91 8.14
O3D NAP H . -35.79 31.53 8.35
C2D NAP H . -35.70 33.75 9.36
O2D NAP H . -36.80 33.25 10.11
C1D NAP H . -34.41 33.69 10.13
N1N NAP H . -33.98 34.90 10.91
C2N NAP H . -33.51 34.81 12.26
C3N NAP H . -33.13 35.99 12.90
C7N NAP H . -32.60 35.92 14.35
O7N NAP H . -32.30 36.97 14.88
N7N NAP H . -32.50 34.77 14.99
C4N NAP H . -33.21 37.29 12.24
C5N NAP H . -33.69 37.33 10.90
C6N NAP H . -34.09 36.15 10.21
P2B NAP H . -26.45 37.34 0.02
O1X NAP H . -26.88 36.26 -1.00
O2X NAP H . -26.59 38.72 -0.50
O3X NAP H . -25.14 37.02 0.66
#